data_2JSZ
#
_entry.id   2JSZ
#
_entity_poly.entity_id   1
_entity_poly.type   'polypeptide(L)'
_entity_poly.pdbx_seq_one_letter_code
;MAEITFKGGPVTLVGQEVKVGDQAPDFTVLTNSLEEKSLADMKGKVTIISVIPSIDTGVCDAQTRRFNEEAAKLGDVNVY
TISADLPFAQARWCGANGIDKVETLSDHRDMSFGEAFGVYIKELRLLARSVFVLDENGKVVYAEYVSEATNHPNYEKPIE
AAKALVK
;
_entity_poly.pdbx_strand_id   A
#
# COMPACT_ATOMS: atom_id res chain seq x y z
N MET A 1 -15.33 -5.69 -9.47
CA MET A 1 -14.70 -6.43 -8.34
C MET A 1 -13.29 -6.75 -8.78
N ALA A 2 -12.29 -6.51 -7.94
CA ALA A 2 -11.03 -7.21 -8.13
C ALA A 2 -11.32 -8.62 -7.60
N GLU A 3 -10.89 -9.62 -8.35
CA GLU A 3 -11.06 -11.02 -8.01
C GLU A 3 -9.66 -11.58 -8.12
N ILE A 4 -9.01 -11.71 -6.96
CA ILE A 4 -7.60 -12.09 -6.90
C ILE A 4 -7.60 -13.62 -6.84
N THR A 5 -6.57 -14.29 -7.36
CA THR A 5 -6.35 -15.71 -7.16
C THR A 5 -5.35 -15.89 -6.03
N PHE A 6 -5.43 -17.05 -5.42
CA PHE A 6 -4.53 -17.51 -4.40
C PHE A 6 -3.94 -18.80 -4.94
N LYS A 7 -3.16 -18.69 -6.03
CA LYS A 7 -2.33 -19.78 -6.53
C LYS A 7 -3.09 -21.07 -6.87
N GLY A 8 -4.30 -20.98 -7.41
CA GLY A 8 -4.96 -22.20 -7.82
C GLY A 8 -6.44 -22.00 -7.93
N GLY A 9 -6.95 -20.98 -7.26
CA GLY A 9 -8.32 -20.62 -7.40
C GLY A 9 -8.53 -19.19 -6.94
N PRO A 10 -9.67 -18.62 -7.32
CA PRO A 10 -10.07 -17.27 -6.95
C PRO A 10 -10.28 -17.19 -5.43
N VAL A 11 -10.19 -15.97 -4.91
CA VAL A 11 -10.53 -15.64 -3.53
C VAL A 11 -11.29 -14.32 -3.56
N THR A 12 -12.35 -14.25 -2.76
CA THR A 12 -13.25 -13.12 -2.70
C THR A 12 -12.58 -11.98 -1.95
N LEU A 13 -12.96 -10.76 -2.29
CA LEU A 13 -12.52 -9.56 -1.61
C LEU A 13 -13.74 -8.97 -0.93
N VAL A 14 -13.52 -8.39 0.25
CA VAL A 14 -14.43 -7.40 0.82
C VAL A 14 -14.25 -6.13 -0.02
N GLY A 15 -15.17 -5.18 0.11
CA GLY A 15 -15.05 -3.91 -0.60
C GLY A 15 -15.10 -4.05 -2.12
N GLN A 16 -14.82 -2.92 -2.77
CA GLN A 16 -14.89 -2.75 -4.20
C GLN A 16 -13.49 -2.43 -4.69
N GLU A 17 -13.26 -2.67 -5.98
CA GLU A 17 -12.10 -2.12 -6.67
C GLU A 17 -12.35 -0.62 -6.89
N VAL A 18 -11.38 0.21 -6.48
CA VAL A 18 -11.33 1.66 -6.63
C VAL A 18 -10.63 1.95 -7.96
N LYS A 19 -10.74 3.16 -8.50
CA LYS A 19 -10.12 3.51 -9.79
C LYS A 19 -9.47 4.85 -9.74
N VAL A 20 -8.70 5.11 -10.78
CA VAL A 20 -8.20 6.41 -11.13
C VAL A 20 -9.38 7.38 -11.30
N GLY A 21 -9.22 8.59 -10.76
CA GLY A 21 -10.15 9.70 -10.86
C GLY A 21 -11.12 9.75 -9.68
N ASP A 22 -11.34 8.61 -9.01
CA ASP A 22 -12.20 8.51 -7.84
C ASP A 22 -11.53 9.18 -6.64
N GLN A 23 -12.36 9.69 -5.74
CA GLN A 23 -11.93 10.18 -4.44
C GLN A 23 -11.63 8.93 -3.63
N ALA A 24 -10.43 8.85 -3.05
CA ALA A 24 -10.07 7.71 -2.22
C ALA A 24 -11.01 7.67 -1.02
N PRO A 25 -11.34 6.47 -0.52
CA PRO A 25 -12.35 6.32 0.51
C PRO A 25 -12.15 7.20 1.79
N ASP A 26 -10.91 7.62 2.14
CA ASP A 26 -10.45 8.30 3.40
C ASP A 26 -10.62 7.54 4.75
N PHE A 27 -9.64 6.73 5.20
CA PHE A 27 -9.66 6.06 6.52
C PHE A 27 -8.31 6.31 7.18
N THR A 28 -8.11 5.53 8.23
CA THR A 28 -7.14 5.49 9.25
C THR A 28 -6.53 4.08 9.24
N VAL A 29 -5.25 4.00 9.51
CA VAL A 29 -4.44 2.84 9.84
C VAL A 29 -3.63 3.28 11.05
N LEU A 30 -2.93 2.37 11.69
CA LEU A 30 -1.95 2.74 12.70
C LEU A 30 -0.62 3.01 11.99
N THR A 31 0.19 3.93 12.46
CA THR A 31 1.60 4.01 12.09
C THR A 31 2.31 2.79 12.68
N ASN A 32 3.51 2.46 12.17
CA ASN A 32 4.40 1.53 12.87
C ASN A 32 4.76 2.02 14.29
N SER A 33 4.47 3.28 14.63
CA SER A 33 4.75 3.93 15.91
C SER A 33 3.54 3.94 16.85
N LEU A 34 2.41 3.30 16.48
CA LEU A 34 1.23 3.08 17.33
C LEU A 34 0.40 4.36 17.49
N GLU A 35 0.34 5.19 16.45
CA GLU A 35 -0.54 6.35 16.39
C GLU A 35 -1.46 6.20 15.19
N GLU A 36 -2.63 6.80 15.21
CA GLU A 36 -3.52 6.78 14.05
C GLU A 36 -2.94 7.68 12.97
N LYS A 37 -3.05 7.27 11.72
CA LYS A 37 -2.77 8.10 10.56
C LYS A 37 -3.85 7.77 9.56
N SER A 38 -4.28 8.75 8.78
CA SER A 38 -5.34 8.58 7.80
C SER A 38 -4.98 9.20 6.47
N LEU A 39 -5.77 8.91 5.44
CA LEU A 39 -5.58 9.47 4.12
C LEU A 39 -5.56 11.00 4.19
N ALA A 40 -6.38 11.61 5.05
CA ALA A 40 -6.37 13.04 5.25
C ALA A 40 -4.98 13.62 5.57
N ASP A 41 -4.14 12.88 6.30
CA ASP A 41 -2.74 13.25 6.58
C ASP A 41 -1.89 13.06 5.32
N MET A 42 -2.12 11.95 4.62
CA MET A 42 -1.32 11.52 3.47
C MET A 42 -1.45 12.49 2.30
N LYS A 43 -2.60 13.18 2.15
CA LYS A 43 -2.79 14.15 1.07
C LYS A 43 -1.84 15.34 1.16
N GLY A 44 -1.11 15.52 2.27
CA GLY A 44 -0.13 16.58 2.38
C GLY A 44 0.93 16.52 1.27
N LYS A 45 1.02 15.42 0.49
CA LYS A 45 1.89 15.29 -0.67
C LYS A 45 1.20 14.34 -1.64
N VAL A 46 1.64 14.31 -2.89
CA VAL A 46 1.41 13.17 -3.78
C VAL A 46 2.01 11.94 -3.08
N THR A 47 1.19 10.92 -2.81
CA THR A 47 1.59 9.80 -1.96
C THR A 47 1.34 8.50 -2.71
N ILE A 48 2.28 7.55 -2.59
CA ILE A 48 2.12 6.19 -3.09
C ILE A 48 1.78 5.33 -1.87
N ILE A 49 0.94 4.31 -2.02
CA ILE A 49 0.60 3.36 -0.97
C ILE A 49 0.92 1.98 -1.51
N SER A 50 1.62 1.14 -0.75
CA SER A 50 2.05 -0.18 -1.18
C SER A 50 1.48 -1.22 -0.23
N VAL A 51 0.39 -1.88 -0.61
CA VAL A 51 -0.24 -2.87 0.25
C VAL A 51 0.50 -4.19 0.07
N ILE A 52 0.80 -4.86 1.18
CA ILE A 52 1.36 -6.22 1.19
C ILE A 52 0.62 -7.01 2.30
N PRO A 53 0.66 -8.35 2.29
CA PRO A 53 -0.05 -9.14 3.30
C PRO A 53 0.58 -8.97 4.69
N SER A 54 1.87 -9.28 4.79
CA SER A 54 2.68 -9.23 6.01
C SER A 54 4.08 -8.84 5.56
N ILE A 55 4.98 -8.40 6.45
CA ILE A 55 6.24 -7.78 6.00
C ILE A 55 7.40 -8.78 5.92
N ASP A 56 7.25 -9.96 6.54
CA ASP A 56 8.34 -10.92 6.69
C ASP A 56 8.54 -11.82 5.45
N THR A 57 7.72 -11.68 4.38
CA THR A 57 7.62 -12.73 3.34
C THR A 57 8.78 -12.74 2.31
N GLY A 58 9.82 -11.90 2.42
CA GLY A 58 10.83 -11.73 1.38
C GLY A 58 10.30 -11.01 0.13
N VAL A 59 9.19 -11.41 -0.52
CA VAL A 59 8.64 -10.69 -1.69
C VAL A 59 8.30 -9.23 -1.34
N CYS A 60 7.93 -8.95 -0.08
CA CYS A 60 7.65 -7.59 0.39
C CYS A 60 8.86 -6.66 0.21
N ASP A 61 10.06 -7.24 0.32
CA ASP A 61 11.31 -6.51 0.17
C ASP A 61 11.31 -5.83 -1.16
N ALA A 62 11.00 -6.57 -2.22
CA ALA A 62 11.11 -6.06 -3.58
C ALA A 62 10.26 -4.81 -3.80
N GLN A 63 9.35 -4.52 -2.87
CA GLN A 63 8.47 -3.39 -2.89
C GLN A 63 9.09 -2.35 -1.96
N THR A 64 9.01 -2.54 -0.66
CA THR A 64 9.17 -1.46 0.32
C THR A 64 10.53 -0.80 0.21
N ARG A 65 11.51 -1.66 0.00
CA ARG A 65 12.88 -1.25 -0.07
C ARG A 65 13.17 -0.59 -1.41
N ARG A 66 12.79 -1.19 -2.53
CA ARG A 66 12.99 -0.58 -3.86
C ARG A 66 12.28 0.78 -3.90
N PHE A 67 11.10 0.86 -3.29
CA PHE A 67 10.34 2.09 -3.15
C PHE A 67 11.18 3.13 -2.41
N ASN A 68 11.91 2.75 -1.36
CA ASN A 68 12.76 3.68 -0.63
C ASN A 68 13.80 4.33 -1.54
N GLU A 69 14.43 3.51 -2.38
CA GLU A 69 15.45 4.00 -3.28
C GLU A 69 14.83 4.85 -4.37
N GLU A 70 13.77 4.36 -5.02
CA GLU A 70 13.11 5.08 -6.10
C GLU A 70 12.55 6.41 -5.61
N ALA A 71 12.01 6.46 -4.39
CA ALA A 71 11.55 7.70 -3.80
C ALA A 71 12.70 8.69 -3.58
N ALA A 72 13.88 8.20 -3.19
CA ALA A 72 15.07 9.02 -3.09
C ALA A 72 15.49 9.56 -4.47
N LYS A 73 15.35 8.75 -5.53
CA LYS A 73 15.70 9.15 -6.89
C LYS A 73 14.71 10.17 -7.44
N LEU A 74 13.42 10.05 -7.10
CA LEU A 74 12.42 11.06 -7.43
C LEU A 74 12.76 12.37 -6.74
N GLY A 75 13.20 12.31 -5.49
CA GLY A 75 13.66 13.47 -4.75
C GLY A 75 12.52 14.13 -3.95
N ASP A 76 11.31 14.18 -4.51
CA ASP A 76 10.14 14.79 -3.89
C ASP A 76 8.91 13.94 -4.16
N VAL A 77 8.69 12.93 -3.33
CA VAL A 77 7.46 12.13 -3.33
C VAL A 77 7.22 11.73 -1.87
N ASN A 78 6.08 11.13 -1.57
CA ASN A 78 5.81 10.51 -0.29
C ASN A 78 5.34 9.09 -0.56
N VAL A 79 5.69 8.13 0.28
CA VAL A 79 5.42 6.72 0.05
C VAL A 79 5.12 6.09 1.41
N TYR A 80 4.13 5.20 1.47
CA TYR A 80 3.87 4.38 2.65
C TYR A 80 3.64 2.95 2.20
N THR A 81 3.78 2.04 3.14
CA THR A 81 3.48 0.63 2.98
C THR A 81 2.44 0.31 4.05
N ILE A 82 1.53 -0.63 3.78
CA ILE A 82 0.47 -1.01 4.72
C ILE A 82 0.46 -2.53 4.78
N SER A 83 0.38 -3.10 5.98
CA SER A 83 0.28 -4.56 6.17
C SER A 83 -0.84 -4.90 7.14
N ALA A 84 -1.30 -6.15 7.08
CA ALA A 84 -2.16 -6.77 8.08
C ALA A 84 -1.30 -7.41 9.17
N ASP A 85 -0.22 -6.74 9.56
CA ASP A 85 0.88 -7.30 10.36
C ASP A 85 1.22 -6.32 11.48
N LEU A 86 2.02 -6.76 12.43
CA LEU A 86 2.31 -6.03 13.66
C LEU A 86 3.07 -4.73 13.34
N PRO A 87 2.71 -3.59 13.97
CA PRO A 87 3.45 -2.35 13.83
C PRO A 87 4.94 -2.53 14.13
N PHE A 88 5.30 -3.27 15.18
CA PHE A 88 6.71 -3.41 15.51
C PHE A 88 7.47 -4.32 14.53
N ALA A 89 6.82 -5.31 13.91
CA ALA A 89 7.48 -6.11 12.88
C ALA A 89 7.82 -5.20 11.70
N GLN A 90 6.89 -4.32 11.37
CA GLN A 90 7.05 -3.34 10.30
C GLN A 90 8.12 -2.31 10.58
N ALA A 91 8.12 -1.72 11.79
CA ALA A 91 9.16 -0.79 12.21
C ALA A 91 10.51 -1.46 12.06
N ARG A 92 10.59 -2.73 12.46
CA ARG A 92 11.86 -3.39 12.52
C ARG A 92 12.42 -3.66 11.14
N TRP A 93 11.58 -4.15 10.24
CA TRP A 93 11.95 -4.37 8.87
C TRP A 93 12.52 -3.08 8.27
N CYS A 94 11.91 -1.94 8.59
CA CYS A 94 12.44 -0.65 8.15
C CYS A 94 13.83 -0.39 8.75
N GLY A 95 13.97 -0.61 10.06
CA GLY A 95 15.20 -0.34 10.78
C GLY A 95 16.35 -1.21 10.27
N ALA A 96 16.07 -2.47 9.96
CA ALA A 96 17.05 -3.42 9.43
C ALA A 96 17.57 -2.96 8.08
N ASN A 97 16.66 -2.43 7.23
CA ASN A 97 17.01 -2.03 5.88
C ASN A 97 17.55 -0.61 5.79
N GLY A 98 17.33 0.23 6.81
CA GLY A 98 17.72 1.65 6.79
C GLY A 98 16.81 2.47 5.88
N ILE A 99 15.51 2.15 5.86
CA ILE A 99 14.47 2.83 5.09
C ILE A 99 14.23 4.20 5.75
N ASP A 100 13.99 5.23 4.94
CA ASP A 100 13.78 6.62 5.39
C ASP A 100 12.71 7.31 4.54
N LYS A 101 12.66 7.00 3.23
CA LYS A 101 11.69 7.61 2.32
C LYS A 101 10.32 6.98 2.40
N VAL A 102 10.23 5.77 2.95
CA VAL A 102 8.98 5.06 3.10
C VAL A 102 8.78 4.90 4.60
N GLU A 103 7.52 4.85 5.01
CA GLU A 103 7.13 4.48 6.35
C GLU A 103 6.07 3.39 6.22
N THR A 104 6.15 2.37 7.09
CA THR A 104 5.24 1.24 7.12
C THR A 104 4.13 1.53 8.15
N LEU A 105 2.94 0.97 7.92
CA LEU A 105 1.71 1.27 8.65
C LEU A 105 0.95 -0.05 8.84
N SER A 106 0.06 -0.14 9.82
CA SER A 106 -0.63 -1.37 10.18
C SER A 106 -2.13 -1.15 10.07
N ASP A 107 -2.77 -1.77 9.07
CA ASP A 107 -4.23 -1.80 8.88
C ASP A 107 -4.85 -2.89 9.73
N HIS A 108 -3.98 -3.75 10.30
CA HIS A 108 -4.17 -4.96 11.09
C HIS A 108 -5.43 -4.97 11.99
N ARG A 109 -5.85 -3.78 12.32
CA ARG A 109 -6.55 -3.48 13.51
C ARG A 109 -8.04 -3.40 13.38
N ASP A 110 -8.44 -2.84 12.26
CA ASP A 110 -9.82 -2.48 12.01
C ASP A 110 -10.09 -2.71 10.54
N MET A 111 -9.03 -3.03 9.78
CA MET A 111 -9.06 -3.43 8.42
C MET A 111 -9.72 -2.34 7.58
N SER A 112 -9.90 -1.11 8.12
CA SER A 112 -10.72 -0.08 7.53
C SER A 112 -10.16 0.17 6.12
N PHE A 113 -8.83 0.21 6.00
CA PHE A 113 -8.11 0.38 4.75
C PHE A 113 -8.34 -0.78 3.86
N GLY A 114 -8.02 -1.97 4.32
CA GLY A 114 -8.08 -3.10 3.44
C GLY A 114 -9.49 -3.31 2.92
N GLU A 115 -10.49 -3.08 3.77
CA GLU A 115 -11.90 -3.17 3.42
C GLU A 115 -12.24 -2.11 2.38
N ALA A 116 -11.93 -0.83 2.63
CA ALA A 116 -12.42 0.27 1.83
C ALA A 116 -11.81 0.31 0.43
N PHE A 117 -10.52 -0.03 0.31
CA PHE A 117 -9.83 -0.09 -0.98
C PHE A 117 -10.05 -1.43 -1.69
N GLY A 118 -10.83 -2.35 -1.13
CA GLY A 118 -11.10 -3.64 -1.76
C GLY A 118 -9.84 -4.47 -1.92
N VAL A 119 -9.02 -4.53 -0.86
CA VAL A 119 -7.79 -5.33 -0.83
C VAL A 119 -7.75 -6.28 0.35
N TYR A 120 -8.69 -6.21 1.27
CA TYR A 120 -8.86 -7.27 2.23
C TYR A 120 -9.42 -8.47 1.47
N ILE A 121 -8.68 -9.58 1.45
CA ILE A 121 -9.13 -10.83 0.88
C ILE A 121 -10.00 -11.54 1.92
N LYS A 122 -11.32 -11.53 1.69
CA LYS A 122 -12.35 -12.04 2.60
C LYS A 122 -12.06 -13.48 3.02
N GLU A 123 -11.62 -14.30 2.07
CA GLU A 123 -11.47 -15.75 2.22
C GLU A 123 -10.17 -16.11 2.95
N LEU A 124 -9.25 -15.16 3.15
CA LEU A 124 -7.97 -15.40 3.81
C LEU A 124 -7.78 -14.55 5.05
N ARG A 125 -8.49 -13.42 5.15
CA ARG A 125 -8.27 -12.38 6.16
C ARG A 125 -6.91 -11.74 6.09
N LEU A 126 -6.49 -11.56 4.88
CA LEU A 126 -5.14 -11.18 4.62
C LEU A 126 -5.23 -10.07 3.60
N LEU A 127 -4.33 -9.12 3.70
CA LEU A 127 -4.24 -8.04 2.74
C LEU A 127 -3.74 -8.62 1.42
N ALA A 128 -4.28 -8.10 0.33
CA ALA A 128 -3.77 -8.32 -1.01
C ALA A 128 -2.44 -7.59 -1.16
N ARG A 129 -1.74 -7.94 -2.24
CA ARG A 129 -0.60 -7.20 -2.75
C ARG A 129 -1.16 -6.30 -3.82
N SER A 130 -1.16 -4.99 -3.58
CA SER A 130 -1.69 -4.02 -4.51
C SER A 130 -0.91 -2.71 -4.31
N VAL A 131 -1.05 -1.73 -5.21
CA VAL A 131 -0.50 -0.40 -4.98
C VAL A 131 -1.50 0.65 -5.45
N PHE A 132 -1.39 1.85 -4.91
CA PHE A 132 -2.21 2.99 -5.25
C PHE A 132 -1.32 4.23 -5.26
N VAL A 133 -1.76 5.28 -5.93
CA VAL A 133 -1.13 6.59 -5.89
C VAL A 133 -2.24 7.61 -5.74
N LEU A 134 -1.98 8.65 -4.98
CA LEU A 134 -2.97 9.58 -4.48
C LEU A 134 -2.43 10.98 -4.70
N ASP A 135 -3.21 11.81 -5.38
CA ASP A 135 -2.96 13.23 -5.53
C ASP A 135 -3.18 13.92 -4.18
N GLU A 136 -2.70 15.16 -4.05
CA GLU A 136 -2.86 16.03 -2.88
C GLU A 136 -4.34 16.34 -2.55
N ASN A 137 -5.25 16.05 -3.48
CA ASN A 137 -6.70 16.10 -3.21
C ASN A 137 -7.21 14.80 -2.55
N GLY A 138 -6.39 13.75 -2.47
CA GLY A 138 -6.82 12.42 -2.08
C GLY A 138 -7.56 11.72 -3.21
N LYS A 139 -7.31 12.08 -4.48
CA LYS A 139 -7.85 11.38 -5.64
C LYS A 139 -6.89 10.29 -6.04
N VAL A 140 -7.42 9.17 -6.47
CA VAL A 140 -6.62 8.08 -6.97
C VAL A 140 -6.09 8.49 -8.33
N VAL A 141 -4.77 8.49 -8.48
CA VAL A 141 -4.03 8.78 -9.71
C VAL A 141 -3.72 7.47 -10.43
N TYR A 142 -3.54 6.38 -9.69
CA TYR A 142 -3.28 5.07 -10.22
C TYR A 142 -3.80 4.08 -9.18
N ALA A 143 -4.26 2.91 -9.60
CA ALA A 143 -4.56 1.79 -8.74
C ALA A 143 -4.26 0.53 -9.54
N GLU A 144 -3.74 -0.52 -8.91
CA GLU A 144 -3.53 -1.84 -9.51
C GLU A 144 -3.66 -2.90 -8.41
N TYR A 145 -4.26 -4.05 -8.79
CA TYR A 145 -4.62 -5.17 -7.94
C TYR A 145 -4.00 -6.35 -8.64
N VAL A 146 -2.94 -6.91 -8.06
CA VAL A 146 -2.24 -8.02 -8.65
C VAL A 146 -3.25 -9.16 -8.68
N SER A 147 -3.48 -9.72 -9.87
CA SER A 147 -4.47 -10.76 -10.06
C SER A 147 -4.17 -12.01 -9.23
N GLU A 148 -2.98 -12.13 -8.66
CA GLU A 148 -2.47 -13.30 -7.97
C GLU A 148 -1.83 -12.83 -6.67
N ALA A 149 -2.40 -13.23 -5.54
CA ALA A 149 -1.92 -12.80 -4.23
C ALA A 149 -0.49 -13.27 -3.95
N THR A 150 -0.03 -14.35 -4.58
CA THR A 150 1.31 -14.93 -4.39
C THR A 150 2.41 -14.23 -5.19
N ASN A 151 2.05 -13.17 -5.92
CA ASN A 151 2.89 -12.36 -6.79
C ASN A 151 2.70 -10.91 -6.35
N HIS A 152 3.57 -10.00 -6.76
CA HIS A 152 3.60 -8.64 -6.26
C HIS A 152 3.62 -7.67 -7.43
N PRO A 153 3.14 -6.43 -7.23
CA PRO A 153 3.13 -5.42 -8.27
C PRO A 153 4.57 -5.01 -8.65
N ASN A 154 4.72 -4.27 -9.73
CA ASN A 154 6.01 -3.64 -10.02
C ASN A 154 5.94 -2.20 -9.48
N TYR A 155 6.83 -1.80 -8.56
CA TYR A 155 6.95 -0.46 -7.99
C TYR A 155 7.21 0.62 -9.04
N GLU A 156 7.77 0.28 -10.22
CA GLU A 156 7.97 1.25 -11.29
C GLU A 156 6.64 1.91 -11.68
N LYS A 157 5.54 1.13 -11.64
CA LYS A 157 4.23 1.57 -12.09
C LYS A 157 3.69 2.78 -11.32
N PRO A 158 3.56 2.70 -10.00
CA PRO A 158 3.13 3.86 -9.23
C PRO A 158 4.19 4.95 -9.22
N ILE A 159 5.49 4.61 -9.35
CA ILE A 159 6.54 5.60 -9.55
C ILE A 159 6.21 6.44 -10.80
N GLU A 160 5.88 5.81 -11.92
CA GLU A 160 5.64 6.51 -13.19
C GLU A 160 4.42 7.42 -13.07
N ALA A 161 3.41 7.01 -12.29
CA ALA A 161 2.24 7.83 -11.99
C ALA A 161 2.63 9.02 -11.10
N ALA A 162 3.39 8.80 -10.03
CA ALA A 162 3.71 9.83 -9.06
C ALA A 162 4.69 10.85 -9.68
N LYS A 163 5.72 10.35 -10.37
CA LYS A 163 6.75 11.20 -10.99
C LYS A 163 6.15 12.11 -12.06
N ALA A 164 5.00 11.77 -12.65
CA ALA A 164 4.30 12.64 -13.58
C ALA A 164 3.72 13.87 -12.87
N LEU A 165 3.37 13.77 -11.59
CA LEU A 165 2.68 14.83 -10.86
C LEU A 165 3.61 15.65 -9.97
N VAL A 166 4.74 15.12 -9.49
CA VAL A 166 5.63 15.90 -8.61
C VAL A 166 6.42 16.99 -9.36
N LYS A 167 6.45 16.96 -10.69
CA LYS A 167 7.18 17.93 -11.50
C LYS A 167 6.66 19.34 -11.25
N MET A 1 -15.49 -7.36 -9.42
CA MET A 1 -14.30 -7.31 -8.54
C MET A 1 -13.02 -7.67 -9.31
N ALA A 2 -11.84 -7.38 -8.74
CA ALA A 2 -10.54 -7.69 -9.35
C ALA A 2 -10.31 -9.20 -9.52
N GLU A 3 -10.98 -10.02 -8.70
CA GLU A 3 -10.91 -11.49 -8.72
C GLU A 3 -9.47 -11.98 -8.58
N ILE A 4 -8.84 -11.53 -7.49
CA ILE A 4 -7.54 -12.01 -7.02
C ILE A 4 -7.66 -13.53 -6.80
N THR A 5 -6.56 -14.26 -6.95
CA THR A 5 -6.46 -15.68 -6.65
C THR A 5 -5.52 -15.89 -5.45
N PHE A 6 -5.65 -17.05 -4.83
CA PHE A 6 -4.83 -17.47 -3.70
C PHE A 6 -4.00 -18.70 -4.11
N LYS A 7 -3.38 -18.60 -5.30
CA LYS A 7 -2.58 -19.64 -5.95
C LYS A 7 -3.23 -21.03 -5.83
N GLY A 8 -4.40 -21.17 -6.44
CA GLY A 8 -5.18 -22.40 -6.44
C GLY A 8 -6.62 -22.17 -6.89
N GLY A 9 -7.13 -20.96 -6.69
CA GLY A 9 -8.46 -20.54 -7.11
C GLY A 9 -8.71 -19.08 -6.75
N PRO A 10 -9.83 -18.49 -7.23
CA PRO A 10 -10.21 -17.11 -6.93
C PRO A 10 -10.63 -16.97 -5.46
N VAL A 11 -10.59 -15.73 -4.96
CA VAL A 11 -11.00 -15.39 -3.61
C VAL A 11 -11.82 -14.09 -3.65
N THR A 12 -12.95 -14.08 -2.96
CA THR A 12 -13.85 -12.95 -2.90
C THR A 12 -13.21 -11.80 -2.12
N LEU A 13 -13.32 -10.59 -2.67
CA LEU A 13 -12.99 -9.33 -2.01
C LEU A 13 -14.25 -8.76 -1.36
N VAL A 14 -14.14 -8.08 -0.23
CA VAL A 14 -15.29 -7.42 0.40
C VAL A 14 -15.65 -6.16 -0.40
N GLY A 15 -14.75 -5.18 -0.41
CA GLY A 15 -14.97 -3.90 -1.06
C GLY A 15 -14.85 -4.00 -2.58
N GLN A 16 -15.26 -2.93 -3.27
CA GLN A 16 -15.11 -2.82 -4.71
C GLN A 16 -13.64 -2.62 -5.10
N GLU A 17 -13.36 -2.79 -6.38
CA GLU A 17 -12.09 -2.41 -6.97
C GLU A 17 -12.14 -0.87 -7.03
N VAL A 18 -11.21 -0.19 -6.38
CA VAL A 18 -11.07 1.26 -6.46
C VAL A 18 -10.45 1.60 -7.81
N LYS A 19 -10.73 2.79 -8.34
CA LYS A 19 -10.32 3.22 -9.67
C LYS A 19 -9.62 4.57 -9.61
N VAL A 20 -8.81 4.87 -10.63
CA VAL A 20 -8.21 6.17 -10.84
C VAL A 20 -9.34 7.21 -11.02
N GLY A 21 -9.12 8.43 -10.52
CA GLY A 21 -10.03 9.55 -10.65
C GLY A 21 -11.03 9.62 -9.49
N ASP A 22 -11.30 8.50 -8.82
CA ASP A 22 -12.15 8.48 -7.64
C ASP A 22 -11.43 9.15 -6.47
N GLN A 23 -12.21 9.64 -5.51
CA GLN A 23 -11.73 10.13 -4.24
C GLN A 23 -11.35 8.88 -3.43
N ALA A 24 -10.20 8.91 -2.76
CA ALA A 24 -9.77 7.83 -1.89
C ALA A 24 -10.78 7.60 -0.74
N PRO A 25 -10.79 6.40 -0.13
CA PRO A 25 -11.72 6.04 0.95
C PRO A 25 -11.79 6.99 2.15
N ASP A 26 -10.70 7.71 2.45
CA ASP A 26 -10.52 8.50 3.68
C ASP A 26 -10.79 7.69 4.96
N PHE A 27 -9.79 6.89 5.35
CA PHE A 27 -9.81 6.04 6.55
C PHE A 27 -8.44 6.08 7.25
N THR A 28 -8.29 5.30 8.33
CA THR A 28 -7.17 5.35 9.25
C THR A 28 -6.52 3.97 9.41
N VAL A 29 -5.23 3.97 9.73
CA VAL A 29 -4.37 2.83 9.98
C VAL A 29 -3.45 3.21 11.16
N LEU A 30 -2.68 2.27 11.72
CA LEU A 30 -1.63 2.60 12.68
C LEU A 30 -0.33 2.76 11.92
N THR A 31 0.56 3.64 12.39
CA THR A 31 1.92 3.71 11.89
C THR A 31 2.67 2.46 12.37
N ASN A 32 3.88 2.20 11.88
CA ASN A 32 4.79 1.20 12.43
C ASN A 32 5.19 1.50 13.90
N SER A 33 4.84 2.68 14.41
CA SER A 33 5.09 3.14 15.76
C SER A 33 3.80 3.13 16.60
N LEU A 34 2.74 2.49 16.09
CA LEU A 34 1.48 2.23 16.79
C LEU A 34 0.79 3.53 17.21
N GLU A 35 0.71 4.50 16.29
CA GLU A 35 -0.09 5.71 16.44
C GLU A 35 -0.96 5.84 15.20
N GLU A 36 -2.21 6.26 15.35
CA GLU A 36 -3.13 6.47 14.24
C GLU A 36 -2.55 7.46 13.22
N LYS A 37 -2.66 7.11 11.93
CA LYS A 37 -2.38 7.97 10.78
C LYS A 37 -3.50 7.72 9.78
N SER A 38 -3.97 8.76 9.10
CA SER A 38 -5.18 8.71 8.28
C SER A 38 -4.85 9.20 6.88
N LEU A 39 -5.65 8.80 5.90
CA LEU A 39 -5.51 9.20 4.51
C LEU A 39 -5.49 10.72 4.37
N ALA A 40 -6.23 11.45 5.20
CA ALA A 40 -6.22 12.92 5.21
C ALA A 40 -4.83 13.50 5.51
N ASP A 41 -3.99 12.79 6.25
CA ASP A 41 -2.60 13.17 6.49
C ASP A 41 -1.75 12.91 5.25
N MET A 42 -2.05 11.81 4.56
CA MET A 42 -1.35 11.36 3.36
C MET A 42 -1.58 12.33 2.20
N LYS A 43 -2.71 13.06 2.18
CA LYS A 43 -2.97 14.14 1.24
C LYS A 43 -1.89 15.24 1.28
N GLY A 44 -1.04 15.29 2.31
CA GLY A 44 0.01 16.29 2.45
C GLY A 44 1.05 16.24 1.32
N LYS A 45 1.15 15.15 0.56
CA LYS A 45 2.09 15.01 -0.56
C LYS A 45 1.51 14.01 -1.56
N VAL A 46 1.97 14.03 -2.81
CA VAL A 46 1.66 12.96 -3.76
C VAL A 46 2.23 11.71 -3.09
N THR A 47 1.38 10.73 -2.79
CA THR A 47 1.74 9.61 -1.94
C THR A 47 1.45 8.27 -2.62
N ILE A 48 2.42 7.37 -2.59
CA ILE A 48 2.28 5.98 -3.00
C ILE A 48 1.92 5.17 -1.74
N ILE A 49 1.05 4.17 -1.86
CA ILE A 49 0.64 3.27 -0.77
C ILE A 49 0.85 1.84 -1.28
N SER A 50 1.56 1.02 -0.51
CA SER A 50 1.97 -0.32 -0.92
C SER A 50 1.50 -1.33 0.14
N VAL A 51 0.37 -2.00 -0.12
CA VAL A 51 -0.23 -2.95 0.81
C VAL A 51 0.44 -4.32 0.59
N ILE A 52 0.90 -5.00 1.65
CA ILE A 52 1.48 -6.35 1.55
C ILE A 52 1.04 -7.25 2.72
N PRO A 53 0.88 -8.57 2.53
CA PRO A 53 0.72 -9.51 3.63
C PRO A 53 2.01 -9.52 4.46
N SER A 54 1.92 -9.45 5.79
CA SER A 54 3.06 -9.42 6.70
C SER A 54 4.16 -8.46 6.20
N ILE A 55 5.44 -8.86 6.18
CA ILE A 55 6.57 -8.20 5.55
C ILE A 55 7.70 -9.25 5.47
N ASP A 56 8.85 -8.90 4.89
CA ASP A 56 10.04 -9.74 4.76
C ASP A 56 9.75 -11.07 4.06
N THR A 57 8.89 -11.02 3.04
CA THR A 57 8.52 -12.17 2.21
C THR A 57 9.58 -12.46 1.12
N GLY A 58 10.76 -11.84 1.20
CA GLY A 58 11.79 -11.83 0.16
C GLY A 58 11.43 -10.78 -0.90
N VAL A 59 10.27 -10.91 -1.54
CA VAL A 59 9.80 -9.98 -2.57
C VAL A 59 9.51 -8.57 -2.01
N CYS A 60 9.52 -8.36 -0.69
CA CYS A 60 9.48 -7.03 -0.10
C CYS A 60 10.67 -6.18 -0.57
N ASP A 61 11.79 -6.78 -0.98
CA ASP A 61 12.91 -6.03 -1.55
C ASP A 61 12.53 -5.38 -2.88
N ALA A 62 11.67 -6.04 -3.66
CA ALA A 62 11.10 -5.50 -4.89
C ALA A 62 9.91 -4.57 -4.60
N GLN A 63 9.70 -4.19 -3.35
CA GLN A 63 8.69 -3.22 -2.95
C GLN A 63 9.33 -2.24 -1.95
N THR A 64 9.27 -2.50 -0.64
CA THR A 64 9.62 -1.56 0.42
C THR A 64 11.05 -1.03 0.26
N ARG A 65 12.03 -1.89 -0.06
CA ARG A 65 13.41 -1.41 -0.27
C ARG A 65 13.45 -0.55 -1.53
N ARG A 66 12.95 -1.08 -2.63
CA ARG A 66 13.00 -0.39 -3.92
C ARG A 66 12.32 0.97 -3.84
N PHE A 67 11.17 1.07 -3.17
CA PHE A 67 10.47 2.32 -2.97
C PHE A 67 11.33 3.31 -2.21
N ASN A 68 12.12 2.90 -1.22
CA ASN A 68 13.01 3.83 -0.52
C ASN A 68 14.00 4.49 -1.47
N GLU A 69 14.63 3.68 -2.33
CA GLU A 69 15.61 4.17 -3.27
C GLU A 69 14.91 5.03 -4.34
N GLU A 70 13.86 4.51 -4.97
CA GLU A 70 13.18 5.18 -6.07
C GLU A 70 12.56 6.50 -5.61
N ALA A 71 12.02 6.55 -4.39
CA ALA A 71 11.42 7.76 -3.86
C ALA A 71 12.46 8.85 -3.64
N ALA A 72 13.72 8.51 -3.36
CA ALA A 72 14.80 9.50 -3.30
C ALA A 72 15.17 9.99 -4.70
N LYS A 73 15.09 9.11 -5.71
CA LYS A 73 15.37 9.46 -7.10
C LYS A 73 14.27 10.39 -7.64
N LEU A 74 13.00 10.13 -7.33
CA LEU A 74 11.89 11.04 -7.60
C LEU A 74 12.04 12.33 -6.77
N GLY A 75 12.48 12.19 -5.52
CA GLY A 75 12.76 13.27 -4.60
C GLY A 75 11.48 13.74 -3.91
N ASP A 76 10.63 14.46 -4.65
CA ASP A 76 9.47 15.16 -4.13
C ASP A 76 8.22 14.27 -4.09
N VAL A 77 8.38 13.01 -3.68
CA VAL A 77 7.31 12.05 -3.49
C VAL A 77 7.31 11.61 -2.02
N ASN A 78 6.22 10.99 -1.59
CA ASN A 78 6.08 10.34 -0.31
C ASN A 78 5.58 8.92 -0.56
N VAL A 79 6.01 7.95 0.24
CA VAL A 79 5.54 6.57 0.12
C VAL A 79 5.23 6.04 1.52
N TYR A 80 4.21 5.18 1.61
CA TYR A 80 3.90 4.41 2.79
C TYR A 80 3.68 2.95 2.37
N THR A 81 3.82 2.05 3.32
CA THR A 81 3.63 0.61 3.16
C THR A 81 2.66 0.19 4.25
N ILE A 82 1.77 -0.78 3.98
CA ILE A 82 0.72 -1.18 4.92
C ILE A 82 0.75 -2.70 5.02
N SER A 83 1.10 -3.27 6.19
CA SER A 83 0.93 -4.70 6.38
C SER A 83 -0.55 -5.01 6.63
N ALA A 84 -0.88 -6.29 6.44
CA ALA A 84 -2.20 -6.79 6.73
C ALA A 84 -2.48 -7.05 8.22
N ASP A 85 -1.47 -7.02 9.11
CA ASP A 85 -1.68 -7.49 10.48
C ASP A 85 -0.78 -6.90 11.56
N LEU A 86 0.47 -6.53 11.27
CA LEU A 86 1.44 -6.16 12.30
C LEU A 86 2.23 -4.89 11.94
N PRO A 87 2.02 -3.78 12.64
CA PRO A 87 2.82 -2.57 12.43
C PRO A 87 4.26 -2.73 12.96
N PHE A 88 4.46 -3.51 14.01
CA PHE A 88 5.72 -3.56 14.75
C PHE A 88 6.87 -4.24 14.00
N ALA A 89 6.63 -5.32 13.26
CA ALA A 89 7.72 -6.04 12.59
C ALA A 89 8.31 -5.19 11.45
N GLN A 90 7.45 -4.41 10.79
CA GLN A 90 7.86 -3.53 9.71
C GLN A 90 8.79 -2.42 10.21
N ALA A 91 8.68 -2.03 11.49
CA ALA A 91 9.62 -1.10 12.09
C ALA A 91 11.03 -1.69 12.10
N ARG A 92 11.16 -3.01 12.32
CA ARG A 92 12.46 -3.68 12.36
C ARG A 92 13.01 -3.80 10.95
N TRP A 93 12.17 -4.11 9.95
CA TRP A 93 12.57 -4.03 8.55
C TRP A 93 13.15 -2.65 8.24
N CYS A 94 12.50 -1.58 8.71
CA CYS A 94 12.93 -0.22 8.39
C CYS A 94 14.27 0.10 9.06
N GLY A 95 14.41 -0.23 10.34
CA GLY A 95 15.62 0.05 11.09
C GLY A 95 16.81 -0.75 10.56
N ALA A 96 16.59 -2.01 10.16
CA ALA A 96 17.64 -2.87 9.62
C ALA A 96 18.16 -2.33 8.29
N ASN A 97 17.23 -1.95 7.40
CA ASN A 97 17.55 -1.45 6.07
C ASN A 97 18.12 -0.03 6.11
N GLY A 98 17.65 0.81 7.04
CA GLY A 98 17.95 2.23 7.04
C GLY A 98 17.01 2.97 6.09
N ILE A 99 15.73 2.55 6.03
CA ILE A 99 14.71 3.21 5.23
C ILE A 99 14.50 4.62 5.80
N ASP A 100 14.22 5.59 4.93
CA ASP A 100 14.00 6.99 5.29
C ASP A 100 12.91 7.66 4.44
N LYS A 101 12.84 7.36 3.13
CA LYS A 101 11.80 7.92 2.26
C LYS A 101 10.44 7.29 2.49
N VAL A 102 10.40 6.06 3.00
CA VAL A 102 9.16 5.32 3.25
C VAL A 102 8.97 5.22 4.76
N GLU A 103 7.72 5.00 5.20
CA GLU A 103 7.40 4.66 6.56
C GLU A 103 6.35 3.55 6.44
N THR A 104 6.51 2.50 7.23
CA THR A 104 5.58 1.37 7.23
C THR A 104 4.45 1.67 8.22
N LEU A 105 3.29 1.06 7.99
CA LEU A 105 2.00 1.29 8.65
C LEU A 105 1.30 -0.08 8.68
N SER A 106 0.17 -0.24 9.37
CA SER A 106 -0.64 -1.44 9.25
C SER A 106 -2.09 -1.09 9.53
N ASP A 107 -2.99 -1.72 8.78
CA ASP A 107 -4.42 -1.66 9.07
C ASP A 107 -4.65 -2.28 10.46
N HIS A 108 -3.83 -3.29 10.81
CA HIS A 108 -3.73 -4.02 12.07
C HIS A 108 -5.05 -4.66 12.52
N ARG A 109 -6.05 -3.85 12.88
CA ARG A 109 -7.37 -4.28 13.33
C ARG A 109 -8.46 -3.27 12.96
N ASP A 110 -8.12 -2.15 12.30
CA ASP A 110 -9.10 -1.10 12.00
C ASP A 110 -10.15 -1.61 11.02
N MET A 111 -9.69 -2.39 10.04
CA MET A 111 -10.39 -2.94 8.90
C MET A 111 -10.96 -1.91 7.92
N SER A 112 -11.22 -0.67 8.33
CA SER A 112 -11.94 0.27 7.48
C SER A 112 -11.15 0.60 6.21
N PHE A 113 -9.83 0.86 6.36
CA PHE A 113 -8.98 1.17 5.23
C PHE A 113 -8.90 -0.03 4.30
N GLY A 114 -8.51 -1.20 4.83
CA GLY A 114 -8.37 -2.42 4.04
C GLY A 114 -9.65 -2.81 3.31
N GLU A 115 -10.80 -2.71 3.99
CA GLU A 115 -12.08 -3.08 3.40
C GLU A 115 -12.43 -2.11 2.26
N ALA A 116 -12.28 -0.82 2.49
CA ALA A 116 -12.78 0.20 1.60
C ALA A 116 -11.88 0.34 0.36
N PHE A 117 -10.57 0.10 0.49
CA PHE A 117 -9.66 0.05 -0.65
C PHE A 117 -9.77 -1.28 -1.43
N GLY A 118 -10.78 -2.12 -1.15
CA GLY A 118 -11.02 -3.38 -1.85
C GLY A 118 -10.05 -4.51 -1.48
N VAL A 119 -8.93 -4.21 -0.83
CA VAL A 119 -7.87 -5.18 -0.59
C VAL A 119 -8.29 -6.26 0.41
N TYR A 120 -9.25 -6.02 1.31
CA TYR A 120 -9.66 -7.02 2.29
C TYR A 120 -10.32 -8.21 1.57
N ILE A 121 -9.62 -9.34 1.54
CA ILE A 121 -10.07 -10.56 0.90
C ILE A 121 -10.97 -11.27 1.91
N LYS A 122 -12.29 -11.26 1.65
CA LYS A 122 -13.30 -11.91 2.48
C LYS A 122 -12.90 -13.35 2.78
N GLU A 123 -12.45 -14.05 1.73
CA GLU A 123 -12.19 -15.49 1.75
C GLU A 123 -11.05 -15.88 2.70
N LEU A 124 -10.21 -14.91 3.12
CA LEU A 124 -8.99 -15.13 3.90
C LEU A 124 -8.93 -14.29 5.16
N ARG A 125 -9.76 -13.24 5.25
CA ARG A 125 -9.67 -12.19 6.26
C ARG A 125 -8.26 -11.58 6.24
N LEU A 126 -7.65 -11.44 5.05
CA LEU A 126 -6.28 -10.94 4.86
C LEU A 126 -6.35 -9.77 3.87
N LEU A 127 -5.49 -8.77 3.99
CA LEU A 127 -5.41 -7.69 3.00
C LEU A 127 -4.55 -8.20 1.84
N ALA A 128 -5.03 -7.96 0.61
CA ALA A 128 -4.38 -8.28 -0.64
C ALA A 128 -3.04 -7.57 -0.78
N ARG A 129 -2.16 -8.16 -1.61
CA ARG A 129 -0.93 -7.50 -2.03
C ARG A 129 -1.33 -6.60 -3.20
N SER A 130 -1.19 -5.29 -3.07
CA SER A 130 -1.72 -4.31 -4.02
C SER A 130 -1.01 -2.97 -3.82
N VAL A 131 -1.18 -2.02 -4.74
CA VAL A 131 -0.48 -0.74 -4.69
C VAL A 131 -1.36 0.36 -5.27
N PHE A 132 -1.24 1.57 -4.71
CA PHE A 132 -2.04 2.73 -5.08
C PHE A 132 -1.17 3.98 -5.08
N VAL A 133 -1.62 5.05 -5.74
CA VAL A 133 -0.99 6.36 -5.70
C VAL A 133 -2.12 7.38 -5.56
N LEU A 134 -1.89 8.42 -4.75
CA LEU A 134 -2.85 9.46 -4.42
C LEU A 134 -2.22 10.80 -4.73
N ASP A 135 -2.99 11.69 -5.35
CA ASP A 135 -2.65 13.09 -5.54
C ASP A 135 -2.85 13.83 -4.21
N GLU A 136 -2.35 15.06 -4.09
CA GLU A 136 -2.55 15.92 -2.92
C GLU A 136 -4.05 16.20 -2.66
N ASN A 137 -4.93 16.08 -3.66
CA ASN A 137 -6.38 16.20 -3.48
C ASN A 137 -6.99 14.94 -2.85
N GLY A 138 -6.19 13.89 -2.61
CA GLY A 138 -6.67 12.60 -2.17
C GLY A 138 -7.47 11.88 -3.25
N LYS A 139 -7.24 12.19 -4.52
CA LYS A 139 -7.82 11.44 -5.63
C LYS A 139 -6.82 10.38 -6.05
N VAL A 140 -7.32 9.21 -6.44
CA VAL A 140 -6.50 8.09 -6.84
C VAL A 140 -5.90 8.41 -8.22
N VAL A 141 -4.59 8.23 -8.36
CA VAL A 141 -3.81 8.49 -9.56
C VAL A 141 -3.46 7.17 -10.26
N TYR A 142 -3.29 6.10 -9.47
CA TYR A 142 -3.06 4.75 -9.97
C TYR A 142 -3.59 3.78 -8.93
N ALA A 143 -4.06 2.62 -9.39
CA ALA A 143 -4.44 1.50 -8.54
C ALA A 143 -4.13 0.21 -9.29
N GLU A 144 -3.60 -0.79 -8.59
CA GLU A 144 -3.36 -2.12 -9.12
C GLU A 144 -3.50 -3.14 -7.99
N TYR A 145 -4.23 -4.22 -8.29
CA TYR A 145 -4.40 -5.37 -7.42
C TYR A 145 -3.71 -6.52 -8.15
N VAL A 146 -2.78 -7.21 -7.49
CA VAL A 146 -2.10 -8.33 -8.12
C VAL A 146 -3.13 -9.46 -8.27
N SER A 147 -3.16 -10.14 -9.42
CA SER A 147 -4.08 -11.23 -9.68
C SER A 147 -3.79 -12.47 -8.81
N GLU A 148 -2.66 -12.51 -8.10
CA GLU A 148 -2.26 -13.57 -7.20
C GLU A 148 -1.83 -12.88 -5.90
N ALA A 149 -2.53 -13.14 -4.79
CA ALA A 149 -2.19 -12.55 -3.50
C ALA A 149 -0.79 -12.97 -3.02
N THR A 150 -0.30 -14.11 -3.49
CA THR A 150 1.03 -14.65 -3.23
C THR A 150 2.14 -13.86 -3.95
N ASN A 151 1.80 -12.97 -4.88
CA ASN A 151 2.71 -12.29 -5.79
C ASN A 151 2.65 -10.78 -5.57
N HIS A 152 3.69 -10.05 -5.98
CA HIS A 152 3.86 -8.63 -5.65
C HIS A 152 3.59 -7.74 -6.88
N PRO A 153 3.16 -6.48 -6.68
CA PRO A 153 3.07 -5.50 -7.75
C PRO A 153 4.50 -5.07 -8.15
N ASN A 154 4.66 -4.61 -9.39
CA ASN A 154 5.93 -4.05 -9.85
C ASN A 154 6.03 -2.61 -9.34
N TYR A 155 7.07 -2.30 -8.57
CA TYR A 155 7.36 -0.97 -8.04
C TYR A 155 7.43 0.11 -9.13
N GLU A 156 7.77 -0.25 -10.37
CA GLU A 156 7.83 0.72 -11.46
C GLU A 156 6.47 1.36 -11.72
N LYS A 157 5.37 0.63 -11.53
CA LYS A 157 4.02 1.11 -11.86
C LYS A 157 3.66 2.39 -11.08
N PRO A 158 3.69 2.41 -9.73
CA PRO A 158 3.40 3.63 -9.00
C PRO A 158 4.47 4.69 -9.19
N ILE A 159 5.74 4.32 -9.45
CA ILE A 159 6.78 5.30 -9.77
C ILE A 159 6.37 6.06 -11.02
N GLU A 160 5.95 5.37 -12.09
CA GLU A 160 5.59 6.01 -13.35
C GLU A 160 4.37 6.91 -13.17
N ALA A 161 3.47 6.57 -12.26
CA ALA A 161 2.34 7.41 -11.91
C ALA A 161 2.77 8.67 -11.16
N ALA A 162 3.57 8.50 -10.10
CA ALA A 162 3.98 9.58 -9.22
C ALA A 162 4.94 10.54 -9.93
N LYS A 163 5.94 10.02 -10.66
CA LYS A 163 6.95 10.85 -11.35
C LYS A 163 6.31 11.83 -12.33
N ALA A 164 5.15 11.48 -12.89
CA ALA A 164 4.40 12.35 -13.79
C ALA A 164 3.89 13.60 -13.08
N LEU A 165 3.61 13.52 -11.77
CA LEU A 165 2.93 14.58 -11.02
C LEU A 165 3.91 15.44 -10.22
N VAL A 166 4.97 14.84 -9.68
CA VAL A 166 5.90 15.52 -8.77
C VAL A 166 6.89 16.46 -9.51
N LYS A 167 6.80 16.58 -10.84
CA LYS A 167 7.58 17.53 -11.62
C LYS A 167 7.36 18.94 -11.08
N MET A 1 -17.44 -5.81 -5.96
CA MET A 1 -16.18 -5.97 -5.17
C MET A 1 -15.02 -6.39 -6.08
N ALA A 2 -13.78 -6.09 -5.68
CA ALA A 2 -12.58 -6.59 -6.36
C ALA A 2 -12.49 -8.11 -6.23
N GLU A 3 -11.60 -8.73 -7.01
CA GLU A 3 -11.38 -10.17 -7.03
C GLU A 3 -9.90 -10.41 -7.37
N ILE A 4 -9.30 -11.41 -6.75
CA ILE A 4 -7.90 -11.83 -6.88
C ILE A 4 -7.95 -13.37 -6.95
N THR A 5 -6.88 -14.07 -7.33
CA THR A 5 -6.81 -15.52 -7.32
C THR A 5 -5.75 -15.99 -6.32
N PHE A 6 -5.90 -17.21 -5.82
CA PHE A 6 -5.02 -17.82 -4.83
C PHE A 6 -4.51 -19.16 -5.39
N LYS A 7 -3.73 -19.06 -6.48
CA LYS A 7 -3.08 -20.17 -7.19
C LYS A 7 -3.94 -21.43 -7.31
N GLY A 8 -5.18 -21.27 -7.77
CA GLY A 8 -6.10 -22.39 -7.99
C GLY A 8 -7.53 -21.92 -8.26
N GLY A 9 -7.92 -20.76 -7.75
CA GLY A 9 -9.23 -20.19 -8.00
C GLY A 9 -9.35 -18.79 -7.39
N PRO A 10 -10.45 -18.07 -7.67
CA PRO A 10 -10.73 -16.75 -7.12
C PRO A 10 -10.80 -16.74 -5.58
N VAL A 11 -10.58 -15.56 -5.02
CA VAL A 11 -10.79 -15.23 -3.62
C VAL A 11 -11.44 -13.83 -3.60
N THR A 12 -12.52 -13.69 -2.84
CA THR A 12 -13.30 -12.47 -2.74
C THR A 12 -12.56 -11.44 -1.88
N LEU A 13 -12.92 -10.16 -2.01
CA LEU A 13 -12.32 -9.03 -1.31
C LEU A 13 -13.47 -8.31 -0.61
N VAL A 14 -13.27 -7.89 0.63
CA VAL A 14 -14.22 -7.02 1.31
C VAL A 14 -13.92 -5.60 0.81
N GLY A 15 -14.94 -4.87 0.34
CA GLY A 15 -14.79 -3.48 -0.09
C GLY A 15 -15.27 -3.29 -1.53
N GLN A 16 -14.81 -2.20 -2.15
CA GLN A 16 -15.02 -1.92 -3.56
C GLN A 16 -13.66 -1.65 -4.21
N GLU A 17 -13.58 -1.88 -5.53
CA GLU A 17 -12.42 -1.44 -6.29
C GLU A 17 -12.52 0.09 -6.37
N VAL A 18 -11.38 0.75 -6.51
CA VAL A 18 -11.24 2.19 -6.63
C VAL A 18 -10.45 2.43 -7.92
N LYS A 19 -10.75 3.52 -8.62
CA LYS A 19 -10.24 3.77 -9.97
C LYS A 19 -9.54 5.14 -10.04
N VAL A 20 -8.68 5.29 -11.04
CA VAL A 20 -8.02 6.55 -11.36
C VAL A 20 -9.08 7.63 -11.60
N GLY A 21 -8.81 8.83 -11.09
CA GLY A 21 -9.67 10.01 -11.26
C GLY A 21 -10.68 10.14 -10.12
N ASP A 22 -10.95 9.09 -9.35
CA ASP A 22 -11.84 9.14 -8.22
C ASP A 22 -11.14 9.80 -7.02
N GLN A 23 -11.93 10.39 -6.15
CA GLN A 23 -11.48 10.88 -4.86
C GLN A 23 -11.32 9.62 -4.01
N ALA A 24 -10.15 9.44 -3.37
CA ALA A 24 -9.89 8.25 -2.58
C ALA A 24 -10.88 8.17 -1.40
N PRO A 25 -11.20 6.95 -0.92
CA PRO A 25 -12.14 6.74 0.18
C PRO A 25 -11.84 7.52 1.47
N ASP A 26 -10.56 7.79 1.75
CA ASP A 26 -10.06 8.41 2.98
C ASP A 26 -10.52 7.71 4.27
N PHE A 27 -9.76 6.70 4.69
CA PHE A 27 -9.98 5.96 5.93
C PHE A 27 -8.67 5.76 6.68
N THR A 28 -8.77 5.31 7.93
CA THR A 28 -7.69 5.26 8.90
C THR A 28 -6.88 3.95 8.79
N VAL A 29 -5.64 4.01 9.28
CA VAL A 29 -4.69 2.91 9.44
C VAL A 29 -3.84 3.26 10.67
N LEU A 30 -3.21 2.28 11.33
CA LEU A 30 -2.30 2.57 12.45
C LEU A 30 -0.91 2.86 11.89
N THR A 31 -0.22 3.86 12.42
CA THR A 31 1.19 4.08 12.13
C THR A 31 1.98 2.97 12.85
N ASN A 32 3.27 2.79 12.54
CA ASN A 32 4.10 1.91 13.37
C ASN A 32 4.27 2.49 14.78
N SER A 33 3.98 3.78 14.98
CA SER A 33 4.06 4.49 16.24
C SER A 33 2.84 4.23 17.12
N LEU A 34 1.89 3.41 16.65
CA LEU A 34 0.68 3.02 17.36
C LEU A 34 -0.30 4.20 17.50
N GLU A 35 -0.33 5.08 16.51
CA GLU A 35 -1.23 6.23 16.44
C GLU A 35 -2.05 6.14 15.16
N GLU A 36 -3.15 6.88 15.07
CA GLU A 36 -4.00 6.89 13.89
C GLU A 36 -3.37 7.79 12.82
N LYS A 37 -3.39 7.32 11.57
CA LYS A 37 -3.07 8.08 10.37
C LYS A 37 -4.18 7.76 9.37
N SER A 38 -4.51 8.69 8.48
CA SER A 38 -5.56 8.52 7.50
C SER A 38 -5.11 9.19 6.21
N LEU A 39 -5.78 8.91 5.10
CA LEU A 39 -5.42 9.45 3.79
C LEU A 39 -5.35 10.99 3.80
N ALA A 40 -6.23 11.64 4.57
CA ALA A 40 -6.22 13.08 4.78
C ALA A 40 -4.87 13.61 5.28
N ASP A 41 -4.12 12.79 6.03
CA ASP A 41 -2.78 13.10 6.49
C ASP A 41 -1.75 12.86 5.39
N MET A 42 -1.94 11.76 4.66
CA MET A 42 -0.99 11.28 3.65
C MET A 42 -0.90 12.28 2.51
N LYS A 43 -2.05 12.81 2.07
CA LYS A 43 -2.16 13.66 0.90
C LYS A 43 -1.44 15.01 1.06
N GLY A 44 -0.82 15.29 2.21
CA GLY A 44 0.08 16.44 2.39
C GLY A 44 1.26 16.40 1.41
N LYS A 45 1.56 15.26 0.78
CA LYS A 45 2.52 15.11 -0.31
C LYS A 45 1.92 14.13 -1.32
N VAL A 46 2.37 14.17 -2.59
CA VAL A 46 2.04 13.13 -3.57
C VAL A 46 2.53 11.83 -2.95
N THR A 47 1.63 10.86 -2.72
CA THR A 47 1.95 9.68 -1.94
C THR A 47 1.64 8.41 -2.72
N ILE A 48 2.56 7.45 -2.67
CA ILE A 48 2.39 6.09 -3.17
C ILE A 48 1.98 5.24 -1.95
N ILE A 49 1.05 4.30 -2.12
CA ILE A 49 0.63 3.34 -1.11
C ILE A 49 0.89 1.95 -1.67
N SER A 50 1.49 1.08 -0.87
CA SER A 50 2.01 -0.22 -1.30
C SER A 50 1.41 -1.31 -0.41
N VAL A 51 0.31 -1.93 -0.85
CA VAL A 51 -0.36 -2.94 -0.06
C VAL A 51 0.40 -4.27 -0.23
N ILE A 52 0.84 -4.87 0.88
CA ILE A 52 1.48 -6.19 0.93
C ILE A 52 0.77 -7.02 2.03
N PRO A 53 0.90 -8.35 2.07
CA PRO A 53 0.22 -9.17 3.07
C PRO A 53 0.82 -8.93 4.46
N SER A 54 2.12 -9.22 4.56
CA SER A 54 2.95 -9.17 5.77
C SER A 54 4.38 -8.89 5.32
N ILE A 55 5.22 -8.41 6.22
CA ILE A 55 6.55 -7.88 5.88
C ILE A 55 7.67 -8.94 6.01
N ASP A 56 7.29 -10.22 6.06
CA ASP A 56 8.21 -11.36 6.10
C ASP A 56 7.89 -12.37 4.99
N THR A 57 7.07 -11.96 4.01
CA THR A 57 6.62 -12.78 2.89
C THR A 57 7.72 -13.04 1.86
N GLY A 58 8.85 -12.31 1.93
CA GLY A 58 9.93 -12.35 0.95
C GLY A 58 9.59 -11.46 -0.24
N VAL A 59 8.40 -11.61 -0.83
CA VAL A 59 7.92 -10.72 -1.88
C VAL A 59 7.77 -9.26 -1.38
N CYS A 60 7.56 -9.06 -0.07
CA CYS A 60 7.61 -7.74 0.57
C CYS A 60 8.92 -7.00 0.27
N ASP A 61 10.05 -7.71 0.22
CA ASP A 61 11.40 -7.13 0.12
C ASP A 61 11.61 -6.54 -1.28
N ALA A 62 11.20 -7.28 -2.30
CA ALA A 62 11.34 -6.89 -3.70
C ALA A 62 10.62 -5.57 -4.02
N GLN A 63 9.68 -5.15 -3.17
CA GLN A 63 8.97 -3.90 -3.34
C GLN A 63 9.47 -2.87 -2.32
N THR A 64 9.44 -3.17 -1.02
CA THR A 64 9.69 -2.14 0.01
C THR A 64 11.12 -1.57 -0.06
N ARG A 65 12.14 -2.41 -0.31
CA ARG A 65 13.53 -1.92 -0.47
C ARG A 65 13.59 -1.01 -1.69
N ARG A 66 13.05 -1.52 -2.80
CA ARG A 66 13.18 -0.93 -4.12
C ARG A 66 12.45 0.42 -4.18
N PHE A 67 11.31 0.53 -3.48
CA PHE A 67 10.63 1.80 -3.27
C PHE A 67 11.51 2.80 -2.54
N ASN A 68 12.23 2.39 -1.48
CA ASN A 68 13.06 3.33 -0.71
C ASN A 68 14.08 4.01 -1.60
N GLU A 69 14.77 3.23 -2.42
CA GLU A 69 15.82 3.73 -3.28
C GLU A 69 15.20 4.62 -4.35
N GLU A 70 14.11 4.21 -5.01
CA GLU A 70 13.54 4.99 -6.09
C GLU A 70 12.92 6.29 -5.55
N ALA A 71 12.36 6.26 -4.34
CA ALA A 71 11.85 7.45 -3.67
C ALA A 71 12.99 8.43 -3.38
N ALA A 72 14.14 7.95 -2.92
CA ALA A 72 15.33 8.79 -2.76
C ALA A 72 15.77 9.38 -4.11
N LYS A 73 15.71 8.59 -5.19
CA LYS A 73 16.07 9.04 -6.53
C LYS A 73 15.11 10.12 -7.04
N LEU A 74 13.79 10.01 -6.77
CA LEU A 74 12.84 11.07 -7.08
C LEU A 74 13.13 12.32 -6.22
N GLY A 75 13.37 12.12 -4.92
CA GLY A 75 13.84 13.15 -4.00
C GLY A 75 12.75 14.06 -3.46
N ASP A 76 11.51 13.95 -3.92
CA ASP A 76 10.39 14.79 -3.51
C ASP A 76 9.06 14.02 -3.68
N VAL A 77 8.99 12.84 -3.07
CA VAL A 77 7.81 11.98 -3.07
C VAL A 77 7.61 11.47 -1.63
N ASN A 78 6.46 10.86 -1.37
CA ASN A 78 6.16 10.17 -0.12
C ASN A 78 5.69 8.78 -0.49
N VAL A 79 6.09 7.75 0.26
CA VAL A 79 5.68 6.37 0.02
C VAL A 79 5.33 5.74 1.35
N TYR A 80 4.27 4.94 1.38
CA TYR A 80 3.93 4.09 2.50
C TYR A 80 3.71 2.67 2.02
N THR A 81 3.74 1.75 2.97
CA THR A 81 3.47 0.34 2.79
C THR A 81 2.44 -0.01 3.87
N ILE A 82 1.51 -0.91 3.55
CA ILE A 82 0.43 -1.28 4.45
C ILE A 82 0.39 -2.80 4.49
N SER A 83 0.25 -3.35 5.70
CA SER A 83 0.22 -4.80 5.94
C SER A 83 -0.82 -5.14 7.00
N ALA A 84 -1.30 -6.38 6.98
CA ALA A 84 -2.13 -6.97 8.04
C ALA A 84 -1.17 -7.70 8.98
N ASP A 85 -0.16 -6.97 9.46
CA ASP A 85 0.99 -7.48 10.19
C ASP A 85 1.30 -6.50 11.31
N LEU A 86 2.07 -6.93 12.30
CA LEU A 86 2.29 -6.18 13.53
C LEU A 86 3.06 -4.90 13.21
N PRO A 87 2.67 -3.75 13.80
CA PRO A 87 3.37 -2.49 13.58
C PRO A 87 4.81 -2.56 14.07
N PHE A 88 5.08 -3.34 15.13
CA PHE A 88 6.44 -3.53 15.61
C PHE A 88 7.25 -4.44 14.69
N ALA A 89 6.62 -5.38 13.97
CA ALA A 89 7.33 -6.19 12.98
C ALA A 89 7.70 -5.33 11.77
N GLN A 90 6.76 -4.51 11.29
CA GLN A 90 6.98 -3.50 10.26
C GLN A 90 8.09 -2.52 10.66
N ALA A 91 8.11 -2.04 11.91
CA ALA A 91 9.20 -1.21 12.41
C ALA A 91 10.52 -1.98 12.46
N ARG A 92 10.51 -3.26 12.86
CA ARG A 92 11.72 -4.07 13.00
C ARG A 92 12.35 -4.31 11.64
N TRP A 93 11.52 -4.54 10.62
CA TRP A 93 11.95 -4.59 9.23
C TRP A 93 12.70 -3.29 8.88
N CYS A 94 12.11 -2.12 9.16
CA CYS A 94 12.77 -0.84 8.86
C CYS A 94 14.10 -0.71 9.61
N GLY A 95 14.17 -1.20 10.84
CA GLY A 95 15.39 -1.20 11.65
C GLY A 95 16.49 -2.11 11.10
N ALA A 96 16.16 -3.09 10.25
CA ALA A 96 17.11 -4.07 9.75
C ALA A 96 17.83 -3.57 8.49
N ASN A 97 17.20 -2.66 7.75
CA ASN A 97 17.62 -2.23 6.43
C ASN A 97 17.82 -0.71 6.33
N GLY A 98 17.31 0.06 7.28
CA GLY A 98 17.54 1.50 7.33
C GLY A 98 16.71 2.24 6.27
N ILE A 99 15.62 1.65 5.78
CA ILE A 99 14.64 2.32 4.93
C ILE A 99 14.14 3.55 5.71
N ASP A 100 13.95 4.64 4.98
CA ASP A 100 13.67 5.98 5.52
C ASP A 100 12.68 6.75 4.64
N LYS A 101 12.77 6.58 3.31
CA LYS A 101 11.87 7.22 2.36
C LYS A 101 10.49 6.54 2.32
N VAL A 102 10.41 5.32 2.84
CA VAL A 102 9.16 4.60 3.06
C VAL A 102 8.95 4.49 4.57
N GLU A 103 7.70 4.38 4.99
CA GLU A 103 7.28 4.04 6.35
C GLU A 103 6.18 3.00 6.17
N THR A 104 6.04 2.10 7.14
CA THR A 104 5.17 0.95 7.03
C THR A 104 4.02 1.18 8.05
N LEU A 105 2.81 0.69 7.75
CA LEU A 105 1.58 1.02 8.48
C LEU A 105 0.76 -0.25 8.64
N SER A 106 0.05 -0.39 9.77
CA SER A 106 -0.67 -1.60 10.11
C SER A 106 -2.17 -1.36 9.98
N ASP A 107 -2.75 -1.98 8.95
CA ASP A 107 -4.21 -2.06 8.80
C ASP A 107 -4.75 -3.21 9.66
N HIS A 108 -3.86 -4.09 10.14
CA HIS A 108 -4.11 -5.26 10.98
C HIS A 108 -5.11 -5.01 12.11
N ARG A 109 -5.04 -3.83 12.76
CA ARG A 109 -5.80 -3.50 13.97
C ARG A 109 -6.71 -2.30 13.72
N ASP A 110 -7.07 -2.06 12.45
CA ASP A 110 -7.93 -0.93 12.05
C ASP A 110 -8.96 -1.39 11.03
N MET A 111 -8.53 -2.16 10.04
CA MET A 111 -9.26 -2.67 8.88
C MET A 111 -9.84 -1.57 7.96
N SER A 112 -9.95 -0.32 8.39
CA SER A 112 -10.70 0.69 7.64
C SER A 112 -10.08 0.94 6.27
N PHE A 113 -8.76 1.20 6.18
CA PHE A 113 -8.12 1.46 4.90
C PHE A 113 -8.21 0.23 3.99
N GLY A 114 -7.91 -0.96 4.54
CA GLY A 114 -7.85 -2.19 3.76
C GLY A 114 -9.20 -2.55 3.17
N GLU A 115 -10.27 -2.41 3.96
CA GLU A 115 -11.62 -2.61 3.48
C GLU A 115 -11.99 -1.52 2.47
N ALA A 116 -11.65 -0.25 2.74
CA ALA A 116 -12.15 0.87 1.96
C ALA A 116 -11.63 0.84 0.52
N PHE A 117 -10.36 0.49 0.33
CA PHE A 117 -9.75 0.38 -0.99
C PHE A 117 -10.04 -0.99 -1.66
N GLY A 118 -10.74 -1.90 -1.00
CA GLY A 118 -11.08 -3.21 -1.55
C GLY A 118 -9.87 -4.13 -1.65
N VAL A 119 -9.02 -4.14 -0.61
CA VAL A 119 -7.72 -4.81 -0.60
C VAL A 119 -7.55 -5.65 0.67
N TYR A 120 -8.65 -6.17 1.23
CA TYR A 120 -8.64 -7.15 2.32
C TYR A 120 -9.34 -8.39 1.81
N ILE A 121 -8.63 -9.52 1.73
CA ILE A 121 -9.11 -10.72 1.06
C ILE A 121 -10.02 -11.45 2.05
N LYS A 122 -11.30 -11.49 1.71
CA LYS A 122 -12.40 -11.99 2.52
C LYS A 122 -12.17 -13.45 2.90
N GLU A 123 -11.72 -14.27 1.95
CA GLU A 123 -11.55 -15.71 2.16
C GLU A 123 -10.35 -15.96 3.09
N LEU A 124 -9.23 -15.26 2.88
CA LEU A 124 -7.98 -15.51 3.60
C LEU A 124 -7.93 -14.81 4.96
N ARG A 125 -8.72 -13.75 5.14
CA ARG A 125 -8.61 -12.83 6.26
C ARG A 125 -7.18 -12.25 6.29
N LEU A 126 -6.60 -11.98 5.11
CA LEU A 126 -5.24 -11.46 4.95
C LEU A 126 -5.28 -10.34 3.91
N LEU A 127 -4.33 -9.40 3.97
CA LEU A 127 -4.34 -8.23 3.10
C LEU A 127 -3.96 -8.61 1.67
N ALA A 128 -4.49 -7.86 0.71
CA ALA A 128 -4.23 -8.03 -0.71
C ALA A 128 -2.82 -7.56 -1.11
N ARG A 129 -2.56 -7.65 -2.41
CA ARG A 129 -1.31 -7.31 -3.06
C ARG A 129 -1.77 -6.29 -4.09
N SER A 130 -1.57 -5.00 -3.81
CA SER A 130 -2.16 -3.92 -4.60
C SER A 130 -1.32 -2.66 -4.42
N VAL A 131 -1.54 -1.63 -5.23
CA VAL A 131 -0.72 -0.43 -5.18
C VAL A 131 -1.58 0.76 -5.66
N PHE A 132 -1.37 1.94 -5.07
CA PHE A 132 -2.11 3.15 -5.39
C PHE A 132 -1.18 4.35 -5.38
N VAL A 133 -1.57 5.44 -6.04
CA VAL A 133 -0.89 6.74 -5.95
C VAL A 133 -1.97 7.79 -5.79
N LEU A 134 -1.66 8.82 -5.00
CA LEU A 134 -2.57 9.82 -4.52
C LEU A 134 -1.96 11.19 -4.79
N ASP A 135 -2.69 12.02 -5.53
CA ASP A 135 -2.38 13.43 -5.71
C ASP A 135 -2.53 14.16 -4.36
N GLU A 136 -2.04 15.38 -4.24
CA GLU A 136 -2.15 16.18 -3.02
C GLU A 136 -3.62 16.44 -2.59
N ASN A 137 -4.59 16.33 -3.50
CA ASN A 137 -6.01 16.42 -3.15
C ASN A 137 -6.55 15.10 -2.58
N GLY A 138 -5.80 14.01 -2.67
CA GLY A 138 -6.28 12.66 -2.37
C GLY A 138 -7.03 12.07 -3.57
N LYS A 139 -6.85 12.63 -4.77
CA LYS A 139 -7.39 12.04 -6.00
C LYS A 139 -6.49 10.85 -6.33
N VAL A 140 -7.06 9.70 -6.63
CA VAL A 140 -6.31 8.53 -7.05
C VAL A 140 -5.80 8.82 -8.45
N VAL A 141 -4.48 8.70 -8.67
CA VAL A 141 -3.86 8.92 -9.98
C VAL A 141 -3.29 7.63 -10.57
N TYR A 142 -3.22 6.56 -9.76
CA TYR A 142 -2.92 5.21 -10.21
C TYR A 142 -3.57 4.26 -9.21
N ALA A 143 -4.08 3.13 -9.69
CA ALA A 143 -4.59 2.05 -8.87
C ALA A 143 -4.35 0.75 -9.63
N GLU A 144 -3.91 -0.31 -8.95
CA GLU A 144 -3.84 -1.65 -9.51
C GLU A 144 -3.99 -2.68 -8.38
N TYR A 145 -4.55 -3.82 -8.75
CA TYR A 145 -4.90 -4.94 -7.89
C TYR A 145 -4.29 -6.16 -8.55
N VAL A 146 -3.22 -6.71 -7.96
CA VAL A 146 -2.51 -7.83 -8.54
C VAL A 146 -3.49 -9.01 -8.60
N SER A 147 -3.70 -9.57 -9.79
CA SER A 147 -4.72 -10.59 -10.03
C SER A 147 -4.40 -11.93 -9.33
N GLU A 148 -3.18 -12.11 -8.82
CA GLU A 148 -2.70 -13.37 -8.27
C GLU A 148 -1.99 -13.07 -6.94
N ALA A 149 -2.42 -13.73 -5.87
CA ALA A 149 -1.94 -13.49 -4.52
C ALA A 149 -0.48 -13.92 -4.32
N THR A 150 0.03 -14.86 -5.11
CA THR A 150 1.40 -15.36 -5.00
C THR A 150 2.40 -14.46 -5.78
N ASN A 151 1.99 -13.24 -6.14
CA ASN A 151 2.72 -12.28 -6.95
C ASN A 151 2.57 -10.90 -6.30
N HIS A 152 3.30 -9.87 -6.75
CA HIS A 152 3.31 -8.52 -6.17
C HIS A 152 3.31 -7.46 -7.27
N PRO A 153 2.99 -6.18 -6.94
CA PRO A 153 3.06 -5.07 -7.88
C PRO A 153 4.48 -4.87 -8.44
N ASN A 154 4.62 -3.95 -9.40
CA ASN A 154 5.93 -3.48 -9.89
C ASN A 154 6.05 -2.02 -9.51
N TYR A 155 7.06 -1.68 -8.70
CA TYR A 155 7.32 -0.33 -8.19
C TYR A 155 7.39 0.73 -9.29
N GLU A 156 7.78 0.35 -10.52
CA GLU A 156 7.87 1.30 -11.63
C GLU A 156 6.52 1.97 -11.90
N LYS A 157 5.40 1.25 -11.75
CA LYS A 157 4.10 1.77 -12.18
C LYS A 157 3.65 2.95 -11.32
N PRO A 158 3.62 2.86 -9.98
CA PRO A 158 3.28 4.02 -9.15
C PRO A 158 4.38 5.09 -9.21
N ILE A 159 5.65 4.72 -9.36
CA ILE A 159 6.73 5.68 -9.52
C ILE A 159 6.44 6.58 -10.72
N GLU A 160 6.07 6.01 -11.87
CA GLU A 160 5.80 6.78 -13.06
C GLU A 160 4.61 7.73 -12.83
N ALA A 161 3.58 7.26 -12.12
CA ALA A 161 2.43 8.10 -11.80
C ALA A 161 2.80 9.27 -10.89
N ALA A 162 3.56 8.99 -9.83
CA ALA A 162 3.98 9.97 -8.86
C ALA A 162 4.94 10.96 -9.50
N LYS A 163 6.01 10.49 -10.16
CA LYS A 163 7.02 11.35 -10.76
C LYS A 163 6.40 12.28 -11.79
N ALA A 164 5.35 11.84 -12.49
CA ALA A 164 4.62 12.67 -13.44
C ALA A 164 4.01 13.91 -12.77
N LEU A 165 3.62 13.81 -11.49
CA LEU A 165 3.11 14.94 -10.70
C LEU A 165 4.25 15.72 -10.05
N VAL A 166 5.31 15.04 -9.61
CA VAL A 166 6.43 15.67 -8.92
C VAL A 166 7.19 16.64 -9.85
N LYS A 167 7.39 16.27 -11.13
CA LYS A 167 8.11 17.11 -12.08
C LYS A 167 7.42 18.46 -12.24
N MET A 1 -17.20 -5.43 -4.41
CA MET A 1 -16.33 -6.61 -4.20
C MET A 1 -15.36 -6.79 -5.39
N ALA A 2 -14.07 -6.47 -5.21
CA ALA A 2 -13.03 -6.81 -6.19
C ALA A 2 -12.85 -8.34 -6.23
N GLU A 3 -11.94 -8.82 -7.07
CA GLU A 3 -11.59 -10.24 -7.17
C GLU A 3 -10.08 -10.32 -7.46
N ILE A 4 -9.42 -11.28 -6.83
CA ILE A 4 -8.00 -11.60 -7.00
C ILE A 4 -7.97 -13.14 -7.00
N THR A 5 -7.02 -13.76 -7.68
CA THR A 5 -6.82 -15.20 -7.59
C THR A 5 -6.09 -15.52 -6.27
N PHE A 6 -6.14 -16.76 -5.80
CA PHE A 6 -5.36 -17.29 -4.69
C PHE A 6 -4.91 -18.67 -5.13
N LYS A 7 -3.61 -18.81 -5.41
CA LYS A 7 -2.96 -20.01 -5.94
C LYS A 7 -3.82 -20.69 -7.01
N GLY A 8 -4.28 -19.91 -8.01
CA GLY A 8 -4.94 -20.45 -9.19
C GLY A 8 -6.46 -20.66 -9.06
N GLY A 9 -7.10 -20.25 -7.96
CA GLY A 9 -8.57 -20.22 -7.84
C GLY A 9 -9.02 -18.84 -7.36
N PRO A 10 -10.14 -18.28 -7.85
CA PRO A 10 -10.56 -16.91 -7.52
C PRO A 10 -11.00 -16.78 -6.06
N VAL A 11 -10.80 -15.60 -5.47
CA VAL A 11 -11.29 -15.24 -4.14
C VAL A 11 -11.84 -13.81 -4.18
N THR A 12 -12.93 -13.60 -3.46
CA THR A 12 -13.66 -12.34 -3.37
C THR A 12 -12.94 -11.37 -2.43
N LEU A 13 -13.03 -10.08 -2.70
CA LEU A 13 -12.49 -8.99 -1.90
C LEU A 13 -13.69 -8.17 -1.42
N VAL A 14 -13.62 -7.58 -0.22
CA VAL A 14 -14.78 -6.92 0.39
C VAL A 14 -15.17 -5.66 -0.40
N GLY A 15 -14.32 -4.64 -0.37
CA GLY A 15 -14.59 -3.35 -1.00
C GLY A 15 -14.60 -3.45 -2.52
N GLN A 16 -14.98 -2.35 -3.17
CA GLN A 16 -14.89 -2.21 -4.61
C GLN A 16 -13.44 -1.97 -5.02
N GLU A 17 -13.10 -2.37 -6.23
CA GLU A 17 -11.83 -2.00 -6.84
C GLU A 17 -11.96 -0.50 -7.14
N VAL A 18 -11.19 0.38 -6.49
CA VAL A 18 -11.19 1.79 -6.84
C VAL A 18 -10.50 1.94 -8.19
N LYS A 19 -10.86 2.99 -8.96
CA LYS A 19 -10.31 3.22 -10.30
C LYS A 19 -9.54 4.52 -10.31
N VAL A 20 -8.67 4.68 -11.31
CA VAL A 20 -7.93 5.92 -11.52
C VAL A 20 -8.93 7.06 -11.69
N GLY A 21 -8.65 8.18 -11.02
CA GLY A 21 -9.49 9.37 -11.01
C GLY A 21 -10.52 9.35 -9.88
N ASP A 22 -10.78 8.21 -9.24
CA ASP A 22 -11.66 8.15 -8.09
C ASP A 22 -10.97 8.82 -6.90
N GLN A 23 -11.77 9.45 -6.04
CA GLN A 23 -11.32 10.08 -4.80
C GLN A 23 -11.34 8.95 -3.77
N ALA A 24 -10.17 8.62 -3.22
CA ALA A 24 -10.00 7.44 -2.39
C ALA A 24 -10.93 7.42 -1.16
N PRO A 25 -11.30 6.22 -0.65
CA PRO A 25 -12.23 6.04 0.46
C PRO A 25 -11.92 6.81 1.76
N ASP A 26 -10.64 7.16 2.00
CA ASP A 26 -10.13 7.81 3.20
C ASP A 26 -10.51 7.11 4.52
N PHE A 27 -9.63 6.20 4.94
CA PHE A 27 -9.68 5.51 6.23
C PHE A 27 -8.31 5.64 6.92
N THR A 28 -8.13 4.95 8.04
CA THR A 28 -7.00 5.15 8.94
C THR A 28 -6.24 3.83 9.12
N VAL A 29 -4.96 3.95 9.46
CA VAL A 29 -4.05 2.87 9.83
C VAL A 29 -3.24 3.36 11.03
N LEU A 30 -2.57 2.45 11.73
CA LEU A 30 -1.60 2.84 12.75
C LEU A 30 -0.25 2.97 12.03
N THR A 31 0.58 3.94 12.40
CA THR A 31 1.94 3.99 11.93
C THR A 31 2.71 2.82 12.57
N ASN A 32 3.91 2.51 12.08
CA ASN A 32 4.81 1.59 12.77
C ASN A 32 5.30 2.15 14.13
N SER A 33 4.91 3.39 14.46
CA SER A 33 5.31 4.13 15.64
C SER A 33 4.11 4.40 16.57
N LEU A 34 3.01 3.65 16.41
CA LEU A 34 1.87 3.62 17.33
C LEU A 34 1.12 4.96 17.39
N GLU A 35 0.98 5.65 16.26
CA GLU A 35 0.11 6.83 16.13
C GLU A 35 -0.88 6.54 14.99
N GLU A 36 -2.03 7.20 14.95
CA GLU A 36 -2.94 7.06 13.81
C GLU A 36 -2.43 7.92 12.66
N LYS A 37 -2.60 7.41 11.43
CA LYS A 37 -2.32 8.11 10.18
C LYS A 37 -3.42 7.68 9.19
N SER A 38 -3.89 8.58 8.35
CA SER A 38 -5.05 8.36 7.49
C SER A 38 -4.78 8.92 6.10
N LEU A 39 -5.62 8.56 5.12
CA LEU A 39 -5.43 9.06 3.76
C LEU A 39 -5.45 10.59 3.72
N ALA A 40 -6.28 11.23 4.55
CA ALA A 40 -6.33 12.67 4.71
C ALA A 40 -4.97 13.29 5.08
N ASP A 41 -4.10 12.53 5.75
CA ASP A 41 -2.73 12.94 6.05
C ASP A 41 -1.80 12.61 4.90
N MET A 42 -2.03 11.47 4.24
CA MET A 42 -1.18 10.95 3.16
C MET A 42 -1.24 11.89 1.96
N LYS A 43 -2.42 12.43 1.65
CA LYS A 43 -2.60 13.37 0.54
C LYS A 43 -1.90 14.72 0.79
N GLY A 44 -1.23 14.92 1.93
CA GLY A 44 -0.36 16.08 2.17
C GLY A 44 0.80 16.17 1.16
N LYS A 45 1.11 15.09 0.44
CA LYS A 45 2.07 15.03 -0.66
C LYS A 45 1.51 14.03 -1.69
N VAL A 46 2.07 13.99 -2.90
CA VAL A 46 1.77 12.92 -3.84
C VAL A 46 2.37 11.68 -3.15
N THR A 47 1.55 10.71 -2.79
CA THR A 47 1.97 9.62 -1.94
C THR A 47 1.67 8.28 -2.59
N ILE A 48 2.60 7.33 -2.46
CA ILE A 48 2.45 5.96 -2.93
C ILE A 48 2.16 5.10 -1.70
N ILE A 49 1.27 4.11 -1.84
CA ILE A 49 0.81 3.23 -0.79
C ILE A 49 1.02 1.80 -1.27
N SER A 50 2.13 1.19 -0.87
CA SER A 50 2.34 -0.24 -1.06
C SER A 50 1.45 -0.97 -0.06
N VAL A 51 0.93 -2.13 -0.45
CA VAL A 51 0.24 -3.03 0.47
C VAL A 51 0.93 -4.39 0.37
N ILE A 52 1.15 -5.07 1.51
CA ILE A 52 1.68 -6.43 1.56
C ILE A 52 0.95 -7.18 2.70
N PRO A 53 0.77 -8.51 2.62
CA PRO A 53 -0.01 -9.24 3.63
C PRO A 53 0.62 -9.12 5.02
N SER A 54 1.93 -9.35 5.12
CA SER A 54 2.71 -9.25 6.34
C SER A 54 4.14 -9.00 5.90
N ILE A 55 4.94 -8.28 6.70
CA ILE A 55 6.24 -7.82 6.24
C ILE A 55 7.32 -8.90 6.30
N ASP A 56 6.95 -10.13 6.67
CA ASP A 56 7.79 -11.32 6.58
C ASP A 56 7.65 -12.02 5.22
N THR A 57 6.75 -11.56 4.33
CA THR A 57 6.44 -12.25 3.07
C THR A 57 7.63 -12.30 2.08
N GLY A 58 8.72 -11.57 2.33
CA GLY A 58 10.00 -11.68 1.61
C GLY A 58 10.00 -10.84 0.34
N VAL A 59 8.96 -10.97 -0.49
CA VAL A 59 8.73 -10.12 -1.66
C VAL A 59 8.43 -8.66 -1.26
N CYS A 60 8.37 -8.36 0.04
CA CYS A 60 8.32 -7.01 0.61
C CYS A 60 9.43 -6.15 0.01
N ASP A 61 10.58 -6.75 -0.35
CA ASP A 61 11.74 -6.07 -0.92
C ASP A 61 11.35 -5.18 -2.10
N ALA A 62 10.62 -5.74 -3.07
CA ALA A 62 10.18 -4.99 -4.24
C ALA A 62 9.18 -3.90 -3.87
N GLN A 63 8.32 -4.18 -2.87
CA GLN A 63 7.26 -3.28 -2.45
C GLN A 63 7.74 -2.23 -1.42
N THR A 64 8.97 -2.34 -0.89
CA THR A 64 9.42 -1.52 0.25
C THR A 64 10.87 -1.05 0.11
N ARG A 65 11.86 -1.95 0.03
CA ARG A 65 13.27 -1.53 -0.02
C ARG A 65 13.58 -0.92 -1.38
N ARG A 66 13.11 -1.51 -2.47
CA ARG A 66 13.33 -0.92 -3.78
C ARG A 66 12.64 0.45 -3.86
N PHE A 67 11.47 0.62 -3.23
CA PHE A 67 10.82 1.91 -3.15
C PHE A 67 11.65 2.94 -2.40
N ASN A 68 12.37 2.56 -1.33
CA ASN A 68 13.23 3.49 -0.61
C ASN A 68 14.26 4.11 -1.56
N GLU A 69 14.87 3.24 -2.36
CA GLU A 69 15.84 3.66 -3.36
C GLU A 69 15.15 4.50 -4.43
N GLU A 70 14.02 4.05 -5.00
CA GLU A 70 13.40 4.71 -6.13
C GLU A 70 12.84 6.08 -5.73
N ALA A 71 12.37 6.21 -4.48
CA ALA A 71 11.91 7.47 -3.93
C ALA A 71 13.05 8.48 -3.81
N ALA A 72 14.24 8.03 -3.40
CA ALA A 72 15.41 8.90 -3.38
C ALA A 72 15.76 9.35 -4.80
N LYS A 73 15.68 8.44 -5.79
CA LYS A 73 15.98 8.75 -7.19
C LYS A 73 14.96 9.74 -7.76
N LEU A 74 13.69 9.66 -7.35
CA LEU A 74 12.64 10.63 -7.71
C LEU A 74 12.93 12.04 -7.20
N GLY A 75 13.80 12.21 -6.19
CA GLY A 75 14.22 13.51 -5.68
C GLY A 75 13.22 14.06 -4.64
N ASP A 76 11.92 13.95 -4.91
CA ASP A 76 10.85 14.23 -3.96
C ASP A 76 9.66 13.35 -4.30
N VAL A 77 9.17 12.60 -3.32
CA VAL A 77 7.93 11.84 -3.33
C VAL A 77 7.67 11.48 -1.86
N ASN A 78 6.52 10.87 -1.56
CA ASN A 78 6.25 10.27 -0.26
C ASN A 78 5.75 8.85 -0.53
N VAL A 79 6.19 7.87 0.26
CA VAL A 79 5.82 6.48 0.07
C VAL A 79 5.59 5.87 1.45
N TYR A 80 4.56 5.02 1.55
CA TYR A 80 4.27 4.23 2.73
C TYR A 80 3.96 2.80 2.31
N THR A 81 3.93 1.89 3.28
CA THR A 81 3.58 0.49 3.11
C THR A 81 2.57 0.15 4.20
N ILE A 82 1.59 -0.70 3.92
CA ILE A 82 0.54 -1.10 4.86
C ILE A 82 0.57 -2.63 4.95
N SER A 83 0.36 -3.18 6.14
CA SER A 83 0.29 -4.63 6.34
C SER A 83 -0.76 -5.00 7.38
N ALA A 84 -1.25 -6.25 7.32
CA ALA A 84 -2.11 -6.86 8.35
C ALA A 84 -1.21 -7.57 9.35
N ASP A 85 -0.20 -6.85 9.85
CA ASP A 85 0.90 -7.37 10.65
C ASP A 85 1.24 -6.33 11.72
N LEU A 86 2.06 -6.69 12.70
CA LEU A 86 2.26 -5.89 13.90
C LEU A 86 3.15 -4.66 13.62
N PRO A 87 2.84 -3.49 14.20
CA PRO A 87 3.63 -2.27 14.05
C PRO A 87 5.12 -2.45 14.29
N PHE A 88 5.53 -3.24 15.29
CA PHE A 88 6.96 -3.41 15.56
C PHE A 88 7.63 -4.29 14.52
N ALA A 89 6.92 -5.23 13.88
CA ALA A 89 7.47 -5.99 12.76
C ALA A 89 7.72 -5.04 11.58
N GLN A 90 6.76 -4.16 11.31
CA GLN A 90 6.89 -3.09 10.32
C GLN A 90 8.12 -2.22 10.62
N ALA A 91 8.30 -1.77 11.86
CA ALA A 91 9.45 -0.95 12.24
C ALA A 91 10.76 -1.73 12.09
N ARG A 92 10.77 -3.02 12.48
CA ARG A 92 11.98 -3.85 12.46
C ARG A 92 12.47 -4.02 11.03
N TRP A 93 11.55 -4.23 10.08
CA TRP A 93 11.90 -4.29 8.66
C TRP A 93 12.61 -3.00 8.23
N CYS A 94 12.09 -1.82 8.57
CA CYS A 94 12.72 -0.57 8.15
C CYS A 94 14.11 -0.43 8.76
N GLY A 95 14.26 -0.76 10.04
CA GLY A 95 15.54 -0.69 10.72
C GLY A 95 16.57 -1.65 10.13
N ALA A 96 16.14 -2.87 9.76
CA ALA A 96 17.02 -3.88 9.18
C ALA A 96 17.49 -3.45 7.79
N ASN A 97 16.60 -2.86 7.00
CA ASN A 97 16.87 -2.47 5.61
C ASN A 97 17.50 -1.09 5.51
N GLY A 98 17.54 -0.29 6.58
CA GLY A 98 18.13 1.04 6.59
C GLY A 98 17.28 2.05 5.82
N ILE A 99 15.97 1.81 5.77
CA ILE A 99 15.03 2.61 5.00
C ILE A 99 14.75 3.93 5.74
N ASP A 100 14.53 4.97 4.95
CA ASP A 100 14.22 6.33 5.41
C ASP A 100 13.13 6.99 4.57
N LYS A 101 13.13 6.77 3.24
CA LYS A 101 12.20 7.40 2.31
C LYS A 101 10.82 6.72 2.30
N VAL A 102 10.70 5.54 2.93
CA VAL A 102 9.42 4.86 3.15
C VAL A 102 9.21 4.76 4.66
N GLU A 103 7.96 4.65 5.10
CA GLU A 103 7.60 4.33 6.47
C GLU A 103 6.49 3.29 6.38
N THR A 104 6.61 2.24 7.18
CA THR A 104 5.69 1.12 7.20
C THR A 104 4.55 1.43 8.20
N LEU A 105 3.37 0.88 7.96
CA LEU A 105 2.10 1.18 8.62
C LEU A 105 1.34 -0.13 8.79
N SER A 106 0.30 -0.14 9.63
CA SER A 106 -0.38 -1.35 10.07
C SER A 106 -1.88 -1.11 10.03
N ASP A 107 -2.64 -1.94 9.30
CA ASP A 107 -4.09 -1.78 9.16
C ASP A 107 -4.85 -2.34 10.38
N HIS A 108 -4.25 -2.17 11.57
CA HIS A 108 -4.76 -2.63 12.86
C HIS A 108 -6.06 -1.91 13.24
N ARG A 109 -6.45 -0.84 12.52
CA ARG A 109 -7.67 -0.08 12.72
C ARG A 109 -8.85 -0.85 12.08
N ASP A 110 -9.12 -2.05 12.61
CA ASP A 110 -10.17 -2.98 12.19
C ASP A 110 -10.20 -3.19 10.67
N MET A 111 -9.02 -3.38 10.07
CA MET A 111 -8.78 -3.58 8.65
C MET A 111 -9.48 -2.55 7.74
N SER A 112 -9.84 -1.36 8.24
CA SER A 112 -10.70 -0.44 7.53
C SER A 112 -10.09 0.06 6.22
N PHE A 113 -8.77 0.30 6.18
CA PHE A 113 -8.14 0.87 4.98
C PHE A 113 -8.17 -0.16 3.86
N GLY A 114 -7.76 -1.40 4.15
CA GLY A 114 -7.67 -2.46 3.17
C GLY A 114 -9.05 -2.94 2.75
N GLU A 115 -10.01 -2.98 3.68
CA GLU A 115 -11.38 -3.30 3.37
C GLU A 115 -11.92 -2.30 2.35
N ALA A 116 -11.73 -1.00 2.60
CA ALA A 116 -12.33 0.05 1.81
C ALA A 116 -11.76 0.14 0.40
N PHE A 117 -10.46 -0.05 0.22
CA PHE A 117 -9.80 -0.09 -1.10
C PHE A 117 -10.10 -1.37 -1.88
N GLY A 118 -10.85 -2.33 -1.31
CA GLY A 118 -11.12 -3.61 -1.95
C GLY A 118 -9.90 -4.52 -2.00
N VAL A 119 -9.06 -4.51 -0.96
CA VAL A 119 -7.83 -5.32 -0.90
C VAL A 119 -7.82 -6.28 0.31
N TYR A 120 -8.88 -6.30 1.13
CA TYR A 120 -9.07 -7.32 2.16
C TYR A 120 -9.87 -8.46 1.54
N ILE A 121 -9.31 -9.67 1.53
CA ILE A 121 -9.85 -10.82 0.84
C ILE A 121 -10.91 -11.42 1.75
N LYS A 122 -12.18 -11.28 1.36
CA LYS A 122 -13.35 -11.71 2.12
C LYS A 122 -13.26 -13.19 2.48
N GLU A 123 -12.75 -14.00 1.56
CA GLU A 123 -12.71 -15.45 1.68
C GLU A 123 -11.62 -15.93 2.66
N LEU A 124 -10.71 -15.05 3.10
CA LEU A 124 -9.51 -15.43 3.85
C LEU A 124 -9.24 -14.55 5.07
N ARG A 125 -9.83 -13.34 5.11
CA ARG A 125 -9.47 -12.31 6.08
C ARG A 125 -7.95 -12.06 6.01
N LEU A 126 -7.40 -12.01 4.80
CA LEU A 126 -6.00 -11.74 4.51
C LEU A 126 -5.95 -10.48 3.64
N LEU A 127 -4.89 -9.68 3.78
CA LEU A 127 -4.71 -8.46 3.01
C LEU A 127 -3.90 -8.79 1.75
N ALA A 128 -4.30 -8.20 0.62
CA ALA A 128 -3.65 -8.41 -0.67
C ALA A 128 -2.28 -7.72 -0.72
N ARG A 129 -1.53 -7.96 -1.80
CA ARG A 129 -0.18 -7.40 -2.02
C ARG A 129 -0.22 -6.22 -3.00
N SER A 130 -1.39 -5.60 -3.18
CA SER A 130 -1.68 -4.51 -4.10
C SER A 130 -0.82 -3.26 -3.88
N VAL A 131 -0.98 -2.25 -4.73
CA VAL A 131 -0.31 -0.96 -4.58
C VAL A 131 -1.20 0.12 -5.16
N PHE A 132 -1.13 1.32 -4.58
CA PHE A 132 -1.83 2.50 -5.08
C PHE A 132 -0.91 3.71 -5.04
N VAL A 133 -1.27 4.79 -5.74
CA VAL A 133 -0.63 6.09 -5.64
C VAL A 133 -1.75 7.12 -5.67
N LEU A 134 -1.55 8.20 -4.92
CA LEU A 134 -2.55 9.20 -4.59
C LEU A 134 -1.99 10.59 -4.86
N ASP A 135 -2.78 11.38 -5.59
CA ASP A 135 -2.57 12.80 -5.79
C ASP A 135 -2.76 13.54 -4.46
N GLU A 136 -2.37 14.82 -4.39
CA GLU A 136 -2.58 15.67 -3.22
C GLU A 136 -4.07 15.86 -2.85
N ASN A 137 -5.01 15.53 -3.73
CA ASN A 137 -6.45 15.51 -3.44
C ASN A 137 -6.92 14.11 -2.99
N GLY A 138 -6.00 13.16 -2.80
CA GLY A 138 -6.33 11.77 -2.51
C GLY A 138 -7.00 11.07 -3.69
N LYS A 139 -6.82 11.56 -4.91
CA LYS A 139 -7.36 10.90 -6.10
C LYS A 139 -6.38 9.83 -6.52
N VAL A 140 -6.89 8.65 -6.85
CA VAL A 140 -6.09 7.51 -7.28
C VAL A 140 -5.44 7.88 -8.62
N VAL A 141 -4.12 7.97 -8.66
CA VAL A 141 -3.37 8.22 -9.90
C VAL A 141 -3.17 6.89 -10.64
N TYR A 142 -3.01 5.79 -9.89
CA TYR A 142 -2.86 4.43 -10.39
C TYR A 142 -3.16 3.50 -9.20
N ALA A 143 -3.78 2.35 -9.48
CA ALA A 143 -3.93 1.26 -8.52
C ALA A 143 -3.81 -0.07 -9.26
N GLU A 144 -3.28 -1.10 -8.58
CA GLU A 144 -3.07 -2.44 -9.14
C GLU A 144 -3.35 -3.45 -8.02
N TYR A 145 -4.10 -4.51 -8.35
CA TYR A 145 -4.68 -5.47 -7.41
C TYR A 145 -3.96 -6.84 -7.41
N VAL A 146 -2.72 -6.89 -7.92
CA VAL A 146 -1.85 -8.06 -8.20
C VAL A 146 -2.45 -9.26 -8.97
N SER A 147 -3.77 -9.36 -9.09
CA SER A 147 -4.55 -10.43 -9.71
C SER A 147 -4.29 -11.86 -9.19
N GLU A 148 -3.28 -12.08 -8.34
CA GLU A 148 -3.00 -13.36 -7.69
C GLU A 148 -2.38 -13.02 -6.34
N ALA A 149 -2.93 -13.55 -5.26
CA ALA A 149 -2.46 -13.38 -3.91
C ALA A 149 -1.05 -13.97 -3.69
N THR A 150 -0.57 -14.86 -4.56
CA THR A 150 0.82 -15.35 -4.50
C THR A 150 1.77 -14.52 -5.41
N ASN A 151 1.34 -13.36 -5.91
CA ASN A 151 2.09 -12.48 -6.81
C ASN A 151 2.31 -11.13 -6.14
N HIS A 152 3.24 -10.31 -6.65
CA HIS A 152 3.54 -8.96 -6.17
C HIS A 152 3.43 -7.98 -7.35
N PRO A 153 3.20 -6.68 -7.10
CA PRO A 153 3.06 -5.67 -8.14
C PRO A 153 4.47 -5.24 -8.61
N ASN A 154 4.56 -4.15 -9.37
CA ASN A 154 5.84 -3.57 -9.78
C ASN A 154 5.89 -2.11 -9.35
N TYR A 155 6.82 -1.77 -8.46
CA TYR A 155 7.13 -0.43 -7.97
C TYR A 155 7.27 0.62 -9.08
N GLU A 156 7.69 0.20 -10.29
CA GLU A 156 7.83 1.12 -11.41
C GLU A 156 6.49 1.78 -11.76
N LYS A 157 5.37 1.05 -11.64
CA LYS A 157 4.06 1.53 -12.05
C LYS A 157 3.69 2.82 -11.29
N PRO A 158 3.64 2.83 -9.94
CA PRO A 158 3.34 4.05 -9.21
C PRO A 158 4.50 5.04 -9.26
N ILE A 159 5.76 4.64 -9.47
CA ILE A 159 6.83 5.63 -9.65
C ILE A 159 6.53 6.48 -10.89
N GLU A 160 6.16 5.87 -12.01
CA GLU A 160 5.90 6.60 -13.26
C GLU A 160 4.68 7.53 -13.10
N ALA A 161 3.69 7.10 -12.32
CA ALA A 161 2.53 7.93 -12.01
C ALA A 161 2.90 9.09 -11.08
N ALA A 162 3.65 8.83 -10.01
CA ALA A 162 4.02 9.82 -9.02
C ALA A 162 4.94 10.89 -9.61
N LYS A 163 6.00 10.47 -10.32
CA LYS A 163 6.98 11.40 -10.91
C LYS A 163 6.32 12.38 -11.87
N ALA A 164 5.25 11.96 -12.56
CA ALA A 164 4.51 12.83 -13.46
C ALA A 164 3.84 13.99 -12.72
N LEU A 165 3.45 13.80 -11.45
CA LEU A 165 2.69 14.82 -10.71
C LEU A 165 3.56 15.61 -9.75
N VAL A 166 4.51 14.98 -9.09
CA VAL A 166 5.28 15.60 -8.01
C VAL A 166 6.31 16.62 -8.53
N LYS A 167 6.74 16.49 -9.80
CA LYS A 167 7.69 17.41 -10.42
C LYS A 167 7.16 18.84 -10.40
N MET A 1 -14.09 -5.07 -11.69
CA MET A 1 -14.36 -5.33 -10.27
C MET A 1 -13.51 -6.50 -9.79
N ALA A 2 -12.37 -6.21 -9.14
CA ALA A 2 -11.42 -7.18 -8.64
C ALA A 2 -12.07 -8.16 -7.64
N GLU A 3 -11.48 -9.35 -7.56
CA GLU A 3 -11.88 -10.46 -6.70
C GLU A 3 -10.64 -11.23 -6.22
N ILE A 4 -9.59 -11.26 -7.05
CA ILE A 4 -8.26 -11.82 -6.79
C ILE A 4 -8.29 -13.36 -6.79
N THR A 5 -7.11 -13.96 -6.92
CA THR A 5 -6.85 -15.40 -6.84
C THR A 5 -5.76 -15.65 -5.78
N PHE A 6 -5.60 -16.89 -5.36
CA PHE A 6 -4.62 -17.32 -4.38
C PHE A 6 -4.01 -18.60 -4.93
N LYS A 7 -2.77 -18.51 -5.45
CA LYS A 7 -1.97 -19.59 -6.04
C LYS A 7 -2.78 -20.68 -6.75
N GLY A 8 -3.60 -20.26 -7.73
CA GLY A 8 -4.26 -21.19 -8.64
C GLY A 8 -5.73 -21.46 -8.30
N GLY A 9 -6.40 -20.59 -7.55
CA GLY A 9 -7.85 -20.67 -7.32
C GLY A 9 -8.40 -19.30 -6.93
N PRO A 10 -9.71 -19.06 -7.08
CA PRO A 10 -10.32 -17.75 -6.82
C PRO A 10 -10.47 -17.47 -5.32
N VAL A 11 -10.54 -16.18 -4.98
CA VAL A 11 -10.89 -15.66 -3.67
C VAL A 11 -11.91 -14.51 -3.90
N THR A 12 -12.15 -13.62 -2.93
CA THR A 12 -13.15 -12.57 -3.03
C THR A 12 -12.65 -11.36 -2.24
N LEU A 13 -13.08 -10.15 -2.62
CA LEU A 13 -12.72 -8.88 -1.99
C LEU A 13 -13.96 -8.33 -1.29
N VAL A 14 -13.80 -7.79 -0.07
CA VAL A 14 -14.92 -7.33 0.73
C VAL A 14 -15.52 -5.99 0.25
N GLY A 15 -14.78 -5.24 -0.58
CA GLY A 15 -15.12 -3.88 -0.95
C GLY A 15 -14.72 -3.58 -2.38
N GLN A 16 -15.06 -2.39 -2.86
CA GLN A 16 -14.94 -2.05 -4.26
C GLN A 16 -13.48 -1.89 -4.69
N GLU A 17 -13.24 -2.19 -5.95
CA GLU A 17 -12.01 -1.89 -6.64
C GLU A 17 -12.12 -0.39 -6.95
N VAL A 18 -11.18 0.44 -6.53
CA VAL A 18 -11.20 1.86 -6.87
C VAL A 18 -10.84 2.06 -8.34
N LYS A 19 -11.17 3.22 -8.88
CA LYS A 19 -10.83 3.67 -10.23
C LYS A 19 -10.06 4.98 -10.12
N VAL A 20 -9.27 5.30 -11.13
CA VAL A 20 -8.63 6.61 -11.25
C VAL A 20 -9.74 7.67 -11.24
N GLY A 21 -9.53 8.74 -10.47
CA GLY A 21 -10.48 9.82 -10.30
C GLY A 21 -11.38 9.67 -9.08
N ASP A 22 -11.41 8.49 -8.43
CA ASP A 22 -12.12 8.31 -7.18
C ASP A 22 -11.44 9.14 -6.10
N GLN A 23 -12.22 9.59 -5.13
CA GLN A 23 -11.69 10.20 -3.90
C GLN A 23 -11.65 9.08 -2.88
N ALA A 24 -10.49 8.90 -2.24
CA ALA A 24 -10.27 7.82 -1.29
C ALA A 24 -11.25 7.94 -0.11
N PRO A 25 -11.78 6.82 0.43
CA PRO A 25 -12.75 6.76 1.53
C PRO A 25 -12.40 7.41 2.87
N ASP A 26 -11.23 8.03 3.02
CA ASP A 26 -10.73 8.60 4.29
C ASP A 26 -10.65 7.53 5.40
N PHE A 27 -9.76 6.57 5.16
CA PHE A 27 -9.42 5.48 6.08
C PHE A 27 -8.55 6.02 7.23
N THR A 28 -8.44 5.23 8.30
CA THR A 28 -7.51 5.46 9.41
C THR A 28 -6.78 4.14 9.64
N VAL A 29 -5.46 4.20 9.85
CA VAL A 29 -4.55 3.07 9.87
C VAL A 29 -3.54 3.34 11.00
N LEU A 30 -2.93 2.31 11.59
CA LEU A 30 -1.92 2.52 12.62
C LEU A 30 -0.59 2.75 11.92
N THR A 31 0.23 3.68 12.39
CA THR A 31 1.60 3.81 11.93
C THR A 31 2.41 2.62 12.48
N ASN A 32 3.61 2.38 11.93
CA ASN A 32 4.55 1.44 12.55
C ASN A 32 5.07 1.96 13.90
N SER A 33 4.69 3.17 14.33
CA SER A 33 5.00 3.79 15.60
C SER A 33 3.84 3.63 16.60
N LEU A 34 2.77 2.89 16.25
CA LEU A 34 1.62 2.63 17.11
C LEU A 34 0.87 3.94 17.46
N GLU A 35 0.70 4.80 16.46
CA GLU A 35 -0.16 5.98 16.53
C GLU A 35 -1.14 5.92 15.35
N GLU A 36 -2.22 6.69 15.36
CA GLU A 36 -3.15 6.71 14.21
C GLU A 36 -2.62 7.67 13.14
N LYS A 37 -2.85 7.32 11.89
CA LYS A 37 -2.62 8.11 10.69
C LYS A 37 -3.83 7.88 9.78
N SER A 38 -4.15 8.79 8.88
CA SER A 38 -5.31 8.67 8.00
C SER A 38 -5.03 9.36 6.68
N LEU A 39 -5.90 9.16 5.70
CA LEU A 39 -5.81 9.82 4.39
C LEU A 39 -5.55 11.32 4.54
N ALA A 40 -6.26 11.98 5.47
CA ALA A 40 -6.15 13.42 5.70
C ALA A 40 -4.72 13.87 6.03
N ASP A 41 -3.94 13.00 6.68
CA ASP A 41 -2.53 13.25 6.97
C ASP A 41 -1.69 13.09 5.71
N MET A 42 -2.02 12.06 4.90
CA MET A 42 -1.32 11.72 3.69
C MET A 42 -1.50 12.79 2.61
N LYS A 43 -2.58 13.58 2.65
CA LYS A 43 -2.83 14.70 1.75
C LYS A 43 -1.70 15.75 1.74
N GLY A 44 -0.79 15.73 2.72
CA GLY A 44 0.36 16.61 2.77
C GLY A 44 1.29 16.48 1.56
N LYS A 45 1.29 15.36 0.83
CA LYS A 45 2.14 15.15 -0.35
C LYS A 45 1.46 14.18 -1.31
N VAL A 46 1.82 14.22 -2.59
CA VAL A 46 1.43 13.18 -3.53
C VAL A 46 2.02 11.90 -2.94
N THR A 47 1.17 10.92 -2.65
CA THR A 47 1.55 9.75 -1.87
C THR A 47 1.25 8.46 -2.62
N ILE A 48 2.22 7.57 -2.68
CA ILE A 48 2.06 6.21 -3.16
C ILE A 48 1.69 5.35 -1.94
N ILE A 49 0.78 4.38 -2.10
CA ILE A 49 0.48 3.37 -1.10
C ILE A 49 0.80 2.02 -1.73
N SER A 50 1.54 1.19 -1.00
CA SER A 50 2.10 -0.07 -1.49
C SER A 50 1.68 -1.17 -0.51
N VAL A 51 0.48 -1.72 -0.71
CA VAL A 51 -0.05 -2.74 0.18
C VAL A 51 0.67 -4.07 -0.12
N ILE A 52 0.94 -4.88 0.91
CA ILE A 52 1.41 -6.26 0.80
C ILE A 52 0.73 -7.05 1.95
N PRO A 53 0.80 -8.41 2.01
CA PRO A 53 0.09 -9.17 3.03
C PRO A 53 0.74 -8.96 4.41
N SER A 54 2.05 -9.22 4.47
CA SER A 54 2.88 -9.28 5.67
C SER A 54 4.30 -8.89 5.27
N ILE A 55 5.20 -8.70 6.23
CA ILE A 55 6.50 -8.10 5.99
C ILE A 55 7.52 -8.68 6.99
N ASP A 56 8.02 -9.88 6.69
CA ASP A 56 9.02 -10.56 7.53
C ASP A 56 10.03 -11.39 6.72
N THR A 57 9.99 -11.29 5.38
CA THR A 57 10.91 -11.95 4.48
C THR A 57 10.99 -11.10 3.18
N GLY A 58 11.62 -11.61 2.13
CA GLY A 58 11.76 -10.91 0.87
C GLY A 58 10.51 -11.07 0.00
N VAL A 59 10.07 -12.31 -0.23
CA VAL A 59 9.03 -12.62 -1.21
C VAL A 59 7.69 -11.94 -0.87
N CYS A 60 7.39 -11.71 0.41
CA CYS A 60 6.17 -11.03 0.84
C CYS A 60 6.15 -9.56 0.45
N ASP A 61 7.31 -8.92 0.25
CA ASP A 61 7.43 -7.50 0.00
C ASP A 61 8.51 -7.27 -1.07
N ALA A 62 9.76 -6.99 -0.67
CA ALA A 62 10.87 -6.55 -1.52
C ALA A 62 10.55 -5.33 -2.41
N GLN A 63 9.38 -4.71 -2.25
CA GLN A 63 9.01 -3.48 -2.92
C GLN A 63 9.50 -2.31 -2.06
N THR A 64 9.29 -2.36 -0.74
CA THR A 64 9.59 -1.26 0.19
C THR A 64 11.03 -0.73 0.02
N ARG A 65 12.03 -1.60 -0.16
CA ARG A 65 13.41 -1.15 -0.40
C ARG A 65 13.54 -0.41 -1.72
N ARG A 66 12.96 -0.93 -2.79
CA ARG A 66 13.08 -0.31 -4.11
C ARG A 66 12.31 1.01 -4.11
N PHE A 67 11.14 1.07 -3.48
CA PHE A 67 10.41 2.31 -3.26
C PHE A 67 11.27 3.32 -2.52
N ASN A 68 12.03 2.92 -1.51
CA ASN A 68 12.87 3.84 -0.76
C ASN A 68 13.89 4.54 -1.65
N GLU A 69 14.54 3.77 -2.50
CA GLU A 69 15.51 4.28 -3.46
C GLU A 69 14.79 5.16 -4.47
N GLU A 70 13.77 4.66 -5.16
CA GLU A 70 13.11 5.40 -6.23
C GLU A 70 12.51 6.70 -5.69
N ALA A 71 11.91 6.68 -4.51
CA ALA A 71 11.36 7.86 -3.86
C ALA A 71 12.46 8.85 -3.48
N ALA A 72 13.69 8.41 -3.18
CA ALA A 72 14.79 9.32 -2.95
C ALA A 72 15.24 9.98 -4.26
N LYS A 73 15.21 9.25 -5.38
CA LYS A 73 15.51 9.83 -6.69
C LYS A 73 14.43 10.83 -7.09
N LEU A 74 13.13 10.52 -6.87
CA LEU A 74 12.05 11.47 -7.14
C LEU A 74 12.15 12.68 -6.21
N GLY A 75 12.48 12.45 -4.94
CA GLY A 75 12.64 13.46 -3.89
C GLY A 75 11.28 13.95 -3.40
N ASP A 76 10.54 14.63 -4.27
CA ASP A 76 9.28 15.33 -3.95
C ASP A 76 8.06 14.40 -4.02
N VAL A 77 8.20 13.20 -3.45
CA VAL A 77 7.14 12.20 -3.34
C VAL A 77 7.09 11.74 -1.88
N ASN A 78 6.01 11.04 -1.53
CA ASN A 78 5.86 10.35 -0.27
C ASN A 78 5.36 8.93 -0.59
N VAL A 79 5.75 7.93 0.19
CA VAL A 79 5.32 6.56 0.00
C VAL A 79 5.03 5.94 1.37
N TYR A 80 4.02 5.07 1.43
CA TYR A 80 3.74 4.24 2.59
C TYR A 80 3.56 2.79 2.12
N THR A 81 3.79 1.86 3.02
CA THR A 81 3.55 0.44 2.82
C THR A 81 2.49 0.06 3.85
N ILE A 82 1.59 -0.87 3.53
CA ILE A 82 0.51 -1.27 4.42
C ILE A 82 0.48 -2.79 4.46
N SER A 83 0.29 -3.36 5.66
CA SER A 83 0.22 -4.80 5.88
C SER A 83 -0.85 -5.12 6.90
N ALA A 84 -1.33 -6.37 6.88
CA ALA A 84 -2.17 -6.93 7.93
C ALA A 84 -1.22 -7.67 8.88
N ASP A 85 -0.22 -6.95 9.38
CA ASP A 85 0.92 -7.50 10.13
C ASP A 85 1.30 -6.53 11.24
N LEU A 86 2.03 -7.01 12.23
CA LEU A 86 2.29 -6.30 13.47
C LEU A 86 3.25 -5.14 13.18
N PRO A 87 3.01 -3.96 13.76
CA PRO A 87 3.74 -2.74 13.41
C PRO A 87 5.25 -2.88 13.65
N PHE A 88 5.65 -3.61 14.70
CA PHE A 88 7.07 -3.75 15.03
C PHE A 88 7.77 -4.69 14.03
N ALA A 89 7.06 -5.66 13.45
CA ALA A 89 7.63 -6.50 12.39
C ALA A 89 7.91 -5.64 11.16
N GLN A 90 6.96 -4.76 10.80
CA GLN A 90 7.16 -3.86 9.68
C GLN A 90 8.33 -2.91 9.94
N ALA A 91 8.42 -2.36 11.16
CA ALA A 91 9.52 -1.49 11.55
C ALA A 91 10.86 -2.22 11.51
N ARG A 92 10.90 -3.51 11.88
CA ARG A 92 12.11 -4.32 11.86
C ARG A 92 12.60 -4.44 10.42
N TRP A 93 11.70 -4.74 9.48
CA TRP A 93 12.03 -4.84 8.07
C TRP A 93 12.58 -3.50 7.56
N CYS A 94 11.99 -2.38 7.98
CA CYS A 94 12.47 -1.05 7.59
C CYS A 94 13.88 -0.80 8.12
N GLY A 95 14.13 -1.10 9.40
CA GLY A 95 15.44 -0.92 10.01
C GLY A 95 16.50 -1.80 9.36
N ALA A 96 16.13 -3.02 8.97
CA ALA A 96 17.03 -3.98 8.32
C ALA A 96 17.45 -3.50 6.92
N ASN A 97 16.61 -2.72 6.26
CA ASN A 97 16.80 -2.30 4.87
C ASN A 97 17.19 -0.83 4.75
N GLY A 98 17.21 -0.08 5.85
CA GLY A 98 17.72 1.29 5.88
C GLY A 98 16.71 2.27 5.27
N ILE A 99 15.42 1.96 5.40
CA ILE A 99 14.33 2.70 4.80
C ILE A 99 14.18 4.03 5.56
N ASP A 100 13.85 5.09 4.82
CA ASP A 100 13.57 6.43 5.35
C ASP A 100 12.50 7.19 4.55
N LYS A 101 12.50 7.07 3.21
CA LYS A 101 11.49 7.70 2.36
C LYS A 101 10.14 6.99 2.44
N VAL A 102 10.11 5.73 2.88
CA VAL A 102 8.88 4.97 3.08
C VAL A 102 8.67 4.82 4.58
N GLU A 103 7.43 4.57 5.00
CA GLU A 103 7.07 4.18 6.35
C GLU A 103 5.98 3.11 6.23
N THR A 104 5.99 2.12 7.11
CA THR A 104 5.05 1.01 7.08
C THR A 104 3.90 1.30 8.05
N LEU A 105 2.71 0.77 7.75
CA LEU A 105 1.47 1.05 8.48
C LEU A 105 0.69 -0.27 8.66
N SER A 106 0.09 -0.48 9.82
CA SER A 106 -0.66 -1.70 10.15
C SER A 106 -2.16 -1.40 10.03
N ASP A 107 -2.85 -2.15 9.19
CA ASP A 107 -4.29 -2.00 8.95
C ASP A 107 -5.10 -3.11 9.65
N HIS A 108 -4.41 -4.12 10.21
CA HIS A 108 -5.02 -5.29 10.84
C HIS A 108 -6.00 -4.91 11.97
N ARG A 109 -5.81 -3.75 12.60
CA ARG A 109 -6.63 -3.32 13.74
C ARG A 109 -8.09 -3.13 13.35
N ASP A 110 -8.39 -2.74 12.11
CA ASP A 110 -9.75 -2.33 11.70
C ASP A 110 -10.10 -2.68 10.26
N MET A 111 -9.14 -3.17 9.47
CA MET A 111 -9.24 -3.35 8.02
C MET A 111 -9.76 -2.09 7.30
N SER A 112 -9.47 -0.90 7.80
CA SER A 112 -9.97 0.35 7.25
C SER A 112 -9.57 0.50 5.78
N PHE A 113 -8.26 0.43 5.49
CA PHE A 113 -7.78 0.52 4.11
C PHE A 113 -8.24 -0.72 3.34
N GLY A 114 -8.18 -1.88 4.00
CA GLY A 114 -8.61 -3.17 3.51
C GLY A 114 -10.02 -3.14 2.92
N GLU A 115 -10.96 -2.49 3.58
CA GLU A 115 -12.33 -2.38 3.11
C GLU A 115 -12.44 -1.23 2.11
N ALA A 116 -11.78 -0.09 2.38
CA ALA A 116 -11.84 1.12 1.56
C ALA A 116 -11.45 0.87 0.11
N PHE A 117 -10.38 0.11 -0.11
CA PHE A 117 -9.84 -0.23 -1.43
C PHE A 117 -10.17 -1.70 -1.79
N GLY A 118 -11.02 -2.36 -1.01
CA GLY A 118 -11.41 -3.75 -1.18
C GLY A 118 -10.29 -4.78 -0.97
N VAL A 119 -9.05 -4.36 -0.70
CA VAL A 119 -7.87 -5.23 -0.69
C VAL A 119 -7.88 -6.26 0.46
N TYR A 120 -8.79 -6.18 1.42
CA TYR A 120 -8.99 -7.24 2.41
C TYR A 120 -9.72 -8.40 1.73
N ILE A 121 -9.09 -9.57 1.73
CA ILE A 121 -9.51 -10.72 0.97
C ILE A 121 -10.38 -11.58 1.88
N LYS A 122 -11.68 -11.60 1.56
CA LYS A 122 -12.75 -12.20 2.36
C LYS A 122 -12.45 -13.66 2.71
N GLU A 123 -11.92 -14.42 1.75
CA GLU A 123 -11.75 -15.86 1.86
C GLU A 123 -10.48 -16.24 2.63
N LEU A 124 -9.62 -15.28 2.99
CA LEU A 124 -8.29 -15.54 3.54
C LEU A 124 -8.04 -14.83 4.87
N ARG A 125 -8.83 -13.80 5.20
CA ARG A 125 -8.53 -12.89 6.32
C ARG A 125 -7.12 -12.29 6.11
N LEU A 126 -6.72 -12.05 4.86
CA LEU A 126 -5.39 -11.58 4.48
C LEU A 126 -5.55 -10.36 3.58
N LEU A 127 -4.45 -9.66 3.27
CA LEU A 127 -4.47 -8.39 2.53
C LEU A 127 -3.80 -8.61 1.18
N ALA A 128 -4.35 -7.98 0.14
CA ALA A 128 -3.84 -8.01 -1.22
C ALA A 128 -2.49 -7.29 -1.33
N ARG A 129 -1.87 -7.33 -2.51
CA ARG A 129 -0.58 -6.68 -2.76
C ARG A 129 -0.70 -5.52 -3.76
N SER A 130 -1.90 -5.02 -3.97
CA SER A 130 -2.24 -3.94 -4.88
C SER A 130 -1.54 -2.63 -4.50
N VAL A 131 -1.46 -1.68 -5.44
CA VAL A 131 -0.71 -0.43 -5.27
C VAL A 131 -1.55 0.74 -5.79
N PHE A 132 -1.37 1.90 -5.17
CA PHE A 132 -2.22 3.07 -5.38
C PHE A 132 -1.36 4.33 -5.34
N VAL A 133 -1.80 5.40 -5.98
CA VAL A 133 -1.16 6.71 -5.93
C VAL A 133 -2.28 7.72 -5.72
N LEU A 134 -2.06 8.66 -4.82
CA LEU A 134 -3.04 9.59 -4.30
C LEU A 134 -2.48 10.99 -4.45
N ASP A 135 -3.19 11.83 -5.19
CA ASP A 135 -2.93 13.26 -5.28
C ASP A 135 -3.16 13.90 -3.91
N GLU A 136 -2.61 15.08 -3.66
CA GLU A 136 -2.77 15.84 -2.42
C GLU A 136 -4.25 16.13 -2.07
N ASN A 137 -5.19 16.04 -3.03
CA ASN A 137 -6.63 16.15 -2.74
C ASN A 137 -7.18 14.89 -2.06
N GLY A 138 -6.42 13.79 -2.02
CA GLY A 138 -6.89 12.47 -1.60
C GLY A 138 -7.62 11.79 -2.74
N LYS A 139 -7.09 11.86 -3.96
CA LYS A 139 -7.77 11.44 -5.18
C LYS A 139 -6.87 10.47 -5.94
N VAL A 140 -7.41 9.34 -6.36
CA VAL A 140 -6.68 8.24 -6.99
C VAL A 140 -6.14 8.72 -8.34
N VAL A 141 -4.82 8.88 -8.41
CA VAL A 141 -4.06 9.16 -9.64
C VAL A 141 -3.90 7.86 -10.44
N TYR A 142 -3.66 6.75 -9.73
CA TYR A 142 -3.41 5.44 -10.29
C TYR A 142 -3.83 4.41 -9.25
N ALA A 143 -4.41 3.30 -9.70
CA ALA A 143 -4.67 2.13 -8.87
C ALA A 143 -4.48 0.90 -9.76
N GLU A 144 -3.85 -0.14 -9.23
CA GLU A 144 -3.69 -1.41 -9.92
C GLU A 144 -3.69 -2.54 -8.88
N TYR A 145 -4.25 -3.67 -9.27
CA TYR A 145 -4.51 -4.82 -8.40
C TYR A 145 -3.74 -6.00 -8.97
N VAL A 146 -3.00 -6.71 -8.10
CA VAL A 146 -2.10 -7.78 -8.52
C VAL A 146 -2.85 -8.99 -9.11
N SER A 147 -4.17 -9.10 -8.89
CA SER A 147 -5.04 -10.19 -9.33
C SER A 147 -4.70 -11.57 -8.75
N GLU A 148 -3.53 -11.75 -8.11
CA GLU A 148 -3.12 -12.96 -7.43
C GLU A 148 -2.40 -12.53 -6.15
N ALA A 149 -2.97 -12.89 -5.00
CA ALA A 149 -2.52 -12.47 -3.67
C ALA A 149 -1.13 -13.03 -3.33
N THR A 150 -0.70 -14.09 -3.99
CA THR A 150 0.55 -14.79 -3.75
C THR A 150 1.69 -14.22 -4.64
N ASN A 151 1.50 -13.03 -5.24
CA ASN A 151 2.42 -12.43 -6.21
C ASN A 151 2.52 -10.93 -5.91
N HIS A 152 3.75 -10.44 -5.69
CA HIS A 152 4.03 -9.01 -5.45
C HIS A 152 3.76 -8.15 -6.71
N PRO A 153 3.49 -6.85 -6.55
CA PRO A 153 3.34 -5.88 -7.64
C PRO A 153 4.73 -5.56 -8.23
N ASN A 154 4.82 -4.51 -9.06
CA ASN A 154 6.08 -3.95 -9.50
C ASN A 154 6.04 -2.47 -9.14
N TYR A 155 6.94 -2.04 -8.26
CA TYR A 155 7.07 -0.69 -7.74
C TYR A 155 7.18 0.35 -8.87
N GLU A 156 7.71 -0.04 -10.04
CA GLU A 156 7.84 0.86 -11.18
C GLU A 156 6.49 1.43 -11.61
N LYS A 157 5.39 0.67 -11.49
CA LYS A 157 4.09 1.13 -12.01
C LYS A 157 3.59 2.38 -11.28
N PRO A 158 3.42 2.38 -9.94
CA PRO A 158 3.00 3.58 -9.23
C PRO A 158 4.09 4.66 -9.23
N ILE A 159 5.38 4.31 -9.28
CA ILE A 159 6.43 5.30 -9.49
C ILE A 159 6.16 6.07 -10.78
N GLU A 160 5.86 5.38 -11.89
CA GLU A 160 5.66 6.04 -13.17
C GLU A 160 4.42 6.95 -13.15
N ALA A 161 3.41 6.62 -12.33
CA ALA A 161 2.29 7.52 -12.09
C ALA A 161 2.74 8.76 -11.29
N ALA A 162 3.46 8.54 -10.19
CA ALA A 162 3.83 9.60 -9.26
C ALA A 162 4.84 10.57 -9.87
N LYS A 163 5.86 10.05 -10.56
CA LYS A 163 6.90 10.88 -11.20
C LYS A 163 6.32 11.81 -12.26
N ALA A 164 5.14 11.52 -12.79
CA ALA A 164 4.44 12.42 -13.69
C ALA A 164 4.03 13.72 -12.98
N LEU A 165 3.83 13.66 -11.66
CA LEU A 165 3.24 14.73 -10.86
C LEU A 165 4.24 15.47 -9.98
N VAL A 166 5.39 14.86 -9.66
CA VAL A 166 6.46 15.55 -8.92
C VAL A 166 7.08 16.69 -9.73
N LYS A 167 6.90 16.72 -11.06
CA LYS A 167 7.47 17.72 -11.96
C LYS A 167 6.99 19.11 -11.56
N MET A 1 -13.72 -5.27 -11.48
CA MET A 1 -13.61 -6.23 -10.36
C MET A 1 -12.19 -6.83 -10.37
N ALA A 2 -11.45 -6.69 -9.27
CA ALA A 2 -10.08 -7.18 -9.18
C ALA A 2 -10.01 -8.71 -9.28
N GLU A 3 -11.02 -9.39 -8.72
CA GLU A 3 -11.23 -10.84 -8.80
C GLU A 3 -9.92 -11.61 -8.56
N ILE A 4 -9.23 -11.25 -7.47
CA ILE A 4 -7.92 -11.79 -7.10
C ILE A 4 -8.08 -13.31 -6.88
N THR A 5 -7.09 -14.07 -7.32
CA THR A 5 -6.99 -15.50 -7.07
C THR A 5 -6.00 -15.77 -5.96
N PHE A 6 -6.14 -16.92 -5.31
CA PHE A 6 -5.16 -17.45 -4.35
C PHE A 6 -4.39 -18.59 -5.03
N LYS A 7 -4.03 -18.39 -6.31
CA LYS A 7 -3.47 -19.35 -7.27
C LYS A 7 -4.42 -20.51 -7.63
N GLY A 8 -5.15 -21.07 -6.65
CA GLY A 8 -6.05 -22.20 -6.86
C GLY A 8 -7.37 -21.76 -7.51
N GLY A 9 -7.87 -20.58 -7.16
CA GLY A 9 -9.11 -20.02 -7.69
C GLY A 9 -9.37 -18.64 -7.07
N PRO A 10 -10.44 -17.94 -7.49
CA PRO A 10 -10.83 -16.65 -6.94
C PRO A 10 -11.00 -16.68 -5.42
N VAL A 11 -10.81 -15.52 -4.77
CA VAL A 11 -11.07 -15.31 -3.36
C VAL A 11 -11.78 -13.98 -3.18
N THR A 12 -12.86 -14.00 -2.40
CA THR A 12 -13.77 -12.88 -2.18
C THR A 12 -13.05 -11.71 -1.49
N LEU A 13 -13.52 -10.49 -1.76
CA LEU A 13 -13.03 -9.21 -1.26
C LEU A 13 -14.19 -8.53 -0.54
N VAL A 14 -13.93 -7.88 0.60
CA VAL A 14 -14.99 -7.27 1.40
C VAL A 14 -15.53 -5.96 0.81
N GLY A 15 -14.82 -5.33 -0.14
CA GLY A 15 -15.11 -3.99 -0.63
C GLY A 15 -14.72 -3.83 -2.08
N GLN A 16 -15.15 -2.73 -2.69
CA GLN A 16 -15.03 -2.49 -4.12
C GLN A 16 -13.58 -2.22 -4.52
N GLU A 17 -13.32 -2.42 -5.81
CA GLU A 17 -12.10 -1.98 -6.47
C GLU A 17 -12.24 -0.45 -6.60
N VAL A 18 -11.13 0.26 -6.57
CA VAL A 18 -11.05 1.71 -6.65
C VAL A 18 -10.23 2.04 -7.91
N LYS A 19 -10.52 3.17 -8.56
CA LYS A 19 -9.98 3.51 -9.88
C LYS A 19 -9.44 4.93 -9.90
N VAL A 20 -8.58 5.19 -10.89
CA VAL A 20 -8.00 6.51 -11.16
C VAL A 20 -9.12 7.54 -11.36
N GLY A 21 -8.91 8.75 -10.85
CA GLY A 21 -9.81 9.89 -11.01
C GLY A 21 -10.82 9.97 -9.86
N ASP A 22 -11.10 8.85 -9.18
CA ASP A 22 -12.03 8.82 -8.07
C ASP A 22 -11.39 9.45 -6.83
N GLN A 23 -12.23 10.02 -5.99
CA GLN A 23 -11.85 10.48 -4.66
C GLN A 23 -11.63 9.21 -3.85
N ALA A 24 -10.45 9.03 -3.27
CA ALA A 24 -10.13 7.85 -2.49
C ALA A 24 -11.08 7.74 -1.28
N PRO A 25 -11.36 6.51 -0.78
CA PRO A 25 -12.29 6.28 0.33
C PRO A 25 -12.00 7.07 1.62
N ASP A 26 -10.74 7.46 1.87
CA ASP A 26 -10.25 8.10 3.10
C ASP A 26 -10.64 7.36 4.38
N PHE A 27 -9.79 6.39 4.75
CA PHE A 27 -9.86 5.60 5.98
C PHE A 27 -8.49 5.68 6.69
N THR A 28 -8.34 4.95 7.80
CA THR A 28 -7.21 5.08 8.72
C THR A 28 -6.50 3.74 8.92
N VAL A 29 -5.22 3.79 9.26
CA VAL A 29 -4.37 2.67 9.63
C VAL A 29 -3.54 3.09 10.85
N LEU A 30 -2.90 2.13 11.54
CA LEU A 30 -1.94 2.46 12.58
C LEU A 30 -0.59 2.70 11.89
N THR A 31 0.21 3.64 12.37
CA THR A 31 1.58 3.76 11.93
C THR A 31 2.32 2.55 12.53
N ASN A 32 3.53 2.25 12.08
CA ASN A 32 4.37 1.26 12.77
C ASN A 32 4.83 1.76 14.15
N SER A 33 4.49 2.99 14.53
CA SER A 33 4.90 3.66 15.74
C SER A 33 3.73 3.83 16.72
N LEU A 34 2.64 3.07 16.53
CA LEU A 34 1.50 2.97 17.45
C LEU A 34 0.72 4.29 17.57
N GLU A 35 0.73 5.10 16.51
CA GLU A 35 -0.14 6.26 16.35
C GLU A 35 -1.08 5.89 15.20
N GLU A 36 -2.10 6.70 14.86
CA GLU A 36 -2.95 6.40 13.71
C GLU A 36 -2.83 7.51 12.67
N LYS A 37 -2.95 7.13 11.40
CA LYS A 37 -2.66 7.94 10.23
C LYS A 37 -3.72 7.59 9.20
N SER A 38 -4.27 8.60 8.53
CA SER A 38 -5.41 8.45 7.63
C SER A 38 -5.03 9.00 6.27
N LEU A 39 -5.81 8.67 5.24
CA LEU A 39 -5.57 9.21 3.90
C LEU A 39 -5.58 10.74 3.93
N ALA A 40 -6.46 11.34 4.75
CA ALA A 40 -6.47 12.78 4.98
C ALA A 40 -5.12 13.35 5.44
N ASP A 41 -4.32 12.59 6.17
CA ASP A 41 -2.94 12.95 6.51
C ASP A 41 -2.01 12.74 5.33
N MET A 42 -2.22 11.66 4.58
CA MET A 42 -1.42 11.29 3.41
C MET A 42 -1.56 12.31 2.29
N LYS A 43 -2.67 13.08 2.25
CA LYS A 43 -2.86 14.21 1.34
C LYS A 43 -1.76 15.28 1.46
N GLY A 44 -0.93 15.25 2.51
CA GLY A 44 0.15 16.19 2.72
C GLY A 44 1.16 16.24 1.56
N LYS A 45 1.26 15.17 0.75
CA LYS A 45 2.05 15.15 -0.48
C LYS A 45 1.43 14.15 -1.45
N VAL A 46 1.88 14.14 -2.71
CA VAL A 46 1.51 13.09 -3.64
C VAL A 46 2.13 11.84 -3.00
N THR A 47 1.32 10.82 -2.71
CA THR A 47 1.74 9.69 -1.91
C THR A 47 1.42 8.38 -2.60
N ILE A 48 2.37 7.45 -2.60
CA ILE A 48 2.22 6.09 -3.10
C ILE A 48 1.87 5.21 -1.89
N ILE A 49 0.98 4.23 -2.07
CA ILE A 49 0.53 3.30 -1.04
C ILE A 49 0.70 1.89 -1.58
N SER A 50 1.50 1.06 -0.91
CA SER A 50 1.83 -0.29 -1.34
C SER A 50 1.29 -1.27 -0.30
N VAL A 51 0.14 -1.88 -0.56
CA VAL A 51 -0.42 -2.86 0.37
C VAL A 51 0.27 -4.21 0.14
N ILE A 52 0.64 -4.91 1.21
CA ILE A 52 1.28 -6.22 1.18
C ILE A 52 0.62 -7.09 2.26
N PRO A 53 0.68 -8.43 2.17
CA PRO A 53 0.05 -9.33 3.14
C PRO A 53 0.66 -9.12 4.53
N SER A 54 1.98 -9.35 4.64
CA SER A 54 2.74 -9.29 5.88
C SER A 54 4.16 -8.83 5.53
N ILE A 55 4.80 -8.19 6.49
CA ILE A 55 6.11 -7.54 6.32
C ILE A 55 7.23 -8.53 5.97
N ASP A 56 7.05 -9.83 6.21
CA ASP A 56 8.11 -10.84 6.12
C ASP A 56 7.89 -11.79 4.92
N THR A 57 7.08 -11.38 3.95
CA THR A 57 6.74 -12.22 2.78
C THR A 57 7.93 -12.45 1.82
N GLY A 58 9.08 -11.80 2.01
CA GLY A 58 10.29 -11.93 1.21
C GLY A 58 10.19 -11.06 -0.04
N VAL A 59 9.18 -11.32 -0.89
CA VAL A 59 8.91 -10.49 -2.07
C VAL A 59 8.45 -9.07 -1.69
N CYS A 60 8.13 -8.83 -0.41
CA CYS A 60 7.90 -7.50 0.15
C CYS A 60 9.10 -6.57 -0.11
N ASP A 61 10.30 -7.12 -0.36
CA ASP A 61 11.49 -6.38 -0.78
C ASP A 61 11.17 -5.41 -1.93
N ALA A 62 10.48 -5.89 -2.96
CA ALA A 62 10.10 -5.08 -4.11
C ALA A 62 9.11 -3.98 -3.70
N GLN A 63 8.17 -4.32 -2.82
CA GLN A 63 7.10 -3.41 -2.41
C GLN A 63 7.54 -2.43 -1.29
N THR A 64 8.75 -2.58 -0.72
CA THR A 64 9.16 -1.83 0.47
C THR A 64 10.58 -1.29 0.34
N ARG A 65 11.60 -2.15 0.22
CA ARG A 65 13.00 -1.71 0.29
C ARG A 65 13.48 -1.18 -1.06
N ARG A 66 13.19 -1.87 -2.16
CA ARG A 66 13.46 -1.32 -3.48
C ARG A 66 12.64 -0.05 -3.69
N PHE A 67 11.43 0.02 -3.13
CA PHE A 67 10.63 1.24 -3.13
C PHE A 67 11.38 2.41 -2.48
N ASN A 68 12.04 2.18 -1.34
CA ASN A 68 12.82 3.21 -0.65
C ASN A 68 13.94 3.74 -1.50
N GLU A 69 14.67 2.83 -2.15
CA GLU A 69 15.73 3.17 -3.08
C GLU A 69 15.14 3.99 -4.23
N GLU A 70 14.06 3.53 -4.87
CA GLU A 70 13.54 4.21 -6.06
C GLU A 70 13.00 5.60 -5.69
N ALA A 71 12.38 5.73 -4.53
CA ALA A 71 11.95 7.02 -3.98
C ALA A 71 13.13 7.93 -3.70
N ALA A 72 14.29 7.40 -3.27
CA ALA A 72 15.50 8.19 -3.10
C ALA A 72 16.04 8.65 -4.45
N LYS A 73 15.90 7.84 -5.51
CA LYS A 73 16.35 8.24 -6.85
C LYS A 73 15.43 9.34 -7.40
N LEU A 74 14.12 9.27 -7.12
CA LEU A 74 13.18 10.36 -7.42
C LEU A 74 13.59 11.62 -6.67
N GLY A 75 13.93 11.48 -5.39
CA GLY A 75 14.47 12.54 -4.55
C GLY A 75 13.40 13.11 -3.63
N ASP A 76 12.22 13.43 -4.18
CA ASP A 76 11.11 14.00 -3.44
C ASP A 76 9.80 13.38 -3.92
N VAL A 77 9.22 12.56 -3.06
CA VAL A 77 7.93 11.88 -3.20
C VAL A 77 7.50 11.53 -1.76
N ASN A 78 6.40 10.82 -1.58
CA ASN A 78 6.02 10.24 -0.30
C ASN A 78 5.50 8.84 -0.60
N VAL A 79 5.87 7.86 0.21
CA VAL A 79 5.52 6.46 -0.02
C VAL A 79 5.21 5.85 1.34
N TYR A 80 4.22 4.97 1.41
CA TYR A 80 3.94 4.15 2.57
C TYR A 80 3.68 2.71 2.12
N THR A 81 3.93 1.79 3.03
CA THR A 81 3.67 0.37 2.87
C THR A 81 2.65 0.03 3.95
N ILE A 82 1.68 -0.85 3.67
CA ILE A 82 0.62 -1.17 4.64
C ILE A 82 0.52 -2.69 4.72
N SER A 83 0.38 -3.21 5.94
CA SER A 83 0.49 -4.64 6.23
C SER A 83 -0.67 -5.06 7.14
N ALA A 84 -0.99 -6.37 7.16
CA ALA A 84 -1.95 -6.94 8.11
C ALA A 84 -1.26 -7.49 9.37
N ASP A 85 0.06 -7.31 9.49
CA ASP A 85 0.88 -7.93 10.53
C ASP A 85 1.18 -6.92 11.64
N LEU A 86 2.00 -7.28 12.63
CA LEU A 86 2.20 -6.52 13.85
C LEU A 86 2.93 -5.20 13.55
N PRO A 87 2.47 -4.05 14.09
CA PRO A 87 3.14 -2.76 13.93
C PRO A 87 4.62 -2.79 14.28
N PHE A 88 5.03 -3.54 15.31
CA PHE A 88 6.44 -3.62 15.68
C PHE A 88 7.25 -4.43 14.66
N ALA A 89 6.65 -5.40 13.97
CA ALA A 89 7.32 -6.13 12.90
C ALA A 89 7.52 -5.20 11.70
N GLN A 90 6.51 -4.37 11.37
CA GLN A 90 6.63 -3.30 10.39
C GLN A 90 7.80 -2.38 10.78
N ALA A 91 7.87 -1.92 12.03
CA ALA A 91 8.95 -1.05 12.49
C ALA A 91 10.31 -1.74 12.39
N ARG A 92 10.37 -3.06 12.61
CA ARG A 92 11.63 -3.80 12.62
C ARG A 92 12.23 -3.79 11.23
N TRP A 93 11.42 -3.96 10.19
CA TRP A 93 11.89 -3.85 8.82
C TRP A 93 12.49 -2.47 8.57
N CYS A 94 11.79 -1.39 8.95
CA CYS A 94 12.30 -0.04 8.74
C CYS A 94 13.64 0.16 9.45
N GLY A 95 13.72 -0.21 10.73
CA GLY A 95 14.90 0.01 11.55
C GLY A 95 16.10 -0.82 11.10
N ALA A 96 15.87 -2.08 10.71
CA ALA A 96 16.94 -2.99 10.30
C ALA A 96 17.52 -2.56 8.96
N ASN A 97 16.66 -2.17 8.02
CA ASN A 97 17.07 -1.85 6.64
C ASN A 97 17.52 -0.40 6.51
N GLY A 98 17.11 0.49 7.40
CA GLY A 98 17.45 1.92 7.34
C GLY A 98 16.57 2.64 6.33
N ILE A 99 15.29 2.25 6.26
CA ILE A 99 14.28 2.87 5.40
C ILE A 99 14.04 4.29 5.93
N ASP A 100 13.82 5.25 5.02
CA ASP A 100 13.61 6.66 5.35
C ASP A 100 12.64 7.35 4.39
N LYS A 101 12.67 7.02 3.09
CA LYS A 101 11.75 7.57 2.11
C LYS A 101 10.35 6.94 2.25
N VAL A 102 10.27 5.77 2.87
CA VAL A 102 9.02 5.04 3.11
C VAL A 102 8.82 4.91 4.62
N GLU A 103 7.62 4.55 5.05
CA GLU A 103 7.31 4.15 6.41
C GLU A 103 6.28 3.03 6.28
N THR A 104 6.43 1.98 7.07
CA THR A 104 5.49 0.87 7.10
C THR A 104 4.35 1.23 8.07
N LEU A 105 3.14 0.77 7.74
CA LEU A 105 1.89 1.06 8.44
C LEU A 105 1.14 -0.26 8.59
N SER A 106 0.08 -0.27 9.38
CA SER A 106 -0.61 -1.47 9.81
C SER A 106 -2.12 -1.28 9.69
N ASP A 107 -2.72 -1.88 8.67
CA ASP A 107 -4.18 -1.97 8.53
C ASP A 107 -4.78 -2.84 9.65
N HIS A 108 -3.92 -3.61 10.33
CA HIS A 108 -4.17 -4.36 11.56
C HIS A 108 -4.92 -3.55 12.64
N ARG A 109 -4.91 -2.20 12.55
CA ARG A 109 -5.74 -1.29 13.35
C ARG A 109 -7.15 -1.81 13.53
N ASP A 110 -7.88 -1.99 12.40
CA ASP A 110 -9.32 -2.29 12.39
C ASP A 110 -9.76 -2.77 11.00
N MET A 111 -8.81 -3.15 10.14
CA MET A 111 -8.99 -3.44 8.72
C MET A 111 -9.66 -2.28 7.95
N SER A 112 -9.65 -1.08 8.52
CA SER A 112 -10.40 0.07 8.04
C SER A 112 -10.04 0.44 6.60
N PHE A 113 -8.75 0.57 6.31
CA PHE A 113 -8.29 1.00 4.98
C PHE A 113 -8.37 -0.17 4.01
N GLY A 114 -8.00 -1.38 4.46
CA GLY A 114 -7.96 -2.55 3.61
C GLY A 114 -9.34 -2.96 3.13
N GLU A 115 -10.35 -2.83 4.00
CA GLU A 115 -11.74 -2.99 3.62
C GLU A 115 -12.11 -1.94 2.57
N ALA A 116 -11.82 -0.67 2.85
CA ALA A 116 -12.29 0.44 2.03
C ALA A 116 -11.75 0.41 0.61
N PHE A 117 -10.48 0.03 0.42
CA PHE A 117 -9.83 -0.07 -0.87
C PHE A 117 -10.04 -1.45 -1.54
N GLY A 118 -10.83 -2.34 -0.94
CA GLY A 118 -11.14 -3.65 -1.49
C GLY A 118 -9.92 -4.57 -1.60
N VAL A 119 -9.03 -4.55 -0.61
CA VAL A 119 -7.80 -5.33 -0.60
C VAL A 119 -7.74 -6.28 0.61
N TYR A 120 -8.62 -6.14 1.62
CA TYR A 120 -8.74 -7.16 2.66
C TYR A 120 -9.51 -8.32 2.02
N ILE A 121 -8.82 -9.43 1.77
CA ILE A 121 -9.39 -10.58 1.09
C ILE A 121 -10.19 -11.36 2.13
N LYS A 122 -11.52 -11.31 2.03
CA LYS A 122 -12.45 -11.90 2.99
C LYS A 122 -12.13 -13.37 3.23
N GLU A 123 -11.91 -14.09 2.14
CA GLU A 123 -11.73 -15.55 2.15
C GLU A 123 -10.35 -15.97 2.70
N LEU A 124 -9.47 -15.03 3.06
CA LEU A 124 -8.16 -15.30 3.66
C LEU A 124 -7.96 -14.54 4.97
N ARG A 125 -8.76 -13.51 5.22
CA ARG A 125 -8.54 -12.53 6.29
C ARG A 125 -7.12 -11.97 6.21
N LEU A 126 -6.63 -11.72 4.99
CA LEU A 126 -5.26 -11.28 4.72
C LEU A 126 -5.30 -10.19 3.65
N LEU A 127 -4.35 -9.24 3.67
CA LEU A 127 -4.28 -8.19 2.66
C LEU A 127 -3.82 -8.77 1.31
N ALA A 128 -4.37 -8.20 0.24
CA ALA A 128 -3.99 -8.38 -1.14
C ALA A 128 -2.58 -7.82 -1.40
N ARG A 129 -2.09 -7.98 -2.63
CA ARG A 129 -0.88 -7.34 -3.12
C ARG A 129 -1.34 -6.42 -4.23
N SER A 130 -1.35 -5.12 -3.95
CA SER A 130 -1.90 -4.09 -4.82
C SER A 130 -1.14 -2.80 -4.51
N VAL A 131 -1.31 -1.76 -5.32
CA VAL A 131 -0.59 -0.51 -5.14
C VAL A 131 -1.41 0.64 -5.70
N PHE A 132 -1.31 1.81 -5.07
CA PHE A 132 -2.10 2.99 -5.38
C PHE A 132 -1.21 4.22 -5.32
N VAL A 133 -1.62 5.31 -5.98
CA VAL A 133 -0.98 6.61 -5.85
C VAL A 133 -2.11 7.62 -5.70
N LEU A 134 -1.88 8.63 -4.87
CA LEU A 134 -2.85 9.58 -4.39
C LEU A 134 -2.27 10.97 -4.63
N ASP A 135 -3.01 11.83 -5.31
CA ASP A 135 -2.69 13.25 -5.43
C ASP A 135 -2.90 13.93 -4.07
N GLU A 136 -2.38 15.15 -3.90
CA GLU A 136 -2.62 15.98 -2.71
C GLU A 136 -4.12 16.24 -2.47
N ASN A 137 -4.97 16.16 -3.51
CA ASN A 137 -6.42 16.28 -3.37
C ASN A 137 -7.06 15.01 -2.81
N GLY A 138 -6.29 13.95 -2.57
CA GLY A 138 -6.78 12.64 -2.15
C GLY A 138 -7.55 11.94 -3.28
N LYS A 139 -7.28 12.28 -4.54
CA LYS A 139 -7.82 11.58 -5.69
C LYS A 139 -6.79 10.57 -6.14
N VAL A 140 -7.25 9.40 -6.57
CA VAL A 140 -6.36 8.33 -7.02
C VAL A 140 -5.81 8.74 -8.40
N VAL A 141 -4.51 8.59 -8.61
CA VAL A 141 -3.84 8.88 -9.89
C VAL A 141 -3.27 7.61 -10.52
N TYR A 142 -3.14 6.52 -9.76
CA TYR A 142 -2.81 5.20 -10.25
C TYR A 142 -3.42 4.20 -9.26
N ALA A 143 -3.88 3.05 -9.77
CA ALA A 143 -4.30 1.91 -8.97
C ALA A 143 -4.02 0.65 -9.78
N GLU A 144 -3.57 -0.42 -9.12
CA GLU A 144 -3.43 -1.74 -9.69
C GLU A 144 -3.68 -2.77 -8.57
N TYR A 145 -4.37 -3.84 -8.92
CA TYR A 145 -4.64 -4.98 -8.06
C TYR A 145 -4.08 -6.18 -8.81
N VAL A 146 -3.17 -6.92 -8.20
CA VAL A 146 -2.58 -8.08 -8.87
C VAL A 146 -3.64 -9.19 -8.86
N SER A 147 -3.83 -9.84 -10.01
CA SER A 147 -4.85 -10.87 -10.20
C SER A 147 -4.56 -12.16 -9.40
N GLU A 148 -3.40 -12.29 -8.77
CA GLU A 148 -2.98 -13.49 -8.07
C GLU A 148 -2.21 -13.07 -6.81
N ALA A 149 -2.66 -13.50 -5.64
CA ALA A 149 -2.10 -13.10 -4.35
C ALA A 149 -0.68 -13.63 -4.11
N THR A 150 -0.28 -14.72 -4.78
CA THR A 150 1.08 -15.27 -4.68
C THR A 150 2.09 -14.43 -5.48
N ASN A 151 1.66 -13.35 -6.12
CA ASN A 151 2.42 -12.50 -7.04
C ASN A 151 2.23 -11.04 -6.59
N HIS A 152 3.15 -10.14 -6.93
CA HIS A 152 3.21 -8.79 -6.38
C HIS A 152 3.27 -7.71 -7.47
N PRO A 153 2.88 -6.45 -7.18
CA PRO A 153 2.97 -5.35 -8.14
C PRO A 153 4.43 -4.94 -8.33
N ASN A 154 4.69 -4.10 -9.34
CA ASN A 154 6.02 -3.58 -9.63
C ASN A 154 6.03 -2.09 -9.26
N TYR A 155 6.88 -1.72 -8.30
CA TYR A 155 7.13 -0.37 -7.81
C TYR A 155 7.38 0.64 -8.93
N GLU A 156 7.90 0.22 -10.08
CA GLU A 156 8.16 1.13 -11.19
C GLU A 156 6.87 1.79 -11.68
N LYS A 157 5.74 1.06 -11.70
CA LYS A 157 4.51 1.60 -12.28
C LYS A 157 3.99 2.81 -11.49
N PRO A 158 3.81 2.74 -10.15
CA PRO A 158 3.42 3.91 -9.37
C PRO A 158 4.53 4.95 -9.30
N ILE A 159 5.81 4.58 -9.44
CA ILE A 159 6.87 5.59 -9.55
C ILE A 159 6.61 6.45 -10.79
N GLU A 160 6.25 5.87 -11.94
CA GLU A 160 5.98 6.63 -13.15
C GLU A 160 4.76 7.53 -12.97
N ALA A 161 3.77 7.11 -12.18
CA ALA A 161 2.62 7.93 -11.84
C ALA A 161 3.04 9.13 -11.00
N ALA A 162 3.74 8.89 -9.89
CA ALA A 162 4.15 9.91 -8.94
C ALA A 162 5.16 10.89 -9.55
N LYS A 163 6.20 10.39 -10.24
CA LYS A 163 7.27 11.23 -10.80
C LYS A 163 6.71 12.24 -11.81
N ALA A 164 5.59 11.93 -12.47
CA ALA A 164 4.93 12.84 -13.37
C ALA A 164 4.39 14.08 -12.65
N LEU A 165 4.01 13.97 -11.37
CA LEU A 165 3.27 15.00 -10.65
C LEU A 165 4.11 15.77 -9.63
N VAL A 166 5.11 15.15 -9.01
CA VAL A 166 5.92 15.80 -7.98
C VAL A 166 6.81 16.91 -8.53
N LYS A 167 7.26 16.78 -9.79
CA LYS A 167 8.08 17.78 -10.47
C LYS A 167 7.28 19.07 -10.66
N MET A 1 -17.43 -6.35 -6.10
CA MET A 1 -16.17 -6.55 -5.32
C MET A 1 -15.00 -6.77 -6.28
N ALA A 2 -13.77 -6.41 -5.87
CA ALA A 2 -12.56 -6.77 -6.61
C ALA A 2 -12.39 -8.30 -6.62
N GLU A 3 -11.46 -8.81 -7.43
CA GLU A 3 -11.18 -10.23 -7.55
C GLU A 3 -9.67 -10.39 -7.80
N ILE A 4 -9.11 -11.44 -7.19
CA ILE A 4 -7.70 -11.85 -7.22
C ILE A 4 -7.77 -13.39 -7.31
N THR A 5 -6.65 -14.08 -7.53
CA THR A 5 -6.57 -15.53 -7.51
C THR A 5 -5.62 -15.98 -6.39
N PHE A 6 -5.89 -17.14 -5.79
CA PHE A 6 -4.97 -17.73 -4.81
C PHE A 6 -3.73 -18.35 -5.50
N LYS A 7 -3.84 -18.62 -6.81
CA LYS A 7 -2.88 -19.19 -7.77
C LYS A 7 -3.61 -20.18 -8.69
N GLY A 8 -4.54 -20.96 -8.13
CA GLY A 8 -5.24 -22.03 -8.84
C GLY A 8 -6.72 -21.75 -9.08
N GLY A 9 -7.25 -20.64 -8.55
CA GLY A 9 -8.65 -20.23 -8.68
C GLY A 9 -8.86 -18.88 -8.00
N PRO A 10 -10.05 -18.29 -8.11
CA PRO A 10 -10.34 -16.95 -7.60
C PRO A 10 -10.43 -16.91 -6.07
N VAL A 11 -10.37 -15.70 -5.52
CA VAL A 11 -10.64 -15.40 -4.12
C VAL A 11 -11.51 -14.15 -4.06
N THR A 12 -12.49 -14.16 -3.16
CA THR A 12 -13.34 -13.02 -2.89
C THR A 12 -12.56 -11.97 -2.09
N LEU A 13 -12.91 -10.71 -2.32
CA LEU A 13 -12.42 -9.51 -1.63
C LEU A 13 -13.64 -8.89 -0.94
N VAL A 14 -13.45 -8.26 0.23
CA VAL A 14 -14.56 -7.73 1.02
C VAL A 14 -15.19 -6.45 0.43
N GLY A 15 -14.53 -5.78 -0.53
CA GLY A 15 -14.93 -4.45 -0.97
C GLY A 15 -14.71 -4.23 -2.47
N GLN A 16 -15.06 -3.03 -2.93
CA GLN A 16 -15.06 -2.69 -4.34
C GLN A 16 -13.72 -2.12 -4.75
N GLU A 17 -13.35 -2.35 -6.00
CA GLU A 17 -12.22 -1.72 -6.64
C GLU A 17 -12.56 -0.23 -6.74
N VAL A 18 -11.58 0.64 -6.53
CA VAL A 18 -11.69 2.09 -6.69
C VAL A 18 -10.66 2.49 -7.76
N LYS A 19 -10.97 3.53 -8.55
CA LYS A 19 -10.19 3.86 -9.74
C LYS A 19 -9.77 5.32 -9.77
N VAL A 20 -8.82 5.60 -10.68
CA VAL A 20 -8.24 6.91 -10.91
C VAL A 20 -9.34 7.94 -11.15
N GLY A 21 -9.15 9.14 -10.61
CA GLY A 21 -10.01 10.29 -10.81
C GLY A 21 -11.09 10.44 -9.74
N ASP A 22 -11.35 9.40 -8.94
CA ASP A 22 -12.28 9.48 -7.82
C ASP A 22 -11.51 9.85 -6.54
N GLN A 23 -12.22 10.41 -5.56
CA GLN A 23 -11.71 10.61 -4.22
C GLN A 23 -11.50 9.22 -3.64
N ALA A 24 -10.35 9.03 -3.01
CA ALA A 24 -10.07 7.80 -2.28
C ALA A 24 -11.03 7.65 -1.09
N PRO A 25 -11.30 6.41 -0.62
CA PRO A 25 -12.24 6.15 0.46
C PRO A 25 -11.95 6.88 1.80
N ASP A 26 -10.69 7.23 2.07
CA ASP A 26 -10.20 7.86 3.32
C ASP A 26 -10.62 7.13 4.61
N PHE A 27 -9.76 6.22 5.07
CA PHE A 27 -9.87 5.51 6.34
C PHE A 27 -8.54 5.62 7.10
N THR A 28 -8.43 4.94 8.24
CA THR A 28 -7.34 5.11 9.20
C THR A 28 -6.60 3.79 9.40
N VAL A 29 -5.32 3.88 9.73
CA VAL A 29 -4.39 2.80 10.04
C VAL A 29 -3.55 3.28 11.24
N LEU A 30 -2.87 2.36 11.94
CA LEU A 30 -1.87 2.77 12.93
C LEU A 30 -0.55 2.94 12.17
N THR A 31 0.32 3.87 12.57
CA THR A 31 1.66 3.92 12.03
C THR A 31 2.43 2.72 12.63
N ASN A 32 3.61 2.40 12.09
CA ASN A 32 4.52 1.44 12.73
C ASN A 32 5.06 1.99 14.07
N SER A 33 4.72 3.23 14.44
CA SER A 33 5.19 3.96 15.59
C SER A 33 4.04 4.25 16.57
N LEU A 34 2.92 3.52 16.45
CA LEU A 34 1.81 3.50 17.42
C LEU A 34 1.08 4.84 17.52
N GLU A 35 0.84 5.51 16.39
CA GLU A 35 -0.02 6.69 16.30
C GLU A 35 -1.07 6.42 15.23
N GLU A 36 -2.24 7.05 15.27
CA GLU A 36 -3.22 6.93 14.18
C GLU A 36 -2.76 7.82 13.02
N LYS A 37 -2.94 7.31 11.79
CA LYS A 37 -2.69 8.04 10.55
C LYS A 37 -3.78 7.64 9.56
N SER A 38 -4.23 8.57 8.72
CA SER A 38 -5.35 8.37 7.82
C SER A 38 -5.03 8.99 6.48
N LEU A 39 -5.80 8.67 5.45
CA LEU A 39 -5.58 9.23 4.12
C LEU A 39 -5.64 10.76 4.17
N ALA A 40 -6.50 11.34 5.00
CA ALA A 40 -6.57 12.78 5.25
C ALA A 40 -5.22 13.40 5.66
N ASP A 41 -4.36 12.64 6.34
CA ASP A 41 -2.99 13.06 6.66
C ASP A 41 -2.08 12.90 5.45
N MET A 42 -2.26 11.79 4.72
CA MET A 42 -1.48 11.45 3.53
C MET A 42 -1.68 12.48 2.41
N LYS A 43 -2.81 13.20 2.41
CA LYS A 43 -3.07 14.32 1.50
C LYS A 43 -1.99 15.43 1.57
N GLY A 44 -1.13 15.43 2.60
CA GLY A 44 -0.06 16.42 2.75
C GLY A 44 0.95 16.42 1.60
N LYS A 45 1.06 15.34 0.82
CA LYS A 45 1.97 15.24 -0.34
C LYS A 45 1.37 14.23 -1.32
N VAL A 46 1.81 14.24 -2.59
CA VAL A 46 1.47 13.16 -3.51
C VAL A 46 2.07 11.90 -2.86
N THR A 47 1.23 10.92 -2.54
CA THR A 47 1.63 9.79 -1.71
C THR A 47 1.36 8.47 -2.42
N ILE A 48 2.37 7.59 -2.44
CA ILE A 48 2.24 6.21 -2.90
C ILE A 48 1.85 5.35 -1.69
N ILE A 49 1.02 4.34 -1.90
CA ILE A 49 0.63 3.37 -0.89
C ILE A 49 0.91 1.99 -1.48
N SER A 50 1.56 1.12 -0.71
CA SER A 50 2.00 -0.19 -1.15
C SER A 50 1.50 -1.24 -0.15
N VAL A 51 0.29 -1.73 -0.37
CA VAL A 51 -0.32 -2.73 0.50
C VAL A 51 0.37 -4.08 0.21
N ILE A 52 0.76 -4.84 1.24
CA ILE A 52 1.23 -6.22 1.09
C ILE A 52 0.60 -7.07 2.22
N PRO A 53 0.50 -8.41 2.06
CA PRO A 53 -0.25 -9.26 2.99
C PRO A 53 0.22 -9.14 4.45
N SER A 54 1.49 -9.46 4.69
CA SER A 54 2.11 -9.60 6.00
C SER A 54 3.60 -9.26 5.83
N ILE A 55 4.32 -9.01 6.92
CA ILE A 55 5.67 -8.48 6.85
C ILE A 55 6.72 -9.57 6.52
N ASP A 56 6.37 -10.84 6.69
CA ASP A 56 7.34 -11.95 6.57
C ASP A 56 7.65 -12.29 5.10
N THR A 57 6.78 -11.92 4.17
CA THR A 57 6.84 -12.37 2.78
C THR A 57 8.03 -11.71 2.04
N GLY A 58 9.02 -12.53 1.68
CA GLY A 58 10.27 -12.07 1.08
C GLY A 58 10.07 -11.40 -0.27
N VAL A 59 9.07 -11.82 -1.05
CA VAL A 59 8.79 -11.23 -2.36
C VAL A 59 8.35 -9.75 -2.25
N CYS A 60 7.97 -9.27 -1.06
CA CYS A 60 7.60 -7.88 -0.83
C CYS A 60 8.68 -7.12 -0.06
N ASP A 61 9.64 -7.81 0.55
CA ASP A 61 10.80 -7.18 1.19
C ASP A 61 11.58 -6.37 0.14
N ALA A 62 11.77 -6.97 -1.04
CA ALA A 62 12.36 -6.31 -2.19
C ALA A 62 11.54 -5.10 -2.63
N GLN A 63 10.20 -5.21 -2.63
CA GLN A 63 9.32 -4.13 -3.07
C GLN A 63 9.56 -2.89 -2.19
N THR A 64 9.43 -3.00 -0.85
CA THR A 64 9.59 -1.83 0.01
C THR A 64 11.04 -1.30 -0.02
N ARG A 65 12.06 -2.17 -0.13
CA ARG A 65 13.44 -1.69 -0.31
C ARG A 65 13.56 -0.87 -1.59
N ARG A 66 13.08 -1.37 -2.73
CA ARG A 66 13.20 -0.64 -3.99
C ARG A 66 12.34 0.62 -3.97
N PHE A 67 11.17 0.63 -3.33
CA PHE A 67 10.38 1.84 -3.15
C PHE A 67 11.20 2.94 -2.47
N ASN A 68 11.98 2.59 -1.43
CA ASN A 68 12.82 3.56 -0.73
C ASN A 68 13.87 4.16 -1.66
N GLU A 69 14.55 3.30 -2.41
CA GLU A 69 15.62 3.68 -3.31
C GLU A 69 15.04 4.58 -4.40
N GLU A 70 13.94 4.19 -5.06
CA GLU A 70 13.36 4.99 -6.12
C GLU A 70 12.84 6.32 -5.58
N ALA A 71 12.25 6.35 -4.38
CA ALA A 71 11.80 7.58 -3.76
C ALA A 71 12.97 8.53 -3.49
N ALA A 72 14.12 8.01 -3.04
CA ALA A 72 15.33 8.80 -2.86
C ALA A 72 15.83 9.34 -4.20
N LYS A 73 15.73 8.57 -5.28
CA LYS A 73 16.13 8.99 -6.61
C LYS A 73 15.19 10.09 -7.14
N LEU A 74 13.87 10.00 -6.89
CA LEU A 74 12.94 11.08 -7.21
C LEU A 74 13.29 12.34 -6.43
N GLY A 75 13.66 12.19 -5.15
CA GLY A 75 14.17 13.26 -4.29
C GLY A 75 13.05 14.02 -3.56
N ASP A 76 11.83 14.01 -4.09
CA ASP A 76 10.64 14.56 -3.45
C ASP A 76 9.43 13.74 -3.89
N VAL A 77 8.98 12.87 -2.99
CA VAL A 77 7.74 12.10 -3.08
C VAL A 77 7.42 11.71 -1.62
N ASN A 78 6.25 11.14 -1.38
CA ASN A 78 5.91 10.52 -0.11
C ASN A 78 5.39 9.13 -0.42
N VAL A 79 5.71 8.14 0.40
CA VAL A 79 5.36 6.76 0.13
C VAL A 79 5.22 6.01 1.45
N TYR A 80 4.28 5.07 1.51
CA TYR A 80 4.02 4.21 2.66
C TYR A 80 3.82 2.77 2.18
N THR A 81 4.02 1.83 3.09
CA THR A 81 3.72 0.42 2.91
C THR A 81 2.70 0.08 3.99
N ILE A 82 1.79 -0.86 3.74
CA ILE A 82 0.74 -1.22 4.69
C ILE A 82 0.68 -2.73 4.76
N SER A 83 0.61 -3.29 5.98
CA SER A 83 0.49 -4.72 6.21
C SER A 83 -0.59 -4.99 7.26
N ALA A 84 -1.13 -6.21 7.26
CA ALA A 84 -2.00 -6.72 8.31
C ALA A 84 -1.12 -7.30 9.43
N ASP A 85 -0.02 -6.63 9.78
CA ASP A 85 1.03 -7.16 10.64
C ASP A 85 1.36 -6.20 11.77
N LEU A 86 2.07 -6.71 12.77
CA LEU A 86 2.35 -6.08 14.06
C LEU A 86 3.17 -4.81 13.80
N PRO A 87 2.76 -3.64 14.32
CA PRO A 87 3.46 -2.37 14.11
C PRO A 87 4.98 -2.46 14.34
N PHE A 88 5.41 -3.21 15.36
CA PHE A 88 6.82 -3.31 15.69
C PHE A 88 7.57 -4.28 14.78
N ALA A 89 6.90 -5.29 14.22
CA ALA A 89 7.51 -6.15 13.19
C ALA A 89 7.65 -5.36 11.89
N GLN A 90 6.62 -4.58 11.52
CA GLN A 90 6.66 -3.62 10.43
C GLN A 90 7.81 -2.61 10.61
N ALA A 91 8.01 -2.09 11.83
CA ALA A 91 9.13 -1.21 12.14
C ALA A 91 10.48 -1.92 11.97
N ARG A 92 10.56 -3.20 12.37
CA ARG A 92 11.81 -3.95 12.30
C ARG A 92 12.21 -4.14 10.85
N TRP A 93 11.27 -4.50 9.98
CA TRP A 93 11.51 -4.70 8.55
C TRP A 93 12.11 -3.46 7.91
N CYS A 94 11.61 -2.26 8.23
CA CYS A 94 12.09 -1.05 7.56
C CYS A 94 13.42 -0.58 8.17
N GLY A 95 13.59 -0.73 9.49
CA GLY A 95 14.86 -0.47 10.15
C GLY A 95 15.96 -1.37 9.59
N ALA A 96 15.66 -2.66 9.39
CA ALA A 96 16.62 -3.65 8.90
C ALA A 96 17.01 -3.36 7.45
N ASN A 97 16.05 -2.97 6.61
CA ASN A 97 16.28 -2.64 5.21
C ASN A 97 16.96 -1.28 5.04
N GLY A 98 17.07 -0.46 6.09
CA GLY A 98 17.75 0.84 6.03
C GLY A 98 16.89 1.86 5.30
N ILE A 99 15.57 1.71 5.40
CA ILE A 99 14.60 2.59 4.78
C ILE A 99 14.69 3.97 5.47
N ASP A 100 14.41 5.01 4.70
CA ASP A 100 14.33 6.40 5.14
C ASP A 100 13.13 7.13 4.52
N LYS A 101 12.83 6.85 3.24
CA LYS A 101 11.80 7.55 2.48
C LYS A 101 10.41 6.92 2.64
N VAL A 102 10.32 5.64 3.02
CA VAL A 102 9.07 4.93 3.24
C VAL A 102 8.86 4.79 4.76
N GLU A 103 7.64 4.52 5.17
CA GLU A 103 7.26 4.15 6.53
C GLU A 103 6.19 3.07 6.38
N THR A 104 6.18 2.07 7.25
CA THR A 104 5.21 1.00 7.23
C THR A 104 4.05 1.35 8.17
N LEU A 105 2.84 0.87 7.85
CA LEU A 105 1.60 1.19 8.55
C LEU A 105 0.79 -0.10 8.76
N SER A 106 -0.07 -0.11 9.77
CA SER A 106 -0.77 -1.29 10.26
C SER A 106 -2.26 -1.08 10.13
N ASP A 107 -2.84 -1.62 9.06
CA ASP A 107 -4.30 -1.70 8.89
C ASP A 107 -4.88 -2.87 9.72
N HIS A 108 -4.00 -3.68 10.32
CA HIS A 108 -4.28 -4.80 11.23
C HIS A 108 -5.33 -4.47 12.30
N ARG A 109 -5.48 -3.20 12.68
CA ARG A 109 -6.37 -2.76 13.76
C ARG A 109 -7.82 -3.17 13.48
N ASP A 110 -8.32 -2.96 12.26
CA ASP A 110 -9.73 -3.22 11.92
C ASP A 110 -9.96 -3.41 10.41
N MET A 111 -8.87 -3.55 9.63
CA MET A 111 -8.84 -3.68 8.18
C MET A 111 -9.59 -2.58 7.41
N SER A 112 -9.84 -1.41 8.02
CA SER A 112 -10.67 -0.37 7.45
C SER A 112 -10.16 0.11 6.08
N PHE A 113 -8.85 0.33 5.95
CA PHE A 113 -8.26 0.88 4.74
C PHE A 113 -8.34 -0.16 3.63
N GLY A 114 -7.96 -1.40 3.92
CA GLY A 114 -7.92 -2.48 2.95
C GLY A 114 -9.33 -2.88 2.53
N GLU A 115 -10.29 -2.89 3.45
CA GLU A 115 -11.69 -3.14 3.13
C GLU A 115 -12.18 -2.10 2.14
N ALA A 116 -11.96 -0.82 2.44
CA ALA A 116 -12.55 0.27 1.67
C ALA A 116 -11.98 0.35 0.24
N PHE A 117 -10.69 0.08 0.06
CA PHE A 117 -10.05 0.00 -1.26
C PHE A 117 -10.34 -1.32 -1.98
N GLY A 118 -10.97 -2.30 -1.33
CA GLY A 118 -11.24 -3.61 -1.92
C GLY A 118 -9.96 -4.42 -2.11
N VAL A 119 -9.08 -4.45 -1.10
CA VAL A 119 -7.77 -5.11 -1.12
C VAL A 119 -7.56 -5.93 0.16
N TYR A 120 -8.65 -6.38 0.82
CA TYR A 120 -8.60 -7.34 1.91
C TYR A 120 -9.36 -8.56 1.42
N ILE A 121 -8.66 -9.70 1.36
CA ILE A 121 -9.11 -10.91 0.71
C ILE A 121 -9.97 -11.66 1.72
N LYS A 122 -11.30 -11.56 1.54
CA LYS A 122 -12.32 -12.24 2.32
C LYS A 122 -12.05 -13.73 2.41
N GLU A 123 -11.52 -14.32 1.34
CA GLU A 123 -11.24 -15.76 1.26
C GLU A 123 -10.06 -16.20 2.13
N LEU A 124 -9.22 -15.26 2.62
CA LEU A 124 -7.94 -15.57 3.28
C LEU A 124 -7.75 -14.86 4.61
N ARG A 125 -8.47 -13.77 4.85
CA ARG A 125 -8.22 -12.85 5.97
C ARG A 125 -6.80 -12.27 5.88
N LEU A 126 -6.32 -12.03 4.65
CA LEU A 126 -5.02 -11.39 4.39
C LEU A 126 -5.25 -10.22 3.43
N LEU A 127 -4.38 -9.22 3.47
CA LEU A 127 -4.41 -8.12 2.50
C LEU A 127 -3.88 -8.61 1.14
N ALA A 128 -4.28 -7.90 0.08
CA ALA A 128 -3.75 -8.04 -1.27
C ALA A 128 -2.34 -7.44 -1.35
N ARG A 129 -1.74 -7.47 -2.55
CA ARG A 129 -0.41 -6.89 -2.82
C ARG A 129 -0.51 -5.58 -3.63
N SER A 130 -1.71 -5.02 -3.73
CA SER A 130 -2.08 -3.90 -4.57
C SER A 130 -1.32 -2.61 -4.20
N VAL A 131 -1.24 -1.65 -5.14
CA VAL A 131 -0.53 -0.39 -4.94
C VAL A 131 -1.40 0.76 -5.45
N PHE A 132 -1.27 1.94 -4.85
CA PHE A 132 -2.02 3.13 -5.21
C PHE A 132 -1.09 4.35 -5.19
N VAL A 133 -1.52 5.44 -5.82
CA VAL A 133 -0.90 6.76 -5.75
C VAL A 133 -2.05 7.72 -5.55
N LEU A 134 -1.84 8.73 -4.72
CA LEU A 134 -2.86 9.63 -4.22
C LEU A 134 -2.35 11.04 -4.41
N ASP A 135 -3.16 11.89 -5.03
CA ASP A 135 -2.87 13.32 -5.21
C ASP A 135 -2.97 14.03 -3.86
N GLU A 136 -2.49 15.27 -3.77
CA GLU A 136 -2.67 16.12 -2.60
C GLU A 136 -4.16 16.39 -2.30
N ASN A 137 -5.07 16.27 -3.29
CA ASN A 137 -6.52 16.34 -3.04
C ASN A 137 -7.06 15.05 -2.43
N GLY A 138 -6.26 13.97 -2.40
CA GLY A 138 -6.72 12.63 -2.02
C GLY A 138 -7.50 11.95 -3.15
N LYS A 139 -7.30 12.37 -4.40
CA LYS A 139 -7.85 11.64 -5.54
C LYS A 139 -6.89 10.49 -5.86
N VAL A 140 -7.41 9.37 -6.29
CA VAL A 140 -6.62 8.27 -6.81
C VAL A 140 -5.99 8.76 -8.13
N VAL A 141 -4.67 8.65 -8.23
CA VAL A 141 -3.88 9.03 -9.41
C VAL A 141 -3.50 7.77 -10.19
N TYR A 142 -3.27 6.67 -9.48
CA TYR A 142 -3.00 5.35 -10.03
C TYR A 142 -3.48 4.35 -8.99
N ALA A 143 -4.05 3.23 -9.43
CA ALA A 143 -4.36 2.10 -8.58
C ALA A 143 -4.20 0.85 -9.43
N GLU A 144 -3.60 -0.20 -8.88
CA GLU A 144 -3.44 -1.49 -9.54
C GLU A 144 -3.65 -2.58 -8.49
N TYR A 145 -4.26 -3.67 -8.93
CA TYR A 145 -4.78 -4.75 -8.11
C TYR A 145 -4.13 -6.02 -8.61
N VAL A 146 -3.10 -6.49 -7.90
CA VAL A 146 -2.28 -7.63 -8.32
C VAL A 146 -3.21 -8.85 -8.40
N SER A 147 -3.32 -9.44 -9.59
CA SER A 147 -4.32 -10.47 -9.89
C SER A 147 -4.06 -11.82 -9.22
N GLU A 148 -2.91 -12.02 -8.57
CA GLU A 148 -2.52 -13.31 -8.02
C GLU A 148 -1.85 -13.08 -6.67
N ALA A 149 -2.34 -13.74 -5.62
CA ALA A 149 -1.84 -13.58 -4.26
C ALA A 149 -0.37 -14.03 -4.12
N THR A 150 0.09 -14.99 -4.92
CA THR A 150 1.48 -15.46 -4.92
C THR A 150 2.43 -14.56 -5.74
N ASN A 151 1.94 -13.41 -6.24
CA ASN A 151 2.70 -12.49 -7.09
C ASN A 151 2.76 -11.12 -6.39
N HIS A 152 3.69 -10.26 -6.82
CA HIS A 152 3.94 -8.94 -6.24
C HIS A 152 3.68 -7.85 -7.29
N PRO A 153 3.51 -6.57 -6.90
CA PRO A 153 3.40 -5.45 -7.83
C PRO A 153 4.77 -5.18 -8.49
N ASN A 154 4.91 -4.09 -9.24
CA ASN A 154 6.20 -3.62 -9.72
C ASN A 154 6.27 -2.16 -9.33
N TYR A 155 7.19 -1.84 -8.40
CA TYR A 155 7.31 -0.55 -7.72
C TYR A 155 7.47 0.61 -8.69
N GLU A 156 8.05 0.39 -9.86
CA GLU A 156 8.29 1.46 -10.82
C GLU A 156 6.97 2.04 -11.34
N LYS A 157 5.92 1.22 -11.45
CA LYS A 157 4.65 1.64 -12.05
C LYS A 157 4.00 2.80 -11.27
N PRO A 158 3.75 2.69 -9.96
CA PRO A 158 3.28 3.84 -9.19
C PRO A 158 4.34 4.95 -9.11
N ILE A 159 5.64 4.66 -9.20
CA ILE A 159 6.64 5.72 -9.31
C ILE A 159 6.39 6.55 -10.58
N GLU A 160 6.11 5.91 -11.72
CA GLU A 160 5.88 6.61 -12.98
C GLU A 160 4.64 7.51 -12.88
N ALA A 161 3.65 7.10 -12.08
CA ALA A 161 2.50 7.93 -11.78
C ALA A 161 2.89 9.13 -10.91
N ALA A 162 3.62 8.89 -9.81
CA ALA A 162 3.96 9.93 -8.83
C ALA A 162 4.94 10.96 -9.41
N LYS A 163 6.00 10.51 -10.10
CA LYS A 163 7.03 11.38 -10.67
C LYS A 163 6.44 12.38 -11.65
N ALA A 164 5.29 12.08 -12.27
CA ALA A 164 4.59 12.98 -13.17
C ALA A 164 3.99 14.19 -12.45
N LEU A 165 3.70 14.09 -11.15
CA LEU A 165 2.92 15.11 -10.41
C LEU A 165 3.74 15.87 -9.38
N VAL A 166 4.78 15.27 -8.80
CA VAL A 166 5.61 15.90 -7.78
C VAL A 166 6.42 17.11 -8.32
N LYS A 167 6.48 17.30 -9.64
CA LYS A 167 7.25 18.33 -10.31
C LYS A 167 6.48 18.76 -11.56
N MET A 1 -14.32 -5.61 -10.64
CA MET A 1 -13.82 -6.25 -9.40
C MET A 1 -12.52 -6.99 -9.70
N ALA A 2 -11.55 -6.92 -8.79
CA ALA A 2 -10.20 -7.42 -9.00
C ALA A 2 -10.16 -8.94 -9.20
N GLU A 3 -11.10 -9.67 -8.59
CA GLU A 3 -11.29 -11.12 -8.71
C GLU A 3 -9.95 -11.88 -8.58
N ILE A 4 -9.23 -11.57 -7.51
CA ILE A 4 -7.93 -12.13 -7.19
C ILE A 4 -8.09 -13.66 -7.06
N THR A 5 -7.06 -14.41 -7.45
CA THR A 5 -7.00 -15.86 -7.36
C THR A 5 -5.90 -16.27 -6.39
N PHE A 6 -6.06 -17.45 -5.79
CA PHE A 6 -5.15 -18.02 -4.81
C PHE A 6 -4.44 -19.23 -5.43
N LYS A 7 -4.02 -19.09 -6.69
CA LYS A 7 -3.41 -20.11 -7.54
C LYS A 7 -4.14 -21.47 -7.40
N GLY A 8 -5.40 -21.48 -7.83
CA GLY A 8 -6.26 -22.66 -7.80
C GLY A 8 -7.72 -22.30 -8.00
N GLY A 9 -8.10 -21.08 -7.63
CA GLY A 9 -9.44 -20.54 -7.82
C GLY A 9 -9.53 -19.11 -7.31
N PRO A 10 -10.65 -18.40 -7.55
CA PRO A 10 -10.86 -17.03 -7.07
C PRO A 10 -11.06 -17.00 -5.55
N VAL A 11 -10.83 -15.84 -4.95
CA VAL A 11 -11.09 -15.57 -3.54
C VAL A 11 -11.84 -14.24 -3.42
N THR A 12 -12.95 -14.27 -2.68
CA THR A 12 -13.86 -13.14 -2.48
C THR A 12 -13.14 -11.96 -1.81
N LEU A 13 -13.67 -10.74 -2.00
CA LEU A 13 -13.10 -9.49 -1.52
C LEU A 13 -14.20 -8.65 -0.89
N VAL A 14 -13.93 -8.09 0.29
CA VAL A 14 -14.77 -7.08 0.91
C VAL A 14 -14.53 -5.78 0.11
N GLY A 15 -15.42 -4.78 0.20
CA GLY A 15 -15.23 -3.49 -0.43
C GLY A 15 -15.43 -3.58 -1.94
N GLN A 16 -14.88 -2.59 -2.65
CA GLN A 16 -14.97 -2.45 -4.09
C GLN A 16 -13.58 -2.19 -4.67
N GLU A 17 -13.32 -2.65 -5.88
CA GLU A 17 -12.12 -2.28 -6.61
C GLU A 17 -12.23 -0.78 -6.92
N VAL A 18 -11.33 0.01 -6.35
CA VAL A 18 -11.25 1.46 -6.55
C VAL A 18 -10.58 1.70 -7.92
N LYS A 19 -10.78 2.88 -8.52
CA LYS A 19 -10.33 3.20 -9.87
C LYS A 19 -9.67 4.59 -9.91
N VAL A 20 -8.86 4.81 -10.94
CA VAL A 20 -8.25 6.09 -11.23
C VAL A 20 -9.36 7.14 -11.44
N GLY A 21 -9.11 8.37 -10.98
CA GLY A 21 -10.01 9.51 -11.13
C GLY A 21 -11.00 9.62 -9.97
N ASP A 22 -11.28 8.52 -9.26
CA ASP A 22 -12.16 8.53 -8.11
C ASP A 22 -11.46 9.17 -6.92
N GLN A 23 -12.25 9.72 -6.00
CA GLN A 23 -11.80 10.18 -4.71
C GLN A 23 -11.46 8.91 -3.92
N ALA A 24 -10.31 8.90 -3.27
CA ALA A 24 -9.90 7.74 -2.47
C ALA A 24 -10.88 7.52 -1.30
N PRO A 25 -10.92 6.29 -0.73
CA PRO A 25 -11.90 5.89 0.28
C PRO A 25 -11.89 6.67 1.62
N ASP A 26 -10.95 7.60 1.83
CA ASP A 26 -10.75 8.30 3.12
C ASP A 26 -10.59 7.32 4.28
N PHE A 27 -9.57 6.48 4.13
CA PHE A 27 -9.18 5.42 5.07
C PHE A 27 -8.39 6.01 6.24
N THR A 28 -8.19 5.23 7.31
CA THR A 28 -7.30 5.56 8.43
C THR A 28 -6.47 4.32 8.76
N VAL A 29 -5.23 4.51 9.22
CA VAL A 29 -4.27 3.49 9.58
C VAL A 29 -3.43 4.01 10.76
N LEU A 30 -2.61 3.15 11.36
CA LEU A 30 -1.78 3.47 12.52
C LEU A 30 -0.34 3.70 12.05
N THR A 31 0.37 4.65 12.65
CA THR A 31 1.67 5.14 12.17
C THR A 31 2.86 4.19 12.41
N ASN A 32 2.67 3.19 13.28
CA ASN A 32 3.65 2.27 13.89
C ASN A 32 3.92 2.74 15.33
N SER A 33 3.52 3.97 15.68
CA SER A 33 3.85 4.68 16.90
C SER A 33 2.59 5.01 17.71
N LEU A 34 1.50 4.27 17.46
CA LEU A 34 0.24 4.35 18.16
C LEU A 34 -0.41 5.73 18.01
N GLU A 35 -0.33 6.30 16.81
CA GLU A 35 -1.07 7.49 16.40
C GLU A 35 -1.77 7.11 15.09
N GLU A 36 -2.85 7.81 14.76
CA GLU A 36 -3.60 7.57 13.53
C GLU A 36 -3.10 8.50 12.43
N LYS A 37 -3.24 8.05 11.17
CA LYS A 37 -2.89 8.77 9.96
C LYS A 37 -3.90 8.32 8.90
N SER A 38 -4.25 9.19 7.96
CA SER A 38 -5.36 8.95 7.04
C SER A 38 -5.09 9.64 5.71
N LEU A 39 -5.93 9.38 4.71
CA LEU A 39 -5.89 10.04 3.40
C LEU A 39 -5.70 11.55 3.56
N ALA A 40 -6.45 12.18 4.48
CA ALA A 40 -6.44 13.61 4.70
C ALA A 40 -5.06 14.15 5.07
N ASP A 41 -4.23 13.32 5.72
CA ASP A 41 -2.84 13.66 6.03
C ASP A 41 -1.95 13.40 4.83
N MET A 42 -2.19 12.30 4.12
CA MET A 42 -1.32 11.80 3.07
C MET A 42 -1.37 12.70 1.84
N LYS A 43 -2.53 13.28 1.54
CA LYS A 43 -2.72 14.16 0.39
C LYS A 43 -1.88 15.46 0.50
N GLY A 44 -1.17 15.68 1.61
CA GLY A 44 -0.18 16.75 1.73
C GLY A 44 0.89 16.72 0.63
N LYS A 45 1.12 15.57 -0.04
CA LYS A 45 1.95 15.46 -1.23
C LYS A 45 1.36 14.39 -2.15
N VAL A 46 1.83 14.30 -3.40
CA VAL A 46 1.50 13.18 -4.27
C VAL A 46 2.12 11.98 -3.54
N THR A 47 1.31 10.95 -3.24
CA THR A 47 1.72 9.88 -2.36
C THR A 47 1.42 8.53 -2.97
N ILE A 48 2.38 7.61 -2.90
CA ILE A 48 2.23 6.21 -3.29
C ILE A 48 1.87 5.44 -2.01
N ILE A 49 0.97 4.47 -2.12
CA ILE A 49 0.59 3.54 -1.07
C ILE A 49 0.85 2.13 -1.60
N SER A 50 1.48 1.28 -0.80
CA SER A 50 1.87 -0.07 -1.20
C SER A 50 1.38 -1.04 -0.13
N VAL A 51 0.33 -1.80 -0.44
CA VAL A 51 -0.26 -2.72 0.54
C VAL A 51 0.43 -4.09 0.41
N ILE A 52 0.94 -4.63 1.53
CA ILE A 52 1.59 -5.95 1.61
C ILE A 52 1.07 -6.64 2.88
N PRO A 53 0.73 -7.94 2.89
CA PRO A 53 0.04 -8.59 4.01
C PRO A 53 0.74 -8.41 5.36
N SER A 54 2.06 -8.60 5.37
CA SER A 54 2.90 -8.52 6.54
C SER A 54 4.33 -8.28 6.05
N ILE A 55 5.20 -7.75 6.91
CA ILE A 55 6.52 -7.31 6.48
C ILE A 55 7.56 -8.45 6.61
N ASP A 56 7.10 -9.68 6.82
CA ASP A 56 7.93 -10.90 6.86
C ASP A 56 7.52 -11.87 5.75
N THR A 57 6.75 -11.40 4.76
CA THR A 57 6.23 -12.18 3.64
C THR A 57 7.31 -12.65 2.66
N GLY A 58 8.54 -12.13 2.75
CA GLY A 58 9.62 -12.38 1.81
C GLY A 58 9.48 -11.46 0.60
N VAL A 59 8.31 -11.42 -0.03
CA VAL A 59 8.02 -10.48 -1.11
C VAL A 59 8.10 -9.02 -0.62
N CYS A 60 7.95 -8.76 0.68
CA CYS A 60 8.20 -7.46 1.30
C CYS A 60 9.57 -6.89 0.90
N ASP A 61 10.59 -7.75 0.74
CA ASP A 61 11.95 -7.34 0.38
C ASP A 61 11.97 -6.69 -1.01
N ALA A 62 11.17 -7.22 -1.94
CA ALA A 62 11.02 -6.72 -3.29
C ALA A 62 9.97 -5.60 -3.39
N GLN A 63 9.61 -4.98 -2.25
CA GLN A 63 8.63 -3.91 -2.19
C GLN A 63 9.21 -2.76 -1.35
N THR A 64 9.21 -2.87 -0.03
CA THR A 64 9.51 -1.79 0.90
C THR A 64 10.87 -1.11 0.61
N ARG A 65 11.97 -1.86 0.52
CA ARG A 65 13.27 -1.22 0.31
C ARG A 65 13.48 -0.84 -1.15
N ARG A 66 12.88 -1.53 -2.12
CA ARG A 66 12.93 -1.06 -3.50
C ARG A 66 12.23 0.29 -3.60
N PHE A 67 11.06 0.47 -2.96
CA PHE A 67 10.39 1.77 -2.89
C PHE A 67 11.29 2.82 -2.24
N ASN A 68 12.08 2.48 -1.22
CA ASN A 68 12.99 3.44 -0.58
C ASN A 68 13.99 4.00 -1.58
N GLU A 69 14.63 3.12 -2.34
CA GLU A 69 15.65 3.52 -3.30
C GLU A 69 14.99 4.28 -4.45
N GLU A 70 13.89 3.77 -5.01
CA GLU A 70 13.25 4.43 -6.15
C GLU A 70 12.71 5.81 -5.74
N ALA A 71 12.20 5.97 -4.52
CA ALA A 71 11.80 7.27 -4.00
C ALA A 71 12.99 8.22 -3.88
N ALA A 72 14.17 7.72 -3.50
CA ALA A 72 15.39 8.54 -3.49
C ALA A 72 15.75 8.97 -4.90
N LYS A 73 15.68 8.07 -5.90
CA LYS A 73 15.97 8.41 -7.29
C LYS A 73 14.95 9.41 -7.85
N LEU A 74 13.68 9.34 -7.44
CA LEU A 74 12.65 10.32 -7.81
C LEU A 74 12.97 11.72 -7.29
N GLY A 75 13.81 11.84 -6.25
CA GLY A 75 14.31 13.10 -5.72
C GLY A 75 13.31 13.76 -4.77
N ASP A 76 12.03 13.77 -5.12
CA ASP A 76 10.93 14.24 -4.29
C ASP A 76 9.66 13.47 -4.67
N VAL A 77 9.13 12.73 -3.70
CA VAL A 77 7.87 12.00 -3.75
C VAL A 77 7.46 11.78 -2.28
N ASN A 78 6.38 11.05 -2.03
CA ASN A 78 6.02 10.58 -0.71
C ASN A 78 5.50 9.15 -0.88
N VAL A 79 5.87 8.22 0.00
CA VAL A 79 5.49 6.82 -0.13
C VAL A 79 5.20 6.27 1.27
N TYR A 80 4.14 5.46 1.38
CA TYR A 80 3.83 4.69 2.57
C TYR A 80 3.61 3.23 2.17
N THR A 81 3.74 2.34 3.15
CA THR A 81 3.48 0.92 3.01
C THR A 81 2.50 0.57 4.13
N ILE A 82 1.58 -0.37 3.90
CA ILE A 82 0.51 -0.70 4.85
C ILE A 82 0.46 -2.23 4.93
N SER A 83 0.31 -2.76 6.15
CA SER A 83 0.15 -4.18 6.37
C SER A 83 -0.87 -4.47 7.46
N ALA A 84 -1.51 -5.64 7.38
CA ALA A 84 -2.36 -6.20 8.42
C ALA A 84 -1.47 -6.86 9.49
N ASP A 85 -0.38 -6.20 9.86
CA ASP A 85 0.71 -6.73 10.67
C ASP A 85 1.01 -5.75 11.81
N LEU A 86 1.64 -6.24 12.86
CA LEU A 86 1.81 -5.55 14.13
C LEU A 86 2.67 -4.28 13.96
N PRO A 87 2.27 -3.14 14.54
CA PRO A 87 2.99 -1.87 14.48
C PRO A 87 4.51 -1.96 14.63
N PHE A 88 5.00 -2.79 15.57
CA PHE A 88 6.44 -2.87 15.84
C PHE A 88 7.19 -3.62 14.74
N ALA A 89 6.56 -4.58 14.05
CA ALA A 89 7.22 -5.36 13.01
C ALA A 89 7.56 -4.44 11.83
N GLN A 90 6.59 -3.63 11.40
CA GLN A 90 6.75 -2.62 10.37
C GLN A 90 7.94 -1.71 10.69
N ALA A 91 8.03 -1.22 11.92
CA ALA A 91 9.12 -0.34 12.34
C ALA A 91 10.46 -1.09 12.36
N ARG A 92 10.51 -2.29 12.94
CA ARG A 92 11.75 -3.05 13.13
C ARG A 92 12.39 -3.38 11.78
N TRP A 93 11.59 -3.85 10.82
CA TRP A 93 12.11 -4.20 9.50
C TRP A 93 12.67 -2.97 8.80
N CYS A 94 12.03 -1.80 8.97
CA CYS A 94 12.54 -0.55 8.41
C CYS A 94 13.84 -0.13 9.07
N GLY A 95 13.94 -0.27 10.39
CA GLY A 95 15.15 0.07 11.15
C GLY A 95 16.33 -0.81 10.74
N ALA A 96 16.07 -2.09 10.42
CA ALA A 96 17.10 -3.03 10.01
C ALA A 96 17.67 -2.63 8.65
N ASN A 97 16.80 -2.32 7.69
CA ASN A 97 17.19 -1.98 6.32
C ASN A 97 17.68 -0.53 6.19
N GLY A 98 17.30 0.36 7.12
CA GLY A 98 17.70 1.77 7.09
C GLY A 98 16.80 2.58 6.17
N ILE A 99 15.51 2.26 6.15
CA ILE A 99 14.51 2.93 5.33
C ILE A 99 14.35 4.36 5.85
N ASP A 100 14.12 5.30 4.93
CA ASP A 100 13.97 6.73 5.22
C ASP A 100 12.97 7.43 4.31
N LYS A 101 12.92 7.05 3.02
CA LYS A 101 12.03 7.67 2.03
C LYS A 101 10.63 7.05 2.04
N VAL A 102 10.46 5.90 2.70
CA VAL A 102 9.18 5.24 2.89
C VAL A 102 8.91 5.21 4.40
N GLU A 103 7.64 5.12 4.80
CA GLU A 103 7.24 4.86 6.18
C GLU A 103 6.16 3.78 6.13
N THR A 104 6.37 2.70 6.86
CA THR A 104 5.43 1.61 6.99
C THR A 104 4.34 2.00 8.00
N LEU A 105 3.17 1.37 7.90
CA LEU A 105 1.97 1.67 8.69
C LEU A 105 1.25 0.35 8.98
N SER A 106 0.32 0.34 9.93
CA SER A 106 -0.46 -0.84 10.29
C SER A 106 -1.93 -0.57 10.03
N ASP A 107 -2.61 -1.60 9.53
CA ASP A 107 -4.06 -1.68 9.36
C ASP A 107 -4.61 -2.86 10.18
N HIS A 108 -3.74 -3.52 10.98
CA HIS A 108 -4.09 -4.67 11.82
C HIS A 108 -5.18 -4.32 12.84
N ARG A 109 -5.28 -3.04 13.23
CA ARG A 109 -6.19 -2.57 14.27
C ARG A 109 -7.65 -2.86 13.92
N ASP A 110 -8.09 -2.58 12.69
CA ASP A 110 -9.51 -2.61 12.35
C ASP A 110 -9.78 -2.83 10.84
N MET A 111 -8.75 -3.25 10.09
CA MET A 111 -8.78 -3.50 8.65
C MET A 111 -9.41 -2.37 7.82
N SER A 112 -9.38 -1.12 8.32
CA SER A 112 -10.01 0.02 7.71
C SER A 112 -9.53 0.26 6.28
N PHE A 113 -8.21 0.28 6.03
CA PHE A 113 -7.69 0.44 4.68
C PHE A 113 -8.09 -0.77 3.84
N GLY A 114 -7.87 -1.97 4.38
CA GLY A 114 -8.07 -3.20 3.66
C GLY A 114 -9.49 -3.32 3.11
N GLU A 115 -10.46 -3.04 3.97
CA GLU A 115 -11.87 -3.05 3.63
C GLU A 115 -12.17 -1.92 2.63
N ALA A 116 -11.72 -0.70 2.93
CA ALA A 116 -12.12 0.49 2.20
C ALA A 116 -11.58 0.52 0.77
N PHE A 117 -10.37 0.01 0.53
CA PHE A 117 -9.73 0.00 -0.79
C PHE A 117 -10.01 -1.32 -1.55
N GLY A 118 -10.88 -2.19 -1.03
CA GLY A 118 -11.28 -3.41 -1.70
C GLY A 118 -10.17 -4.45 -1.82
N VAL A 119 -9.29 -4.57 -0.82
CA VAL A 119 -8.16 -5.50 -0.83
C VAL A 119 -8.26 -6.55 0.29
N TYR A 120 -9.15 -6.37 1.28
CA TYR A 120 -9.46 -7.38 2.29
C TYR A 120 -10.07 -8.58 1.56
N ILE A 121 -9.30 -9.66 1.39
CA ILE A 121 -9.75 -10.91 0.83
C ILE A 121 -10.67 -11.54 1.87
N LYS A 122 -11.98 -11.37 1.67
CA LYS A 122 -13.05 -11.90 2.51
C LYS A 122 -12.90 -13.39 2.74
N GLU A 123 -12.39 -14.12 1.74
CA GLU A 123 -12.24 -15.57 1.78
C GLU A 123 -11.14 -16.05 2.75
N LEU A 124 -10.20 -15.18 3.18
CA LEU A 124 -9.07 -15.60 4.04
C LEU A 124 -8.62 -14.52 5.03
N ARG A 125 -9.46 -13.50 5.28
CA ARG A 125 -9.32 -12.49 6.34
C ARG A 125 -7.91 -11.90 6.38
N LEU A 126 -7.42 -11.45 5.22
CA LEU A 126 -6.09 -10.90 5.03
C LEU A 126 -6.18 -9.91 3.87
N LEU A 127 -5.35 -8.88 3.85
CA LEU A 127 -5.34 -7.96 2.71
C LEU A 127 -4.50 -8.53 1.57
N ALA A 128 -4.78 -8.08 0.34
CA ALA A 128 -4.21 -8.55 -0.91
C ALA A 128 -2.76 -8.08 -1.11
N ARG A 129 -2.32 -7.99 -2.38
CA ARG A 129 -1.06 -7.37 -2.78
C ARG A 129 -1.47 -6.39 -3.86
N SER A 130 -1.25 -5.10 -3.67
CA SER A 130 -1.78 -4.05 -4.53
C SER A 130 -0.99 -2.75 -4.29
N VAL A 131 -1.07 -1.79 -5.21
CA VAL A 131 -0.45 -0.48 -5.08
C VAL A 131 -1.42 0.58 -5.58
N PHE A 132 -1.35 1.77 -4.97
CA PHE A 132 -2.20 2.90 -5.30
C PHE A 132 -1.33 4.16 -5.29
N VAL A 133 -1.76 5.21 -6.00
CA VAL A 133 -1.10 6.51 -5.97
C VAL A 133 -2.21 7.54 -5.85
N LEU A 134 -1.94 8.61 -5.10
CA LEU A 134 -2.89 9.61 -4.66
C LEU A 134 -2.35 10.98 -5.02
N ASP A 135 -3.15 11.77 -5.73
CA ASP A 135 -2.90 13.19 -6.00
C ASP A 135 -3.06 14.00 -4.71
N GLU A 136 -2.55 15.23 -4.69
CA GLU A 136 -2.64 16.16 -3.58
C GLU A 136 -4.09 16.54 -3.19
N ASN A 137 -5.10 16.27 -4.02
CA ASN A 137 -6.52 16.45 -3.66
C ASN A 137 -7.18 15.13 -3.24
N GLY A 138 -6.39 14.06 -3.06
CA GLY A 138 -6.85 12.77 -2.54
C GLY A 138 -7.59 11.95 -3.59
N LYS A 139 -7.41 12.25 -4.88
CA LYS A 139 -7.95 11.43 -5.97
C LYS A 139 -6.91 10.41 -6.38
N VAL A 140 -7.36 9.22 -6.73
CA VAL A 140 -6.49 8.13 -7.15
C VAL A 140 -5.98 8.45 -8.55
N VAL A 141 -4.67 8.29 -8.79
CA VAL A 141 -4.05 8.52 -10.10
C VAL A 141 -3.49 7.23 -10.70
N TYR A 142 -3.32 6.19 -9.88
CA TYR A 142 -3.00 4.83 -10.31
C TYR A 142 -3.58 3.89 -9.27
N ALA A 143 -4.06 2.74 -9.70
CA ALA A 143 -4.48 1.64 -8.85
C ALA A 143 -4.21 0.35 -9.61
N GLU A 144 -3.70 -0.67 -8.91
CA GLU A 144 -3.46 -1.99 -9.47
C GLU A 144 -3.58 -3.01 -8.36
N TYR A 145 -4.24 -4.12 -8.67
CA TYR A 145 -4.51 -5.24 -7.79
C TYR A 145 -3.90 -6.44 -8.49
N VAL A 146 -2.97 -7.15 -7.83
CA VAL A 146 -2.31 -8.29 -8.46
C VAL A 146 -3.33 -9.42 -8.52
N SER A 147 -3.60 -9.95 -9.71
CA SER A 147 -4.53 -11.05 -9.90
C SER A 147 -4.08 -12.29 -9.13
N GLU A 148 -2.77 -12.57 -9.16
CA GLU A 148 -2.17 -13.67 -8.41
C GLU A 148 -1.88 -13.22 -6.98
N ALA A 149 -2.63 -13.74 -6.00
CA ALA A 149 -2.30 -13.53 -4.58
C ALA A 149 -0.90 -14.06 -4.25
N THR A 150 -0.39 -15.03 -5.00
CA THR A 150 0.95 -15.59 -4.84
C THR A 150 2.07 -14.64 -5.29
N ASN A 151 1.75 -13.44 -5.79
CA ASN A 151 2.66 -12.51 -6.44
C ASN A 151 2.49 -11.10 -5.86
N HIS A 152 3.37 -10.16 -6.21
CA HIS A 152 3.40 -8.78 -5.73
C HIS A 152 3.44 -7.81 -6.93
N PRO A 153 3.01 -6.55 -6.77
CA PRO A 153 3.05 -5.58 -7.86
C PRO A 153 4.50 -5.16 -8.11
N ASN A 154 4.82 -4.73 -9.34
CA ASN A 154 6.12 -4.13 -9.60
C ASN A 154 6.08 -2.68 -9.13
N TYR A 155 6.89 -2.35 -8.12
CA TYR A 155 7.05 -1.00 -7.54
C TYR A 155 7.32 0.08 -8.59
N GLU A 156 7.89 -0.27 -9.74
CA GLU A 156 8.15 0.70 -10.81
C GLU A 156 6.85 1.31 -11.34
N LYS A 157 5.75 0.54 -11.40
CA LYS A 157 4.52 1.03 -12.05
C LYS A 157 3.91 2.24 -11.30
N PRO A 158 3.69 2.19 -9.98
CA PRO A 158 3.24 3.37 -9.26
C PRO A 158 4.30 4.47 -9.23
N ILE A 159 5.61 4.14 -9.33
CA ILE A 159 6.63 5.16 -9.50
C ILE A 159 6.39 5.93 -10.79
N GLU A 160 6.06 5.26 -11.91
CA GLU A 160 5.83 5.93 -13.19
C GLU A 160 4.62 6.86 -13.10
N ALA A 161 3.60 6.50 -12.32
CA ALA A 161 2.47 7.36 -12.06
C ALA A 161 2.89 8.61 -11.30
N ALA A 162 3.57 8.44 -10.16
CA ALA A 162 3.95 9.53 -9.28
C ALA A 162 4.99 10.47 -9.92
N LYS A 163 6.03 9.92 -10.57
CA LYS A 163 7.13 10.71 -11.13
C LYS A 163 6.63 11.71 -12.17
N ALA A 164 5.54 11.40 -12.86
CA ALA A 164 4.94 12.29 -13.84
C ALA A 164 4.35 13.55 -13.19
N LEU A 165 3.89 13.46 -11.94
CA LEU A 165 3.10 14.51 -11.29
C LEU A 165 3.94 15.39 -10.36
N VAL A 166 5.01 14.86 -9.78
CA VAL A 166 5.88 15.62 -8.86
C VAL A 166 6.73 16.68 -9.58
N LYS A 167 6.80 16.64 -10.93
CA LYS A 167 7.52 17.61 -11.73
C LYS A 167 7.04 19.03 -11.43
N MET A 1 -14.64 -5.98 -10.20
CA MET A 1 -14.17 -6.68 -8.97
C MET A 1 -12.80 -7.30 -9.23
N ALA A 2 -11.81 -7.02 -8.37
CA ALA A 2 -10.43 -7.40 -8.61
C ALA A 2 -10.25 -8.92 -8.67
N GLU A 3 -10.94 -9.65 -7.78
CA GLU A 3 -10.95 -11.12 -7.69
C GLU A 3 -9.55 -11.71 -7.94
N ILE A 4 -8.60 -11.23 -7.14
CA ILE A 4 -7.19 -11.53 -7.17
C ILE A 4 -6.99 -13.05 -7.04
N THR A 5 -5.88 -13.57 -7.58
CA THR A 5 -5.50 -14.98 -7.48
C THR A 5 -4.55 -15.13 -6.28
N PHE A 6 -4.49 -16.33 -5.72
CA PHE A 6 -3.59 -16.68 -4.64
C PHE A 6 -2.96 -18.01 -5.06
N LYS A 7 -1.67 -17.95 -5.42
CA LYS A 7 -0.83 -19.03 -5.91
C LYS A 7 -1.58 -20.17 -6.63
N GLY A 8 -2.33 -19.82 -7.67
CA GLY A 8 -2.92 -20.79 -8.59
C GLY A 8 -4.44 -20.90 -8.54
N GLY A 9 -5.15 -20.18 -7.66
CA GLY A 9 -6.62 -20.19 -7.63
C GLY A 9 -7.20 -18.82 -7.27
N PRO A 10 -8.37 -18.43 -7.80
CA PRO A 10 -8.97 -17.13 -7.55
C PRO A 10 -9.47 -17.05 -6.10
N VAL A 11 -9.55 -15.83 -5.55
CA VAL A 11 -10.04 -15.60 -4.19
C VAL A 11 -10.80 -14.26 -4.13
N THR A 12 -11.84 -14.22 -3.30
CA THR A 12 -12.79 -13.11 -3.22
C THR A 12 -12.23 -11.94 -2.41
N LEU A 13 -12.76 -10.73 -2.64
CA LEU A 13 -12.36 -9.48 -2.01
C LEU A 13 -13.58 -8.83 -1.36
N VAL A 14 -13.38 -8.23 -0.19
CA VAL A 14 -14.35 -7.36 0.49
C VAL A 14 -14.00 -5.92 0.09
N GLY A 15 -14.99 -5.03 0.06
CA GLY A 15 -14.83 -3.65 -0.41
C GLY A 15 -15.23 -3.57 -1.88
N GLN A 16 -14.79 -2.51 -2.57
CA GLN A 16 -15.03 -2.32 -4.00
C GLN A 16 -13.72 -1.95 -4.68
N GLU A 17 -13.55 -2.37 -5.93
CA GLU A 17 -12.43 -1.98 -6.77
C GLU A 17 -12.54 -0.47 -7.04
N VAL A 18 -11.61 0.34 -6.54
CA VAL A 18 -11.57 1.77 -6.82
C VAL A 18 -11.10 2.00 -8.26
N LYS A 19 -11.22 3.24 -8.76
CA LYS A 19 -10.78 3.64 -10.09
C LYS A 19 -10.04 4.97 -9.99
N VAL A 20 -9.24 5.29 -11.01
CA VAL A 20 -8.64 6.61 -11.15
C VAL A 20 -9.76 7.65 -11.18
N GLY A 21 -9.55 8.76 -10.47
CA GLY A 21 -10.49 9.86 -10.36
C GLY A 21 -11.42 9.73 -9.16
N ASP A 22 -11.52 8.54 -8.53
CA ASP A 22 -12.29 8.35 -7.32
C ASP A 22 -11.64 9.12 -6.17
N GLN A 23 -12.43 9.38 -5.12
CA GLN A 23 -11.99 10.01 -3.90
C GLN A 23 -11.77 8.88 -2.88
N ALA A 24 -10.56 8.77 -2.34
CA ALA A 24 -10.25 7.78 -1.32
C ALA A 24 -11.22 7.93 -0.11
N PRO A 25 -11.73 6.82 0.45
CA PRO A 25 -12.71 6.77 1.55
C PRO A 25 -12.36 7.44 2.89
N ASP A 26 -11.18 8.05 3.04
CA ASP A 26 -10.64 8.53 4.32
C ASP A 26 -10.50 7.39 5.33
N PHE A 27 -9.61 6.46 4.99
CA PHE A 27 -9.22 5.31 5.78
C PHE A 27 -8.32 5.76 6.94
N THR A 28 -8.13 4.89 7.93
CA THR A 28 -7.15 5.05 9.01
C THR A 28 -6.41 3.72 9.14
N VAL A 29 -5.14 3.77 9.55
CA VAL A 29 -4.27 2.63 9.81
C VAL A 29 -3.42 2.99 11.03
N LEU A 30 -2.80 2.01 11.69
CA LEU A 30 -1.84 2.31 12.76
C LEU A 30 -0.47 2.47 12.09
N THR A 31 0.31 3.48 12.45
CA THR A 31 1.69 3.54 12.04
C THR A 31 2.42 2.35 12.69
N ASN A 32 3.60 1.98 12.20
CA ASN A 32 4.45 1.03 12.93
C ASN A 32 4.93 1.63 14.28
N SER A 33 4.67 2.92 14.52
CA SER A 33 5.03 3.67 15.72
C SER A 33 3.87 3.70 16.72
N LEU A 34 2.77 2.98 16.47
CA LEU A 34 1.63 2.79 17.38
C LEU A 34 0.80 4.08 17.53
N GLU A 35 0.65 4.85 16.46
CA GLU A 35 -0.22 6.03 16.42
C GLU A 35 -1.17 5.86 15.24
N GLU A 36 -2.37 6.44 15.28
CA GLU A 36 -3.26 6.39 14.12
C GLU A 36 -2.77 7.40 13.08
N LYS A 37 -2.83 7.00 11.81
CA LYS A 37 -2.52 7.81 10.64
C LYS A 37 -3.60 7.51 9.61
N SER A 38 -4.01 8.50 8.82
CA SER A 38 -5.16 8.38 7.94
C SER A 38 -4.90 9.14 6.65
N LEU A 39 -5.79 8.98 5.67
CA LEU A 39 -5.75 9.73 4.41
C LEU A 39 -5.53 11.21 4.67
N ALA A 40 -6.25 11.79 5.65
CA ALA A 40 -6.18 13.21 5.98
C ALA A 40 -4.76 13.67 6.33
N ASP A 41 -3.94 12.79 6.90
CA ASP A 41 -2.53 13.06 7.17
C ASP A 41 -1.70 12.95 5.88
N MET A 42 -2.02 11.93 5.08
CA MET A 42 -1.31 11.61 3.84
C MET A 42 -1.54 12.68 2.75
N LYS A 43 -2.63 13.45 2.84
CA LYS A 43 -2.92 14.60 1.95
C LYS A 43 -1.80 15.63 1.94
N GLY A 44 -0.88 15.62 2.90
CA GLY A 44 0.25 16.54 2.96
C GLY A 44 1.17 16.47 1.73
N LYS A 45 1.17 15.37 0.97
CA LYS A 45 1.99 15.20 -0.23
C LYS A 45 1.31 14.23 -1.19
N VAL A 46 1.67 14.25 -2.48
CA VAL A 46 1.25 13.21 -3.41
C VAL A 46 1.86 11.93 -2.85
N THR A 47 1.03 10.94 -2.51
CA THR A 47 1.46 9.78 -1.75
C THR A 47 1.14 8.50 -2.52
N ILE A 48 2.14 7.62 -2.62
CA ILE A 48 2.00 6.26 -3.12
C ILE A 48 1.67 5.38 -1.92
N ILE A 49 0.79 4.39 -2.10
CA ILE A 49 0.47 3.37 -1.11
C ILE A 49 0.72 2.01 -1.78
N SER A 50 1.33 1.09 -1.04
CA SER A 50 1.66 -0.26 -1.49
C SER A 50 1.18 -1.25 -0.44
N VAL A 51 -0.03 -1.78 -0.62
CA VAL A 51 -0.54 -2.80 0.29
C VAL A 51 0.18 -4.14 0.02
N ILE A 52 0.47 -4.93 1.05
CA ILE A 52 1.10 -6.23 0.92
C ILE A 52 0.49 -7.27 1.89
N PRO A 53 0.47 -8.57 1.55
CA PRO A 53 0.06 -9.62 2.48
C PRO A 53 1.15 -9.82 3.56
N SER A 54 0.78 -9.69 4.83
CA SER A 54 1.67 -9.87 6.00
C SER A 54 3.01 -9.10 5.86
N ILE A 55 4.03 -9.44 6.66
CA ILE A 55 5.39 -8.95 6.48
C ILE A 55 6.43 -10.00 6.94
N ASP A 56 6.05 -10.93 7.82
CA ASP A 56 6.93 -12.03 8.27
C ASP A 56 7.33 -12.97 7.12
N THR A 57 6.52 -13.06 6.07
CA THR A 57 6.66 -14.02 4.99
C THR A 57 7.83 -13.71 4.03
N GLY A 58 8.37 -12.49 4.03
CA GLY A 58 9.53 -12.08 3.24
C GLY A 58 9.18 -11.82 1.77
N VAL A 59 8.53 -12.78 1.09
CA VAL A 59 8.01 -12.61 -0.27
C VAL A 59 6.90 -11.56 -0.30
N CYS A 60 6.36 -11.17 0.86
CA CYS A 60 5.45 -10.04 1.05
C CYS A 60 5.93 -8.75 0.41
N ASP A 61 7.25 -8.52 0.33
CA ASP A 61 7.73 -7.29 -0.27
C ASP A 61 9.17 -7.39 -0.78
N ALA A 62 9.32 -6.96 -2.02
CA ALA A 62 10.58 -6.69 -2.70
C ALA A 62 10.59 -5.24 -3.18
N GLN A 63 9.46 -4.52 -3.04
CA GLN A 63 9.26 -3.21 -3.63
C GLN A 63 9.85 -2.11 -2.74
N THR A 64 9.84 -2.25 -1.41
CA THR A 64 10.21 -1.18 -0.45
C THR A 64 11.58 -0.58 -0.76
N ARG A 65 12.62 -1.41 -0.96
CA ARG A 65 13.96 -0.89 -1.24
C ARG A 65 14.00 -0.15 -2.58
N ARG A 66 13.29 -0.66 -3.61
CA ARG A 66 13.25 0.04 -4.89
C ARG A 66 12.51 1.36 -4.74
N PHE A 67 11.36 1.39 -4.06
CA PHE A 67 10.64 2.62 -3.75
C PHE A 67 11.52 3.59 -2.97
N ASN A 68 12.30 3.09 -2.00
CA ASN A 68 13.13 3.92 -1.13
C ASN A 68 14.15 4.68 -1.96
N GLU A 69 14.87 3.97 -2.82
CA GLU A 69 15.88 4.55 -3.67
C GLU A 69 15.22 5.44 -4.73
N GLU A 70 14.11 5.01 -5.33
CA GLU A 70 13.47 5.78 -6.38
C GLU A 70 12.88 7.08 -5.82
N ALA A 71 12.35 7.07 -4.60
CA ALA A 71 11.89 8.26 -3.91
C ALA A 71 13.04 9.26 -3.72
N ALA A 72 14.22 8.78 -3.31
CA ALA A 72 15.41 9.63 -3.21
C ALA A 72 15.82 10.17 -4.58
N LYS A 73 15.72 9.36 -5.63
CA LYS A 73 16.02 9.78 -7.00
C LYS A 73 15.02 10.84 -7.49
N LEU A 74 13.71 10.71 -7.20
CA LEU A 74 12.72 11.74 -7.51
C LEU A 74 13.04 13.03 -6.76
N GLY A 75 13.45 12.92 -5.50
CA GLY A 75 13.90 14.03 -4.66
C GLY A 75 12.78 14.56 -3.77
N ASP A 76 11.52 14.44 -4.19
CA ASP A 76 10.35 14.77 -3.40
C ASP A 76 9.16 13.93 -3.88
N VAL A 77 8.72 13.01 -3.03
CA VAL A 77 7.52 12.19 -3.15
C VAL A 77 7.19 11.72 -1.73
N ASN A 78 6.08 11.01 -1.54
CA ASN A 78 5.78 10.33 -0.28
C ASN A 78 5.29 8.94 -0.63
N VAL A 79 5.68 7.92 0.14
CA VAL A 79 5.35 6.53 -0.12
C VAL A 79 5.09 5.85 1.23
N TYR A 80 4.12 4.95 1.29
CA TYR A 80 3.89 4.08 2.43
C TYR A 80 3.65 2.65 1.95
N THR A 81 3.97 1.70 2.82
CA THR A 81 3.66 0.29 2.70
C THR A 81 2.58 0.04 3.76
N ILE A 82 1.64 -0.87 3.52
CA ILE A 82 0.64 -1.22 4.51
C ILE A 82 0.55 -2.74 4.54
N SER A 83 0.52 -3.30 5.75
CA SER A 83 0.65 -4.73 5.98
C SER A 83 -0.45 -5.19 6.91
N ALA A 84 -0.83 -6.47 6.79
CA ALA A 84 -1.70 -7.16 7.74
C ALA A 84 -0.79 -7.97 8.66
N ASP A 85 0.19 -7.30 9.25
CA ASP A 85 1.16 -7.89 10.17
C ASP A 85 1.40 -6.87 11.28
N LEU A 86 2.00 -7.31 12.38
CA LEU A 86 2.09 -6.53 13.60
C LEU A 86 3.03 -5.33 13.39
N PRO A 87 2.75 -4.18 14.04
CA PRO A 87 3.55 -2.97 13.86
C PRO A 87 5.02 -3.16 14.28
N PHE A 88 5.31 -3.99 15.28
CA PHE A 88 6.69 -4.24 15.68
C PHE A 88 7.40 -5.22 14.73
N ALA A 89 6.67 -6.06 14.00
CA ALA A 89 7.25 -6.87 12.93
C ALA A 89 7.61 -5.95 11.77
N GLN A 90 6.68 -5.07 11.35
CA GLN A 90 6.90 -4.05 10.34
C GLN A 90 8.15 -3.23 10.67
N ALA A 91 8.20 -2.62 11.86
CA ALA A 91 9.26 -1.70 12.27
C ALA A 91 10.64 -2.35 12.19
N ARG A 92 10.75 -3.61 12.62
CA ARG A 92 12.03 -4.31 12.60
C ARG A 92 12.39 -4.65 11.17
N TRP A 93 11.44 -5.16 10.41
CA TRP A 93 11.68 -5.60 9.05
C TRP A 93 12.09 -4.42 8.14
N CYS A 94 11.50 -3.23 8.29
CA CYS A 94 11.89 -2.10 7.45
C CYS A 94 13.21 -1.50 7.91
N GLY A 95 13.46 -1.46 9.23
CA GLY A 95 14.75 -1.08 9.78
C GLY A 95 15.85 -2.04 9.32
N ALA A 96 15.54 -3.34 9.22
CA ALA A 96 16.48 -4.36 8.76
C ALA A 96 16.86 -4.13 7.31
N ASN A 97 15.86 -3.86 6.45
CA ASN A 97 16.06 -3.55 5.04
C ASN A 97 16.75 -2.19 4.85
N GLY A 98 16.66 -1.28 5.83
CA GLY A 98 17.30 0.03 5.81
C GLY A 98 16.43 1.08 5.13
N ILE A 99 15.11 0.90 5.17
CA ILE A 99 14.16 1.77 4.49
C ILE A 99 14.01 3.06 5.31
N ASP A 100 13.85 4.19 4.61
CA ASP A 100 13.80 5.54 5.19
C ASP A 100 12.81 6.46 4.45
N LYS A 101 12.82 6.44 3.11
CA LYS A 101 11.94 7.27 2.28
C LYS A 101 10.54 6.66 2.15
N VAL A 102 10.35 5.40 2.56
CA VAL A 102 9.07 4.75 2.70
C VAL A 102 8.88 4.44 4.20
N GLU A 103 7.64 4.21 4.65
CA GLU A 103 7.37 3.71 5.98
C GLU A 103 6.24 2.69 5.92
N THR A 104 6.31 1.69 6.80
CA THR A 104 5.35 0.60 6.92
C THR A 104 4.25 0.99 7.90
N LEU A 105 3.00 0.63 7.58
CA LEU A 105 1.78 0.92 8.34
C LEU A 105 0.96 -0.37 8.50
N SER A 106 -0.06 -0.34 9.36
CA SER A 106 -0.80 -1.51 9.82
C SER A 106 -2.27 -1.43 9.45
N ASP A 107 -2.69 -2.20 8.45
CA ASP A 107 -4.11 -2.40 8.14
C ASP A 107 -4.75 -3.29 9.21
N HIS A 108 -3.92 -4.07 9.91
CA HIS A 108 -4.25 -4.89 11.07
C HIS A 108 -4.99 -4.11 12.19
N ARG A 109 -4.98 -2.77 12.15
CA ARG A 109 -5.78 -1.90 13.00
C ARG A 109 -7.23 -2.39 13.06
N ASP A 110 -7.89 -2.50 11.90
CA ASP A 110 -9.33 -2.79 11.81
C ASP A 110 -9.72 -3.23 10.39
N MET A 111 -8.74 -3.63 9.58
CA MET A 111 -8.86 -3.88 8.14
C MET A 111 -9.41 -2.64 7.41
N SER A 112 -9.18 -1.45 7.97
CA SER A 112 -9.81 -0.22 7.52
C SER A 112 -9.35 0.23 6.13
N PHE A 113 -8.07 0.07 5.77
CA PHE A 113 -7.65 0.30 4.39
C PHE A 113 -8.12 -0.87 3.52
N GLY A 114 -7.99 -2.09 4.05
CA GLY A 114 -8.43 -3.35 3.45
C GLY A 114 -9.82 -3.21 2.84
N GLU A 115 -10.79 -2.86 3.66
CA GLU A 115 -12.18 -2.73 3.27
C GLU A 115 -12.38 -1.48 2.39
N ALA A 116 -11.71 -0.37 2.71
CA ALA A 116 -11.87 0.89 1.99
C ALA A 116 -11.50 0.77 0.52
N PHE A 117 -10.41 0.09 0.19
CA PHE A 117 -9.82 0.07 -1.15
C PHE A 117 -10.11 -1.23 -1.91
N GLY A 118 -10.98 -2.11 -1.40
CA GLY A 118 -11.29 -3.37 -2.07
C GLY A 118 -10.09 -4.32 -2.07
N VAL A 119 -9.33 -4.36 -0.97
CA VAL A 119 -8.07 -5.12 -0.87
C VAL A 119 -8.06 -6.06 0.35
N TYR A 120 -9.14 -6.19 1.12
CA TYR A 120 -9.23 -7.23 2.14
C TYR A 120 -9.69 -8.51 1.44
N ILE A 121 -8.81 -9.50 1.28
CA ILE A 121 -9.14 -10.77 0.65
C ILE A 121 -10.00 -11.54 1.65
N LYS A 122 -11.28 -11.69 1.29
CA LYS A 122 -12.35 -12.19 2.14
C LYS A 122 -12.02 -13.54 2.72
N GLU A 123 -11.66 -14.49 1.87
CA GLU A 123 -11.53 -15.89 2.26
C GLU A 123 -10.23 -16.14 3.04
N LEU A 124 -9.18 -15.34 2.77
CA LEU A 124 -7.93 -15.39 3.53
C LEU A 124 -8.03 -14.64 4.85
N ARG A 125 -8.98 -13.70 4.96
CA ARG A 125 -9.04 -12.74 6.06
C ARG A 125 -7.71 -11.96 6.12
N LEU A 126 -7.09 -11.67 4.96
CA LEU A 126 -5.75 -11.08 4.88
C LEU A 126 -5.76 -9.95 3.85
N LEU A 127 -4.84 -8.98 3.98
CA LEU A 127 -4.67 -7.89 3.03
C LEU A 127 -4.08 -8.43 1.72
N ALA A 128 -4.55 -7.88 0.61
CA ALA A 128 -4.09 -8.17 -0.74
C ALA A 128 -2.71 -7.58 -1.00
N ARG A 129 -2.34 -7.59 -2.29
CA ARG A 129 -1.18 -6.90 -2.80
C ARG A 129 -1.69 -6.06 -3.96
N SER A 130 -1.39 -4.77 -3.97
CA SER A 130 -1.83 -3.80 -4.97
C SER A 130 -1.05 -2.51 -4.73
N VAL A 131 -1.14 -1.53 -5.63
CA VAL A 131 -0.53 -0.22 -5.43
C VAL A 131 -1.51 0.86 -5.86
N PHE A 132 -1.46 1.99 -5.15
CA PHE A 132 -2.33 3.13 -5.36
C PHE A 132 -1.50 4.40 -5.27
N VAL A 133 -1.96 5.49 -5.88
CA VAL A 133 -1.33 6.81 -5.77
C VAL A 133 -2.45 7.82 -5.52
N LEU A 134 -2.18 8.77 -4.66
CA LEU A 134 -3.14 9.70 -4.10
C LEU A 134 -2.60 11.10 -4.30
N ASP A 135 -3.40 11.97 -4.91
CA ASP A 135 -3.14 13.40 -5.00
C ASP A 135 -3.21 14.01 -3.58
N GLU A 136 -2.76 15.25 -3.41
CA GLU A 136 -2.91 16.00 -2.17
C GLU A 136 -4.40 16.14 -1.74
N ASN A 137 -5.36 16.00 -2.66
CA ASN A 137 -6.80 15.98 -2.32
C ASN A 137 -7.27 14.60 -1.85
N GLY A 138 -6.43 13.57 -1.92
CA GLY A 138 -6.83 12.18 -1.71
C GLY A 138 -7.57 11.59 -2.92
N LYS A 139 -7.47 12.24 -4.09
CA LYS A 139 -8.04 11.73 -5.32
C LYS A 139 -7.11 10.64 -5.83
N VAL A 140 -7.65 9.50 -6.25
CA VAL A 140 -6.89 8.37 -6.76
C VAL A 140 -6.31 8.77 -8.12
N VAL A 141 -4.99 8.93 -8.18
CA VAL A 141 -4.24 9.25 -9.39
C VAL A 141 -3.99 7.98 -10.20
N TYR A 142 -3.75 6.87 -9.51
CA TYR A 142 -3.47 5.57 -10.10
C TYR A 142 -3.96 4.50 -9.13
N ALA A 143 -4.46 3.39 -9.65
CA ALA A 143 -4.78 2.20 -8.89
C ALA A 143 -4.55 0.99 -9.79
N GLU A 144 -3.87 -0.04 -9.29
CA GLU A 144 -3.77 -1.33 -9.96
C GLU A 144 -3.67 -2.41 -8.88
N TYR A 145 -4.41 -3.50 -9.11
CA TYR A 145 -4.45 -4.67 -8.27
C TYR A 145 -3.64 -5.73 -9.02
N VAL A 146 -2.53 -6.20 -8.46
CA VAL A 146 -1.78 -7.27 -9.11
C VAL A 146 -2.67 -8.52 -9.07
N SER A 147 -2.87 -9.15 -10.23
CA SER A 147 -3.87 -10.21 -10.37
C SER A 147 -3.51 -11.50 -9.63
N GLU A 148 -2.32 -11.63 -9.04
CA GLU A 148 -1.98 -12.72 -8.14
C GLU A 148 -1.15 -12.15 -7.01
N ALA A 149 -1.66 -12.20 -5.77
CA ALA A 149 -1.02 -11.54 -4.63
C ALA A 149 0.35 -12.13 -4.30
N THR A 150 0.58 -13.41 -4.63
CA THR A 150 1.85 -14.09 -4.42
C THR A 150 2.95 -13.48 -5.31
N ASN A 151 2.58 -12.85 -6.42
CA ASN A 151 3.49 -12.21 -7.37
C ASN A 151 3.46 -10.70 -7.10
N HIS A 152 4.62 -10.08 -6.88
CA HIS A 152 4.67 -8.68 -6.46
C HIS A 152 4.29 -7.68 -7.58
N PRO A 153 3.70 -6.51 -7.24
CA PRO A 153 3.45 -5.41 -8.17
C PRO A 153 4.78 -4.77 -8.57
N ASN A 154 4.82 -3.99 -9.67
CA ASN A 154 6.04 -3.30 -10.08
C ASN A 154 5.98 -1.87 -9.56
N TYR A 155 6.96 -1.48 -8.73
CA TYR A 155 7.10 -0.15 -8.15
C TYR A 155 7.14 0.96 -9.21
N GLU A 156 7.61 0.66 -10.41
CA GLU A 156 7.74 1.67 -11.48
C GLU A 156 6.39 2.28 -11.84
N LYS A 157 5.29 1.50 -11.79
CA LYS A 157 4.00 2.01 -12.26
C LYS A 157 3.49 3.17 -11.39
N PRO A 158 3.38 3.04 -10.05
CA PRO A 158 2.94 4.15 -9.22
C PRO A 158 4.00 5.26 -9.15
N ILE A 159 5.30 4.94 -9.25
CA ILE A 159 6.33 5.96 -9.41
C ILE A 159 6.01 6.84 -10.60
N GLU A 160 5.71 6.27 -11.77
CA GLU A 160 5.46 7.04 -12.98
C GLU A 160 4.21 7.92 -12.84
N ALA A 161 3.22 7.47 -12.07
CA ALA A 161 2.06 8.30 -11.74
C ALA A 161 2.44 9.48 -10.85
N ALA A 162 3.21 9.22 -9.79
CA ALA A 162 3.56 10.23 -8.80
C ALA A 162 4.55 11.25 -9.33
N LYS A 163 5.61 10.80 -10.02
CA LYS A 163 6.66 11.67 -10.56
C LYS A 163 6.08 12.73 -11.51
N ALA A 164 4.97 12.40 -12.18
CA ALA A 164 4.27 13.31 -13.07
C ALA A 164 3.68 14.53 -12.33
N LEU A 165 3.32 14.38 -11.05
CA LEU A 165 2.56 15.39 -10.32
C LEU A 165 3.40 16.21 -9.35
N VAL A 166 4.48 15.63 -8.81
CA VAL A 166 5.36 16.31 -7.85
C VAL A 166 6.20 17.43 -8.50
N LYS A 167 6.22 17.53 -9.84
CA LYS A 167 6.92 18.57 -10.58
C LYS A 167 6.46 19.95 -10.11
N MET A 1 -16.61 -5.49 -9.00
CA MET A 1 -15.53 -5.91 -8.07
C MET A 1 -14.34 -6.45 -8.87
N ALA A 2 -13.11 -6.25 -8.37
CA ALA A 2 -11.90 -6.70 -9.06
C ALA A 2 -11.81 -8.22 -9.15
N GLU A 3 -12.40 -8.94 -8.18
CA GLU A 3 -12.52 -10.40 -8.12
C GLU A 3 -11.17 -11.08 -8.45
N ILE A 4 -10.20 -10.85 -7.56
CA ILE A 4 -8.89 -11.46 -7.55
C ILE A 4 -9.04 -13.00 -7.56
N THR A 5 -8.02 -13.70 -8.03
CA THR A 5 -7.94 -15.16 -8.01
C THR A 5 -6.80 -15.57 -7.07
N PHE A 6 -7.10 -16.46 -6.13
CA PHE A 6 -6.16 -16.94 -5.11
C PHE A 6 -5.31 -18.09 -5.66
N LYS A 7 -4.85 -17.95 -6.91
CA LYS A 7 -4.13 -18.95 -7.70
C LYS A 7 -4.69 -20.37 -7.50
N GLY A 8 -5.97 -20.54 -7.83
CA GLY A 8 -6.68 -21.80 -7.67
C GLY A 8 -8.20 -21.62 -7.82
N GLY A 9 -8.70 -20.41 -7.56
CA GLY A 9 -10.10 -20.04 -7.73
C GLY A 9 -10.31 -18.57 -7.37
N PRO A 10 -11.49 -18.00 -7.68
CA PRO A 10 -11.79 -16.61 -7.39
C PRO A 10 -11.97 -16.38 -5.88
N VAL A 11 -11.75 -15.13 -5.45
CA VAL A 11 -12.03 -14.63 -4.12
C VAL A 11 -12.66 -13.24 -4.27
N THR A 12 -13.25 -12.73 -3.19
CA THR A 12 -14.08 -11.53 -3.19
C THR A 12 -13.43 -10.46 -2.32
N LEU A 13 -13.81 -9.20 -2.51
CA LEU A 13 -13.27 -8.03 -1.83
C LEU A 13 -14.45 -7.30 -1.21
N VAL A 14 -14.26 -6.75 -0.01
CA VAL A 14 -15.36 -6.12 0.73
C VAL A 14 -15.77 -4.81 0.05
N GLY A 15 -14.88 -3.82 0.03
CA GLY A 15 -15.10 -2.56 -0.66
C GLY A 15 -14.97 -2.73 -2.18
N GLN A 16 -15.43 -1.73 -2.92
CA GLN A 16 -15.32 -1.70 -4.37
C GLN A 16 -13.87 -1.46 -4.79
N GLU A 17 -13.60 -1.73 -6.06
CA GLU A 17 -12.35 -1.33 -6.71
C GLU A 17 -12.44 0.19 -6.80
N VAL A 18 -11.52 0.89 -6.14
CA VAL A 18 -11.31 2.33 -6.29
C VAL A 18 -10.57 2.54 -7.62
N LYS A 19 -10.70 3.72 -8.24
CA LYS A 19 -10.16 3.98 -9.57
C LYS A 19 -9.38 5.29 -9.56
N VAL A 20 -8.56 5.48 -10.59
CA VAL A 20 -7.86 6.73 -10.83
C VAL A 20 -8.90 7.84 -11.03
N GLY A 21 -8.58 9.05 -10.57
CA GLY A 21 -9.41 10.22 -10.73
C GLY A 21 -10.60 10.24 -9.76
N ASP A 22 -10.56 9.46 -8.68
CA ASP A 22 -11.53 9.54 -7.59
C ASP A 22 -10.78 9.90 -6.31
N GLN A 23 -11.47 10.50 -5.34
CA GLN A 23 -10.95 10.70 -4.00
C GLN A 23 -10.79 9.32 -3.38
N ALA A 24 -9.64 9.11 -2.75
CA ALA A 24 -9.39 7.91 -2.00
C ALA A 24 -10.35 7.80 -0.80
N PRO A 25 -10.56 6.59 -0.23
CA PRO A 25 -11.47 6.36 0.89
C PRO A 25 -11.22 7.22 2.14
N ASP A 26 -9.96 7.63 2.38
CA ASP A 26 -9.48 8.30 3.59
C ASP A 26 -9.97 7.67 4.90
N PHE A 27 -9.19 6.66 5.35
CA PHE A 27 -9.33 6.02 6.65
C PHE A 27 -7.98 6.04 7.36
N THR A 28 -7.88 5.36 8.50
CA THR A 28 -6.76 5.43 9.42
C THR A 28 -6.12 4.06 9.60
N VAL A 29 -4.81 4.06 9.90
CA VAL A 29 -3.96 2.92 10.20
C VAL A 29 -3.08 3.32 11.39
N LEU A 30 -2.43 2.36 12.05
CA LEU A 30 -1.40 2.68 13.03
C LEU A 30 -0.08 2.72 12.30
N THR A 31 0.74 3.73 12.58
CA THR A 31 2.11 3.73 12.10
C THR A 31 2.87 2.59 12.80
N ASN A 32 4.03 2.17 12.29
CA ASN A 32 4.90 1.27 13.06
C ASN A 32 5.47 2.00 14.30
N SER A 33 5.30 3.33 14.40
CA SER A 33 5.67 4.18 15.52
C SER A 33 4.59 4.14 16.62
N LEU A 34 3.54 3.32 16.44
CA LEU A 34 2.46 3.05 17.38
C LEU A 34 1.56 4.29 17.57
N GLU A 35 1.40 5.13 16.55
CA GLU A 35 0.49 6.27 16.59
C GLU A 35 -0.35 6.29 15.31
N GLU A 36 -1.63 6.63 15.43
CA GLU A 36 -2.56 6.70 14.31
C GLU A 36 -2.06 7.68 13.23
N LYS A 37 -2.26 7.29 11.97
CA LYS A 37 -2.00 8.10 10.77
C LYS A 37 -3.14 7.78 9.79
N SER A 38 -3.59 8.79 9.05
CA SER A 38 -4.74 8.68 8.15
C SER A 38 -4.36 9.23 6.79
N LEU A 39 -5.09 8.88 5.74
CA LEU A 39 -4.79 9.36 4.38
C LEU A 39 -4.78 10.89 4.34
N ALA A 40 -5.63 11.56 5.13
CA ALA A 40 -5.65 13.02 5.26
C ALA A 40 -4.29 13.61 5.65
N ASP A 41 -3.46 12.86 6.38
CA ASP A 41 -2.09 13.23 6.72
C ASP A 41 -1.16 12.99 5.53
N MET A 42 -1.37 11.87 4.85
CA MET A 42 -0.61 11.45 3.67
C MET A 42 -0.76 12.44 2.52
N LYS A 43 -1.88 13.17 2.44
CA LYS A 43 -2.11 14.25 1.48
C LYS A 43 -1.03 15.33 1.52
N GLY A 44 -0.19 15.39 2.56
CA GLY A 44 0.93 16.31 2.65
C GLY A 44 1.93 16.17 1.50
N LYS A 45 2.00 15.03 0.81
CA LYS A 45 2.92 14.82 -0.31
C LYS A 45 2.33 13.84 -1.32
N VAL A 46 2.76 13.91 -2.59
CA VAL A 46 2.45 12.89 -3.58
C VAL A 46 2.95 11.59 -2.97
N THR A 47 2.04 10.64 -2.74
CA THR A 47 2.31 9.47 -1.95
C THR A 47 2.10 8.22 -2.80
N ILE A 48 2.87 7.17 -2.51
CA ILE A 48 2.69 5.82 -3.04
C ILE A 48 2.41 4.96 -1.81
N ILE A 49 1.59 3.91 -1.93
CA ILE A 49 1.35 2.95 -0.87
C ILE A 49 1.52 1.55 -1.46
N SER A 50 2.18 0.67 -0.70
CA SER A 50 2.35 -0.74 -1.01
C SER A 50 1.56 -1.54 0.02
N VAL A 51 0.37 -1.99 -0.35
CA VAL A 51 -0.43 -2.84 0.50
C VAL A 51 0.08 -4.28 0.31
N ILE A 52 0.44 -4.97 1.39
CA ILE A 52 0.95 -6.35 1.36
C ILE A 52 0.22 -7.16 2.45
N PRO A 53 0.12 -8.50 2.33
CA PRO A 53 -0.48 -9.34 3.36
C PRO A 53 0.17 -9.12 4.73
N SER A 54 1.49 -9.33 4.80
CA SER A 54 2.31 -9.30 6.01
C SER A 54 3.72 -8.91 5.56
N ILE A 55 4.55 -8.38 6.46
CA ILE A 55 5.91 -7.97 6.05
C ILE A 55 6.88 -9.17 6.04
N ASP A 56 6.43 -10.35 6.49
CA ASP A 56 7.17 -11.61 6.39
C ASP A 56 7.08 -12.23 4.98
N THR A 57 6.33 -11.64 4.06
CA THR A 57 5.98 -12.23 2.76
C THR A 57 7.18 -12.47 1.81
N GLY A 58 8.33 -11.84 2.05
CA GLY A 58 9.51 -11.95 1.20
C GLY A 58 9.40 -11.03 -0.01
N VAL A 59 8.29 -11.08 -0.74
CA VAL A 59 7.97 -10.12 -1.81
C VAL A 59 7.77 -8.69 -1.27
N CYS A 60 7.73 -8.52 0.05
CA CYS A 60 7.79 -7.22 0.71
C CYS A 60 9.06 -6.49 0.26
N ASP A 61 10.18 -7.20 0.06
CA ASP A 61 11.45 -6.65 -0.41
C ASP A 61 11.32 -6.04 -1.80
N ALA A 62 10.67 -6.78 -2.70
CA ALA A 62 10.39 -6.37 -4.08
C ALA A 62 9.40 -5.19 -4.15
N GLN A 63 8.92 -4.71 -3.01
CA GLN A 63 8.04 -3.57 -2.89
C GLN A 63 8.75 -2.57 -1.97
N THR A 64 8.59 -2.65 -0.65
CA THR A 64 9.07 -1.68 0.33
C THR A 64 10.54 -1.28 0.15
N ARG A 65 11.48 -2.23 -0.01
CA ARG A 65 12.90 -1.86 -0.11
C ARG A 65 13.18 -1.23 -1.47
N ARG A 66 12.60 -1.77 -2.53
CA ARG A 66 12.78 -1.18 -3.86
C ARG A 66 12.14 0.21 -3.91
N PHE A 67 10.99 0.42 -3.27
CA PHE A 67 10.40 1.74 -3.09
C PHE A 67 11.33 2.67 -2.31
N ASN A 68 12.11 2.18 -1.33
CA ASN A 68 13.02 3.03 -0.56
C ASN A 68 14.04 3.68 -1.47
N GLU A 69 14.72 2.88 -2.31
CA GLU A 69 15.71 3.43 -3.22
C GLU A 69 15.02 4.28 -4.30
N GLU A 70 13.89 3.84 -4.87
CA GLU A 70 13.22 4.61 -5.91
C GLU A 70 12.73 5.96 -5.38
N ALA A 71 12.26 6.02 -4.13
CA ALA A 71 11.79 7.26 -3.52
C ALA A 71 12.92 8.26 -3.28
N ALA A 72 14.19 7.80 -3.22
CA ALA A 72 15.33 8.70 -3.22
C ALA A 72 15.65 9.19 -4.64
N LYS A 73 15.44 8.35 -5.65
CA LYS A 73 15.71 8.69 -7.05
C LYS A 73 14.67 9.70 -7.56
N LEU A 74 13.39 9.51 -7.22
CA LEU A 74 12.34 10.50 -7.44
C LEU A 74 12.68 11.74 -6.62
N GLY A 75 12.49 12.91 -7.23
CA GLY A 75 12.95 14.19 -6.70
C GLY A 75 12.19 14.63 -5.45
N ASP A 76 10.88 14.38 -5.37
CA ASP A 76 10.02 14.86 -4.30
C ASP A 76 8.77 13.98 -4.19
N VAL A 77 8.92 12.82 -3.55
CA VAL A 77 7.82 11.86 -3.34
C VAL A 77 7.83 11.42 -1.88
N ASN A 78 6.80 10.69 -1.48
CA ASN A 78 6.64 10.04 -0.20
C ASN A 78 6.09 8.64 -0.48
N VAL A 79 6.47 7.62 0.29
CA VAL A 79 5.94 6.27 0.13
C VAL A 79 5.63 5.66 1.51
N TYR A 80 4.66 4.75 1.54
CA TYR A 80 4.30 3.96 2.72
C TYR A 80 4.09 2.50 2.29
N THR A 81 3.94 1.63 3.30
CA THR A 81 3.53 0.25 3.13
C THR A 81 2.48 -0.02 4.22
N ILE A 82 1.50 -0.90 3.97
CA ILE A 82 0.44 -1.25 4.91
C ILE A 82 0.37 -2.78 4.94
N SER A 83 0.21 -3.35 6.15
CA SER A 83 0.17 -4.80 6.36
C SER A 83 -0.94 -5.18 7.34
N ALA A 84 -1.45 -6.42 7.21
CA ALA A 84 -2.35 -7.06 8.17
C ALA A 84 -1.48 -7.81 9.20
N ASP A 85 -0.45 -7.13 9.70
CA ASP A 85 0.62 -7.70 10.50
C ASP A 85 0.96 -6.71 11.61
N LEU A 86 1.78 -7.10 12.58
CA LEU A 86 1.99 -6.35 13.81
C LEU A 86 2.96 -5.18 13.57
N PRO A 87 2.77 -4.03 14.24
CA PRO A 87 3.58 -2.85 14.01
C PRO A 87 5.06 -3.06 14.36
N PHE A 88 5.39 -3.89 15.34
CA PHE A 88 6.79 -4.16 15.64
C PHE A 88 7.45 -5.01 14.55
N ALA A 89 6.70 -5.86 13.85
CA ALA A 89 7.21 -6.58 12.69
C ALA A 89 7.50 -5.59 11.58
N GLN A 90 6.55 -4.67 11.31
CA GLN A 90 6.74 -3.58 10.36
C GLN A 90 8.00 -2.76 10.70
N ALA A 91 8.20 -2.42 11.98
CA ALA A 91 9.33 -1.62 12.43
C ALA A 91 10.65 -2.37 12.22
N ARG A 92 10.75 -3.60 12.72
CA ARG A 92 12.04 -4.29 12.77
C ARG A 92 12.52 -4.65 11.36
N TRP A 93 11.60 -4.96 10.44
CA TRP A 93 11.95 -5.25 9.06
C TRP A 93 12.56 -4.00 8.41
N CYS A 94 11.98 -2.82 8.65
CA CYS A 94 12.53 -1.57 8.15
C CYS A 94 13.90 -1.27 8.78
N GLY A 95 14.04 -1.48 10.08
CA GLY A 95 15.30 -1.26 10.78
C GLY A 95 16.42 -2.17 10.27
N ALA A 96 16.10 -3.43 9.98
CA ALA A 96 17.06 -4.41 9.46
C ALA A 96 17.54 -4.00 8.07
N ASN A 97 16.60 -3.59 7.21
CA ASN A 97 16.89 -3.22 5.82
C ASN A 97 17.54 -1.83 5.71
N GLY A 98 17.31 -0.94 6.68
CA GLY A 98 17.83 0.43 6.67
C GLY A 98 16.91 1.35 5.87
N ILE A 99 15.60 1.09 5.88
CA ILE A 99 14.60 1.89 5.18
C ILE A 99 14.51 3.24 5.89
N ASP A 100 14.27 4.30 5.11
CA ASP A 100 14.06 5.67 5.60
C ASP A 100 13.10 6.48 4.73
N LYS A 101 13.11 6.26 3.41
CA LYS A 101 12.24 6.96 2.47
C LYS A 101 10.83 6.37 2.45
N VAL A 102 10.64 5.17 2.98
CA VAL A 102 9.32 4.56 3.20
C VAL A 102 9.11 4.50 4.72
N GLU A 103 7.85 4.40 5.15
CA GLU A 103 7.49 4.11 6.53
C GLU A 103 6.39 3.05 6.48
N THR A 104 6.49 2.03 7.33
CA THR A 104 5.58 0.90 7.34
C THR A 104 4.45 1.17 8.34
N LEU A 105 3.25 0.70 8.03
CA LEU A 105 2.00 0.99 8.74
C LEU A 105 1.23 -0.33 8.89
N SER A 106 0.21 -0.34 9.75
CA SER A 106 -0.48 -1.56 10.17
C SER A 106 -1.99 -1.30 10.18
N ASP A 107 -2.78 -2.22 9.61
CA ASP A 107 -4.23 -2.06 9.45
C ASP A 107 -5.00 -3.21 10.10
N HIS A 108 -4.33 -4.23 10.64
CA HIS A 108 -5.00 -5.35 11.32
C HIS A 108 -5.90 -4.87 12.48
N ARG A 109 -5.58 -3.70 13.06
CA ARG A 109 -6.26 -3.16 14.24
C ARG A 109 -7.70 -2.72 13.96
N ASP A 110 -8.04 -2.39 12.72
CA ASP A 110 -9.35 -1.78 12.40
C ASP A 110 -9.86 -2.11 10.98
N MET A 111 -8.95 -2.50 10.08
CA MET A 111 -9.15 -2.87 8.69
C MET A 111 -9.87 -1.87 7.78
N SER A 112 -10.30 -0.71 8.27
CA SER A 112 -11.12 0.21 7.48
C SER A 112 -10.42 0.67 6.19
N PHE A 113 -9.10 0.87 6.24
CA PHE A 113 -8.33 1.35 5.09
C PHE A 113 -8.39 0.30 3.97
N GLY A 114 -7.97 -0.94 4.27
CA GLY A 114 -7.89 -2.00 3.28
C GLY A 114 -9.27 -2.49 2.85
N GLU A 115 -10.25 -2.45 3.76
CA GLU A 115 -11.63 -2.77 3.46
C GLU A 115 -12.13 -1.82 2.38
N ALA A 116 -12.00 -0.51 2.60
CA ALA A 116 -12.62 0.49 1.77
C ALA A 116 -11.89 0.67 0.44
N PHE A 117 -10.57 0.47 0.40
CA PHE A 117 -9.82 0.49 -0.86
C PHE A 117 -10.09 -0.76 -1.72
N GLY A 118 -10.88 -1.72 -1.24
CA GLY A 118 -11.20 -2.93 -1.96
C GLY A 118 -9.97 -3.83 -2.10
N VAL A 119 -9.24 -4.07 -1.01
CA VAL A 119 -8.05 -4.93 -0.98
C VAL A 119 -8.11 -5.92 0.18
N TYR A 120 -9.00 -5.73 1.17
CA TYR A 120 -9.27 -6.73 2.19
C TYR A 120 -10.08 -7.84 1.52
N ILE A 121 -9.47 -9.01 1.38
CA ILE A 121 -10.07 -10.14 0.68
C ILE A 121 -11.07 -10.77 1.65
N LYS A 122 -12.36 -10.67 1.33
CA LYS A 122 -13.48 -11.12 2.14
C LYS A 122 -13.34 -12.59 2.53
N GLU A 123 -12.83 -13.41 1.61
CA GLU A 123 -12.76 -14.86 1.76
C GLU A 123 -11.55 -15.31 2.61
N LEU A 124 -10.67 -14.38 3.00
CA LEU A 124 -9.41 -14.70 3.70
C LEU A 124 -9.18 -13.82 4.92
N ARG A 125 -9.84 -12.66 4.98
CA ARG A 125 -9.55 -11.60 5.96
C ARG A 125 -8.05 -11.25 5.89
N LEU A 126 -7.50 -11.17 4.68
CA LEU A 126 -6.08 -10.88 4.42
C LEU A 126 -6.02 -9.85 3.29
N LEU A 127 -4.97 -9.04 3.22
CA LEU A 127 -4.84 -7.98 2.23
C LEU A 127 -4.30 -8.53 0.91
N ALA A 128 -4.82 -8.02 -0.19
CA ALA A 128 -4.29 -8.24 -1.53
C ALA A 128 -2.91 -7.59 -1.67
N ARG A 129 -1.98 -8.24 -2.37
CA ARG A 129 -0.71 -7.62 -2.76
C ARG A 129 -1.09 -6.57 -3.80
N SER A 130 -1.00 -5.28 -3.47
CA SER A 130 -1.55 -4.22 -4.30
C SER A 130 -0.81 -2.89 -4.07
N VAL A 131 -0.99 -1.91 -4.96
CA VAL A 131 -0.32 -0.60 -4.83
C VAL A 131 -1.28 0.50 -5.26
N PHE A 132 -1.05 1.69 -4.71
CA PHE A 132 -1.81 2.89 -5.02
C PHE A 132 -0.87 4.09 -5.07
N VAL A 133 -1.26 5.14 -5.79
CA VAL A 133 -0.57 6.42 -5.82
C VAL A 133 -1.64 7.49 -5.60
N LEU A 134 -1.27 8.55 -4.86
CA LEU A 134 -2.17 9.55 -4.34
C LEU A 134 -1.54 10.92 -4.60
N ASP A 135 -2.28 11.80 -5.24
CA ASP A 135 -1.91 13.21 -5.40
C ASP A 135 -2.06 13.91 -4.04
N GLU A 136 -1.50 15.12 -3.90
CA GLU A 136 -1.64 15.93 -2.69
C GLU A 136 -3.10 16.33 -2.40
N ASN A 137 -4.02 16.23 -3.37
CA ASN A 137 -5.46 16.38 -3.11
C ASN A 137 -6.07 15.12 -2.50
N GLY A 138 -5.37 14.00 -2.46
CA GLY A 138 -5.92 12.69 -2.10
C GLY A 138 -6.71 12.05 -3.23
N LYS A 139 -6.52 12.50 -4.47
CA LYS A 139 -7.08 11.82 -5.64
C LYS A 139 -6.16 10.65 -5.94
N VAL A 140 -6.74 9.51 -6.30
CA VAL A 140 -5.98 8.35 -6.73
C VAL A 140 -5.44 8.65 -8.12
N VAL A 141 -4.15 8.34 -8.32
CA VAL A 141 -3.39 8.63 -9.54
C VAL A 141 -3.08 7.32 -10.27
N TYR A 142 -2.98 6.22 -9.53
CA TYR A 142 -2.80 4.87 -10.04
C TYR A 142 -3.35 3.92 -8.98
N ALA A 143 -3.92 2.80 -9.41
CA ALA A 143 -4.36 1.71 -8.53
C ALA A 143 -4.10 0.39 -9.25
N GLU A 144 -3.70 -0.64 -8.51
CA GLU A 144 -3.45 -2.00 -8.98
C GLU A 144 -3.76 -2.94 -7.82
N TYR A 145 -4.26 -4.14 -8.16
CA TYR A 145 -4.84 -5.11 -7.23
C TYR A 145 -4.22 -6.50 -7.40
N VAL A 146 -3.52 -6.73 -8.52
CA VAL A 146 -2.91 -7.97 -8.98
C VAL A 146 -3.87 -9.17 -8.96
N SER A 147 -4.32 -9.57 -10.15
CA SER A 147 -5.31 -10.64 -10.33
C SER A 147 -4.85 -11.98 -9.75
N GLU A 148 -3.54 -12.24 -9.68
CA GLU A 148 -2.99 -13.39 -8.99
C GLU A 148 -2.64 -12.94 -7.57
N ALA A 149 -3.42 -13.33 -6.56
CA ALA A 149 -3.20 -12.90 -5.18
C ALA A 149 -1.80 -13.24 -4.66
N THR A 150 -1.21 -14.32 -5.17
CA THR A 150 0.10 -14.85 -4.79
C THR A 150 1.26 -14.00 -5.32
N ASN A 151 1.00 -13.09 -6.25
CA ASN A 151 2.00 -12.34 -7.02
C ASN A 151 2.00 -10.88 -6.58
N HIS A 152 3.10 -10.16 -6.78
CA HIS A 152 3.26 -8.78 -6.31
C HIS A 152 3.19 -7.81 -7.51
N PRO A 153 2.77 -6.55 -7.28
CA PRO A 153 2.84 -5.52 -8.31
C PRO A 153 4.31 -5.18 -8.59
N ASN A 154 4.62 -4.74 -9.81
CA ASN A 154 5.94 -4.21 -10.13
C ASN A 154 5.97 -2.75 -9.67
N TYR A 155 6.87 -2.43 -8.73
CA TYR A 155 7.06 -1.10 -8.16
C TYR A 155 7.29 -0.02 -9.23
N GLU A 156 7.80 -0.38 -10.41
CA GLU A 156 8.02 0.57 -11.50
C GLU A 156 6.70 1.23 -11.92
N LYS A 157 5.57 0.50 -11.91
CA LYS A 157 4.30 1.02 -12.42
C LYS A 157 3.82 2.22 -11.58
N PRO A 158 3.69 2.13 -10.25
CA PRO A 158 3.37 3.29 -9.44
C PRO A 158 4.49 4.34 -9.44
N ILE A 159 5.77 3.97 -9.62
CA ILE A 159 6.83 4.97 -9.80
C ILE A 159 6.53 5.83 -11.01
N GLU A 160 6.15 5.25 -12.14
CA GLU A 160 5.89 6.01 -13.37
C GLU A 160 4.69 6.94 -13.18
N ALA A 161 3.70 6.52 -12.38
CA ALA A 161 2.57 7.38 -12.05
C ALA A 161 3.02 8.56 -11.18
N ALA A 162 3.79 8.28 -10.14
CA ALA A 162 4.21 9.28 -9.17
C ALA A 162 5.17 10.28 -9.81
N LYS A 163 6.20 9.80 -10.53
CA LYS A 163 7.22 10.68 -11.11
C LYS A 163 6.61 11.66 -12.12
N ALA A 164 5.50 11.29 -12.79
CA ALA A 164 4.78 12.18 -13.67
C ALA A 164 4.24 13.41 -12.92
N LEU A 165 3.90 13.27 -11.63
CA LEU A 165 3.44 14.37 -10.78
C LEU A 165 4.61 15.08 -10.10
N VAL A 166 5.75 14.41 -9.91
CA VAL A 166 6.98 15.03 -9.42
C VAL A 166 7.48 16.10 -10.42
N LYS A 167 7.18 15.96 -11.72
CA LYS A 167 7.53 16.95 -12.76
C LYS A 167 7.11 18.36 -12.33
N MET A 1 -16.82 -7.02 -7.90
CA MET A 1 -15.87 -6.01 -7.39
C MET A 1 -14.43 -6.41 -7.75
N ALA A 2 -13.77 -7.27 -6.97
CA ALA A 2 -12.44 -7.81 -7.25
C ALA A 2 -12.40 -9.26 -6.78
N GLU A 3 -11.50 -10.04 -7.35
CA GLU A 3 -11.22 -11.42 -7.01
C GLU A 3 -9.76 -11.65 -7.42
N ILE A 4 -9.04 -12.46 -6.65
CA ILE A 4 -7.60 -12.67 -6.77
C ILE A 4 -7.40 -14.18 -6.54
N THR A 5 -6.39 -14.80 -7.15
CA THR A 5 -6.06 -16.20 -6.88
C THR A 5 -4.99 -16.28 -5.78
N PHE A 6 -4.99 -17.40 -5.06
CA PHE A 6 -4.01 -17.72 -4.03
C PHE A 6 -3.17 -18.91 -4.52
N LYS A 7 -2.81 -18.89 -5.80
CA LYS A 7 -2.03 -19.90 -6.52
C LYS A 7 -2.50 -21.34 -6.20
N GLY A 8 -3.74 -21.60 -6.56
CA GLY A 8 -4.40 -22.89 -6.34
C GLY A 8 -5.91 -22.79 -6.56
N GLY A 9 -6.45 -21.58 -6.36
CA GLY A 9 -7.86 -21.25 -6.61
C GLY A 9 -8.11 -19.78 -6.29
N PRO A 10 -9.31 -19.26 -6.58
CA PRO A 10 -9.70 -17.90 -6.23
C PRO A 10 -9.88 -17.74 -4.72
N VAL A 11 -9.77 -16.50 -4.25
CA VAL A 11 -10.09 -16.09 -2.89
C VAL A 11 -10.86 -14.76 -2.98
N THR A 12 -11.92 -14.66 -2.18
CA THR A 12 -12.85 -13.55 -2.18
C THR A 12 -12.21 -12.32 -1.53
N LEU A 13 -12.67 -11.13 -1.89
CA LEU A 13 -12.21 -9.83 -1.41
C LEU A 13 -13.41 -9.13 -0.80
N VAL A 14 -13.24 -8.46 0.35
CA VAL A 14 -14.26 -7.58 0.88
C VAL A 14 -14.22 -6.24 0.12
N GLY A 15 -15.01 -5.26 0.58
CA GLY A 15 -14.94 -3.89 0.12
C GLY A 15 -15.41 -3.70 -1.31
N GLN A 16 -14.87 -2.68 -1.96
CA GLN A 16 -15.10 -2.36 -3.35
C GLN A 16 -13.76 -2.11 -4.05
N GLU A 17 -13.74 -2.31 -5.37
CA GLU A 17 -12.62 -1.86 -6.17
C GLU A 17 -12.78 -0.34 -6.30
N VAL A 18 -11.68 0.37 -6.53
CA VAL A 18 -11.64 1.82 -6.63
C VAL A 18 -10.95 2.18 -7.96
N LYS A 19 -11.29 3.33 -8.53
CA LYS A 19 -10.86 3.76 -9.86
C LYS A 19 -10.20 5.13 -9.80
N VAL A 20 -9.37 5.43 -10.81
CA VAL A 20 -8.73 6.72 -11.00
C VAL A 20 -9.82 7.80 -11.15
N GLY A 21 -9.56 8.98 -10.60
CA GLY A 21 -10.43 10.16 -10.69
C GLY A 21 -11.41 10.21 -9.53
N ASP A 22 -11.66 9.10 -8.83
CA ASP A 22 -12.53 9.05 -7.67
C ASP A 22 -11.83 9.68 -6.48
N GLN A 23 -12.62 10.28 -5.60
CA GLN A 23 -12.18 10.74 -4.30
C GLN A 23 -11.98 9.48 -3.46
N ALA A 24 -10.76 9.26 -2.96
CA ALA A 24 -10.45 8.09 -2.17
C ALA A 24 -11.26 8.06 -0.87
N PRO A 25 -11.49 6.88 -0.27
CA PRO A 25 -12.26 6.67 0.95
C PRO A 25 -11.86 7.47 2.21
N ASP A 26 -10.63 8.01 2.27
CA ASP A 26 -10.03 8.58 3.49
C ASP A 26 -10.05 7.55 4.63
N PHE A 27 -9.29 6.49 4.41
CA PHE A 27 -9.09 5.37 5.34
C PHE A 27 -8.24 5.82 6.53
N THR A 28 -8.16 4.99 7.58
CA THR A 28 -7.25 5.21 8.69
C THR A 28 -6.54 3.88 8.92
N VAL A 29 -5.30 3.91 9.38
CA VAL A 29 -4.49 2.75 9.74
C VAL A 29 -3.69 3.15 10.98
N LEU A 30 -3.08 2.17 11.64
CA LEU A 30 -2.11 2.48 12.69
C LEU A 30 -0.75 2.67 11.99
N THR A 31 0.12 3.53 12.48
CA THR A 31 1.48 3.60 12.00
C THR A 31 2.23 2.35 12.53
N ASN A 32 3.47 2.12 12.08
CA ASN A 32 4.36 1.13 12.70
C ASN A 32 4.78 1.56 14.12
N SER A 33 4.35 2.75 14.59
CA SER A 33 4.74 3.38 15.83
C SER A 33 3.53 3.60 16.75
N LEU A 34 2.42 2.89 16.48
CA LEU A 34 1.25 2.79 17.34
C LEU A 34 0.54 4.15 17.51
N GLU A 35 0.38 4.91 16.42
CA GLU A 35 -0.46 6.11 16.37
C GLU A 35 -1.41 5.95 15.18
N GLU A 36 -2.57 6.59 15.18
CA GLU A 36 -3.44 6.57 14.00
C GLU A 36 -2.89 7.53 12.95
N LYS A 37 -3.00 7.15 11.68
CA LYS A 37 -2.66 7.96 10.51
C LYS A 37 -3.70 7.64 9.43
N SER A 38 -4.04 8.62 8.60
CA SER A 38 -5.09 8.50 7.60
C SER A 38 -4.68 9.24 6.34
N LEU A 39 -5.37 9.01 5.23
CA LEU A 39 -5.08 9.71 3.98
C LEU A 39 -5.18 11.23 4.16
N ALA A 40 -6.09 11.73 5.01
CA ALA A 40 -6.18 13.14 5.34
C ALA A 40 -4.85 13.72 5.86
N ASP A 41 -4.04 12.91 6.53
CA ASP A 41 -2.72 13.30 7.00
C ASP A 41 -1.68 13.24 5.88
N MET A 42 -1.82 12.26 5.00
CA MET A 42 -0.85 11.95 3.95
C MET A 42 -0.97 12.91 2.77
N LYS A 43 -2.19 13.35 2.42
CA LYS A 43 -2.48 14.10 1.20
C LYS A 43 -1.80 15.46 1.12
N GLY A 44 -1.09 15.89 2.17
CA GLY A 44 -0.22 17.05 2.13
C GLY A 44 0.84 16.94 1.02
N LYS A 45 1.12 15.75 0.49
CA LYS A 45 1.94 15.53 -0.70
C LYS A 45 1.30 14.44 -1.56
N VAL A 46 1.74 14.33 -2.81
CA VAL A 46 1.40 13.22 -3.69
C VAL A 46 1.94 11.98 -2.98
N THR A 47 1.10 10.96 -2.80
CA THR A 47 1.43 9.82 -1.95
C THR A 47 1.16 8.52 -2.71
N ILE A 48 2.08 7.57 -2.60
CA ILE A 48 1.93 6.19 -3.08
C ILE A 48 1.57 5.35 -1.85
N ILE A 49 0.69 4.37 -2.02
CA ILE A 49 0.33 3.37 -1.03
C ILE A 49 0.67 2.01 -1.64
N SER A 50 1.41 1.20 -0.91
CA SER A 50 2.02 -0.03 -1.41
C SER A 50 1.58 -1.18 -0.50
N VAL A 51 0.57 -1.92 -0.94
CA VAL A 51 -0.08 -2.93 -0.12
C VAL A 51 0.70 -4.25 -0.23
N ILE A 52 0.93 -4.91 0.90
CA ILE A 52 1.51 -6.24 0.99
C ILE A 52 0.72 -7.03 2.06
N PRO A 53 0.68 -8.38 2.02
CA PRO A 53 0.00 -9.16 3.04
C PRO A 53 0.70 -9.02 4.39
N SER A 54 2.01 -9.27 4.41
CA SER A 54 2.84 -9.28 5.61
C SER A 54 4.27 -8.93 5.19
N ILE A 55 5.07 -8.47 6.14
CA ILE A 55 6.38 -7.86 5.90
C ILE A 55 7.55 -8.78 6.28
N ASP A 56 7.32 -10.10 6.19
CA ASP A 56 8.36 -11.12 6.38
C ASP A 56 8.24 -12.18 5.27
N THR A 57 7.52 -11.87 4.20
CA THR A 57 7.21 -12.81 3.13
C THR A 57 8.35 -12.95 2.11
N GLY A 58 9.38 -12.11 2.19
CA GLY A 58 10.44 -12.00 1.20
C GLY A 58 9.97 -11.19 0.01
N VAL A 59 8.81 -11.52 -0.56
CA VAL A 59 8.20 -10.79 -1.67
C VAL A 59 7.88 -9.34 -1.26
N CYS A 60 7.68 -9.06 0.04
CA CYS A 60 7.57 -7.71 0.58
C CYS A 60 8.74 -6.80 0.13
N ASP A 61 9.94 -7.35 -0.06
CA ASP A 61 11.13 -6.62 -0.51
C ASP A 61 10.89 -5.99 -1.88
N ALA A 62 10.29 -6.75 -2.79
CA ALA A 62 10.04 -6.35 -4.17
C ALA A 62 9.01 -5.22 -4.30
N GLN A 63 8.56 -4.66 -3.17
CA GLN A 63 7.77 -3.45 -3.10
C GLN A 63 8.50 -2.52 -2.14
N THR A 64 8.39 -2.72 -0.82
CA THR A 64 8.85 -1.78 0.21
C THR A 64 10.31 -1.36 0.04
N ARG A 65 11.25 -2.29 -0.17
CA ARG A 65 12.66 -1.94 -0.28
C ARG A 65 12.91 -1.08 -1.50
N ARG A 66 12.27 -1.43 -2.61
CA ARG A 66 12.57 -0.78 -3.88
C ARG A 66 11.83 0.54 -3.98
N PHE A 67 10.70 0.71 -3.29
CA PHE A 67 10.07 2.02 -3.14
C PHE A 67 11.01 2.95 -2.37
N ASN A 68 11.73 2.47 -1.36
CA ASN A 68 12.70 3.29 -0.63
C ASN A 68 13.79 3.80 -1.55
N GLU A 69 14.31 2.92 -2.43
CA GLU A 69 15.29 3.30 -3.42
C GLU A 69 14.68 4.31 -4.39
N GLU A 70 13.56 3.97 -5.04
CA GLU A 70 13.02 4.76 -6.13
C GLU A 70 12.52 6.11 -5.65
N ALA A 71 12.05 6.23 -4.41
CA ALA A 71 11.68 7.52 -3.83
C ALA A 71 12.91 8.43 -3.72
N ALA A 72 14.09 7.89 -3.38
CA ALA A 72 15.32 8.67 -3.37
C ALA A 72 15.72 9.07 -4.79
N LYS A 73 15.50 8.20 -5.79
CA LYS A 73 15.76 8.53 -7.19
C LYS A 73 14.83 9.62 -7.69
N LEU A 74 13.54 9.59 -7.32
CA LEU A 74 12.58 10.66 -7.62
C LEU A 74 13.02 11.96 -6.97
N GLY A 75 13.54 11.89 -5.74
CA GLY A 75 14.12 13.03 -5.03
C GLY A 75 13.07 13.74 -4.17
N ASP A 76 11.80 13.69 -4.55
CA ASP A 76 10.67 14.18 -3.77
C ASP A 76 9.44 13.37 -4.15
N VAL A 77 8.87 12.66 -3.18
CA VAL A 77 7.59 11.93 -3.27
C VAL A 77 7.18 11.65 -1.81
N ASN A 78 6.09 10.92 -1.60
CA ASN A 78 5.69 10.40 -0.29
C ASN A 78 5.18 8.99 -0.55
N VAL A 79 5.56 8.00 0.27
CA VAL A 79 5.18 6.60 0.04
C VAL A 79 4.95 5.95 1.40
N TYR A 80 4.00 5.02 1.47
CA TYR A 80 3.78 4.16 2.62
C TYR A 80 3.56 2.73 2.17
N THR A 81 3.92 1.79 3.05
CA THR A 81 3.58 0.38 2.90
C THR A 81 2.46 0.13 3.89
N ILE A 82 1.52 -0.77 3.56
CA ILE A 82 0.45 -1.16 4.47
C ILE A 82 0.43 -2.69 4.51
N SER A 83 0.37 -3.25 5.71
CA SER A 83 0.45 -4.68 5.97
C SER A 83 -0.63 -5.09 6.95
N ALA A 84 -1.12 -6.33 6.85
CA ALA A 84 -1.99 -6.96 7.84
C ALA A 84 -1.04 -7.68 8.82
N ASP A 85 -0.10 -6.92 9.38
CA ASP A 85 1.04 -7.42 10.15
C ASP A 85 1.28 -6.46 11.31
N LEU A 86 1.98 -6.89 12.35
CA LEU A 86 2.08 -6.14 13.60
C LEU A 86 2.97 -4.91 13.40
N PRO A 87 2.69 -3.78 14.09
CA PRO A 87 3.46 -2.55 13.98
C PRO A 87 4.97 -2.79 14.16
N PHE A 88 5.36 -3.61 15.15
CA PHE A 88 6.78 -3.79 15.45
C PHE A 88 7.45 -4.74 14.46
N ALA A 89 6.71 -5.68 13.86
CA ALA A 89 7.26 -6.54 12.80
C ALA A 89 7.65 -5.70 11.59
N GLN A 90 6.86 -4.66 11.29
CA GLN A 90 7.17 -3.69 10.26
C GLN A 90 8.36 -2.81 10.66
N ALA A 91 8.38 -2.29 11.90
CA ALA A 91 9.47 -1.44 12.35
C ALA A 91 10.81 -2.19 12.34
N ARG A 92 10.78 -3.50 12.65
CA ARG A 92 11.94 -4.39 12.57
C ARG A 92 12.45 -4.42 11.14
N TRP A 93 11.55 -4.66 10.17
CA TRP A 93 11.91 -4.66 8.76
C TRP A 93 12.57 -3.33 8.37
N CYS A 94 11.99 -2.19 8.79
CA CYS A 94 12.51 -0.89 8.42
C CYS A 94 13.90 -0.67 8.99
N GLY A 95 14.12 -1.00 10.26
CA GLY A 95 15.41 -0.83 10.92
C GLY A 95 16.48 -1.75 10.33
N ALA A 96 16.11 -2.98 9.96
CA ALA A 96 17.04 -3.95 9.40
C ALA A 96 17.54 -3.49 8.02
N ASN A 97 16.63 -3.01 7.17
CA ASN A 97 16.95 -2.57 5.82
C ASN A 97 17.58 -1.17 5.80
N GLY A 98 17.18 -0.29 6.72
CA GLY A 98 17.56 1.12 6.72
C GLY A 98 16.61 1.95 5.85
N ILE A 99 15.31 1.62 5.87
CA ILE A 99 14.29 2.37 5.15
C ILE A 99 14.20 3.77 5.77
N ASP A 100 13.95 4.78 4.94
CA ASP A 100 13.86 6.19 5.33
C ASP A 100 12.84 6.97 4.50
N LYS A 101 12.73 6.68 3.19
CA LYS A 101 11.83 7.39 2.28
C LYS A 101 10.41 6.80 2.30
N VAL A 102 10.23 5.59 2.84
CA VAL A 102 8.94 4.96 3.05
C VAL A 102 8.71 4.86 4.57
N GLU A 103 7.46 4.73 4.99
CA GLU A 103 7.09 4.41 6.37
C GLU A 103 6.04 3.30 6.28
N THR A 104 6.11 2.32 7.16
CA THR A 104 5.24 1.16 7.15
C THR A 104 4.07 1.40 8.11
N LEU A 105 2.89 0.87 7.76
CA LEU A 105 1.63 1.09 8.46
C LEU A 105 0.90 -0.25 8.61
N SER A 106 0.00 -0.31 9.58
CA SER A 106 -0.66 -1.51 10.05
C SER A 106 -2.16 -1.37 9.78
N ASP A 107 -2.70 -2.20 8.89
CA ASP A 107 -4.15 -2.31 8.70
C ASP A 107 -4.80 -3.20 9.76
N HIS A 108 -4.03 -3.55 10.80
CA HIS A 108 -4.51 -4.21 12.02
C HIS A 108 -5.63 -3.38 12.70
N ARG A 109 -5.78 -2.10 12.33
CA ARG A 109 -6.91 -1.25 12.70
C ARG A 109 -8.19 -1.74 11.99
N ASP A 110 -8.70 -2.90 12.40
CA ASP A 110 -9.96 -3.49 11.96
C ASP A 110 -10.15 -3.47 10.43
N MET A 111 -9.07 -3.76 9.70
CA MET A 111 -9.00 -3.79 8.24
C MET A 111 -9.58 -2.52 7.57
N SER A 112 -9.46 -1.36 8.21
CA SER A 112 -10.05 -0.11 7.75
C SER A 112 -9.64 0.21 6.30
N PHE A 113 -8.35 0.16 5.97
CA PHE A 113 -7.87 0.40 4.61
C PHE A 113 -8.25 -0.78 3.71
N GLY A 114 -8.05 -2.00 4.19
CA GLY A 114 -8.24 -3.20 3.41
C GLY A 114 -9.67 -3.34 2.90
N GLU A 115 -10.66 -2.95 3.71
CA GLU A 115 -12.04 -2.88 3.28
C GLU A 115 -12.26 -1.66 2.39
N ALA A 116 -11.77 -0.48 2.78
CA ALA A 116 -12.02 0.77 2.07
C ALA A 116 -11.58 0.70 0.59
N PHE A 117 -10.42 0.10 0.32
CA PHE A 117 -9.87 -0.04 -1.02
C PHE A 117 -10.06 -1.46 -1.59
N GLY A 118 -10.76 -2.35 -0.89
CA GLY A 118 -11.13 -3.68 -1.37
C GLY A 118 -9.93 -4.57 -1.70
N VAL A 119 -8.97 -4.65 -0.78
CA VAL A 119 -7.75 -5.45 -0.89
C VAL A 119 -7.61 -6.43 0.28
N TYR A 120 -8.40 -6.32 1.36
CA TYR A 120 -8.46 -7.36 2.39
C TYR A 120 -9.10 -8.59 1.75
N ILE A 121 -8.32 -9.66 1.62
CA ILE A 121 -8.76 -10.93 1.10
C ILE A 121 -9.57 -11.59 2.22
N LYS A 122 -10.88 -11.66 2.01
CA LYS A 122 -11.90 -12.12 2.95
C LYS A 122 -11.53 -13.46 3.57
N GLU A 123 -11.01 -14.36 2.74
CA GLU A 123 -10.77 -15.76 3.10
C GLU A 123 -9.36 -15.97 3.71
N LEU A 124 -8.56 -14.90 3.88
CA LEU A 124 -7.20 -14.99 4.43
C LEU A 124 -6.96 -14.05 5.60
N ARG A 125 -7.72 -12.94 5.71
CA ARG A 125 -7.41 -11.84 6.63
C ARG A 125 -5.98 -11.33 6.39
N LEU A 126 -5.54 -11.35 5.12
CA LEU A 126 -4.31 -10.75 4.64
C LEU A 126 -4.67 -9.81 3.49
N LEU A 127 -3.76 -8.92 3.11
CA LEU A 127 -4.04 -7.93 2.07
C LEU A 127 -3.45 -8.40 0.74
N ALA A 128 -4.14 -8.03 -0.34
CA ALA A 128 -3.69 -8.18 -1.71
C ALA A 128 -2.37 -7.43 -1.94
N ARG A 129 -1.49 -7.97 -2.77
CA ARG A 129 -0.32 -7.22 -3.24
C ARG A 129 -0.82 -6.29 -4.34
N SER A 130 -0.98 -5.02 -4.03
CA SER A 130 -1.65 -4.03 -4.87
C SER A 130 -1.03 -2.66 -4.60
N VAL A 131 -1.32 -1.66 -5.43
CA VAL A 131 -0.75 -0.32 -5.28
C VAL A 131 -1.79 0.73 -5.65
N PHE A 132 -1.68 1.90 -5.02
CA PHE A 132 -2.51 3.06 -5.29
C PHE A 132 -1.64 4.31 -5.22
N VAL A 133 -2.05 5.39 -5.87
CA VAL A 133 -1.39 6.69 -5.78
C VAL A 133 -2.49 7.73 -5.67
N LEU A 134 -2.27 8.71 -4.80
CA LEU A 134 -3.22 9.76 -4.45
C LEU A 134 -2.54 11.09 -4.74
N ASP A 135 -3.28 11.98 -5.39
CA ASP A 135 -2.89 13.38 -5.59
C ASP A 135 -2.97 14.14 -4.25
N GLU A 136 -2.57 15.42 -4.27
CA GLU A 136 -2.55 16.31 -3.11
C GLU A 136 -3.95 16.67 -2.57
N ASN A 137 -5.02 16.04 -3.05
CA ASN A 137 -6.40 16.22 -2.61
C ASN A 137 -7.02 14.86 -2.25
N GLY A 138 -6.25 13.76 -2.30
CA GLY A 138 -6.76 12.42 -2.01
C GLY A 138 -7.60 11.87 -3.16
N LYS A 139 -7.44 12.37 -4.39
CA LYS A 139 -8.05 11.74 -5.56
C LYS A 139 -7.10 10.68 -6.07
N VAL A 140 -7.62 9.52 -6.42
CA VAL A 140 -6.83 8.42 -6.95
C VAL A 140 -6.31 8.85 -8.32
N VAL A 141 -5.00 8.77 -8.55
CA VAL A 141 -4.40 9.03 -9.86
C VAL A 141 -3.94 7.71 -10.51
N TYR A 142 -3.76 6.64 -9.73
CA TYR A 142 -3.51 5.29 -10.22
C TYR A 142 -4.00 4.31 -9.16
N ALA A 143 -4.54 3.17 -9.61
CA ALA A 143 -4.93 2.04 -8.79
C ALA A 143 -4.71 0.77 -9.63
N GLU A 144 -4.22 -0.31 -9.03
CA GLU A 144 -4.12 -1.60 -9.69
C GLU A 144 -4.20 -2.71 -8.64
N TYR A 145 -4.79 -3.84 -9.04
CA TYR A 145 -5.13 -4.99 -8.21
C TYR A 145 -4.56 -6.20 -8.94
N VAL A 146 -3.44 -6.75 -8.44
CA VAL A 146 -2.76 -7.85 -9.08
C VAL A 146 -3.64 -9.11 -8.93
N SER A 147 -3.83 -9.85 -10.03
CA SER A 147 -4.79 -10.94 -10.10
C SER A 147 -4.37 -12.21 -9.33
N GLU A 148 -3.11 -12.35 -8.90
CA GLU A 148 -2.60 -13.53 -8.24
C GLU A 148 -1.72 -13.06 -7.08
N ALA A 149 -2.14 -13.34 -5.85
CA ALA A 149 -1.56 -12.78 -4.64
C ALA A 149 -0.08 -13.15 -4.44
N THR A 150 0.38 -14.28 -4.96
CA THR A 150 1.74 -14.77 -4.75
C THR A 150 2.80 -13.98 -5.55
N ASN A 151 2.40 -12.98 -6.34
CA ASN A 151 3.30 -12.11 -7.09
C ASN A 151 2.92 -10.65 -6.80
N HIS A 152 3.79 -9.71 -7.18
CA HIS A 152 3.69 -8.30 -6.76
C HIS A 152 3.48 -7.35 -7.96
N PRO A 153 2.92 -6.15 -7.74
CA PRO A 153 2.88 -5.10 -8.75
C PRO A 153 4.31 -4.61 -9.00
N ASN A 154 4.61 -4.10 -10.20
CA ASN A 154 5.88 -3.47 -10.47
C ASN A 154 5.83 -2.05 -9.89
N TYR A 155 6.68 -1.77 -8.90
CA TYR A 155 6.80 -0.47 -8.22
C TYR A 155 7.06 0.69 -9.19
N GLU A 156 7.58 0.43 -10.39
CA GLU A 156 7.75 1.46 -11.40
C GLU A 156 6.40 2.08 -11.82
N LYS A 157 5.32 1.29 -11.90
CA LYS A 157 4.03 1.80 -12.38
C LYS A 157 3.49 2.93 -11.49
N PRO A 158 3.37 2.76 -10.16
CA PRO A 158 2.95 3.86 -9.30
C PRO A 158 4.01 4.96 -9.24
N ILE A 159 5.31 4.67 -9.42
CA ILE A 159 6.32 5.73 -9.54
C ILE A 159 5.98 6.64 -10.72
N GLU A 160 5.62 6.08 -11.89
CA GLU A 160 5.32 6.87 -13.07
C GLU A 160 4.09 7.75 -12.84
N ALA A 161 3.11 7.24 -12.08
CA ALA A 161 1.93 8.03 -11.74
C ALA A 161 2.31 9.18 -10.81
N ALA A 162 3.13 8.91 -9.79
CA ALA A 162 3.50 9.89 -8.79
C ALA A 162 4.41 10.97 -9.38
N LYS A 163 5.48 10.58 -10.09
CA LYS A 163 6.45 11.54 -10.64
C LYS A 163 5.76 12.53 -11.58
N ALA A 164 4.73 12.09 -12.32
CA ALA A 164 3.96 12.97 -13.19
C ALA A 164 3.32 14.13 -12.42
N LEU A 165 2.97 13.94 -11.14
CA LEU A 165 2.36 14.97 -10.30
C LEU A 165 3.38 15.70 -9.43
N VAL A 166 4.52 15.08 -9.13
CA VAL A 166 5.63 15.75 -8.45
C VAL A 166 6.09 16.99 -9.24
N LYS A 167 6.06 16.91 -10.58
CA LYS A 167 6.37 18.02 -11.48
C LYS A 167 5.60 19.27 -11.10
N MET A 1 -15.93 -4.28 -9.78
CA MET A 1 -15.74 -5.32 -8.74
C MET A 1 -14.51 -6.16 -9.09
N ALA A 2 -13.72 -6.55 -8.08
CA ALA A 2 -12.50 -7.33 -8.24
C ALA A 2 -12.56 -8.58 -7.37
N GLU A 3 -11.73 -9.54 -7.74
CA GLU A 3 -11.39 -10.77 -7.06
C GLU A 3 -9.92 -11.02 -7.40
N ILE A 4 -9.27 -11.91 -6.67
CA ILE A 4 -7.85 -12.24 -6.82
C ILE A 4 -7.79 -13.78 -6.83
N THR A 5 -6.65 -14.39 -7.18
CA THR A 5 -6.43 -15.82 -7.03
C THR A 5 -5.32 -16.05 -6.02
N PHE A 6 -5.41 -17.15 -5.29
CA PHE A 6 -4.33 -17.64 -4.44
C PHE A 6 -3.47 -18.63 -5.26
N LYS A 7 -3.27 -18.32 -6.55
CA LYS A 7 -2.68 -19.15 -7.61
C LYS A 7 -3.47 -20.42 -7.93
N GLY A 8 -3.98 -21.12 -6.92
CA GLY A 8 -4.72 -22.38 -7.08
C GLY A 8 -6.18 -22.14 -7.49
N GLY A 9 -6.78 -21.03 -7.08
CA GLY A 9 -8.16 -20.68 -7.42
C GLY A 9 -8.54 -19.31 -6.87
N PRO A 10 -9.73 -18.79 -7.22
CA PRO A 10 -10.22 -17.49 -6.78
C PRO A 10 -10.27 -17.34 -5.25
N VAL A 11 -10.14 -16.10 -4.79
CA VAL A 11 -10.37 -15.66 -3.42
C VAL A 11 -11.06 -14.29 -3.49
N THR A 12 -12.18 -14.18 -2.80
CA THR A 12 -13.06 -13.01 -2.80
C THR A 12 -12.40 -11.83 -2.09
N LEU A 13 -12.79 -10.61 -2.45
CA LEU A 13 -12.42 -9.36 -1.78
C LEU A 13 -13.66 -8.79 -1.08
N VAL A 14 -13.50 -8.25 0.12
CA VAL A 14 -14.62 -7.75 0.93
C VAL A 14 -15.23 -6.44 0.39
N GLY A 15 -14.52 -5.73 -0.49
CA GLY A 15 -14.88 -4.41 -0.99
C GLY A 15 -14.45 -4.30 -2.45
N GLN A 16 -15.02 -3.32 -3.17
CA GLN A 16 -14.71 -3.12 -4.57
C GLN A 16 -13.30 -2.55 -4.73
N GLU A 17 -12.77 -2.71 -5.93
CA GLU A 17 -11.56 -2.03 -6.34
C GLU A 17 -11.98 -0.58 -6.59
N VAL A 18 -11.19 0.38 -6.14
CA VAL A 18 -11.39 1.78 -6.46
C VAL A 18 -10.80 2.05 -7.86
N LYS A 19 -10.99 3.25 -8.41
CA LYS A 19 -10.48 3.61 -9.74
C LYS A 19 -9.80 4.96 -9.71
N VAL A 20 -8.99 5.26 -10.71
CA VAL A 20 -8.39 6.57 -10.91
C VAL A 20 -9.51 7.62 -11.03
N GLY A 21 -9.29 8.79 -10.44
CA GLY A 21 -10.24 9.89 -10.43
C GLY A 21 -11.32 9.76 -9.35
N ASP A 22 -11.48 8.58 -8.75
CA ASP A 22 -12.35 8.40 -7.59
C ASP A 22 -11.73 9.09 -6.38
N GLN A 23 -12.59 9.46 -5.43
CA GLN A 23 -12.17 9.95 -4.13
C GLN A 23 -11.74 8.70 -3.36
N ALA A 24 -10.54 8.71 -2.79
CA ALA A 24 -10.03 7.61 -2.00
C ALA A 24 -10.89 7.42 -0.73
N PRO A 25 -10.87 6.23 -0.10
CA PRO A 25 -11.67 5.91 1.08
C PRO A 25 -11.52 6.82 2.32
N ASP A 26 -10.50 7.68 2.39
CA ASP A 26 -10.20 8.51 3.57
C ASP A 26 -10.10 7.64 4.82
N PHE A 27 -9.20 6.66 4.73
CA PHE A 27 -9.02 5.54 5.64
C PHE A 27 -8.17 5.94 6.85
N THR A 28 -8.10 5.05 7.84
CA THR A 28 -7.18 5.14 8.97
C THR A 28 -6.50 3.77 9.13
N VAL A 29 -5.26 3.77 9.62
CA VAL A 29 -4.48 2.61 9.99
C VAL A 29 -3.67 3.00 11.23
N LEU A 30 -3.01 2.02 11.87
CA LEU A 30 -2.03 2.35 12.91
C LEU A 30 -0.70 2.59 12.22
N THR A 31 0.10 3.54 12.69
CA THR A 31 1.48 3.67 12.24
C THR A 31 2.26 2.47 12.81
N ASN A 32 3.48 2.21 12.32
CA ASN A 32 4.36 1.24 12.99
C ASN A 32 4.81 1.77 14.38
N SER A 33 4.47 3.02 14.71
CA SER A 33 4.80 3.72 15.93
C SER A 33 3.64 3.72 16.95
N LEU A 34 2.57 2.96 16.67
CA LEU A 34 1.44 2.75 17.56
C LEU A 34 0.59 4.02 17.76
N GLU A 35 0.39 4.80 16.71
CA GLU A 35 -0.53 5.95 16.70
C GLU A 35 -1.49 5.79 15.52
N GLU A 36 -2.66 6.43 15.54
CA GLU A 36 -3.51 6.46 14.36
C GLU A 36 -2.89 7.39 13.31
N LYS A 37 -3.01 7.01 12.03
CA LYS A 37 -2.69 7.86 10.89
C LYS A 37 -3.73 7.58 9.82
N SER A 38 -4.13 8.61 9.10
CA SER A 38 -5.22 8.55 8.13
C SER A 38 -4.78 9.28 6.87
N LEU A 39 -5.50 9.08 5.77
CA LEU A 39 -5.21 9.75 4.50
C LEU A 39 -5.15 11.28 4.69
N ALA A 40 -5.95 11.85 5.59
CA ALA A 40 -5.94 13.28 5.90
C ALA A 40 -4.56 13.82 6.28
N ASP A 41 -3.73 13.01 6.95
CA ASP A 41 -2.36 13.37 7.30
C ASP A 41 -1.47 13.37 6.04
N MET A 42 -1.75 12.44 5.14
CA MET A 42 -0.94 12.15 3.96
C MET A 42 -1.17 13.18 2.83
N LYS A 43 -2.38 13.76 2.75
CA LYS A 43 -2.81 14.69 1.69
C LYS A 43 -1.90 15.92 1.50
N GLY A 44 -1.02 16.22 2.46
CA GLY A 44 -0.05 17.30 2.36
C GLY A 44 0.88 17.19 1.15
N LYS A 45 1.00 16.01 0.53
CA LYS A 45 1.84 15.77 -0.65
C LYS A 45 1.22 14.65 -1.47
N VAL A 46 1.54 14.59 -2.77
CA VAL A 46 1.20 13.44 -3.61
C VAL A 46 1.80 12.22 -2.92
N THR A 47 0.97 11.20 -2.68
CA THR A 47 1.32 10.07 -1.85
C THR A 47 1.27 8.78 -2.67
N ILE A 48 2.06 7.78 -2.30
CA ILE A 48 2.01 6.42 -2.82
C ILE A 48 1.81 5.49 -1.63
N ILE A 49 1.08 4.39 -1.82
CA ILE A 49 0.74 3.42 -0.80
C ILE A 49 1.08 2.03 -1.36
N SER A 50 2.11 1.38 -0.80
CA SER A 50 2.37 -0.02 -1.07
C SER A 50 1.31 -0.82 -0.32
N VAL A 51 0.79 -1.90 -0.91
CA VAL A 51 -0.05 -2.84 -0.21
C VAL A 51 0.58 -4.23 -0.34
N ILE A 52 0.89 -4.86 0.80
CA ILE A 52 1.54 -6.17 0.86
C ILE A 52 0.88 -6.98 2.01
N PRO A 53 0.87 -8.32 1.98
CA PRO A 53 0.20 -9.12 3.02
C PRO A 53 0.90 -8.98 4.37
N SER A 54 2.19 -9.32 4.38
CA SER A 54 3.05 -9.32 5.55
C SER A 54 4.44 -8.92 5.04
N ILE A 55 5.17 -8.15 5.83
CA ILE A 55 6.39 -7.51 5.36
C ILE A 55 7.58 -8.48 5.29
N ASP A 56 7.53 -9.57 6.06
CA ASP A 56 8.68 -10.45 6.28
C ASP A 56 9.06 -11.30 5.07
N THR A 57 8.17 -11.48 4.08
CA THR A 57 8.46 -12.31 2.91
C THR A 57 9.58 -11.65 2.08
N GLY A 58 10.39 -12.45 1.39
CA GLY A 58 11.48 -11.93 0.55
C GLY A 58 10.94 -11.00 -0.56
N VAL A 59 9.78 -11.33 -1.13
CA VAL A 59 9.18 -10.52 -2.18
C VAL A 59 8.68 -9.18 -1.61
N CYS A 60 8.03 -9.18 -0.44
CA CYS A 60 7.57 -7.96 0.22
C CYS A 60 8.75 -7.05 0.58
N ASP A 61 9.83 -7.65 1.10
CA ASP A 61 11.07 -6.97 1.44
C ASP A 61 11.68 -6.31 0.20
N ALA A 62 11.93 -7.08 -0.86
CA ALA A 62 12.64 -6.60 -2.05
C ALA A 62 11.84 -5.50 -2.77
N GLN A 63 10.51 -5.59 -2.79
CA GLN A 63 9.63 -4.55 -3.32
C GLN A 63 9.81 -3.29 -2.46
N THR A 64 9.59 -3.37 -1.14
CA THR A 64 9.55 -2.18 -0.29
C THR A 64 10.89 -1.43 -0.28
N ARG A 65 12.05 -2.11 -0.16
CA ARG A 65 13.31 -1.38 -0.01
C ARG A 65 13.81 -0.79 -1.33
N ARG A 66 13.64 -1.49 -2.46
CA ARG A 66 13.97 -0.91 -3.76
C ARG A 66 13.07 0.29 -4.00
N PHE A 67 11.78 0.16 -3.68
CA PHE A 67 10.84 1.26 -3.80
C PHE A 67 11.21 2.45 -2.90
N ASN A 68 11.77 2.23 -1.71
CA ASN A 68 12.28 3.31 -0.87
C ASN A 68 13.39 4.12 -1.55
N GLU A 69 14.31 3.43 -2.21
CA GLU A 69 15.34 4.10 -2.98
C GLU A 69 14.69 4.90 -4.11
N GLU A 70 13.70 4.36 -4.83
CA GLU A 70 13.00 5.11 -5.87
C GLU A 70 12.30 6.35 -5.30
N ALA A 71 11.71 6.25 -4.10
CA ALA A 71 11.13 7.39 -3.41
C ALA A 71 12.21 8.43 -3.08
N ALA A 72 13.44 8.01 -2.75
CA ALA A 72 14.56 8.91 -2.53
C ALA A 72 15.00 9.59 -3.84
N LYS A 73 15.00 8.87 -4.97
CA LYS A 73 15.34 9.45 -6.26
C LYS A 73 14.29 10.49 -6.67
N LEU A 74 13.00 10.25 -6.42
CA LEU A 74 11.94 11.24 -6.64
C LEU A 74 12.14 12.43 -5.71
N GLY A 75 12.34 12.18 -4.42
CA GLY A 75 12.62 13.16 -3.38
C GLY A 75 11.37 13.95 -2.98
N ASP A 76 10.79 14.68 -3.92
CA ASP A 76 9.63 15.54 -3.72
C ASP A 76 8.33 14.74 -3.80
N VAL A 77 8.22 13.69 -3.00
CA VAL A 77 7.09 12.77 -2.94
C VAL A 77 6.87 12.38 -1.48
N ASN A 78 5.75 11.71 -1.20
CA ASN A 78 5.45 11.12 0.10
C ASN A 78 5.02 9.68 -0.15
N VAL A 79 5.48 8.73 0.67
CA VAL A 79 5.21 7.32 0.43
C VAL A 79 5.01 6.58 1.76
N TYR A 80 4.13 5.58 1.76
CA TYR A 80 3.93 4.65 2.86
C TYR A 80 3.76 3.24 2.29
N THR A 81 3.74 2.26 3.20
CA THR A 81 3.48 0.86 2.95
C THR A 81 2.47 0.42 3.99
N ILE A 82 1.55 -0.47 3.63
CA ILE A 82 0.50 -0.93 4.51
C ILE A 82 0.49 -2.45 4.44
N SER A 83 0.43 -3.09 5.60
CA SER A 83 0.40 -4.54 5.76
C SER A 83 -0.67 -4.92 6.78
N ALA A 84 -1.23 -6.13 6.66
CA ALA A 84 -2.08 -6.72 7.68
C ALA A 84 -1.17 -7.43 8.69
N ASP A 85 -0.09 -6.75 9.10
CA ASP A 85 1.02 -7.31 9.87
C ASP A 85 1.30 -6.43 11.08
N LEU A 86 2.06 -6.97 12.04
CA LEU A 86 2.28 -6.37 13.34
C LEU A 86 3.06 -5.06 13.17
N PRO A 87 2.68 -3.98 13.88
CA PRO A 87 3.41 -2.71 13.86
C PRO A 87 4.91 -2.91 14.10
N PHE A 88 5.26 -3.76 15.06
CA PHE A 88 6.66 -3.95 15.43
C PHE A 88 7.42 -4.75 14.37
N ALA A 89 6.77 -5.69 13.66
CA ALA A 89 7.42 -6.44 12.59
C ALA A 89 7.79 -5.50 11.45
N GLN A 90 6.86 -4.60 11.09
CA GLN A 90 7.08 -3.53 10.13
C GLN A 90 8.17 -2.56 10.58
N ALA A 91 8.13 -2.08 11.83
CA ALA A 91 9.16 -1.19 12.37
C ALA A 91 10.54 -1.84 12.30
N ARG A 92 10.62 -3.12 12.67
CA ARG A 92 11.85 -3.90 12.69
C ARG A 92 12.40 -3.98 11.27
N TRP A 93 11.54 -4.26 10.30
CA TRP A 93 11.95 -4.40 8.92
C TRP A 93 12.49 -3.06 8.39
N CYS A 94 11.85 -1.93 8.73
CA CYS A 94 12.36 -0.62 8.33
C CYS A 94 13.75 -0.37 8.93
N GLY A 95 13.94 -0.72 10.21
CA GLY A 95 15.22 -0.58 10.90
C GLY A 95 16.30 -1.49 10.30
N ALA A 96 15.92 -2.67 9.81
CA ALA A 96 16.85 -3.64 9.22
C ALA A 96 17.47 -3.08 7.95
N ASN A 97 16.68 -2.37 7.14
CA ASN A 97 17.07 -1.92 5.82
C ASN A 97 17.50 -0.44 5.80
N GLY A 98 17.23 0.33 6.86
CA GLY A 98 17.64 1.73 6.94
C GLY A 98 16.75 2.61 6.08
N ILE A 99 15.46 2.28 6.02
CA ILE A 99 14.46 2.96 5.22
C ILE A 99 14.32 4.39 5.74
N ASP A 100 14.11 5.34 4.82
CA ASP A 100 14.16 6.77 5.10
C ASP A 100 13.05 7.58 4.40
N LYS A 101 12.53 7.09 3.27
CA LYS A 101 11.57 7.81 2.42
C LYS A 101 10.24 7.07 2.33
N VAL A 102 10.14 5.88 2.91
CA VAL A 102 8.90 5.11 3.06
C VAL A 102 8.69 4.90 4.57
N GLU A 103 7.45 4.63 4.98
CA GLU A 103 7.10 4.29 6.34
C GLU A 103 5.99 3.25 6.27
N THR A 104 6.11 2.20 7.09
CA THR A 104 5.25 1.04 7.07
C THR A 104 4.16 1.23 8.14
N LEU A 105 2.93 0.79 7.86
CA LEU A 105 1.73 1.07 8.67
C LEU A 105 0.89 -0.22 8.75
N SER A 106 0.15 -0.41 9.83
CA SER A 106 -0.56 -1.64 10.13
C SER A 106 -2.06 -1.47 9.94
N ASP A 107 -2.57 -2.06 8.86
CA ASP A 107 -4.01 -2.23 8.62
C ASP A 107 -4.55 -3.39 9.47
N HIS A 108 -3.66 -4.18 10.08
CA HIS A 108 -4.00 -5.20 11.09
C HIS A 108 -4.92 -4.61 12.18
N ARG A 109 -4.83 -3.31 12.44
CA ARG A 109 -5.73 -2.55 13.28
C ARG A 109 -7.10 -2.35 12.58
N ASP A 110 -8.00 -3.32 12.78
CA ASP A 110 -9.43 -3.26 12.40
C ASP A 110 -9.70 -3.18 10.89
N MET A 111 -8.68 -3.45 10.06
CA MET A 111 -8.72 -3.55 8.61
C MET A 111 -9.49 -2.43 7.90
N SER A 112 -9.51 -1.23 8.48
CA SER A 112 -10.31 -0.12 7.98
C SER A 112 -9.91 0.26 6.55
N PHE A 113 -8.60 0.39 6.28
CA PHE A 113 -8.09 0.64 4.94
C PHE A 113 -8.37 -0.57 4.06
N GLY A 114 -8.02 -1.77 4.54
CA GLY A 114 -8.02 -2.98 3.73
C GLY A 114 -9.41 -3.31 3.21
N GLU A 115 -10.43 -3.09 4.05
CA GLU A 115 -11.81 -3.29 3.69
C GLU A 115 -12.23 -2.25 2.65
N ALA A 116 -12.02 -0.96 2.92
CA ALA A 116 -12.59 0.10 2.11
C ALA A 116 -11.92 0.24 0.73
N PHE A 117 -10.61 -0.02 0.61
CA PHE A 117 -9.88 -0.05 -0.65
C PHE A 117 -10.07 -1.38 -1.39
N GLY A 118 -10.76 -2.35 -0.79
CA GLY A 118 -11.01 -3.65 -1.40
C GLY A 118 -9.74 -4.47 -1.63
N VAL A 119 -8.87 -4.60 -0.63
CA VAL A 119 -7.65 -5.41 -0.68
C VAL A 119 -7.63 -6.46 0.45
N TYR A 120 -8.54 -6.37 1.43
CA TYR A 120 -8.75 -7.43 2.41
C TYR A 120 -9.39 -8.60 1.66
N ILE A 121 -8.61 -9.66 1.46
CA ILE A 121 -9.05 -10.92 0.86
C ILE A 121 -9.89 -11.63 1.92
N LYS A 122 -11.18 -11.80 1.62
CA LYS A 122 -12.18 -12.31 2.56
C LYS A 122 -11.85 -13.75 2.99
N GLU A 123 -11.55 -14.61 2.02
CA GLU A 123 -11.46 -16.05 2.23
C GLU A 123 -10.15 -16.49 2.89
N LEU A 124 -9.16 -15.61 3.06
CA LEU A 124 -7.90 -15.93 3.73
C LEU A 124 -7.42 -14.83 4.68
N ARG A 125 -8.30 -13.86 5.00
CA ARG A 125 -8.13 -12.78 5.98
C ARG A 125 -6.72 -12.17 5.97
N LEU A 126 -6.28 -11.72 4.79
CA LEU A 126 -4.95 -11.13 4.59
C LEU A 126 -5.07 -10.04 3.52
N LEU A 127 -4.01 -9.26 3.35
CA LEU A 127 -4.02 -8.10 2.46
C LEU A 127 -3.46 -8.48 1.09
N ALA A 128 -4.11 -8.00 0.04
CA ALA A 128 -3.71 -8.19 -1.34
C ALA A 128 -2.37 -7.51 -1.63
N ARG A 129 -1.58 -8.06 -2.56
CA ARG A 129 -0.39 -7.38 -3.08
C ARG A 129 -0.93 -6.41 -4.13
N SER A 130 -0.79 -5.11 -3.94
CA SER A 130 -1.43 -4.06 -4.75
C SER A 130 -0.69 -2.73 -4.53
N VAL A 131 -0.99 -1.68 -5.30
CA VAL A 131 -0.38 -0.37 -5.14
C VAL A 131 -1.39 0.72 -5.46
N PHE A 132 -1.33 1.84 -4.73
CA PHE A 132 -2.15 3.01 -4.99
C PHE A 132 -1.30 4.28 -4.98
N VAL A 133 -1.74 5.32 -5.70
CA VAL A 133 -1.15 6.64 -5.71
C VAL A 133 -2.30 7.61 -5.52
N LEU A 134 -2.15 8.61 -4.64
CA LEU A 134 -3.19 9.56 -4.27
C LEU A 134 -2.63 10.97 -4.50
N ASP A 135 -3.42 11.81 -5.14
CA ASP A 135 -3.16 13.24 -5.29
C ASP A 135 -3.36 13.94 -3.94
N GLU A 136 -2.89 15.18 -3.80
CA GLU A 136 -3.12 16.03 -2.64
C GLU A 136 -4.63 16.20 -2.32
N ASN A 137 -5.52 16.09 -3.32
CA ASN A 137 -6.98 16.15 -3.12
C ASN A 137 -7.53 14.84 -2.52
N GLY A 138 -6.69 13.84 -2.27
CA GLY A 138 -7.10 12.52 -1.84
C GLY A 138 -7.88 11.78 -2.93
N LYS A 139 -7.61 12.06 -4.20
CA LYS A 139 -8.20 11.34 -5.32
C LYS A 139 -7.15 10.38 -5.86
N VAL A 140 -7.60 9.23 -6.36
CA VAL A 140 -6.71 8.19 -6.86
C VAL A 140 -6.10 8.66 -8.19
N VAL A 141 -4.80 8.40 -8.38
CA VAL A 141 -4.01 8.80 -9.55
C VAL A 141 -3.60 7.55 -10.32
N TYR A 142 -3.33 6.45 -9.62
CA TYR A 142 -3.09 5.14 -10.16
C TYR A 142 -3.55 4.14 -9.10
N ALA A 143 -4.13 3.03 -9.54
CA ALA A 143 -4.45 1.90 -8.70
C ALA A 143 -4.33 0.63 -9.53
N GLU A 144 -3.86 -0.45 -8.91
CA GLU A 144 -3.81 -1.77 -9.54
C GLU A 144 -3.88 -2.84 -8.46
N TYR A 145 -4.49 -3.97 -8.83
CA TYR A 145 -4.90 -5.07 -7.98
C TYR A 145 -4.39 -6.34 -8.67
N VAL A 146 -3.25 -6.86 -8.22
CA VAL A 146 -2.57 -7.97 -8.87
C VAL A 146 -3.50 -9.20 -8.83
N SER A 147 -3.67 -9.87 -9.96
CA SER A 147 -4.61 -10.99 -10.12
C SER A 147 -4.21 -12.23 -9.33
N GLU A 148 -2.96 -12.31 -8.87
CA GLU A 148 -2.41 -13.44 -8.12
C GLU A 148 -1.83 -12.87 -6.83
N ALA A 149 -2.36 -13.30 -5.67
CA ALA A 149 -1.87 -12.87 -4.37
C ALA A 149 -0.41 -13.30 -4.14
N THR A 150 0.02 -14.39 -4.78
CA THR A 150 1.38 -14.91 -4.75
C THR A 150 2.38 -14.00 -5.49
N ASN A 151 1.90 -13.03 -6.27
CA ASN A 151 2.67 -12.21 -7.20
C ASN A 151 2.59 -10.74 -6.73
N HIS A 152 3.51 -9.89 -7.20
CA HIS A 152 3.68 -8.53 -6.69
C HIS A 152 3.51 -7.52 -7.83
N PRO A 153 3.10 -6.28 -7.54
CA PRO A 153 3.12 -5.21 -8.52
C PRO A 153 4.59 -4.80 -8.74
N ASN A 154 4.92 -4.32 -9.94
CA ASN A 154 6.22 -3.72 -10.20
C ASN A 154 6.17 -2.30 -9.66
N TYR A 155 6.98 -1.95 -8.64
CA TYR A 155 6.90 -0.63 -8.02
C TYR A 155 7.33 0.51 -8.95
N GLU A 156 7.89 0.22 -10.12
CA GLU A 156 8.13 1.22 -11.16
C GLU A 156 6.80 1.86 -11.61
N LYS A 157 5.69 1.12 -11.60
CA LYS A 157 4.41 1.62 -12.12
C LYS A 157 3.85 2.77 -11.28
N PRO A 158 3.69 2.67 -9.95
CA PRO A 158 3.20 3.78 -9.16
C PRO A 158 4.22 4.92 -9.09
N ILE A 159 5.53 4.63 -9.14
CA ILE A 159 6.56 5.65 -9.30
C ILE A 159 6.27 6.48 -10.54
N GLU A 160 6.04 5.84 -11.69
CA GLU A 160 5.84 6.54 -12.96
C GLU A 160 4.57 7.38 -12.93
N ALA A 161 3.56 7.00 -12.15
CA ALA A 161 2.37 7.81 -11.91
C ALA A 161 2.69 9.04 -11.06
N ALA A 162 3.37 8.82 -9.93
CA ALA A 162 3.65 9.87 -8.96
C ALA A 162 4.62 10.90 -9.53
N LYS A 163 5.74 10.46 -10.12
CA LYS A 163 6.75 11.34 -10.69
C LYS A 163 6.15 12.26 -11.75
N ALA A 164 5.12 11.80 -12.47
CA ALA A 164 4.44 12.59 -13.48
C ALA A 164 3.73 13.80 -12.87
N LEU A 165 3.22 13.67 -11.64
CA LEU A 165 2.55 14.77 -10.95
C LEU A 165 3.57 15.72 -10.34
N VAL A 166 4.61 15.20 -9.68
CA VAL A 166 5.54 16.01 -8.91
C VAL A 166 6.68 16.63 -9.76
N LYS A 167 6.56 16.63 -11.09
CA LYS A 167 7.46 17.36 -11.97
C LYS A 167 7.50 18.83 -11.54
N MET A 1 -13.22 -5.73 -11.70
CA MET A 1 -13.13 -6.68 -10.57
C MET A 1 -11.70 -7.20 -10.46
N ALA A 2 -11.07 -7.04 -9.29
CA ALA A 2 -9.67 -7.45 -9.09
C ALA A 2 -9.48 -8.96 -9.19
N GLU A 3 -10.51 -9.74 -8.80
CA GLU A 3 -10.64 -11.19 -8.97
C GLU A 3 -9.35 -11.92 -8.54
N ILE A 4 -8.85 -11.57 -7.35
CA ILE A 4 -7.58 -12.05 -6.82
C ILE A 4 -7.67 -13.58 -6.60
N THR A 5 -6.56 -14.27 -6.78
CA THR A 5 -6.37 -15.69 -6.49
C THR A 5 -5.33 -15.84 -5.39
N PHE A 6 -5.22 -17.04 -4.83
CA PHE A 6 -4.29 -17.39 -3.77
C PHE A 6 -3.68 -18.73 -4.13
N LYS A 7 -2.51 -18.68 -4.78
CA LYS A 7 -1.64 -19.80 -5.15
C LYS A 7 -2.35 -21.07 -5.68
N GLY A 8 -3.48 -20.92 -6.39
CA GLY A 8 -4.19 -22.06 -6.96
C GLY A 8 -5.64 -21.79 -7.32
N GLY A 9 -6.31 -20.81 -6.70
CA GLY A 9 -7.73 -20.57 -6.96
C GLY A 9 -8.21 -19.22 -6.44
N PRO A 10 -9.43 -18.78 -6.79
CA PRO A 10 -9.96 -17.45 -6.48
C PRO A 10 -10.25 -17.30 -4.99
N VAL A 11 -10.21 -16.05 -4.51
CA VAL A 11 -10.48 -15.70 -3.13
C VAL A 11 -11.31 -14.40 -3.10
N THR A 12 -12.43 -14.44 -2.38
CA THR A 12 -13.38 -13.34 -2.24
C THR A 12 -12.73 -12.12 -1.59
N LEU A 13 -13.31 -10.94 -1.84
CA LEU A 13 -12.87 -9.63 -1.34
C LEU A 13 -14.08 -8.99 -0.64
N VAL A 14 -13.86 -8.30 0.47
CA VAL A 14 -14.94 -7.63 1.18
C VAL A 14 -15.42 -6.42 0.35
N GLY A 15 -14.54 -5.42 0.20
CA GLY A 15 -14.83 -4.19 -0.53
C GLY A 15 -14.59 -4.32 -2.02
N GLN A 16 -14.63 -3.19 -2.74
CA GLN A 16 -14.55 -3.13 -4.19
C GLN A 16 -13.20 -2.56 -4.64
N GLU A 17 -12.75 -2.99 -5.82
CA GLU A 17 -11.62 -2.43 -6.53
C GLU A 17 -11.97 -0.98 -6.86
N VAL A 18 -11.17 -0.01 -6.40
CA VAL A 18 -11.30 1.38 -6.80
C VAL A 18 -10.55 1.58 -8.13
N LYS A 19 -10.75 2.72 -8.81
CA LYS A 19 -10.15 3.00 -10.11
C LYS A 19 -9.57 4.40 -10.12
N VAL A 20 -8.60 4.65 -11.00
CA VAL A 20 -8.09 5.98 -11.28
C VAL A 20 -9.27 6.90 -11.67
N GLY A 21 -9.28 8.12 -11.12
CA GLY A 21 -10.32 9.11 -11.31
C GLY A 21 -11.32 9.11 -10.15
N ASP A 22 -11.38 8.05 -9.35
CA ASP A 22 -12.25 7.98 -8.18
C ASP A 22 -11.63 8.79 -7.04
N GLN A 23 -12.47 9.21 -6.11
CA GLN A 23 -12.06 9.80 -4.86
C GLN A 23 -11.72 8.63 -3.95
N ALA A 24 -10.52 8.63 -3.36
CA ALA A 24 -10.10 7.54 -2.49
C ALA A 24 -11.02 7.47 -1.25
N PRO A 25 -11.27 6.28 -0.70
CA PRO A 25 -12.13 6.08 0.45
C PRO A 25 -11.78 6.92 1.70
N ASP A 26 -10.50 7.24 1.92
CA ASP A 26 -9.94 7.85 3.13
C ASP A 26 -10.36 7.15 4.43
N PHE A 27 -9.49 6.23 4.87
CA PHE A 27 -9.65 5.47 6.11
C PHE A 27 -8.35 5.56 6.93
N THR A 28 -8.34 4.94 8.11
CA THR A 28 -7.30 5.10 9.12
C THR A 28 -6.47 3.82 9.19
N VAL A 29 -5.21 3.96 9.60
CA VAL A 29 -4.25 2.91 9.91
C VAL A 29 -3.44 3.38 11.11
N LEU A 30 -2.62 2.50 11.68
CA LEU A 30 -1.62 2.86 12.68
C LEU A 30 -0.31 3.14 11.97
N THR A 31 0.56 3.93 12.61
CA THR A 31 1.93 4.15 12.21
C THR A 31 2.76 2.86 12.50
N ASN A 32 4.09 2.98 12.61
CA ASN A 32 4.94 1.88 13.11
C ASN A 32 4.79 1.63 14.60
N SER A 33 3.94 2.38 15.31
CA SER A 33 3.86 2.29 16.76
C SER A 33 2.42 2.04 17.15
N LEU A 34 1.64 3.10 17.34
CA LEU A 34 0.31 3.10 17.93
C LEU A 34 -0.51 4.33 17.53
N GLU A 35 0.07 5.27 16.77
CA GLU A 35 -0.58 6.54 16.47
C GLU A 35 -1.46 6.31 15.25
N GLU A 36 -2.67 6.84 15.25
CA GLU A 36 -3.52 6.81 14.07
C GLU A 36 -2.98 7.78 13.01
N LYS A 37 -3.01 7.35 11.75
CA LYS A 37 -2.74 8.15 10.57
C LYS A 37 -3.80 7.76 9.53
N SER A 38 -4.19 8.69 8.67
CA SER A 38 -5.29 8.48 7.73
C SER A 38 -4.89 9.06 6.38
N LEU A 39 -5.55 8.63 5.30
CA LEU A 39 -5.18 9.07 3.95
C LEU A 39 -5.28 10.60 3.81
N ALA A 40 -6.18 11.24 4.55
CA ALA A 40 -6.33 12.69 4.59
C ALA A 40 -5.07 13.41 5.06
N ASP A 41 -4.25 12.76 5.89
CA ASP A 41 -2.96 13.29 6.34
C ASP A 41 -1.92 13.16 5.23
N MET A 42 -2.02 12.07 4.47
CA MET A 42 -1.04 11.70 3.45
C MET A 42 -1.17 12.58 2.22
N LYS A 43 -2.40 12.97 1.85
CA LYS A 43 -2.67 13.72 0.62
C LYS A 43 -2.08 15.13 0.61
N GLY A 44 -1.37 15.54 1.67
CA GLY A 44 -0.56 16.75 1.69
C GLY A 44 0.49 16.79 0.58
N LYS A 45 0.83 15.65 -0.05
CA LYS A 45 1.65 15.55 -1.25
C LYS A 45 1.06 14.46 -2.16
N VAL A 46 1.51 14.39 -3.40
CA VAL A 46 1.19 13.27 -4.27
C VAL A 46 1.86 12.08 -3.59
N THR A 47 1.12 10.99 -3.37
CA THR A 47 1.57 9.90 -2.53
C THR A 47 1.36 8.55 -3.23
N ILE A 48 2.19 7.57 -2.91
CA ILE A 48 2.07 6.18 -3.33
C ILE A 48 1.78 5.36 -2.06
N ILE A 49 0.88 4.38 -2.12
CA ILE A 49 0.51 3.51 -1.01
C ILE A 49 0.66 2.07 -1.49
N SER A 50 1.42 1.25 -0.77
CA SER A 50 1.72 -0.13 -1.14
C SER A 50 1.18 -1.05 -0.05
N VAL A 51 0.00 -1.64 -0.27
CA VAL A 51 -0.49 -2.67 0.64
C VAL A 51 0.28 -3.97 0.38
N ILE A 52 0.70 -4.67 1.43
CA ILE A 52 1.25 -6.03 1.34
C ILE A 52 0.59 -6.90 2.42
N PRO A 53 0.54 -8.24 2.26
CA PRO A 53 -0.16 -9.11 3.20
C PRO A 53 0.37 -8.95 4.62
N SER A 54 1.68 -9.12 4.81
CA SER A 54 2.38 -8.86 6.05
C SER A 54 3.84 -8.62 5.68
N ILE A 55 4.56 -7.80 6.43
CA ILE A 55 5.95 -7.47 6.09
C ILE A 55 6.88 -8.67 6.32
N ASP A 56 6.43 -9.70 7.06
CA ASP A 56 7.13 -10.98 7.18
C ASP A 56 7.22 -11.74 5.84
N THR A 57 6.42 -11.40 4.82
CA THR A 57 6.31 -12.20 3.59
C THR A 57 7.63 -12.35 2.82
N GLY A 58 8.59 -11.43 2.97
CA GLY A 58 9.85 -11.42 2.25
C GLY A 58 9.67 -10.87 0.83
N VAL A 59 8.60 -11.28 0.13
CA VAL A 59 8.16 -10.70 -1.14
C VAL A 59 7.90 -9.19 -0.98
N CYS A 60 7.59 -8.73 0.23
CA CYS A 60 7.52 -7.31 0.60
C CYS A 60 8.73 -6.49 0.12
N ASP A 61 9.91 -7.11 0.04
CA ASP A 61 11.16 -6.50 -0.39
C ASP A 61 11.08 -5.94 -1.80
N ALA A 62 10.30 -6.59 -2.67
CA ALA A 62 10.10 -6.12 -4.04
C ALA A 62 9.43 -4.74 -4.10
N GLN A 63 8.81 -4.30 -3.00
CA GLN A 63 8.08 -3.05 -2.93
C GLN A 63 8.86 -2.05 -2.06
N THR A 64 8.79 -2.14 -0.74
CA THR A 64 9.29 -1.12 0.19
C THR A 64 10.77 -0.76 -0.04
N ARG A 65 11.64 -1.75 -0.26
CA ARG A 65 13.06 -1.48 -0.49
C ARG A 65 13.23 -0.67 -1.76
N ARG A 66 12.66 -1.16 -2.86
CA ARG A 66 12.89 -0.56 -4.16
C ARG A 66 12.21 0.80 -4.23
N PHE A 67 11.05 0.99 -3.61
CA PHE A 67 10.43 2.29 -3.48
C PHE A 67 11.32 3.28 -2.73
N ASN A 68 12.08 2.85 -1.71
CA ASN A 68 12.99 3.75 -1.00
C ASN A 68 14.03 4.31 -1.96
N GLU A 69 14.61 3.44 -2.78
CA GLU A 69 15.61 3.84 -3.75
C GLU A 69 14.96 4.72 -4.82
N GLU A 70 13.85 4.30 -5.42
CA GLU A 70 13.21 5.04 -6.50
C GLU A 70 12.76 6.42 -6.02
N ALA A 71 12.24 6.53 -4.79
CA ALA A 71 11.87 7.81 -4.22
C ALA A 71 13.08 8.72 -4.05
N ALA A 72 14.26 8.17 -3.69
CA ALA A 72 15.49 8.95 -3.62
C ALA A 72 15.89 9.46 -5.00
N LYS A 73 15.76 8.63 -6.06
CA LYS A 73 16.05 9.06 -7.43
C LYS A 73 15.03 10.09 -7.91
N LEU A 74 13.74 9.95 -7.58
CA LEU A 74 12.70 10.94 -7.88
C LEU A 74 13.00 12.28 -7.21
N GLY A 75 13.62 12.25 -6.02
CA GLY A 75 14.12 13.44 -5.33
C GLY A 75 13.04 14.06 -4.45
N ASP A 76 11.78 14.03 -4.88
CA ASP A 76 10.62 14.47 -4.12
C ASP A 76 9.40 13.67 -4.55
N VAL A 77 8.85 12.90 -3.61
CA VAL A 77 7.60 12.14 -3.71
C VAL A 77 7.17 11.89 -2.26
N ASN A 78 6.11 11.12 -2.03
CA ASN A 78 5.72 10.63 -0.71
C ASN A 78 5.28 9.18 -0.90
N VAL A 79 5.72 8.25 -0.06
CA VAL A 79 5.39 6.83 -0.23
C VAL A 79 5.16 6.22 1.15
N TYR A 80 4.16 5.34 1.24
CA TYR A 80 3.88 4.54 2.42
C TYR A 80 3.68 3.08 2.02
N THR A 81 3.83 2.19 2.99
CA THR A 81 3.50 0.79 2.91
C THR A 81 2.49 0.52 4.03
N ILE A 82 1.50 -0.34 3.78
CA ILE A 82 0.46 -0.71 4.72
C ILE A 82 0.47 -2.23 4.80
N SER A 83 0.29 -2.78 6.00
CA SER A 83 0.49 -4.19 6.29
C SER A 83 -0.55 -4.68 7.28
N ALA A 84 -0.83 -5.99 7.26
CA ALA A 84 -1.61 -6.65 8.31
C ALA A 84 -0.65 -7.31 9.32
N ASP A 85 0.65 -7.04 9.22
CA ASP A 85 1.64 -7.41 10.24
C ASP A 85 1.62 -6.36 11.35
N LEU A 86 2.43 -6.56 12.38
CA LEU A 86 2.39 -5.78 13.60
C LEU A 86 3.23 -4.50 13.44
N PRO A 87 2.84 -3.38 14.08
CA PRO A 87 3.58 -2.12 14.03
C PRO A 87 5.08 -2.28 14.30
N PHE A 88 5.46 -3.04 15.33
CA PHE A 88 6.87 -3.26 15.63
C PHE A 88 7.58 -4.07 14.54
N ALA A 89 6.89 -4.97 13.83
CA ALA A 89 7.48 -5.71 12.71
C ALA A 89 7.72 -4.75 11.54
N GLN A 90 6.77 -3.86 11.27
CA GLN A 90 6.94 -2.76 10.32
C GLN A 90 8.21 -1.96 10.68
N ALA A 91 8.33 -1.54 11.94
CA ALA A 91 9.48 -0.78 12.43
C ALA A 91 10.79 -1.54 12.20
N ARG A 92 10.83 -2.81 12.60
CA ARG A 92 12.04 -3.62 12.60
C ARG A 92 12.55 -3.79 11.17
N TRP A 93 11.66 -4.11 10.24
CA TRP A 93 12.04 -4.37 8.85
C TRP A 93 12.63 -3.12 8.21
N CYS A 94 12.01 -1.96 8.43
CA CYS A 94 12.51 -0.70 7.88
C CYS A 94 13.80 -0.26 8.55
N GLY A 95 13.94 -0.46 9.87
CA GLY A 95 15.14 -0.13 10.61
C GLY A 95 16.33 -1.00 10.16
N ALA A 96 16.08 -2.29 9.87
CA ALA A 96 17.10 -3.20 9.38
C ALA A 96 17.63 -2.73 8.02
N ASN A 97 16.71 -2.39 7.10
CA ASN A 97 17.06 -1.91 5.77
C ASN A 97 17.66 -0.50 5.78
N GLY A 98 17.26 0.35 6.72
CA GLY A 98 17.62 1.76 6.73
C GLY A 98 16.72 2.56 5.77
N ILE A 99 15.44 2.17 5.68
CA ILE A 99 14.45 2.89 4.87
C ILE A 99 14.26 4.28 5.47
N ASP A 100 14.05 5.27 4.61
CA ASP A 100 13.87 6.69 4.98
C ASP A 100 12.88 7.42 4.06
N LYS A 101 12.85 7.08 2.76
CA LYS A 101 11.97 7.73 1.78
C LYS A 101 10.59 7.07 1.70
N VAL A 102 10.41 5.90 2.33
CA VAL A 102 9.11 5.26 2.53
C VAL A 102 8.86 5.26 4.04
N GLU A 103 7.60 5.11 4.45
CA GLU A 103 7.23 4.91 5.84
C GLU A 103 6.23 3.75 5.92
N THR A 104 6.24 3.02 7.03
CA THR A 104 5.51 1.77 7.18
C THR A 104 4.39 1.92 8.19
N LEU A 105 3.24 1.31 7.88
CA LEU A 105 1.97 1.49 8.58
C LEU A 105 1.28 0.13 8.72
N SER A 106 0.30 0.04 9.61
CA SER A 106 -0.30 -1.22 10.02
C SER A 106 -1.82 -1.07 10.11
N ASP A 107 -2.59 -2.04 9.60
CA ASP A 107 -4.04 -1.93 9.46
C ASP A 107 -4.76 -3.07 10.20
N HIS A 108 -4.02 -4.04 10.75
CA HIS A 108 -4.57 -5.26 11.37
C HIS A 108 -5.55 -5.00 12.53
N ARG A 109 -5.53 -3.80 13.13
CA ARG A 109 -6.41 -3.39 14.20
C ARG A 109 -7.89 -3.57 13.81
N ASP A 110 -8.25 -3.19 12.58
CA ASP A 110 -9.66 -3.13 12.14
C ASP A 110 -9.81 -3.35 10.62
N MET A 111 -8.69 -3.52 9.90
CA MET A 111 -8.57 -3.63 8.47
C MET A 111 -9.35 -2.54 7.71
N SER A 112 -9.55 -1.36 8.30
CA SER A 112 -10.41 -0.32 7.78
C SER A 112 -9.95 0.12 6.38
N PHE A 113 -8.64 0.33 6.20
CA PHE A 113 -8.09 0.83 4.94
C PHE A 113 -8.17 -0.26 3.88
N GLY A 114 -7.76 -1.48 4.23
CA GLY A 114 -7.69 -2.58 3.30
C GLY A 114 -9.07 -3.02 2.85
N GLU A 115 -10.06 -3.00 3.75
CA GLU A 115 -11.44 -3.26 3.42
C GLU A 115 -11.92 -2.23 2.40
N ALA A 116 -11.62 -0.95 2.63
CA ALA A 116 -12.16 0.15 1.84
C ALA A 116 -11.62 0.15 0.40
N PHE A 117 -10.32 -0.10 0.23
CA PHE A 117 -9.70 -0.25 -1.09
C PHE A 117 -9.99 -1.62 -1.73
N GLY A 118 -10.78 -2.50 -1.10
CA GLY A 118 -11.15 -3.79 -1.67
C GLY A 118 -9.95 -4.74 -1.78
N VAL A 119 -9.09 -4.75 -0.77
CA VAL A 119 -7.88 -5.59 -0.72
C VAL A 119 -7.86 -6.45 0.55
N TYR A 120 -8.85 -6.34 1.44
CA TYR A 120 -9.02 -7.27 2.54
C TYR A 120 -9.70 -8.50 1.93
N ILE A 121 -8.92 -9.57 1.78
CA ILE A 121 -9.34 -10.78 1.11
C ILE A 121 -10.20 -11.55 2.10
N LYS A 122 -11.53 -11.47 1.94
CA LYS A 122 -12.53 -12.08 2.82
C LYS A 122 -12.24 -13.56 3.06
N GLU A 123 -11.87 -14.28 2.00
CA GLU A 123 -11.63 -15.73 2.04
C GLU A 123 -10.37 -16.12 2.83
N LEU A 124 -9.51 -15.15 3.18
CA LEU A 124 -8.27 -15.39 3.93
C LEU A 124 -8.23 -14.60 5.24
N ARG A 125 -9.06 -13.57 5.36
CA ARG A 125 -8.99 -12.55 6.42
C ARG A 125 -7.57 -11.97 6.45
N LEU A 126 -6.95 -11.77 5.27
CA LEU A 126 -5.60 -11.23 5.13
C LEU A 126 -5.64 -10.12 4.07
N LEU A 127 -4.66 -9.21 4.13
CA LEU A 127 -4.50 -8.14 3.15
C LEU A 127 -3.86 -8.69 1.88
N ALA A 128 -4.20 -8.11 0.73
CA ALA A 128 -3.64 -8.42 -0.59
C ALA A 128 -2.27 -7.75 -0.79
N ARG A 129 -1.70 -7.89 -1.98
CA ARG A 129 -0.52 -7.14 -2.41
C ARG A 129 -0.94 -6.37 -3.66
N SER A 130 -1.00 -5.05 -3.54
CA SER A 130 -1.56 -4.11 -4.53
C SER A 130 -0.93 -2.75 -4.25
N VAL A 131 -1.12 -1.77 -5.14
CA VAL A 131 -0.47 -0.47 -4.99
C VAL A 131 -1.35 0.61 -5.59
N PHE A 132 -1.35 1.80 -4.98
CA PHE A 132 -2.21 2.92 -5.32
C PHE A 132 -1.35 4.19 -5.37
N VAL A 133 -1.80 5.21 -6.08
CA VAL A 133 -1.19 6.54 -6.13
C VAL A 133 -2.32 7.53 -6.00
N LEU A 134 -2.14 8.55 -5.15
CA LEU A 134 -3.14 9.52 -4.79
C LEU A 134 -2.60 10.91 -5.11
N ASP A 135 -3.41 11.70 -5.78
CA ASP A 135 -3.21 13.13 -6.01
C ASP A 135 -3.28 13.88 -4.68
N GLU A 136 -2.87 15.16 -4.65
CA GLU A 136 -3.01 16.02 -3.49
C GLU A 136 -4.48 16.20 -3.04
N ASN A 137 -5.47 15.94 -3.90
CA ASN A 137 -6.88 15.96 -3.54
C ASN A 137 -7.35 14.60 -3.00
N GLY A 138 -6.48 13.59 -2.92
CA GLY A 138 -6.87 12.23 -2.55
C GLY A 138 -7.65 11.51 -3.66
N LYS A 139 -7.50 11.94 -4.92
CA LYS A 139 -8.09 11.22 -6.06
C LYS A 139 -7.08 10.19 -6.51
N VAL A 140 -7.55 9.01 -6.89
CA VAL A 140 -6.71 7.92 -7.35
C VAL A 140 -6.12 8.35 -8.70
N VAL A 141 -4.80 8.48 -8.78
CA VAL A 141 -4.06 8.76 -10.01
C VAL A 141 -3.79 7.44 -10.74
N TYR A 142 -3.57 6.37 -9.98
CA TYR A 142 -3.30 5.03 -10.50
C TYR A 142 -3.63 4.05 -9.38
N ALA A 143 -4.13 2.86 -9.74
CA ALA A 143 -4.28 1.76 -8.80
C ALA A 143 -4.09 0.46 -9.58
N GLU A 144 -3.47 -0.53 -8.95
CA GLU A 144 -3.15 -1.82 -9.55
C GLU A 144 -3.28 -2.89 -8.47
N TYR A 145 -3.89 -4.00 -8.85
CA TYR A 145 -4.25 -5.11 -7.97
C TYR A 145 -3.68 -6.35 -8.63
N VAL A 146 -2.81 -7.08 -7.95
CA VAL A 146 -2.23 -8.29 -8.50
C VAL A 146 -3.33 -9.35 -8.52
N SER A 147 -3.44 -10.08 -9.62
CA SER A 147 -4.42 -11.15 -9.77
C SER A 147 -4.14 -12.35 -8.87
N GLU A 148 -3.02 -12.39 -8.13
CA GLU A 148 -2.58 -13.52 -7.33
C GLU A 148 -1.84 -12.95 -6.11
N ALA A 149 -2.33 -13.24 -4.90
CA ALA A 149 -1.87 -12.61 -3.67
C ALA A 149 -0.45 -13.04 -3.26
N THR A 150 0.06 -14.14 -3.79
CA THR A 150 1.41 -14.65 -3.52
C THR A 150 2.44 -14.03 -4.49
N ASN A 151 2.03 -13.00 -5.26
CA ASN A 151 2.82 -12.28 -6.27
C ASN A 151 2.73 -10.77 -5.95
N HIS A 152 3.39 -9.89 -6.72
CA HIS A 152 3.55 -8.48 -6.38
C HIS A 152 3.37 -7.56 -7.61
N PRO A 153 2.93 -6.30 -7.43
CA PRO A 153 2.81 -5.34 -8.51
C PRO A 153 4.20 -4.73 -8.79
N ASN A 154 4.49 -4.34 -10.03
CA ASN A 154 5.78 -3.74 -10.34
C ASN A 154 5.78 -2.30 -9.80
N TYR A 155 6.65 -2.01 -8.84
CA TYR A 155 6.86 -0.70 -8.23
C TYR A 155 7.10 0.40 -9.27
N GLU A 156 7.62 0.07 -10.45
CA GLU A 156 7.85 1.04 -11.51
C GLU A 156 6.55 1.71 -11.98
N LYS A 157 5.40 1.02 -11.94
CA LYS A 157 4.18 1.57 -12.53
C LYS A 157 3.61 2.72 -11.69
N PRO A 158 3.45 2.61 -10.36
CA PRO A 158 3.04 3.75 -9.55
C PRO A 158 4.12 4.84 -9.49
N ILE A 159 5.41 4.48 -9.57
CA ILE A 159 6.48 5.45 -9.75
C ILE A 159 6.20 6.31 -10.98
N GLU A 160 5.89 5.68 -12.13
CA GLU A 160 5.64 6.40 -13.37
C GLU A 160 4.42 7.32 -13.26
N ALA A 161 3.43 6.92 -12.46
CA ALA A 161 2.25 7.75 -12.19
C ALA A 161 2.62 8.97 -11.33
N ALA A 162 3.40 8.77 -10.27
CA ALA A 162 3.78 9.81 -9.33
C ALA A 162 4.79 10.80 -9.94
N LYS A 163 5.84 10.29 -10.60
CA LYS A 163 6.88 11.14 -11.20
C LYS A 163 6.31 12.12 -12.21
N ALA A 164 5.18 11.78 -12.83
CA ALA A 164 4.46 12.64 -13.77
C ALA A 164 3.86 13.88 -13.10
N LEU A 165 3.60 13.86 -11.79
CA LEU A 165 2.83 14.90 -11.09
C LEU A 165 3.61 15.66 -10.02
N VAL A 166 4.63 15.04 -9.41
CA VAL A 166 5.45 15.68 -8.38
C VAL A 166 6.26 16.88 -8.92
N LYS A 167 6.36 17.04 -10.25
CA LYS A 167 7.16 18.06 -10.93
C LYS A 167 6.43 18.44 -12.21
N MET A 1 -13.68 -5.85 -10.93
CA MET A 1 -13.34 -6.42 -9.61
C MET A 1 -12.03 -7.21 -9.74
N ALA A 2 -11.09 -6.99 -8.81
CA ALA A 2 -9.76 -7.59 -8.89
C ALA A 2 -9.80 -9.12 -8.79
N GLU A 3 -10.70 -9.65 -7.95
CA GLU A 3 -11.00 -11.08 -7.78
C GLU A 3 -9.71 -11.93 -7.76
N ILE A 4 -8.74 -11.47 -6.97
CA ILE A 4 -7.36 -11.97 -6.92
C ILE A 4 -7.39 -13.49 -6.67
N THR A 5 -6.72 -14.27 -7.52
CA THR A 5 -6.59 -15.70 -7.33
C THR A 5 -5.54 -16.00 -6.27
N PHE A 6 -5.57 -17.22 -5.72
CA PHE A 6 -4.62 -17.70 -4.72
C PHE A 6 -3.82 -18.88 -5.29
N LYS A 7 -3.46 -18.78 -6.58
CA LYS A 7 -2.85 -19.84 -7.39
C LYS A 7 -3.50 -21.20 -7.13
N GLY A 8 -4.79 -21.30 -7.47
CA GLY A 8 -5.59 -22.50 -7.30
C GLY A 8 -7.07 -22.23 -7.57
N GLY A 9 -7.51 -20.98 -7.35
CA GLY A 9 -8.84 -20.50 -7.66
C GLY A 9 -8.99 -19.03 -7.30
N PRO A 10 -10.10 -18.38 -7.70
CA PRO A 10 -10.39 -16.99 -7.35
C PRO A 10 -10.75 -16.86 -5.87
N VAL A 11 -10.61 -15.65 -5.33
CA VAL A 11 -11.04 -15.34 -3.97
C VAL A 11 -11.71 -13.96 -3.99
N THR A 12 -12.76 -13.82 -3.19
CA THR A 12 -13.51 -12.58 -3.00
C THR A 12 -12.65 -11.54 -2.27
N LEU A 13 -13.00 -10.25 -2.42
CA LEU A 13 -12.37 -9.14 -1.71
C LEU A 13 -13.48 -8.22 -1.23
N VAL A 14 -13.29 -7.61 -0.06
CA VAL A 14 -14.20 -6.59 0.44
C VAL A 14 -13.81 -5.25 -0.22
N GLY A 15 -14.78 -4.38 -0.46
CA GLY A 15 -14.57 -3.07 -1.07
C GLY A 15 -14.96 -3.14 -2.54
N GLN A 16 -14.41 -2.22 -3.34
CA GLN A 16 -14.48 -2.25 -4.79
C GLN A 16 -13.10 -2.00 -5.36
N GLU A 17 -12.90 -2.38 -6.63
CA GLU A 17 -11.72 -2.01 -7.38
C GLU A 17 -11.79 -0.49 -7.52
N VAL A 18 -10.84 0.22 -6.92
CA VAL A 18 -10.76 1.68 -7.01
C VAL A 18 -10.04 2.01 -8.32
N LYS A 19 -10.35 3.18 -8.91
CA LYS A 19 -9.89 3.56 -10.24
C LYS A 19 -9.33 4.98 -10.21
N VAL A 20 -8.45 5.28 -11.16
CA VAL A 20 -7.82 6.59 -11.31
C VAL A 20 -8.91 7.65 -11.52
N GLY A 21 -8.72 8.82 -10.91
CA GLY A 21 -9.62 9.96 -11.00
C GLY A 21 -10.68 9.95 -9.90
N ASP A 22 -10.97 8.79 -9.29
CA ASP A 22 -11.91 8.69 -8.20
C ASP A 22 -11.30 9.26 -6.93
N GLN A 23 -12.15 9.75 -6.04
CA GLN A 23 -11.79 10.14 -4.69
C GLN A 23 -11.50 8.84 -3.96
N ALA A 24 -10.33 8.73 -3.33
CA ALA A 24 -9.98 7.55 -2.55
C ALA A 24 -10.97 7.38 -1.38
N PRO A 25 -11.19 6.15 -0.89
CA PRO A 25 -12.13 5.88 0.20
C PRO A 25 -11.92 6.69 1.49
N ASP A 26 -10.66 7.07 1.77
CA ASP A 26 -10.22 7.85 2.94
C ASP A 26 -10.69 7.27 4.29
N PHE A 27 -9.90 6.32 4.81
CA PHE A 27 -10.12 5.64 6.08
C PHE A 27 -8.84 5.60 6.91
N THR A 28 -8.96 5.13 8.15
CA THR A 28 -7.92 5.12 9.17
C THR A 28 -7.08 3.84 9.05
N VAL A 29 -5.87 3.87 9.60
CA VAL A 29 -4.90 2.80 9.69
C VAL A 29 -4.05 3.11 10.94
N LEU A 30 -3.37 2.13 11.54
CA LEU A 30 -2.41 2.42 12.62
C LEU A 30 -1.04 2.65 11.98
N THR A 31 -0.22 3.54 12.52
CA THR A 31 1.16 3.64 12.11
C THR A 31 1.95 2.44 12.68
N ASN A 32 3.16 2.18 12.20
CA ASN A 32 4.05 1.22 12.87
C ASN A 32 4.50 1.74 14.26
N SER A 33 4.16 2.98 14.61
CA SER A 33 4.43 3.62 15.89
C SER A 33 3.24 3.46 16.87
N LEU A 34 2.19 2.74 16.47
CA LEU A 34 0.98 2.51 17.26
C LEU A 34 0.23 3.82 17.56
N GLU A 35 0.08 4.67 16.55
CA GLU A 35 -0.77 5.86 16.58
C GLU A 35 -1.72 5.81 15.39
N GLU A 36 -2.83 6.55 15.40
CA GLU A 36 -3.74 6.57 14.25
C GLU A 36 -3.17 7.46 13.15
N LYS A 37 -3.36 7.04 11.90
CA LYS A 37 -3.11 7.80 10.69
C LYS A 37 -4.26 7.49 9.74
N SER A 38 -4.47 8.30 8.70
CA SER A 38 -5.55 8.09 7.75
C SER A 38 -5.13 8.65 6.40
N LEU A 39 -5.89 8.37 5.35
CA LEU A 39 -5.62 8.93 4.03
C LEU A 39 -5.60 10.47 4.06
N ALA A 40 -6.32 11.11 4.99
CA ALA A 40 -6.28 12.54 5.19
C ALA A 40 -4.88 13.09 5.49
N ASP A 41 -3.99 12.28 6.10
CA ASP A 41 -2.59 12.63 6.27
C ASP A 41 -1.84 12.42 4.97
N MET A 42 -2.15 11.33 4.29
CA MET A 42 -1.44 10.88 3.10
C MET A 42 -1.65 11.89 1.98
N LYS A 43 -2.86 12.43 1.84
CA LYS A 43 -3.18 13.46 0.87
C LYS A 43 -2.55 14.82 1.22
N GLY A 44 -1.83 14.93 2.33
CA GLY A 44 -1.02 16.10 2.64
C GLY A 44 0.12 16.28 1.64
N LYS A 45 0.46 15.25 0.84
CA LYS A 45 1.45 15.32 -0.22
C LYS A 45 1.03 14.36 -1.34
N VAL A 46 1.67 14.44 -2.51
CA VAL A 46 1.48 13.40 -3.52
C VAL A 46 2.12 12.18 -2.87
N THR A 47 1.35 11.11 -2.70
CA THR A 47 1.76 9.97 -1.90
C THR A 47 1.56 8.66 -2.66
N ILE A 48 2.35 7.64 -2.31
CA ILE A 48 2.27 6.29 -2.86
C ILE A 48 1.95 5.37 -1.69
N ILE A 49 1.11 4.35 -1.91
CA ILE A 49 0.64 3.42 -0.90
C ILE A 49 0.92 2.01 -1.42
N SER A 50 1.81 1.28 -0.77
CA SER A 50 2.30 -0.01 -1.24
C SER A 50 1.83 -1.11 -0.29
N VAL A 51 0.76 -1.79 -0.66
CA VAL A 51 0.12 -2.78 0.20
C VAL A 51 0.84 -4.12 0.04
N ILE A 52 1.04 -4.86 1.14
CA ILE A 52 1.50 -6.25 1.14
C ILE A 52 0.69 -7.05 2.19
N PRO A 53 0.55 -8.38 2.09
CA PRO A 53 -0.18 -9.18 3.08
C PRO A 53 0.38 -9.01 4.49
N SER A 54 1.69 -9.16 4.62
CA SER A 54 2.48 -9.08 5.83
C SER A 54 3.93 -8.82 5.38
N ILE A 55 4.81 -8.40 6.29
CA ILE A 55 6.14 -7.93 5.91
C ILE A 55 7.20 -9.03 6.08
N ASP A 56 6.94 -10.01 6.96
CA ASP A 56 7.85 -11.12 7.27
C ASP A 56 7.70 -12.24 6.22
N THR A 57 7.85 -11.88 4.95
CA THR A 57 7.68 -12.77 3.81
C THR A 57 8.50 -12.26 2.62
N GLY A 58 8.42 -12.94 1.48
CA GLY A 58 9.10 -12.58 0.24
C GLY A 58 8.51 -11.32 -0.41
N VAL A 59 9.09 -10.92 -1.54
CA VAL A 59 8.75 -9.80 -2.42
C VAL A 59 8.63 -8.41 -1.76
N CYS A 60 8.71 -8.30 -0.44
CA CYS A 60 8.81 -7.02 0.27
C CYS A 60 10.12 -6.30 -0.07
N ASP A 61 11.14 -7.03 -0.52
CA ASP A 61 12.36 -6.44 -1.07
C ASP A 61 12.04 -5.54 -2.28
N ALA A 62 11.00 -5.87 -3.06
CA ALA A 62 10.53 -5.01 -4.14
C ALA A 62 9.54 -3.98 -3.60
N GLN A 63 8.45 -4.44 -2.98
CA GLN A 63 7.32 -3.59 -2.61
C GLN A 63 7.64 -2.59 -1.48
N THR A 64 8.74 -2.76 -0.74
CA THR A 64 9.11 -1.87 0.37
C THR A 64 10.57 -1.41 0.21
N ARG A 65 11.54 -2.33 0.08
CA ARG A 65 12.95 -1.91 0.11
C ARG A 65 13.36 -1.21 -1.18
N ARG A 66 13.12 -1.79 -2.35
CA ARG A 66 13.39 -1.09 -3.60
C ARG A 66 12.52 0.15 -3.69
N PHE A 67 11.28 0.09 -3.18
CA PHE A 67 10.41 1.25 -3.12
C PHE A 67 11.07 2.42 -2.40
N ASN A 68 11.72 2.16 -1.26
CA ASN A 68 12.44 3.18 -0.50
C ASN A 68 13.61 3.76 -1.29
N GLU A 69 14.39 2.91 -1.95
CA GLU A 69 15.49 3.33 -2.80
C GLU A 69 14.92 4.21 -3.92
N GLU A 70 13.87 3.79 -4.63
CA GLU A 70 13.32 4.52 -5.76
C GLU A 70 12.76 5.86 -5.31
N ALA A 71 12.10 5.91 -4.15
CA ALA A 71 11.67 7.16 -3.55
C ALA A 71 12.85 8.08 -3.21
N ALA A 72 14.02 7.55 -2.86
CA ALA A 72 15.21 8.36 -2.60
C ALA A 72 15.75 8.96 -3.90
N LYS A 73 15.64 8.24 -5.04
CA LYS A 73 16.08 8.77 -6.32
C LYS A 73 15.15 9.92 -6.74
N LEU A 74 13.83 9.78 -6.51
CA LEU A 74 12.86 10.86 -6.71
C LEU A 74 13.23 12.03 -5.82
N GLY A 75 13.47 11.77 -4.52
CA GLY A 75 14.03 12.72 -3.57
C GLY A 75 13.04 13.80 -3.10
N ASP A 76 11.79 13.79 -3.59
CA ASP A 76 10.76 14.77 -3.29
C ASP A 76 9.40 14.12 -3.52
N VAL A 77 9.08 13.12 -2.70
CA VAL A 77 7.83 12.37 -2.73
C VAL A 77 7.52 11.94 -1.30
N ASN A 78 6.29 11.46 -1.06
CA ASN A 78 5.90 10.81 0.19
C ASN A 78 5.43 9.40 -0.18
N VAL A 79 5.69 8.40 0.65
CA VAL A 79 5.26 7.04 0.37
C VAL A 79 5.09 6.27 1.69
N TYR A 80 4.13 5.36 1.72
CA TYR A 80 3.82 4.48 2.83
C TYR A 80 3.63 3.06 2.33
N THR A 81 3.69 2.09 3.24
CA THR A 81 3.45 0.68 2.99
C THR A 81 2.40 0.23 4.01
N ILE A 82 1.55 -0.74 3.68
CA ILE A 82 0.45 -1.16 4.54
C ILE A 82 0.42 -2.68 4.60
N SER A 83 0.23 -3.24 5.80
CA SER A 83 0.06 -4.67 6.02
C SER A 83 -1.02 -4.95 7.05
N ALA A 84 -1.57 -6.16 7.02
CA ALA A 84 -2.44 -6.67 8.08
C ALA A 84 -1.54 -7.42 9.07
N ASP A 85 -0.44 -6.78 9.48
CA ASP A 85 0.66 -7.38 10.25
C ASP A 85 1.00 -6.45 11.41
N LEU A 86 1.77 -6.96 12.37
CA LEU A 86 2.01 -6.31 13.65
C LEU A 86 2.77 -5.00 13.42
N PRO A 87 2.40 -3.90 14.08
CA PRO A 87 3.11 -2.63 14.02
C PRO A 87 4.61 -2.80 14.27
N PHE A 88 4.98 -3.61 15.27
CA PHE A 88 6.37 -3.74 15.65
C PHE A 88 7.15 -4.58 14.63
N ALA A 89 6.53 -5.55 13.95
CA ALA A 89 7.19 -6.29 12.89
C ALA A 89 7.49 -5.35 11.74
N GLN A 90 6.50 -4.55 11.32
CA GLN A 90 6.64 -3.52 10.30
C GLN A 90 7.72 -2.49 10.66
N ALA A 91 7.79 -2.03 11.91
CA ALA A 91 8.84 -1.12 12.36
C ALA A 91 10.21 -1.79 12.32
N ARG A 92 10.31 -3.04 12.80
CA ARG A 92 11.58 -3.75 12.94
C ARG A 92 12.17 -4.01 11.57
N TRP A 93 11.34 -4.40 10.60
CA TRP A 93 11.76 -4.64 9.23
C TRP A 93 12.34 -3.35 8.62
N CYS A 94 11.72 -2.19 8.89
CA CYS A 94 12.25 -0.91 8.43
C CYS A 94 13.59 -0.60 9.07
N GLY A 95 13.70 -0.77 10.39
CA GLY A 95 14.92 -0.45 11.14
C GLY A 95 16.08 -1.35 10.73
N ALA A 96 15.82 -2.63 10.47
CA ALA A 96 16.82 -3.60 10.03
C ALA A 96 17.38 -3.21 8.66
N ASN A 97 16.50 -2.77 7.75
CA ASN A 97 16.85 -2.45 6.38
C ASN A 97 17.40 -1.04 6.21
N GLY A 98 17.12 -0.13 7.16
CA GLY A 98 17.54 1.26 7.08
C GLY A 98 16.61 2.07 6.17
N ILE A 99 15.32 1.70 6.13
CA ILE A 99 14.29 2.40 5.40
C ILE A 99 14.14 3.79 6.04
N ASP A 100 13.90 4.81 5.22
CA ASP A 100 13.85 6.22 5.63
C ASP A 100 12.80 7.03 4.85
N LYS A 101 12.64 6.77 3.55
CA LYS A 101 11.68 7.47 2.69
C LYS A 101 10.27 6.91 2.87
N VAL A 102 10.16 5.64 3.27
CA VAL A 102 8.90 4.93 3.44
C VAL A 102 8.66 4.76 4.95
N GLU A 103 7.40 4.57 5.33
CA GLU A 103 6.99 4.17 6.68
C GLU A 103 5.90 3.13 6.47
N THR A 104 5.93 2.07 7.28
CA THR A 104 5.00 0.95 7.19
C THR A 104 3.87 1.19 8.19
N LEU A 105 2.66 0.72 7.88
CA LEU A 105 1.43 1.05 8.61
C LEU A 105 0.60 -0.24 8.77
N SER A 106 -0.03 -0.44 9.92
CA SER A 106 -0.75 -1.64 10.26
C SER A 106 -2.25 -1.41 10.12
N ASP A 107 -2.83 -1.97 9.06
CA ASP A 107 -4.28 -2.05 8.90
C ASP A 107 -4.83 -3.23 9.70
N HIS A 108 -3.96 -4.05 10.32
CA HIS A 108 -4.34 -5.14 11.22
C HIS A 108 -5.32 -4.66 12.31
N ARG A 109 -5.07 -3.47 12.86
CA ARG A 109 -5.85 -2.90 13.95
C ARG A 109 -7.19 -2.36 13.45
N ASP A 110 -7.17 -1.65 12.32
CA ASP A 110 -8.33 -0.88 11.87
C ASP A 110 -9.22 -1.60 10.87
N MET A 111 -8.60 -2.38 9.98
CA MET A 111 -9.14 -3.04 8.79
C MET A 111 -9.84 -2.11 7.78
N SER A 112 -10.27 -0.90 8.15
CA SER A 112 -11.06 -0.04 7.30
C SER A 112 -10.34 0.32 5.99
N PHE A 113 -9.01 0.45 6.00
CA PHE A 113 -8.28 0.85 4.81
C PHE A 113 -8.39 -0.25 3.77
N GLY A 114 -8.01 -1.49 4.13
CA GLY A 114 -7.98 -2.61 3.20
C GLY A 114 -9.39 -3.04 2.81
N GLU A 115 -10.31 -2.99 3.77
CA GLU A 115 -11.71 -3.32 3.57
C GLU A 115 -12.35 -2.41 2.54
N ALA A 116 -11.92 -1.14 2.44
CA ALA A 116 -12.50 -0.19 1.52
C ALA A 116 -11.82 -0.20 0.15
N PHE A 117 -10.48 -0.25 0.11
CA PHE A 117 -9.69 -0.08 -1.12
C PHE A 117 -9.72 -1.32 -2.05
N GLY A 118 -10.63 -2.28 -1.82
CA GLY A 118 -10.75 -3.47 -2.66
C GLY A 118 -9.52 -4.36 -2.55
N VAL A 119 -8.92 -4.48 -1.36
CA VAL A 119 -7.60 -5.11 -1.21
C VAL A 119 -7.56 -6.05 0.00
N TYR A 120 -8.56 -6.05 0.88
CA TYR A 120 -8.69 -7.07 1.92
C TYR A 120 -9.34 -8.28 1.26
N ILE A 121 -8.63 -9.40 1.20
CA ILE A 121 -9.10 -10.61 0.54
C ILE A 121 -10.04 -11.29 1.53
N LYS A 122 -11.33 -11.05 1.31
CA LYS A 122 -12.44 -11.38 2.20
C LYS A 122 -12.32 -12.78 2.76
N GLU A 123 -12.21 -13.78 1.88
CA GLU A 123 -12.32 -15.17 2.32
C GLU A 123 -10.98 -15.74 2.81
N LEU A 124 -9.85 -15.06 2.58
CA LEU A 124 -8.59 -15.42 3.23
C LEU A 124 -8.54 -14.79 4.63
N ARG A 125 -9.32 -13.73 4.86
CA ARG A 125 -9.25 -12.87 6.03
C ARG A 125 -7.84 -12.25 6.11
N LEU A 126 -7.18 -12.00 4.96
CA LEU A 126 -5.81 -11.47 4.89
C LEU A 126 -5.78 -10.38 3.83
N LEU A 127 -4.85 -9.43 3.95
CA LEU A 127 -4.67 -8.34 2.99
C LEU A 127 -3.93 -8.85 1.74
N ALA A 128 -4.17 -8.22 0.59
CA ALA A 128 -3.48 -8.52 -0.66
C ALA A 128 -2.15 -7.75 -0.77
N ARG A 129 -1.50 -7.87 -1.93
CA ARG A 129 -0.36 -7.04 -2.33
C ARG A 129 -0.85 -6.27 -3.55
N SER A 130 -0.74 -4.96 -3.55
CA SER A 130 -1.29 -4.03 -4.55
C SER A 130 -0.63 -2.67 -4.31
N VAL A 131 -0.89 -1.67 -5.15
CA VAL A 131 -0.25 -0.36 -4.98
C VAL A 131 -1.14 0.73 -5.57
N PHE A 132 -1.11 1.91 -4.95
CA PHE A 132 -1.91 3.08 -5.32
C PHE A 132 -1.04 4.34 -5.24
N VAL A 133 -1.43 5.41 -5.95
CA VAL A 133 -0.83 6.74 -5.87
C VAL A 133 -1.98 7.72 -5.68
N LEU A 134 -1.74 8.77 -4.90
CA LEU A 134 -2.74 9.71 -4.41
C LEU A 134 -2.24 11.12 -4.67
N ASP A 135 -3.09 11.94 -5.30
CA ASP A 135 -2.89 13.37 -5.45
C ASP A 135 -3.15 14.07 -4.11
N GLU A 136 -2.71 15.32 -3.95
CA GLU A 136 -2.95 16.10 -2.74
C GLU A 136 -4.45 16.33 -2.45
N ASN A 137 -5.36 16.14 -3.41
CA ASN A 137 -6.80 16.17 -3.18
C ASN A 137 -7.34 14.84 -2.62
N GLY A 138 -6.50 13.80 -2.50
CA GLY A 138 -6.91 12.45 -2.15
C GLY A 138 -7.63 11.75 -3.30
N LYS A 139 -7.32 12.12 -4.55
CA LYS A 139 -7.83 11.45 -5.73
C LYS A 139 -6.77 10.46 -6.20
N VAL A 140 -7.19 9.32 -6.70
CA VAL A 140 -6.27 8.27 -7.13
C VAL A 140 -5.65 8.68 -8.46
N VAL A 141 -4.33 8.49 -8.58
CA VAL A 141 -3.53 8.88 -9.75
C VAL A 141 -3.08 7.64 -10.52
N TYR A 142 -2.86 6.54 -9.80
CA TYR A 142 -2.56 5.22 -10.32
C TYR A 142 -3.11 4.24 -9.29
N ALA A 143 -3.61 3.10 -9.75
CA ALA A 143 -3.97 1.97 -8.90
C ALA A 143 -3.74 0.71 -9.71
N GLU A 144 -3.21 -0.33 -9.07
CA GLU A 144 -3.08 -1.65 -9.69
C GLU A 144 -3.20 -2.72 -8.62
N TYR A 145 -3.72 -3.88 -9.04
CA TYR A 145 -3.94 -5.06 -8.24
C TYR A 145 -3.24 -6.20 -8.98
N VAL A 146 -2.63 -7.13 -8.25
CA VAL A 146 -1.74 -8.14 -8.83
C VAL A 146 -2.44 -9.28 -9.57
N SER A 147 -3.78 -9.39 -9.44
CA SER A 147 -4.64 -10.43 -10.01
C SER A 147 -4.37 -11.86 -9.52
N GLU A 148 -3.19 -12.19 -8.99
CA GLU A 148 -2.88 -13.45 -8.32
C GLU A 148 -1.93 -13.14 -7.18
N ALA A 149 -2.30 -13.52 -5.96
CA ALA A 149 -1.62 -13.11 -4.72
C ALA A 149 -0.15 -13.52 -4.64
N THR A 150 0.31 -14.49 -5.43
CA THR A 150 1.68 -14.99 -5.39
C THR A 150 2.69 -14.06 -6.07
N ASN A 151 2.25 -12.96 -6.70
CA ASN A 151 3.12 -12.01 -7.40
C ASN A 151 2.83 -10.59 -6.92
N HIS A 152 3.74 -9.65 -7.19
CA HIS A 152 3.74 -8.29 -6.64
C HIS A 152 3.62 -7.27 -7.78
N PRO A 153 3.11 -6.04 -7.53
CA PRO A 153 3.08 -5.03 -8.57
C PRO A 153 4.51 -4.49 -8.76
N ASN A 154 4.85 -3.96 -9.93
CA ASN A 154 6.17 -3.38 -10.15
C ASN A 154 6.15 -1.95 -9.62
N TYR A 155 6.90 -1.67 -8.56
CA TYR A 155 7.10 -0.36 -7.94
C TYR A 155 7.45 0.74 -8.93
N GLU A 156 8.05 0.41 -10.08
CA GLU A 156 8.37 1.40 -11.11
C GLU A 156 7.10 2.09 -11.62
N LYS A 157 5.99 1.36 -11.78
CA LYS A 157 4.78 1.90 -12.40
C LYS A 157 4.20 3.07 -11.59
N PRO A 158 3.95 2.93 -10.26
CA PRO A 158 3.51 4.04 -9.45
C PRO A 158 4.60 5.11 -9.28
N ILE A 159 5.90 4.77 -9.36
CA ILE A 159 6.95 5.78 -9.38
C ILE A 159 6.74 6.69 -10.60
N GLU A 160 6.47 6.14 -11.79
CA GLU A 160 6.28 6.92 -13.00
C GLU A 160 5.05 7.83 -12.88
N ALA A 161 4.02 7.37 -12.17
CA ALA A 161 2.85 8.18 -11.89
C ALA A 161 3.20 9.35 -10.97
N ALA A 162 3.85 9.08 -9.84
CA ALA A 162 4.16 10.07 -8.83
C ALA A 162 5.18 11.10 -9.34
N LYS A 163 6.27 10.65 -9.97
CA LYS A 163 7.34 11.53 -10.43
C LYS A 163 6.82 12.57 -11.43
N ALA A 164 5.78 12.24 -12.19
CA ALA A 164 5.17 13.17 -13.13
C ALA A 164 4.50 14.35 -12.40
N LEU A 165 3.93 14.13 -11.21
CA LEU A 165 3.12 15.14 -10.53
C LEU A 165 3.98 16.07 -9.67
N VAL A 166 5.03 15.54 -9.04
CA VAL A 166 5.83 16.29 -8.09
C VAL A 166 6.71 17.39 -8.75
N LYS A 167 6.80 17.42 -10.08
CA LYS A 167 7.54 18.44 -10.82
C LYS A 167 7.01 19.83 -10.46
N MET A 1 -17.47 -6.22 -6.58
CA MET A 1 -16.23 -6.41 -5.78
C MET A 1 -15.07 -6.83 -6.69
N ALA A 2 -13.82 -6.56 -6.28
CA ALA A 2 -12.64 -7.10 -6.95
C ALA A 2 -12.61 -8.63 -6.80
N GLU A 3 -11.89 -9.29 -7.70
CA GLU A 3 -11.58 -10.72 -7.66
C GLU A 3 -10.13 -10.85 -8.11
N ILE A 4 -9.38 -11.75 -7.48
CA ILE A 4 -7.95 -11.99 -7.70
C ILE A 4 -7.77 -13.52 -7.70
N THR A 5 -6.61 -14.03 -8.08
CA THR A 5 -6.27 -15.44 -8.06
C THR A 5 -5.17 -15.64 -7.01
N PHE A 6 -5.11 -16.81 -6.38
CA PHE A 6 -4.14 -17.14 -5.35
C PHE A 6 -3.79 -18.61 -5.56
N LYS A 7 -2.50 -18.89 -5.78
CA LYS A 7 -1.93 -20.23 -5.95
C LYS A 7 -2.76 -21.10 -6.91
N GLY A 8 -3.30 -20.51 -7.99
CA GLY A 8 -3.97 -21.24 -9.06
C GLY A 8 -5.48 -21.41 -8.86
N GLY A 9 -6.11 -20.71 -7.92
CA GLY A 9 -7.57 -20.69 -7.78
C GLY A 9 -8.06 -19.28 -7.43
N PRO A 10 -9.30 -18.92 -7.76
CA PRO A 10 -9.83 -17.57 -7.52
C PRO A 10 -10.05 -17.31 -6.03
N VAL A 11 -9.99 -16.03 -5.63
CA VAL A 11 -10.29 -15.56 -4.30
C VAL A 11 -11.08 -14.25 -4.43
N THR A 12 -12.21 -14.19 -3.73
CA THR A 12 -13.08 -13.02 -3.64
C THR A 12 -12.43 -11.97 -2.74
N LEU A 13 -12.87 -10.71 -2.84
CA LEU A 13 -12.42 -9.62 -1.99
C LEU A 13 -13.62 -8.90 -1.44
N VAL A 14 -13.48 -8.35 -0.24
CA VAL A 14 -14.45 -7.44 0.35
C VAL A 14 -14.13 -6.06 -0.25
N GLY A 15 -15.15 -5.31 -0.69
CA GLY A 15 -14.98 -3.91 -1.07
C GLY A 15 -15.26 -3.68 -2.55
N GLN A 16 -14.72 -2.58 -3.08
CA GLN A 16 -14.91 -2.12 -4.44
C GLN A 16 -13.54 -1.78 -5.05
N GLU A 17 -13.37 -2.05 -6.35
CA GLU A 17 -12.14 -1.72 -7.05
C GLU A 17 -12.21 -0.22 -7.36
N VAL A 18 -11.46 0.57 -6.60
CA VAL A 18 -11.37 2.02 -6.74
C VAL A 18 -10.69 2.35 -8.08
N LYS A 19 -10.94 3.55 -8.59
CA LYS A 19 -10.55 4.00 -9.93
C LYS A 19 -9.79 5.31 -9.82
N VAL A 20 -8.97 5.59 -10.84
CA VAL A 20 -8.30 6.88 -10.99
C VAL A 20 -9.36 7.98 -11.07
N GLY A 21 -9.08 9.12 -10.42
CA GLY A 21 -9.92 10.30 -10.43
C GLY A 21 -10.92 10.31 -9.26
N ASP A 22 -11.15 9.18 -8.58
CA ASP A 22 -11.99 9.14 -7.39
C ASP A 22 -11.23 9.76 -6.21
N GLN A 23 -11.97 10.22 -5.22
CA GLN A 23 -11.41 10.65 -3.94
C GLN A 23 -11.25 9.38 -3.10
N ALA A 24 -10.15 9.30 -2.37
CA ALA A 24 -9.84 8.16 -1.52
C ALA A 24 -10.84 8.05 -0.34
N PRO A 25 -10.98 6.86 0.27
CA PRO A 25 -11.95 6.60 1.35
C PRO A 25 -11.84 7.42 2.63
N ASP A 26 -10.80 8.25 2.81
CA ASP A 26 -10.48 8.92 4.08
C ASP A 26 -10.41 7.90 5.23
N PHE A 27 -9.51 6.95 5.05
CA PHE A 27 -9.30 5.79 5.91
C PHE A 27 -8.36 6.16 7.06
N THR A 28 -8.31 5.30 8.08
CA THR A 28 -7.37 5.38 9.19
C THR A 28 -6.75 3.99 9.36
N VAL A 29 -5.48 3.94 9.76
CA VAL A 29 -4.70 2.76 10.06
C VAL A 29 -3.83 3.08 11.28
N LEU A 30 -3.20 2.07 11.89
CA LEU A 30 -2.19 2.30 12.91
C LEU A 30 -0.86 2.52 12.19
N THR A 31 0.02 3.35 12.72
CA THR A 31 1.38 3.44 12.22
C THR A 31 2.15 2.20 12.70
N ASN A 32 3.33 1.94 12.15
CA ASN A 32 4.25 0.94 12.70
C ASN A 32 4.75 1.33 14.11
N SER A 33 4.42 2.54 14.58
CA SER A 33 4.83 3.11 15.84
C SER A 33 3.64 3.22 16.82
N LEU A 34 2.53 2.54 16.53
CA LEU A 34 1.39 2.36 17.41
C LEU A 34 0.69 3.69 17.74
N GLU A 35 0.47 4.52 16.71
CA GLU A 35 -0.35 5.72 16.76
C GLU A 35 -1.35 5.63 15.61
N GLU A 36 -2.45 6.39 15.63
CA GLU A 36 -3.35 6.45 14.48
C GLU A 36 -2.75 7.38 13.43
N LYS A 37 -2.95 7.04 12.15
CA LYS A 37 -2.64 7.89 11.00
C LYS A 37 -3.74 7.67 9.96
N SER A 38 -4.08 8.71 9.22
CA SER A 38 -5.21 8.71 8.29
C SER A 38 -4.82 9.46 7.02
N LEU A 39 -5.65 9.32 5.97
CA LEU A 39 -5.47 10.01 4.69
C LEU A 39 -5.19 11.50 4.88
N ALA A 40 -5.89 12.16 5.83
CA ALA A 40 -5.76 13.60 6.08
C ALA A 40 -4.32 14.04 6.36
N ASP A 41 -3.51 13.17 6.97
CA ASP A 41 -2.10 13.42 7.20
C ASP A 41 -1.29 13.21 5.92
N MET A 42 -1.65 12.16 5.17
CA MET A 42 -1.00 11.75 3.94
C MET A 42 -1.16 12.81 2.84
N LYS A 43 -2.23 13.61 2.88
CA LYS A 43 -2.46 14.74 1.98
C LYS A 43 -1.31 15.76 1.97
N GLY A 44 -0.41 15.73 2.96
CA GLY A 44 0.72 16.65 3.06
C GLY A 44 1.68 16.57 1.86
N LYS A 45 1.69 15.46 1.11
CA LYS A 45 2.59 15.28 -0.04
C LYS A 45 1.94 14.29 -1.02
N VAL A 46 2.31 14.34 -2.30
CA VAL A 46 1.94 13.31 -3.27
C VAL A 46 2.45 11.98 -2.68
N THR A 47 1.55 11.04 -2.47
CA THR A 47 1.80 9.82 -1.72
C THR A 47 1.65 8.61 -2.63
N ILE A 48 2.38 7.54 -2.32
CA ILE A 48 2.25 6.22 -2.92
C ILE A 48 1.96 5.27 -1.75
N ILE A 49 1.15 4.24 -1.94
CA ILE A 49 0.92 3.21 -0.94
C ILE A 49 1.19 1.83 -1.56
N SER A 50 1.83 0.99 -0.77
CA SER A 50 2.37 -0.30 -1.15
C SER A 50 1.65 -1.35 -0.31
N VAL A 51 0.58 -1.93 -0.85
CA VAL A 51 -0.22 -2.89 -0.10
C VAL A 51 0.46 -4.26 -0.27
N ILE A 52 0.71 -4.95 0.85
CA ILE A 52 1.28 -6.30 0.91
C ILE A 52 0.51 -7.03 2.03
N PRO A 53 0.39 -8.37 2.03
CA PRO A 53 -0.33 -9.07 3.08
C PRO A 53 0.39 -8.94 4.43
N SER A 54 1.70 -9.16 4.42
CA SER A 54 2.59 -9.21 5.57
C SER A 54 4.01 -8.95 5.08
N ILE A 55 4.97 -8.83 5.99
CA ILE A 55 6.32 -8.36 5.69
C ILE A 55 7.34 -9.50 5.91
N ASP A 56 8.63 -9.20 5.71
CA ASP A 56 9.76 -10.12 5.94
C ASP A 56 9.63 -11.43 5.14
N THR A 57 9.24 -11.31 3.87
CA THR A 57 9.25 -12.38 2.88
C THR A 57 9.55 -11.69 1.54
N GLY A 58 10.40 -12.30 0.69
CA GLY A 58 10.96 -11.68 -0.52
C GLY A 58 9.94 -10.95 -1.38
N VAL A 59 8.79 -11.57 -1.63
CA VAL A 59 7.74 -11.05 -2.50
C VAL A 59 7.13 -9.73 -1.98
N CYS A 60 7.19 -9.49 -0.66
CA CYS A 60 6.69 -8.28 0.01
C CYS A 60 7.85 -7.31 0.28
N ASP A 61 8.99 -7.86 0.69
CA ASP A 61 10.23 -7.18 1.03
C ASP A 61 10.71 -6.33 -0.15
N ALA A 62 10.78 -6.93 -1.33
CA ALA A 62 11.33 -6.29 -2.52
C ALA A 62 10.54 -5.03 -2.89
N GLN A 63 9.21 -5.06 -2.76
CA GLN A 63 8.36 -3.92 -3.08
C GLN A 63 8.74 -2.75 -2.17
N THR A 64 8.62 -2.90 -0.85
CA THR A 64 8.83 -1.79 0.07
C THR A 64 10.28 -1.30 0.04
N ARG A 65 11.26 -2.22 -0.07
CA ARG A 65 12.68 -1.82 -0.12
C ARG A 65 12.95 -1.00 -1.38
N ARG A 66 12.52 -1.49 -2.54
CA ARG A 66 12.79 -0.76 -3.78
C ARG A 66 11.98 0.53 -3.80
N PHE A 67 10.78 0.58 -3.22
CA PHE A 67 10.05 1.82 -3.04
C PHE A 67 10.84 2.86 -2.27
N ASN A 68 11.59 2.48 -1.22
CA ASN A 68 12.41 3.43 -0.48
C ASN A 68 13.47 4.06 -1.38
N GLU A 69 14.18 3.23 -2.12
CA GLU A 69 15.25 3.70 -2.99
C GLU A 69 14.65 4.52 -4.14
N GLU A 70 13.56 4.08 -4.77
CA GLU A 70 12.93 4.82 -5.85
C GLU A 70 12.39 6.17 -5.35
N ALA A 71 11.85 6.22 -4.13
CA ALA A 71 11.38 7.46 -3.53
C ALA A 71 12.55 8.43 -3.29
N ALA A 72 13.71 7.93 -2.84
CA ALA A 72 14.91 8.76 -2.74
C ALA A 72 15.34 9.29 -4.11
N LYS A 73 15.22 8.48 -5.17
CA LYS A 73 15.57 8.89 -6.52
C LYS A 73 14.60 9.96 -7.04
N LEU A 74 13.29 9.85 -6.75
CA LEU A 74 12.31 10.90 -7.03
C LEU A 74 12.68 12.17 -6.25
N GLY A 75 13.02 12.03 -4.96
CA GLY A 75 13.61 13.08 -4.13
C GLY A 75 12.59 14.03 -3.50
N ASP A 76 11.31 13.98 -3.90
CA ASP A 76 10.26 14.86 -3.42
C ASP A 76 8.91 14.16 -3.53
N VAL A 77 8.79 13.01 -2.86
CA VAL A 77 7.58 12.19 -2.82
C VAL A 77 7.43 11.67 -1.38
N ASN A 78 6.29 11.04 -1.09
CA ASN A 78 6.01 10.36 0.16
C ASN A 78 5.49 8.97 -0.19
N VAL A 79 5.87 7.94 0.58
CA VAL A 79 5.40 6.58 0.33
C VAL A 79 5.06 5.92 1.68
N TYR A 80 4.12 4.97 1.67
CA TYR A 80 3.78 4.12 2.80
C TYR A 80 3.67 2.67 2.32
N THR A 81 3.58 1.76 3.29
CA THR A 81 3.26 0.37 3.09
C THR A 81 2.19 0.03 4.12
N ILE A 82 1.24 -0.83 3.75
CA ILE A 82 0.14 -1.22 4.62
C ILE A 82 0.04 -2.75 4.56
N SER A 83 -0.09 -3.36 5.74
CA SER A 83 -0.14 -4.80 5.92
C SER A 83 -1.17 -5.20 6.96
N ALA A 84 -1.62 -6.46 6.90
CA ALA A 84 -2.42 -7.10 7.92
C ALA A 84 -1.42 -7.82 8.84
N ASP A 85 -0.45 -7.07 9.34
CA ASP A 85 0.72 -7.58 10.04
C ASP A 85 1.01 -6.67 11.22
N LEU A 86 1.81 -7.15 12.15
CA LEU A 86 2.03 -6.51 13.44
C LEU A 86 2.82 -5.23 13.20
N PRO A 87 2.45 -4.11 13.83
CA PRO A 87 3.11 -2.83 13.59
C PRO A 87 4.59 -2.90 13.93
N PHE A 88 4.93 -3.63 15.01
CA PHE A 88 6.31 -3.79 15.45
C PHE A 88 7.09 -4.75 14.55
N ALA A 89 6.44 -5.72 13.90
CA ALA A 89 7.11 -6.58 12.93
C ALA A 89 7.53 -5.73 11.72
N GLN A 90 6.60 -4.92 11.20
CA GLN A 90 6.91 -3.98 10.13
C GLN A 90 7.99 -2.97 10.56
N ALA A 91 7.92 -2.44 11.79
CA ALA A 91 8.94 -1.54 12.31
C ALA A 91 10.33 -2.20 12.32
N ARG A 92 10.40 -3.46 12.75
CA ARG A 92 11.67 -4.17 12.89
C ARG A 92 12.29 -4.40 11.52
N TRP A 93 11.47 -4.75 10.53
CA TRP A 93 11.93 -5.00 9.18
C TRP A 93 12.40 -3.70 8.50
N CYS A 94 11.66 -2.59 8.62
CA CYS A 94 12.09 -1.35 7.96
C CYS A 94 13.34 -0.79 8.65
N GLY A 95 13.46 -0.96 9.96
CA GLY A 95 14.65 -0.63 10.74
C GLY A 95 15.85 -1.48 10.34
N ALA A 96 15.65 -2.75 9.96
CA ALA A 96 16.73 -3.63 9.51
C ALA A 96 17.34 -3.09 8.21
N ASN A 97 16.47 -2.66 7.27
CA ASN A 97 16.89 -2.08 6.01
C ASN A 97 17.47 -0.66 6.19
N GLY A 98 17.03 0.07 7.22
CA GLY A 98 17.32 1.49 7.38
C GLY A 98 16.48 2.34 6.44
N ILE A 99 15.25 1.91 6.14
CA ILE A 99 14.31 2.62 5.28
C ILE A 99 13.86 3.90 6.01
N ASP A 100 13.62 4.93 5.21
CA ASP A 100 13.32 6.29 5.67
C ASP A 100 12.28 6.98 4.77
N LYS A 101 12.32 6.71 3.46
CA LYS A 101 11.41 7.32 2.49
C LYS A 101 10.05 6.62 2.47
N VAL A 102 9.93 5.44 3.09
CA VAL A 102 8.67 4.75 3.33
C VAL A 102 8.48 4.67 4.85
N GLU A 103 7.23 4.55 5.29
CA GLU A 103 6.87 4.24 6.66
C GLU A 103 5.79 3.16 6.57
N THR A 104 5.94 2.08 7.32
CA THR A 104 5.00 0.98 7.33
C THR A 104 3.85 1.29 8.30
N LEU A 105 2.66 0.74 8.03
CA LEU A 105 1.43 1.01 8.75
C LEU A 105 0.65 -0.30 8.83
N SER A 106 -0.16 -0.51 9.87
CA SER A 106 -0.92 -1.73 10.10
C SER A 106 -2.40 -1.39 10.05
N ASP A 107 -3.09 -1.96 9.05
CA ASP A 107 -4.56 -1.93 8.96
C ASP A 107 -5.17 -3.09 9.75
N HIS A 108 -4.34 -4.03 10.21
CA HIS A 108 -4.70 -5.29 10.88
C HIS A 108 -5.76 -5.14 11.97
N ARG A 109 -5.73 -4.04 12.73
CA ARG A 109 -6.61 -3.87 13.90
C ARG A 109 -8.03 -3.47 13.51
N ASP A 110 -8.30 -3.04 12.27
CA ASP A 110 -9.59 -2.44 11.93
C ASP A 110 -10.08 -2.70 10.49
N MET A 111 -9.19 -3.16 9.59
CA MET A 111 -9.41 -3.47 8.20
C MET A 111 -10.07 -2.38 7.33
N SER A 112 -10.25 -1.14 7.80
CA SER A 112 -10.96 -0.11 7.04
C SER A 112 -10.24 0.24 5.74
N PHE A 113 -8.90 0.32 5.71
CA PHE A 113 -8.21 0.60 4.46
C PHE A 113 -8.46 -0.54 3.47
N GLY A 114 -8.23 -1.77 3.91
CA GLY A 114 -8.27 -2.94 3.05
C GLY A 114 -9.67 -3.18 2.48
N GLU A 115 -10.69 -3.03 3.33
CA GLU A 115 -12.08 -3.16 2.93
C GLU A 115 -12.43 -2.05 1.93
N ALA A 116 -12.06 -0.80 2.22
CA ALA A 116 -12.55 0.33 1.45
C ALA A 116 -11.90 0.40 0.07
N PHE A 117 -10.62 0.06 -0.03
CA PHE A 117 -9.90 0.01 -1.31
C PHE A 117 -10.14 -1.30 -2.08
N GLY A 118 -10.94 -2.23 -1.56
CA GLY A 118 -11.25 -3.48 -2.25
C GLY A 118 -10.04 -4.40 -2.38
N VAL A 119 -9.22 -4.51 -1.34
CA VAL A 119 -7.97 -5.27 -1.33
C VAL A 119 -7.92 -6.25 -0.16
N TYR A 120 -8.88 -6.22 0.79
CA TYR A 120 -9.01 -7.25 1.80
C TYR A 120 -9.56 -8.51 1.14
N ILE A 121 -8.72 -9.55 0.99
CA ILE A 121 -9.11 -10.78 0.34
C ILE A 121 -10.00 -11.55 1.30
N LYS A 122 -11.28 -11.68 0.93
CA LYS A 122 -12.35 -12.26 1.74
C LYS A 122 -11.99 -13.68 2.17
N GLU A 123 -11.36 -14.44 1.27
CA GLU A 123 -11.10 -15.87 1.43
C GLU A 123 -9.71 -16.13 2.03
N LEU A 124 -8.99 -15.08 2.48
CA LEU A 124 -7.69 -15.20 3.17
C LEU A 124 -7.65 -14.38 4.46
N ARG A 125 -8.48 -13.35 4.58
CA ARG A 125 -8.40 -12.33 5.62
C ARG A 125 -6.99 -11.70 5.64
N LEU A 126 -6.39 -11.49 4.45
CA LEU A 126 -5.11 -10.81 4.26
C LEU A 126 -5.30 -9.77 3.16
N LEU A 127 -4.39 -8.78 3.08
CA LEU A 127 -4.45 -7.75 2.05
C LEU A 127 -3.80 -8.26 0.76
N ALA A 128 -4.37 -7.87 -0.37
CA ALA A 128 -3.83 -8.12 -1.71
C ALA A 128 -2.50 -7.41 -1.90
N ARG A 129 -1.64 -7.97 -2.76
CA ARG A 129 -0.42 -7.30 -3.22
C ARG A 129 -0.86 -6.32 -4.32
N SER A 130 -0.97 -5.04 -3.99
CA SER A 130 -1.57 -4.00 -4.84
C SER A 130 -0.87 -2.66 -4.57
N VAL A 131 -1.08 -1.65 -5.40
CA VAL A 131 -0.47 -0.31 -5.21
C VAL A 131 -1.46 0.79 -5.57
N PHE A 132 -1.28 1.95 -4.95
CA PHE A 132 -2.09 3.14 -5.16
C PHE A 132 -1.20 4.38 -5.12
N VAL A 133 -1.66 5.48 -5.73
CA VAL A 133 -1.00 6.78 -5.69
C VAL A 133 -2.09 7.80 -5.40
N LEU A 134 -1.79 8.78 -4.55
CA LEU A 134 -2.73 9.72 -3.97
C LEU A 134 -2.13 11.11 -4.09
N ASP A 135 -2.83 12.00 -4.80
CA ASP A 135 -2.49 13.41 -4.88
C ASP A 135 -2.73 14.07 -3.52
N GLU A 136 -2.17 15.26 -3.31
CA GLU A 136 -2.35 16.08 -2.10
C GLU A 136 -3.84 16.36 -1.79
N ASN A 137 -4.74 16.30 -2.78
CA ASN A 137 -6.20 16.44 -2.57
C ASN A 137 -6.83 15.19 -1.95
N GLY A 138 -6.07 14.09 -1.82
CA GLY A 138 -6.61 12.78 -1.45
C GLY A 138 -7.34 12.17 -2.64
N LYS A 139 -6.78 12.27 -3.84
CA LYS A 139 -7.43 11.88 -5.09
C LYS A 139 -6.55 10.83 -5.75
N VAL A 140 -7.16 9.73 -6.20
CA VAL A 140 -6.45 8.56 -6.68
C VAL A 140 -5.86 8.90 -8.04
N VAL A 141 -4.53 8.95 -8.12
CA VAL A 141 -3.77 9.23 -9.34
C VAL A 141 -3.59 7.93 -10.13
N TYR A 142 -3.44 6.81 -9.41
CA TYR A 142 -3.22 5.49 -9.97
C TYR A 142 -3.72 4.45 -8.98
N ALA A 143 -4.22 3.33 -9.49
CA ALA A 143 -4.57 2.15 -8.72
C ALA A 143 -4.26 0.93 -9.59
N GLU A 144 -3.81 -0.17 -8.97
CA GLU A 144 -3.49 -1.42 -9.66
C GLU A 144 -3.77 -2.58 -8.70
N TYR A 145 -4.38 -3.64 -9.26
CA TYR A 145 -4.92 -4.80 -8.56
C TYR A 145 -4.38 -6.01 -9.33
N VAL A 146 -3.26 -6.56 -8.86
CA VAL A 146 -2.58 -7.65 -9.56
C VAL A 146 -3.52 -8.86 -9.56
N SER A 147 -3.68 -9.50 -10.74
CA SER A 147 -4.60 -10.62 -10.92
C SER A 147 -4.18 -11.88 -10.18
N GLU A 148 -2.96 -11.90 -9.61
CA GLU A 148 -2.42 -13.01 -8.84
C GLU A 148 -1.86 -12.42 -7.55
N ALA A 149 -2.50 -12.71 -6.41
CA ALA A 149 -2.04 -12.31 -5.09
C ALA A 149 -0.74 -13.01 -4.73
N THR A 150 -0.49 -14.21 -5.27
CA THR A 150 0.78 -14.95 -5.15
C THR A 150 1.88 -14.38 -6.07
N ASN A 151 1.62 -13.25 -6.76
CA ASN A 151 2.56 -12.45 -7.52
C ASN A 151 2.52 -11.02 -6.93
N HIS A 152 3.39 -10.12 -7.37
CA HIS A 152 3.50 -8.77 -6.80
C HIS A 152 3.41 -7.68 -7.88
N PRO A 153 3.04 -6.45 -7.51
CA PRO A 153 3.11 -5.26 -8.37
C PRO A 153 4.51 -4.98 -8.92
N ASN A 154 4.64 -3.91 -9.68
CA ASN A 154 5.91 -3.36 -10.10
C ASN A 154 5.90 -1.91 -9.65
N TYR A 155 6.74 -1.57 -8.69
CA TYR A 155 6.91 -0.26 -8.08
C TYR A 155 7.15 0.85 -9.12
N GLU A 156 7.68 0.52 -10.30
CA GLU A 156 7.86 1.49 -11.38
C GLU A 156 6.52 2.10 -11.80
N LYS A 157 5.44 1.32 -11.83
CA LYS A 157 4.13 1.77 -12.33
C LYS A 157 3.60 2.96 -11.50
N PRO A 158 3.47 2.86 -10.18
CA PRO A 158 3.06 3.99 -9.36
C PRO A 158 4.16 5.07 -9.30
N ILE A 159 5.46 4.74 -9.45
CA ILE A 159 6.47 5.79 -9.56
C ILE A 159 6.19 6.67 -10.78
N GLU A 160 5.84 6.09 -11.93
CA GLU A 160 5.58 6.86 -13.14
C GLU A 160 4.36 7.75 -12.96
N ALA A 161 3.35 7.30 -12.20
CA ALA A 161 2.22 8.13 -11.85
C ALA A 161 2.64 9.30 -10.95
N ALA A 162 3.40 9.00 -9.90
CA ALA A 162 3.78 9.99 -8.89
C ALA A 162 4.73 11.02 -9.47
N LYS A 163 5.80 10.60 -10.15
CA LYS A 163 6.82 11.52 -10.68
C LYS A 163 6.21 12.55 -11.61
N ALA A 164 5.16 12.19 -12.37
CA ALA A 164 4.46 13.13 -13.24
C ALA A 164 3.86 14.30 -12.45
N LEU A 165 3.47 14.08 -11.20
CA LEU A 165 2.95 15.13 -10.32
C LEU A 165 4.06 15.81 -9.52
N VAL A 166 5.20 15.14 -9.29
CA VAL A 166 6.38 15.76 -8.70
C VAL A 166 6.91 16.88 -9.63
N LYS A 167 6.78 16.75 -10.95
CA LYS A 167 7.15 17.79 -11.90
C LYS A 167 6.42 19.10 -11.57
N MET A 1 -17.12 -5.73 -4.63
CA MET A 1 -16.11 -6.76 -4.26
C MET A 1 -15.08 -6.89 -5.39
N ALA A 2 -13.80 -6.57 -5.13
CA ALA A 2 -12.74 -6.88 -6.09
C ALA A 2 -12.51 -8.41 -6.12
N GLU A 3 -11.70 -8.87 -7.07
CA GLU A 3 -11.31 -10.26 -7.21
C GLU A 3 -9.84 -10.29 -7.66
N ILE A 4 -9.08 -11.23 -7.12
CA ILE A 4 -7.68 -11.52 -7.42
C ILE A 4 -7.62 -13.06 -7.57
N THR A 5 -6.52 -13.62 -8.01
CA THR A 5 -6.31 -15.07 -8.15
C THR A 5 -5.19 -15.46 -7.18
N PHE A 6 -5.20 -16.69 -6.67
CA PHE A 6 -4.18 -17.21 -5.78
C PHE A 6 -3.82 -18.58 -6.30
N LYS A 7 -2.57 -18.73 -6.79
CA LYS A 7 -1.95 -19.91 -7.39
C LYS A 7 -2.65 -20.46 -8.64
N GLY A 8 -3.96 -20.69 -8.61
CA GLY A 8 -4.72 -21.27 -9.70
C GLY A 8 -6.23 -21.22 -9.48
N GLY A 9 -6.74 -20.38 -8.57
CA GLY A 9 -8.18 -20.15 -8.40
C GLY A 9 -8.46 -18.76 -7.83
N PRO A 10 -9.67 -18.21 -8.03
CA PRO A 10 -10.00 -16.85 -7.61
C PRO A 10 -10.14 -16.72 -6.10
N VAL A 11 -9.97 -15.50 -5.60
CA VAL A 11 -10.22 -15.09 -4.23
C VAL A 11 -10.91 -13.72 -4.27
N THR A 12 -12.08 -13.64 -3.62
CA THR A 12 -12.89 -12.44 -3.51
C THR A 12 -12.24 -11.48 -2.52
N LEU A 13 -12.56 -10.19 -2.59
CA LEU A 13 -12.06 -9.16 -1.67
C LEU A 13 -13.23 -8.31 -1.21
N VAL A 14 -13.25 -8.01 0.09
CA VAL A 14 -14.23 -7.12 0.66
C VAL A 14 -13.87 -5.71 0.19
N GLY A 15 -14.82 -4.99 -0.41
CA GLY A 15 -14.68 -3.57 -0.72
C GLY A 15 -14.97 -3.26 -2.17
N GLN A 16 -14.61 -2.05 -2.57
CA GLN A 16 -14.82 -1.50 -3.90
C GLN A 16 -13.48 -1.41 -4.60
N GLU A 17 -13.43 -1.70 -5.90
CA GLU A 17 -12.25 -1.42 -6.71
C GLU A 17 -12.27 0.08 -6.98
N VAL A 18 -11.38 0.83 -6.34
CA VAL A 18 -11.18 2.25 -6.55
C VAL A 18 -10.46 2.42 -7.90
N LYS A 19 -10.65 3.56 -8.58
CA LYS A 19 -10.16 3.80 -9.94
C LYS A 19 -9.49 5.16 -10.01
N VAL A 20 -8.62 5.32 -11.00
CA VAL A 20 -7.93 6.58 -11.29
C VAL A 20 -9.00 7.66 -11.54
N GLY A 21 -8.73 8.87 -11.06
CA GLY A 21 -9.59 10.03 -11.21
C GLY A 21 -10.60 10.16 -10.07
N ASP A 22 -10.95 9.07 -9.39
CA ASP A 22 -11.87 9.12 -8.26
C ASP A 22 -11.19 9.75 -7.05
N GLN A 23 -12.00 10.25 -6.11
CA GLN A 23 -11.55 10.68 -4.80
C GLN A 23 -11.34 9.40 -4.01
N ALA A 24 -10.24 9.34 -3.27
CA ALA A 24 -9.91 8.18 -2.45
C ALA A 24 -10.94 8.01 -1.32
N PRO A 25 -11.14 6.78 -0.80
CA PRO A 25 -12.11 6.49 0.26
C PRO A 25 -11.95 7.30 1.56
N ASP A 26 -10.73 7.74 1.89
CA ASP A 26 -10.36 8.42 3.14
C ASP A 26 -10.79 7.66 4.41
N PHE A 27 -9.98 6.67 4.79
CA PHE A 27 -10.13 5.88 6.01
C PHE A 27 -8.82 5.91 6.82
N THR A 28 -8.72 5.11 7.88
CA THR A 28 -7.66 5.18 8.89
C THR A 28 -6.97 3.83 9.04
N VAL A 29 -5.73 3.85 9.52
CA VAL A 29 -4.84 2.75 9.86
C VAL A 29 -4.08 3.17 11.13
N LEU A 30 -3.21 2.32 11.67
CA LEU A 30 -2.28 2.71 12.72
C LEU A 30 -0.93 2.88 12.03
N THR A 31 -0.07 3.76 12.52
CA THR A 31 1.30 3.81 12.04
C THR A 31 2.04 2.55 12.54
N ASN A 32 3.25 2.31 12.06
CA ASN A 32 4.13 1.29 12.66
C ASN A 32 4.53 1.69 14.10
N SER A 33 4.24 2.94 14.51
CA SER A 33 4.49 3.50 15.82
C SER A 33 3.22 3.45 16.71
N LEU A 34 2.17 2.73 16.27
CA LEU A 34 0.94 2.47 17.01
C LEU A 34 0.17 3.75 17.38
N GLU A 35 0.06 4.70 16.45
CA GLU A 35 -0.83 5.86 16.58
C GLU A 35 -1.68 5.94 15.31
N GLU A 36 -2.97 6.28 15.40
CA GLU A 36 -3.84 6.27 14.22
C GLU A 36 -3.41 7.34 13.22
N LYS A 37 -3.48 7.00 11.92
CA LYS A 37 -3.14 7.86 10.79
C LYS A 37 -4.13 7.57 9.68
N SER A 38 -4.43 8.54 8.82
CA SER A 38 -5.49 8.43 7.83
C SER A 38 -5.03 9.02 6.51
N LEU A 39 -5.83 8.80 5.45
CA LEU A 39 -5.52 9.26 4.10
C LEU A 39 -5.24 10.77 4.04
N ALA A 40 -5.83 11.56 4.94
CA ALA A 40 -5.57 12.99 5.03
C ALA A 40 -4.08 13.33 5.23
N ASP A 41 -3.30 12.48 5.92
CA ASP A 41 -1.85 12.66 6.04
C ASP A 41 -1.19 12.43 4.69
N MET A 42 -1.72 11.45 3.95
CA MET A 42 -1.29 10.99 2.65
C MET A 42 -1.70 11.99 1.53
N LYS A 43 -2.26 13.15 1.90
CA LYS A 43 -2.51 14.28 1.01
C LYS A 43 -1.43 15.36 1.16
N GLY A 44 -0.54 15.24 2.15
CA GLY A 44 0.47 16.26 2.44
C GLY A 44 1.47 16.44 1.31
N LYS A 45 1.64 15.42 0.46
CA LYS A 45 2.46 15.40 -0.75
C LYS A 45 1.83 14.35 -1.67
N VAL A 46 2.24 14.31 -2.94
CA VAL A 46 1.87 13.21 -3.82
C VAL A 46 2.43 11.96 -3.13
N THR A 47 1.55 11.03 -2.76
CA THR A 47 1.90 9.91 -1.91
C THR A 47 1.58 8.60 -2.63
N ILE A 48 2.50 7.65 -2.56
CA ILE A 48 2.34 6.29 -3.06
C ILE A 48 1.94 5.44 -1.85
N ILE A 49 1.01 4.51 -2.03
CA ILE A 49 0.60 3.54 -1.01
C ILE A 49 0.90 2.17 -1.58
N SER A 50 1.57 1.33 -0.79
CA SER A 50 2.02 0.00 -1.17
C SER A 50 1.37 -0.99 -0.21
N VAL A 51 0.26 -1.58 -0.65
CA VAL A 51 -0.50 -2.54 0.14
C VAL A 51 0.18 -3.90 -0.06
N ILE A 52 0.67 -4.49 1.03
CA ILE A 52 1.40 -5.76 1.02
C ILE A 52 0.86 -6.62 2.18
N PRO A 53 0.78 -7.96 2.04
CA PRO A 53 0.08 -8.82 2.99
C PRO A 53 0.69 -8.79 4.40
N SER A 54 1.97 -9.15 4.52
CA SER A 54 2.73 -9.16 5.76
C SER A 54 4.20 -9.09 5.35
N ILE A 55 5.02 -8.39 6.12
CA ILE A 55 6.38 -8.04 5.70
C ILE A 55 7.35 -9.24 5.64
N ASP A 56 6.97 -10.37 6.25
CA ASP A 56 7.82 -11.55 6.43
C ASP A 56 8.10 -12.34 5.14
N THR A 57 7.35 -12.11 4.06
CA THR A 57 7.39 -12.97 2.86
C THR A 57 8.75 -12.93 2.13
N GLY A 58 9.54 -11.86 2.32
CA GLY A 58 10.78 -11.61 1.58
C GLY A 58 10.50 -10.87 0.27
N VAL A 59 9.38 -11.17 -0.41
CA VAL A 59 8.94 -10.37 -1.54
C VAL A 59 8.53 -8.97 -1.04
N CYS A 60 7.87 -8.91 0.12
CA CYS A 60 7.55 -7.67 0.81
C CYS A 60 8.81 -6.88 1.20
N ASP A 61 9.88 -7.57 1.61
CA ASP A 61 11.16 -6.94 1.91
C ASP A 61 11.70 -6.28 0.66
N ALA A 62 11.78 -7.01 -0.46
CA ALA A 62 12.31 -6.49 -1.71
C ALA A 62 11.50 -5.28 -2.17
N GLN A 63 10.17 -5.40 -2.20
CA GLN A 63 9.25 -4.35 -2.62
C GLN A 63 9.49 -3.08 -1.76
N THR A 64 9.44 -3.19 -0.44
CA THR A 64 9.51 -2.04 0.46
C THR A 64 10.93 -1.43 0.46
N ARG A 65 11.97 -2.25 0.41
CA ARG A 65 13.37 -1.79 0.36
C ARG A 65 13.64 -1.02 -0.93
N ARG A 66 13.13 -1.52 -2.06
CA ARG A 66 13.29 -0.84 -3.33
C ARG A 66 12.48 0.45 -3.29
N PHE A 67 11.26 0.46 -2.75
CA PHE A 67 10.51 1.71 -2.59
C PHE A 67 11.29 2.76 -1.81
N ASN A 68 12.06 2.38 -0.78
CA ASN A 68 12.87 3.33 -0.02
C ASN A 68 13.90 4.01 -0.92
N GLU A 69 14.68 3.24 -1.69
CA GLU A 69 15.65 3.86 -2.56
C GLU A 69 14.98 4.57 -3.75
N GLU A 70 13.87 4.07 -4.29
CA GLU A 70 13.19 4.72 -5.40
C GLU A 70 12.66 6.08 -4.97
N ALA A 71 12.17 6.20 -3.73
CA ALA A 71 11.77 7.47 -3.17
C ALA A 71 12.96 8.42 -3.00
N ALA A 72 14.12 7.92 -2.57
CA ALA A 72 15.36 8.71 -2.52
C ALA A 72 15.74 9.22 -3.92
N LYS A 73 15.64 8.37 -4.94
CA LYS A 73 15.94 8.72 -6.33
C LYS A 73 14.96 9.78 -6.84
N LEU A 74 13.68 9.65 -6.51
CA LEU A 74 12.65 10.65 -6.80
C LEU A 74 13.01 12.00 -6.17
N GLY A 75 13.44 11.99 -4.90
CA GLY A 75 13.93 13.15 -4.18
C GLY A 75 12.82 14.05 -3.61
N ASP A 76 11.61 14.01 -4.19
CA ASP A 76 10.47 14.82 -3.79
C ASP A 76 9.17 14.04 -4.04
N VAL A 77 8.99 12.96 -3.29
CA VAL A 77 7.80 12.12 -3.29
C VAL A 77 7.54 11.69 -1.84
N ASN A 78 6.41 11.04 -1.59
CA ASN A 78 6.10 10.43 -0.31
C ASN A 78 5.64 9.00 -0.60
N VAL A 79 6.02 8.02 0.20
CA VAL A 79 5.67 6.62 -0.01
C VAL A 79 5.38 5.99 1.34
N TYR A 80 4.28 5.25 1.45
CA TYR A 80 3.88 4.51 2.64
C TYR A 80 3.53 3.08 2.26
N THR A 81 3.52 2.21 3.26
CA THR A 81 3.25 0.78 3.10
C THR A 81 2.16 0.42 4.10
N ILE A 82 1.24 -0.48 3.75
CA ILE A 82 0.13 -0.90 4.60
C ILE A 82 0.10 -2.42 4.59
N SER A 83 -0.08 -3.04 5.76
CA SER A 83 -0.22 -4.49 5.91
C SER A 83 -1.26 -4.84 6.97
N ALA A 84 -1.78 -6.07 6.90
CA ALA A 84 -2.60 -6.68 7.96
C ALA A 84 -1.64 -7.37 8.94
N ASP A 85 -0.51 -6.73 9.21
CA ASP A 85 0.62 -7.31 9.92
C ASP A 85 0.97 -6.41 11.10
N LEU A 86 1.75 -6.96 12.02
CA LEU A 86 2.02 -6.35 13.31
C LEU A 86 2.82 -5.08 13.05
N PRO A 87 2.42 -3.92 13.58
CA PRO A 87 3.12 -2.66 13.32
C PRO A 87 4.56 -2.74 13.80
N PHE A 88 4.82 -3.46 14.89
CA PHE A 88 6.17 -3.65 15.40
C PHE A 88 7.00 -4.60 14.53
N ALA A 89 6.38 -5.54 13.81
CA ALA A 89 7.12 -6.37 12.85
C ALA A 89 7.57 -5.50 11.67
N GLN A 90 6.65 -4.70 11.11
CA GLN A 90 7.00 -3.74 10.07
C GLN A 90 8.08 -2.76 10.55
N ALA A 91 7.98 -2.25 11.79
CA ALA A 91 8.99 -1.34 12.34
C ALA A 91 10.35 -2.02 12.49
N ARG A 92 10.39 -3.27 12.95
CA ARG A 92 11.63 -4.00 13.16
C ARG A 92 12.30 -4.22 11.81
N TRP A 93 11.51 -4.58 10.80
CA TRP A 93 11.98 -4.71 9.43
C TRP A 93 12.55 -3.38 8.91
N CYS A 94 11.93 -2.22 9.22
CA CYS A 94 12.47 -0.94 8.82
C CYS A 94 13.86 -0.72 9.42
N GLY A 95 14.03 -1.09 10.70
CA GLY A 95 15.32 -1.02 11.40
C GLY A 95 16.36 -1.96 10.79
N ALA A 96 15.94 -3.11 10.24
CA ALA A 96 16.83 -4.09 9.62
C ALA A 96 17.52 -3.50 8.39
N ASN A 97 16.81 -2.63 7.65
CA ASN A 97 17.25 -2.12 6.36
C ASN A 97 17.70 -0.66 6.43
N GLY A 98 17.37 0.06 7.50
CA GLY A 98 17.74 1.47 7.66
C GLY A 98 16.87 2.36 6.80
N ILE A 99 15.58 2.03 6.70
CA ILE A 99 14.59 2.71 5.88
C ILE A 99 14.37 4.11 6.48
N ASP A 100 14.14 5.08 5.60
CA ASP A 100 13.92 6.48 5.96
C ASP A 100 12.89 7.17 5.06
N LYS A 101 12.85 6.82 3.77
CA LYS A 101 12.00 7.46 2.78
C LYS A 101 10.59 6.82 2.72
N VAL A 102 10.43 5.63 3.30
CA VAL A 102 9.14 4.94 3.41
C VAL A 102 8.78 4.89 4.89
N GLU A 103 7.48 4.80 5.18
CA GLU A 103 6.95 4.55 6.51
C GLU A 103 5.87 3.48 6.38
N THR A 104 5.99 2.43 7.18
CA THR A 104 5.06 1.32 7.23
C THR A 104 3.92 1.66 8.19
N LEU A 105 2.73 1.11 7.94
CA LEU A 105 1.49 1.37 8.65
C LEU A 105 0.73 0.04 8.71
N SER A 106 -0.12 -0.17 9.71
CA SER A 106 -0.83 -1.42 9.93
C SER A 106 -2.33 -1.15 9.91
N ASP A 107 -3.04 -1.89 9.06
CA ASP A 107 -4.50 -1.96 9.00
C ASP A 107 -4.99 -3.22 9.75
N HIS A 108 -4.06 -3.97 10.36
CA HIS A 108 -4.29 -5.20 11.11
C HIS A 108 -5.44 -5.05 12.12
N ARG A 109 -6.31 -6.06 12.16
CA ARG A 109 -7.52 -6.21 13.00
C ARG A 109 -8.60 -5.16 12.72
N ASP A 110 -8.24 -3.91 12.47
CA ASP A 110 -9.19 -2.82 12.23
C ASP A 110 -9.85 -2.96 10.85
N MET A 111 -9.06 -3.37 9.86
CA MET A 111 -9.39 -3.58 8.46
C MET A 111 -10.05 -2.40 7.72
N SER A 112 -10.13 -1.18 8.27
CA SER A 112 -10.88 -0.12 7.62
C SER A 112 -10.31 0.21 6.25
N PHE A 113 -8.98 0.30 6.10
CA PHE A 113 -8.40 0.70 4.82
C PHE A 113 -8.57 -0.44 3.81
N GLY A 114 -8.31 -1.68 4.22
CA GLY A 114 -8.43 -2.85 3.38
C GLY A 114 -9.85 -2.99 2.81
N GLU A 115 -10.85 -2.84 3.68
CA GLU A 115 -12.25 -2.86 3.29
C GLU A 115 -12.58 -1.67 2.38
N ALA A 116 -12.01 -0.49 2.64
CA ALA A 116 -12.37 0.73 1.94
C ALA A 116 -11.81 0.76 0.51
N PHE A 117 -10.62 0.21 0.30
CA PHE A 117 -9.91 0.26 -0.97
C PHE A 117 -10.05 -1.04 -1.77
N GLY A 118 -10.79 -2.03 -1.28
CA GLY A 118 -11.05 -3.29 -1.98
C GLY A 118 -9.83 -4.23 -1.98
N VAL A 119 -9.06 -4.25 -0.90
CA VAL A 119 -7.76 -4.92 -0.82
C VAL A 119 -7.65 -5.80 0.44
N TYR A 120 -8.78 -6.21 1.04
CA TYR A 120 -8.82 -7.20 2.12
C TYR A 120 -9.42 -8.47 1.52
N ILE A 121 -8.61 -9.53 1.37
CA ILE A 121 -9.02 -10.74 0.67
C ILE A 121 -9.98 -11.49 1.59
N LYS A 122 -11.25 -11.53 1.18
CA LYS A 122 -12.38 -12.05 1.94
C LYS A 122 -12.15 -13.51 2.33
N GLU A 123 -11.54 -14.29 1.42
CA GLU A 123 -11.39 -15.74 1.56
C GLU A 123 -10.06 -16.11 2.25
N LEU A 124 -9.28 -15.13 2.73
CA LEU A 124 -8.02 -15.35 3.46
C LEU A 124 -7.94 -14.55 4.75
N ARG A 125 -8.71 -13.45 4.86
CA ARG A 125 -8.58 -12.45 5.91
C ARG A 125 -7.13 -11.92 5.93
N LEU A 126 -6.51 -11.74 4.76
CA LEU A 126 -5.16 -11.26 4.59
C LEU A 126 -5.20 -10.14 3.53
N LEU A 127 -4.27 -9.20 3.59
CA LEU A 127 -4.29 -8.02 2.72
C LEU A 127 -3.79 -8.38 1.32
N ALA A 128 -4.21 -7.60 0.33
CA ALA A 128 -3.83 -7.78 -1.06
C ALA A 128 -2.38 -7.34 -1.31
N ARG A 129 -1.94 -7.57 -2.55
CA ARG A 129 -0.65 -7.20 -3.09
C ARG A 129 -1.00 -6.15 -4.14
N SER A 130 -1.15 -4.90 -3.74
CA SER A 130 -1.71 -3.83 -4.57
C SER A 130 -0.96 -2.52 -4.35
N VAL A 131 -1.12 -1.54 -5.25
CA VAL A 131 -0.49 -0.23 -5.11
C VAL A 131 -1.47 0.85 -5.55
N PHE A 132 -1.31 2.05 -4.99
CA PHE A 132 -2.09 3.23 -5.32
C PHE A 132 -1.17 4.44 -5.29
N VAL A 133 -1.57 5.53 -5.94
CA VAL A 133 -0.91 6.82 -5.87
C VAL A 133 -2.01 7.86 -5.69
N LEU A 134 -1.73 8.86 -4.86
CA LEU A 134 -2.68 9.85 -4.36
C LEU A 134 -2.07 11.21 -4.60
N ASP A 135 -2.77 12.07 -5.33
CA ASP A 135 -2.42 13.47 -5.47
C ASP A 135 -2.70 14.19 -4.14
N GLU A 136 -2.17 15.40 -3.96
CA GLU A 136 -2.41 16.25 -2.80
C GLU A 136 -3.91 16.56 -2.58
N ASN A 137 -4.76 16.44 -3.62
CA ASN A 137 -6.21 16.60 -3.51
C ASN A 137 -6.90 15.33 -2.97
N GLY A 138 -6.17 14.26 -2.68
CA GLY A 138 -6.74 12.95 -2.35
C GLY A 138 -7.40 12.31 -3.56
N LYS A 139 -6.92 12.63 -4.77
CA LYS A 139 -7.45 12.12 -6.04
C LYS A 139 -6.53 10.98 -6.45
N VAL A 140 -7.09 9.85 -6.85
CA VAL A 140 -6.32 8.66 -7.17
C VAL A 140 -5.67 8.88 -8.53
N VAL A 141 -4.35 8.69 -8.61
CA VAL A 141 -3.51 8.96 -9.78
C VAL A 141 -3.18 7.64 -10.48
N TYR A 142 -3.10 6.55 -9.73
CA TYR A 142 -2.85 5.20 -10.20
C TYR A 142 -3.48 4.26 -9.18
N ALA A 143 -3.97 3.11 -9.64
CA ALA A 143 -4.44 2.02 -8.81
C ALA A 143 -4.15 0.73 -9.57
N GLU A 144 -3.73 -0.31 -8.86
CA GLU A 144 -3.55 -1.64 -9.44
C GLU A 144 -3.84 -2.69 -8.37
N TYR A 145 -4.44 -3.79 -8.80
CA TYR A 145 -4.96 -4.91 -8.03
C TYR A 145 -4.37 -6.13 -8.72
N VAL A 146 -3.10 -6.42 -8.43
CA VAL A 146 -2.32 -7.43 -9.16
C VAL A 146 -3.11 -8.73 -9.20
N SER A 147 -3.36 -9.24 -10.41
CA SER A 147 -4.28 -10.34 -10.67
C SER A 147 -3.86 -11.66 -10.02
N GLU A 148 -2.62 -11.79 -9.55
CA GLU A 148 -2.15 -12.95 -8.81
C GLU A 148 -1.62 -12.46 -7.47
N ALA A 149 -2.25 -12.88 -6.38
CA ALA A 149 -1.77 -12.69 -5.00
C ALA A 149 -0.50 -13.50 -4.74
N THR A 150 -0.25 -14.56 -5.53
CA THR A 150 1.00 -15.30 -5.54
C THR A 150 2.11 -14.55 -6.32
N ASN A 151 1.89 -13.28 -6.67
CA ASN A 151 2.81 -12.35 -7.33
C ASN A 151 2.66 -10.98 -6.64
N HIS A 152 3.51 -9.99 -6.94
CA HIS A 152 3.55 -8.70 -6.27
C HIS A 152 3.67 -7.55 -7.28
N PRO A 153 3.20 -6.33 -6.94
CA PRO A 153 3.39 -5.12 -7.74
C PRO A 153 4.86 -4.86 -8.06
N ASN A 154 5.12 -4.23 -9.21
CA ASN A 154 6.45 -3.70 -9.53
C ASN A 154 6.45 -2.26 -9.05
N TYR A 155 7.34 -1.92 -8.11
CA TYR A 155 7.47 -0.59 -7.53
C TYR A 155 7.68 0.51 -8.57
N GLU A 156 8.20 0.19 -9.76
CA GLU A 156 8.38 1.16 -10.82
C GLU A 156 7.04 1.76 -11.27
N LYS A 157 5.96 0.97 -11.32
CA LYS A 157 4.70 1.42 -11.90
C LYS A 157 4.12 2.63 -11.15
N PRO A 158 3.92 2.58 -9.81
CA PRO A 158 3.44 3.74 -9.09
C PRO A 158 4.52 4.85 -9.04
N ILE A 159 5.82 4.54 -9.12
CA ILE A 159 6.85 5.57 -9.24
C ILE A 159 6.60 6.39 -10.50
N GLU A 160 6.29 5.76 -11.64
CA GLU A 160 6.07 6.48 -12.89
C GLU A 160 4.84 7.38 -12.76
N ALA A 161 3.79 6.91 -12.08
CA ALA A 161 2.60 7.71 -11.86
C ALA A 161 2.89 8.94 -11.00
N ALA A 162 3.64 8.74 -9.91
CA ALA A 162 3.99 9.83 -9.02
C ALA A 162 4.94 10.80 -9.71
N LYS A 163 6.04 10.32 -10.30
CA LYS A 163 7.03 11.18 -10.93
C LYS A 163 6.42 12.02 -12.05
N ALA A 164 5.40 11.49 -12.74
CA ALA A 164 4.66 12.24 -13.75
C ALA A 164 4.02 13.50 -13.19
N LEU A 165 3.62 13.50 -11.91
CA LEU A 165 3.08 14.67 -11.23
C LEU A 165 4.18 15.51 -10.57
N VAL A 166 5.24 14.87 -10.08
CA VAL A 166 6.36 15.56 -9.43
C VAL A 166 7.08 16.50 -10.40
N LYS A 167 7.30 16.06 -11.65
CA LYS A 167 8.00 16.86 -12.65
C LYS A 167 7.26 18.18 -12.92
N MET A 1 -12.48 -5.09 -12.98
CA MET A 1 -12.72 -6.01 -11.84
C MET A 1 -11.37 -6.51 -11.32
N ALA A 2 -11.14 -6.43 -10.00
CA ALA A 2 -9.86 -6.82 -9.40
C ALA A 2 -9.58 -8.31 -9.58
N GLU A 3 -10.60 -9.14 -9.35
CA GLU A 3 -10.63 -10.59 -9.58
C GLU A 3 -9.32 -11.28 -9.18
N ILE A 4 -8.86 -11.02 -7.95
CA ILE A 4 -7.65 -11.61 -7.40
C ILE A 4 -7.87 -13.13 -7.31
N THR A 5 -6.82 -13.91 -7.50
CA THR A 5 -6.80 -15.36 -7.29
C THR A 5 -5.90 -15.70 -6.11
N PHE A 6 -6.11 -16.89 -5.55
CA PHE A 6 -5.28 -17.46 -4.50
C PHE A 6 -4.51 -18.67 -5.06
N LYS A 7 -3.95 -18.49 -6.27
CA LYS A 7 -3.19 -19.47 -7.02
C LYS A 7 -3.83 -20.86 -7.01
N GLY A 8 -5.05 -20.93 -7.53
CA GLY A 8 -5.86 -22.14 -7.61
C GLY A 8 -7.29 -21.83 -8.03
N GLY A 9 -7.75 -20.60 -7.77
CA GLY A 9 -9.05 -20.07 -8.16
C GLY A 9 -9.21 -18.64 -7.68
N PRO A 10 -10.31 -17.96 -8.02
CA PRO A 10 -10.60 -16.61 -7.53
C PRO A 10 -10.80 -16.62 -6.02
N VAL A 11 -10.64 -15.46 -5.38
CA VAL A 11 -10.78 -15.31 -3.93
C VAL A 11 -11.55 -14.03 -3.64
N THR A 12 -12.54 -14.11 -2.73
CA THR A 12 -13.49 -13.05 -2.44
C THR A 12 -12.79 -11.83 -1.82
N LEU A 13 -13.36 -10.65 -2.05
CA LEU A 13 -12.89 -9.34 -1.61
C LEU A 13 -14.11 -8.63 -1.01
N VAL A 14 -13.93 -7.88 0.08
CA VAL A 14 -15.05 -7.17 0.70
C VAL A 14 -15.50 -6.01 -0.20
N GLY A 15 -14.67 -4.97 -0.30
CA GLY A 15 -14.99 -3.76 -1.04
C GLY A 15 -14.84 -3.93 -2.54
N GLN A 16 -15.32 -2.94 -3.30
CA GLN A 16 -15.16 -2.89 -4.74
C GLN A 16 -13.72 -2.51 -5.12
N GLU A 17 -13.41 -2.70 -6.39
CA GLU A 17 -12.21 -2.19 -7.01
C GLU A 17 -12.41 -0.66 -7.08
N VAL A 18 -11.59 0.11 -6.36
CA VAL A 18 -11.61 1.56 -6.42
C VAL A 18 -10.94 1.97 -7.73
N LYS A 19 -11.30 3.14 -8.25
CA LYS A 19 -10.93 3.58 -9.60
C LYS A 19 -10.23 4.94 -9.52
N VAL A 20 -9.43 5.22 -10.54
CA VAL A 20 -8.80 6.52 -10.73
C VAL A 20 -9.88 7.61 -10.77
N GLY A 21 -9.60 8.75 -10.15
CA GLY A 21 -10.46 9.93 -10.11
C GLY A 21 -11.37 9.94 -8.88
N ASP A 22 -11.60 8.79 -8.23
CA ASP A 22 -12.43 8.70 -7.05
C ASP A 22 -11.71 9.29 -5.85
N GLN A 23 -12.48 9.74 -4.87
CA GLN A 23 -11.98 10.14 -3.57
C GLN A 23 -11.62 8.82 -2.88
N ALA A 24 -10.43 8.75 -2.28
CA ALA A 24 -10.01 7.57 -1.53
C ALA A 24 -10.95 7.31 -0.33
N PRO A 25 -10.97 6.08 0.21
CA PRO A 25 -11.88 5.66 1.29
C PRO A 25 -11.81 6.44 2.62
N ASP A 26 -10.89 7.39 2.78
CA ASP A 26 -10.67 8.12 4.05
C ASP A 26 -10.43 7.14 5.22
N PHE A 27 -9.44 6.27 5.02
CA PHE A 27 -9.10 5.17 5.90
C PHE A 27 -8.08 5.62 6.95
N THR A 28 -7.83 4.75 7.94
CA THR A 28 -6.83 4.95 8.99
C THR A 28 -5.98 3.67 9.10
N VAL A 29 -4.73 3.82 9.52
CA VAL A 29 -3.76 2.77 9.82
C VAL A 29 -2.95 3.23 11.03
N LEU A 30 -2.24 2.31 11.69
CA LEU A 30 -1.34 2.67 12.76
C LEU A 30 0.01 3.01 12.15
N THR A 31 0.67 4.06 12.64
CA THR A 31 2.05 4.33 12.29
C THR A 31 2.91 3.26 12.99
N ASN A 32 4.19 3.11 12.60
CA ASN A 32 5.09 2.28 13.42
C ASN A 32 5.34 2.92 14.79
N SER A 33 4.99 4.20 14.96
CA SER A 33 5.10 4.95 16.20
C SER A 33 3.91 4.68 17.13
N LEU A 34 2.97 3.83 16.71
CA LEU A 34 1.81 3.40 17.49
C LEU A 34 0.79 4.54 17.67
N GLU A 35 0.63 5.38 16.64
CA GLU A 35 -0.36 6.46 16.60
C GLU A 35 -1.20 6.27 15.33
N GLU A 36 -2.35 6.93 15.23
CA GLU A 36 -3.19 6.85 14.04
C GLU A 36 -2.61 7.77 12.95
N LYS A 37 -2.67 7.30 11.70
CA LYS A 37 -2.38 8.07 10.49
C LYS A 37 -3.45 7.68 9.48
N SER A 38 -3.90 8.62 8.66
CA SER A 38 -5.06 8.43 7.80
C SER A 38 -4.87 9.20 6.50
N LEU A 39 -5.77 8.99 5.53
CA LEU A 39 -5.79 9.72 4.25
C LEU A 39 -5.55 11.22 4.45
N ALA A 40 -6.24 11.82 5.42
CA ALA A 40 -6.19 13.26 5.68
C ALA A 40 -4.77 13.74 6.00
N ASP A 41 -3.94 12.88 6.59
CA ASP A 41 -2.54 13.16 6.85
C ASP A 41 -1.69 12.89 5.60
N MET A 42 -2.01 11.81 4.89
CA MET A 42 -1.20 11.32 3.78
C MET A 42 -1.26 12.30 2.61
N LYS A 43 -2.44 12.89 2.35
CA LYS A 43 -2.63 13.82 1.25
C LYS A 43 -1.82 15.13 1.42
N GLY A 44 -1.11 15.32 2.54
CA GLY A 44 -0.15 16.40 2.72
C GLY A 44 0.99 16.36 1.68
N LYS A 45 1.23 15.22 1.02
CA LYS A 45 2.17 15.06 -0.08
C LYS A 45 1.55 14.06 -1.07
N VAL A 46 1.98 14.06 -2.33
CA VAL A 46 1.61 12.99 -3.25
C VAL A 46 2.19 11.73 -2.63
N THR A 47 1.31 10.76 -2.32
CA THR A 47 1.70 9.61 -1.53
C THR A 47 1.30 8.32 -2.24
N ILE A 48 2.26 7.41 -2.37
CA ILE A 48 2.04 6.05 -2.87
C ILE A 48 1.71 5.20 -1.65
N ILE A 49 0.76 4.27 -1.77
CA ILE A 49 0.37 3.31 -0.75
C ILE A 49 0.59 1.92 -1.35
N SER A 50 1.22 1.03 -0.59
CA SER A 50 1.59 -0.29 -1.03
C SER A 50 1.09 -1.30 -0.01
N VAL A 51 -0.09 -1.88 -0.26
CA VAL A 51 -0.66 -2.90 0.61
C VAL A 51 0.07 -4.22 0.33
N ILE A 52 0.46 -4.94 1.39
CA ILE A 52 1.06 -6.28 1.35
C ILE A 52 0.52 -7.06 2.57
N PRO A 53 0.50 -8.41 2.60
CA PRO A 53 -0.05 -9.15 3.73
C PRO A 53 0.80 -8.97 4.99
N SER A 54 2.10 -9.25 4.90
CA SER A 54 3.08 -9.19 5.97
C SER A 54 4.44 -8.98 5.32
N ILE A 55 5.41 -8.40 6.05
CA ILE A 55 6.65 -7.95 5.44
C ILE A 55 7.66 -9.09 5.19
N ASP A 56 7.43 -10.25 5.80
CA ASP A 56 8.40 -11.36 5.85
C ASP A 56 8.74 -11.98 4.48
N THR A 57 7.76 -12.06 3.57
CA THR A 57 7.94 -12.82 2.33
C THR A 57 8.95 -12.16 1.39
N GLY A 58 9.59 -12.94 0.50
CA GLY A 58 10.59 -12.43 -0.42
C GLY A 58 10.04 -11.34 -1.34
N VAL A 59 8.80 -11.48 -1.81
CA VAL A 59 8.17 -10.46 -2.66
C VAL A 59 7.86 -9.20 -1.85
N CYS A 60 7.37 -9.33 -0.60
CA CYS A 60 7.09 -8.21 0.28
C CYS A 60 8.37 -7.42 0.59
N ASP A 61 9.46 -8.14 0.87
CA ASP A 61 10.78 -7.61 1.11
C ASP A 61 11.26 -6.83 -0.11
N ALA A 62 11.28 -7.47 -1.28
CA ALA A 62 11.79 -6.87 -2.51
C ALA A 62 10.99 -5.62 -2.90
N GLN A 63 9.66 -5.70 -2.85
CA GLN A 63 8.77 -4.60 -3.18
C GLN A 63 9.09 -3.39 -2.29
N THR A 64 9.12 -3.57 -0.96
CA THR A 64 9.31 -2.46 -0.02
C THR A 64 10.72 -1.84 -0.20
N ARG A 65 11.74 -2.68 -0.39
CA ARG A 65 13.12 -2.21 -0.53
C ARG A 65 13.31 -1.44 -1.84
N ARG A 66 12.74 -1.95 -2.93
CA ARG A 66 12.87 -1.31 -4.23
C ARG A 66 12.06 -0.02 -4.26
N PHE A 67 10.90 0.03 -3.58
CA PHE A 67 10.18 1.28 -3.38
C PHE A 67 11.06 2.33 -2.71
N ASN A 68 11.87 1.96 -1.71
CA ASN A 68 12.71 2.94 -1.01
C ASN A 68 13.70 3.58 -1.96
N GLU A 69 14.44 2.79 -2.75
CA GLU A 69 15.39 3.40 -3.66
C GLU A 69 14.67 4.16 -4.77
N GLU A 70 13.55 3.68 -5.30
CA GLU A 70 12.88 4.37 -6.40
C GLU A 70 12.31 5.70 -5.90
N ALA A 71 11.78 5.74 -4.68
CA ALA A 71 11.34 6.96 -4.02
C ALA A 71 12.53 7.90 -3.76
N ALA A 72 13.71 7.38 -3.41
CA ALA A 72 14.90 8.20 -3.25
C ALA A 72 15.34 8.84 -4.57
N LYS A 73 15.20 8.11 -5.69
CA LYS A 73 15.52 8.61 -7.02
C LYS A 73 14.56 9.75 -7.39
N LEU A 74 13.26 9.61 -7.08
CA LEU A 74 12.28 10.69 -7.26
C LEU A 74 12.60 11.87 -6.34
N GLY A 75 12.96 11.58 -5.09
CA GLY A 75 13.27 12.56 -4.05
C GLY A 75 12.00 13.17 -3.48
N ASP A 76 11.32 13.99 -4.28
CA ASP A 76 10.10 14.71 -3.92
C ASP A 76 8.88 13.81 -4.14
N VAL A 77 8.77 12.75 -3.35
CA VAL A 77 7.62 11.87 -3.29
C VAL A 77 7.50 11.36 -1.85
N ASN A 78 6.33 10.84 -1.48
CA ASN A 78 6.12 10.13 -0.23
C ASN A 78 5.60 8.74 -0.56
N VAL A 79 6.02 7.72 0.16
CA VAL A 79 5.57 6.35 -0.04
C VAL A 79 5.35 5.72 1.33
N TYR A 80 4.27 4.96 1.47
CA TYR A 80 3.99 4.16 2.64
C TYR A 80 3.62 2.75 2.22
N THR A 81 3.85 1.81 3.14
CA THR A 81 3.47 0.42 3.01
C THR A 81 2.46 0.16 4.12
N ILE A 82 1.50 -0.74 3.91
CA ILE A 82 0.55 -1.15 4.93
C ILE A 82 0.62 -2.67 4.98
N SER A 83 0.66 -3.23 6.18
CA SER A 83 0.54 -4.67 6.37
C SER A 83 -0.40 -4.92 7.54
N ALA A 84 -1.11 -6.05 7.53
CA ALA A 84 -1.87 -6.54 8.67
C ALA A 84 -0.87 -7.31 9.57
N ASP A 85 0.28 -6.69 9.84
CA ASP A 85 1.47 -7.26 10.46
C ASP A 85 1.99 -6.25 11.48
N LEU A 86 2.84 -6.69 12.41
CA LEU A 86 3.22 -5.92 13.56
C LEU A 86 4.06 -4.71 13.17
N PRO A 87 3.82 -3.53 13.78
CA PRO A 87 4.60 -2.34 13.48
C PRO A 87 6.07 -2.53 13.81
N PHE A 88 6.39 -3.25 14.88
CA PHE A 88 7.78 -3.47 15.25
C PHE A 88 8.49 -4.38 14.26
N ALA A 89 7.78 -5.36 13.66
CA ALA A 89 8.36 -6.24 12.65
C ALA A 89 8.66 -5.45 11.38
N GLN A 90 7.67 -4.71 10.88
CA GLN A 90 7.82 -3.84 9.72
C GLN A 90 8.97 -2.84 9.95
N ALA A 91 8.99 -2.14 11.08
CA ALA A 91 10.00 -1.15 11.41
C ALA A 91 11.39 -1.77 11.50
N ARG A 92 11.54 -2.92 12.17
CA ARG A 92 12.86 -3.53 12.40
C ARG A 92 13.45 -3.99 11.08
N TRP A 93 12.62 -4.50 10.17
CA TRP A 93 13.04 -4.86 8.83
C TRP A 93 13.46 -3.59 8.05
N CYS A 94 12.72 -2.48 8.17
CA CYS A 94 13.11 -1.23 7.51
C CYS A 94 14.48 -0.75 8.03
N GLY A 95 14.69 -0.85 9.35
CA GLY A 95 15.93 -0.48 10.01
C GLY A 95 17.10 -1.35 9.57
N ALA A 96 16.86 -2.63 9.27
CA ALA A 96 17.90 -3.53 8.76
C ALA A 96 18.43 -3.03 7.42
N ASN A 97 17.53 -2.52 6.57
CA ASN A 97 17.85 -2.05 5.23
C ASN A 97 18.33 -0.59 5.22
N GLY A 98 18.01 0.19 6.26
CA GLY A 98 18.27 1.62 6.31
C GLY A 98 17.28 2.40 5.43
N ILE A 99 16.06 1.88 5.26
CA ILE A 99 14.99 2.48 4.49
C ILE A 99 14.51 3.74 5.23
N ASP A 100 14.19 4.79 4.48
CA ASP A 100 13.80 6.09 5.03
C ASP A 100 12.79 6.84 4.16
N LYS A 101 12.86 6.68 2.82
CA LYS A 101 11.87 7.26 1.92
C LYS A 101 10.54 6.51 1.94
N VAL A 102 10.54 5.29 2.47
CA VAL A 102 9.34 4.52 2.76
C VAL A 102 9.26 4.44 4.29
N GLU A 103 8.04 4.36 4.80
CA GLU A 103 7.75 4.05 6.19
C GLU A 103 6.61 3.04 6.11
N THR A 104 6.55 2.13 7.06
CA THR A 104 5.59 1.05 7.07
C THR A 104 4.51 1.36 8.12
N LEU A 105 3.30 0.85 7.90
CA LEU A 105 2.09 1.19 8.66
C LEU A 105 1.37 -0.14 8.91
N SER A 106 0.60 -0.23 9.98
CA SER A 106 0.05 -1.49 10.47
C SER A 106 -1.47 -1.45 10.58
N ASP A 107 -2.06 -2.63 10.79
CA ASP A 107 -3.49 -2.79 11.09
C ASP A 107 -3.88 -1.80 12.19
N HIS A 108 -4.73 -0.87 11.78
CA HIS A 108 -5.17 0.23 12.64
C HIS A 108 -5.81 -0.28 13.93
N ARG A 109 -6.60 -1.36 13.86
CA ARG A 109 -7.49 -1.91 14.91
C ARG A 109 -8.54 -2.72 14.17
N ASP A 110 -8.98 -2.21 13.03
CA ASP A 110 -9.81 -2.89 12.08
C ASP A 110 -9.24 -2.62 10.69
N MET A 111 -9.30 -3.65 9.86
CA MET A 111 -8.90 -3.76 8.45
C MET A 111 -9.55 -2.73 7.49
N SER A 112 -10.11 -1.61 7.97
CA SER A 112 -10.89 -0.65 7.18
C SER A 112 -10.14 -0.18 5.93
N PHE A 113 -8.85 0.08 6.08
CA PHE A 113 -7.91 0.48 5.03
C PHE A 113 -7.82 -0.50 3.86
N GLY A 114 -8.14 -1.77 4.07
CA GLY A 114 -8.18 -2.77 3.01
C GLY A 114 -9.61 -3.13 2.64
N GLU A 115 -10.51 -3.16 3.63
CA GLU A 115 -11.91 -3.50 3.47
C GLU A 115 -12.57 -2.54 2.48
N ALA A 116 -12.35 -1.25 2.67
CA ALA A 116 -12.99 -0.19 1.91
C ALA A 116 -12.27 0.10 0.59
N PHE A 117 -11.11 -0.53 0.35
CA PHE A 117 -10.25 -0.30 -0.81
C PHE A 117 -10.17 -1.58 -1.66
N GLY A 118 -11.01 -2.59 -1.39
CA GLY A 118 -11.12 -3.80 -2.19
C GLY A 118 -9.92 -4.73 -2.12
N VAL A 119 -9.14 -4.71 -1.03
CA VAL A 119 -7.91 -5.50 -0.90
C VAL A 119 -7.90 -6.35 0.38
N TYR A 120 -8.89 -6.23 1.26
CA TYR A 120 -9.06 -7.18 2.35
C TYR A 120 -9.70 -8.41 1.72
N ILE A 121 -8.92 -9.48 1.54
CA ILE A 121 -9.35 -10.69 0.87
C ILE A 121 -10.24 -11.43 1.87
N LYS A 122 -11.56 -11.25 1.74
CA LYS A 122 -12.58 -11.74 2.66
C LYS A 122 -12.41 -13.22 2.98
N GLU A 123 -12.08 -14.03 1.96
CA GLU A 123 -11.98 -15.47 2.06
C GLU A 123 -10.72 -15.93 2.82
N LEU A 124 -9.77 -15.03 3.11
CA LEU A 124 -8.51 -15.34 3.81
C LEU A 124 -8.33 -14.49 5.06
N ARG A 125 -9.04 -13.36 5.15
CA ARG A 125 -8.83 -12.30 6.14
C ARG A 125 -7.36 -11.85 6.11
N LEU A 126 -6.75 -11.79 4.91
CA LEU A 126 -5.41 -11.26 4.69
C LEU A 126 -5.53 -10.04 3.77
N LEU A 127 -4.50 -9.19 3.78
CA LEU A 127 -4.43 -8.03 2.89
C LEU A 127 -3.76 -8.47 1.59
N ALA A 128 -4.28 -8.03 0.46
CA ALA A 128 -3.75 -8.31 -0.86
C ALA A 128 -2.41 -7.58 -1.09
N ARG A 129 -1.67 -8.02 -2.10
CA ARG A 129 -0.49 -7.34 -2.61
C ARG A 129 -0.99 -6.48 -3.77
N SER A 130 -1.00 -5.16 -3.63
CA SER A 130 -1.58 -4.21 -4.58
C SER A 130 -1.08 -2.79 -4.23
N VAL A 131 -1.37 -1.78 -5.04
CA VAL A 131 -0.85 -0.43 -4.84
C VAL A 131 -1.90 0.62 -5.22
N PHE A 132 -1.81 1.78 -4.58
CA PHE A 132 -2.61 2.97 -4.88
C PHE A 132 -1.67 4.19 -4.86
N VAL A 133 -2.09 5.29 -5.47
CA VAL A 133 -1.38 6.57 -5.38
C VAL A 133 -2.44 7.62 -5.13
N LEU A 134 -2.12 8.57 -4.26
CA LEU A 134 -3.03 9.55 -3.70
C LEU A 134 -2.48 10.93 -4.03
N ASP A 135 -3.26 11.66 -4.81
CA ASP A 135 -3.05 13.08 -5.08
C ASP A 135 -3.24 13.87 -3.78
N GLU A 136 -2.71 15.10 -3.71
CA GLU A 136 -2.75 15.93 -2.51
C GLU A 136 -4.17 16.33 -2.07
N ASN A 137 -5.21 16.06 -2.87
CA ASN A 137 -6.61 16.23 -2.48
C ASN A 137 -7.23 14.92 -1.95
N GLY A 138 -6.44 13.86 -1.80
CA GLY A 138 -6.90 12.53 -1.41
C GLY A 138 -7.65 11.82 -2.54
N LYS A 139 -7.34 12.16 -3.80
CA LYS A 139 -7.93 11.55 -4.98
C LYS A 139 -7.03 10.39 -5.38
N VAL A 140 -7.61 9.27 -5.79
CA VAL A 140 -6.86 8.14 -6.31
C VAL A 140 -6.40 8.53 -7.71
N VAL A 141 -5.10 8.79 -7.91
CA VAL A 141 -4.56 9.10 -9.23
C VAL A 141 -4.17 7.81 -9.98
N TYR A 142 -3.92 6.72 -9.25
CA TYR A 142 -3.61 5.41 -9.81
C TYR A 142 -4.01 4.35 -8.79
N ALA A 143 -4.52 3.21 -9.26
CA ALA A 143 -4.76 2.03 -8.46
C ALA A 143 -4.47 0.82 -9.35
N GLU A 144 -3.93 -0.25 -8.77
CA GLU A 144 -3.67 -1.51 -9.46
C GLU A 144 -3.89 -2.64 -8.47
N TYR A 145 -4.45 -3.74 -8.98
CA TYR A 145 -4.94 -4.90 -8.24
C TYR A 145 -4.38 -6.12 -8.96
N VAL A 146 -3.39 -6.77 -8.36
CA VAL A 146 -2.74 -7.92 -8.97
C VAL A 146 -3.77 -9.06 -9.01
N SER A 147 -3.92 -9.72 -10.16
CA SER A 147 -4.83 -10.85 -10.33
C SER A 147 -4.39 -12.11 -9.55
N GLU A 148 -3.28 -12.06 -8.83
CA GLU A 148 -2.63 -13.18 -8.15
C GLU A 148 -2.18 -12.64 -6.80
N ALA A 149 -2.81 -13.07 -5.71
CA ALA A 149 -2.43 -12.65 -4.35
C ALA A 149 -0.99 -13.02 -4.02
N THR A 150 -0.47 -14.09 -4.63
CA THR A 150 0.88 -14.61 -4.48
C THR A 150 1.95 -13.72 -5.13
N ASN A 151 1.54 -12.71 -5.92
CA ASN A 151 2.40 -11.89 -6.78
C ASN A 151 2.24 -10.42 -6.38
N HIS A 152 3.10 -9.52 -6.85
CA HIS A 152 3.11 -8.10 -6.46
C HIS A 152 3.10 -7.23 -7.73
N PRO A 153 2.58 -5.99 -7.66
CA PRO A 153 2.64 -5.07 -8.77
C PRO A 153 4.08 -4.54 -8.88
N ASN A 154 4.54 -4.16 -10.07
CA ASN A 154 5.85 -3.53 -10.21
C ASN A 154 5.77 -2.13 -9.58
N TYR A 155 6.59 -1.87 -8.56
CA TYR A 155 6.72 -0.58 -7.87
C TYR A 155 6.94 0.60 -8.82
N GLU A 156 7.53 0.37 -10.00
CA GLU A 156 7.75 1.42 -10.98
C GLU A 156 6.43 2.04 -11.45
N LYS A 157 5.34 1.28 -11.54
CA LYS A 157 4.09 1.78 -12.13
C LYS A 157 3.44 2.87 -11.27
N PRO A 158 3.25 2.71 -9.94
CA PRO A 158 2.79 3.82 -9.12
C PRO A 158 3.83 4.94 -9.04
N ILE A 159 5.14 4.65 -9.16
CA ILE A 159 6.14 5.71 -9.28
C ILE A 159 5.83 6.58 -10.51
N GLU A 160 5.50 5.97 -11.66
CA GLU A 160 5.21 6.72 -12.88
C GLU A 160 3.96 7.58 -12.73
N ALA A 161 3.00 7.15 -11.92
CA ALA A 161 1.84 7.98 -11.57
C ALA A 161 2.27 9.16 -10.71
N ALA A 162 3.03 8.91 -9.64
CA ALA A 162 3.41 9.92 -8.67
C ALA A 162 4.34 10.97 -9.29
N LYS A 163 5.37 10.55 -10.03
CA LYS A 163 6.33 11.46 -10.65
C LYS A 163 5.66 12.43 -11.63
N ALA A 164 4.54 12.03 -12.25
CA ALA A 164 3.79 12.91 -13.13
C ALA A 164 3.15 14.08 -12.35
N LEU A 165 2.69 13.84 -11.11
CA LEU A 165 1.99 14.86 -10.34
C LEU A 165 2.95 15.89 -9.76
N VAL A 166 4.09 15.45 -9.22
CA VAL A 166 4.99 16.30 -8.45
C VAL A 166 5.78 17.31 -9.30
N LYS A 167 5.66 17.26 -10.64
CA LYS A 167 6.28 18.25 -11.54
C LYS A 167 5.81 19.65 -11.17
N MET A 1 -14.52 -6.52 -12.19
CA MET A 1 -13.99 -6.04 -10.88
C MET A 1 -13.06 -7.09 -10.28
N ALA A 2 -11.96 -6.65 -9.65
CA ALA A 2 -10.97 -7.50 -8.99
C ALA A 2 -11.62 -8.50 -8.02
N GLU A 3 -11.02 -9.68 -7.91
CA GLU A 3 -11.43 -10.76 -7.02
C GLU A 3 -10.20 -11.50 -6.46
N ILE A 4 -9.10 -11.53 -7.23
CA ILE A 4 -7.76 -11.99 -6.83
C ILE A 4 -7.72 -13.52 -6.58
N THR A 5 -6.50 -14.02 -6.39
CA THR A 5 -6.12 -15.42 -6.25
C THR A 5 -5.02 -15.46 -5.17
N PHE A 6 -4.83 -16.60 -4.52
CA PHE A 6 -3.78 -16.80 -3.53
C PHE A 6 -3.14 -18.16 -3.80
N LYS A 7 -1.83 -18.16 -4.09
CA LYS A 7 -1.04 -19.30 -4.54
C LYS A 7 -1.81 -20.16 -5.57
N GLY A 8 -2.46 -19.50 -6.54
CA GLY A 8 -3.13 -20.17 -7.64
C GLY A 8 -4.47 -20.81 -7.27
N GLY A 9 -5.03 -20.52 -6.09
CA GLY A 9 -6.39 -20.91 -5.71
C GLY A 9 -7.22 -19.63 -5.55
N PRO A 10 -8.49 -19.60 -6.00
CA PRO A 10 -9.29 -18.38 -5.98
C PRO A 10 -9.63 -17.96 -4.56
N VAL A 11 -9.89 -16.66 -4.39
CA VAL A 11 -10.33 -16.04 -3.14
C VAL A 11 -11.49 -15.07 -3.47
N THR A 12 -11.87 -14.21 -2.52
CA THR A 12 -12.94 -13.23 -2.65
C THR A 12 -12.45 -11.95 -1.99
N LEU A 13 -13.05 -10.81 -2.34
CA LEU A 13 -12.60 -9.48 -1.98
C LEU A 13 -13.73 -8.72 -1.32
N VAL A 14 -13.44 -8.16 -0.15
CA VAL A 14 -14.28 -7.21 0.55
C VAL A 14 -14.25 -5.89 -0.25
N GLY A 15 -15.25 -5.03 -0.09
CA GLY A 15 -15.25 -3.66 -0.60
C GLY A 15 -15.56 -3.62 -2.08
N GLN A 16 -15.08 -2.55 -2.72
CA GLN A 16 -15.12 -2.36 -4.16
C GLN A 16 -13.74 -1.94 -4.65
N GLU A 17 -13.46 -2.20 -5.92
CA GLU A 17 -12.30 -1.66 -6.60
C GLU A 17 -12.52 -0.15 -6.72
N VAL A 18 -11.43 0.60 -6.78
CA VAL A 18 -11.39 2.06 -6.82
C VAL A 18 -10.58 2.44 -8.07
N LYS A 19 -10.84 3.64 -8.64
CA LYS A 19 -10.33 4.06 -9.94
C LYS A 19 -9.64 5.42 -9.86
N VAL A 20 -8.77 5.67 -10.83
CA VAL A 20 -8.11 6.96 -11.05
C VAL A 20 -9.17 8.04 -11.25
N GLY A 21 -8.90 9.25 -10.75
CA GLY A 21 -9.74 10.42 -10.92
C GLY A 21 -10.78 10.54 -9.81
N ASP A 22 -11.14 9.44 -9.15
CA ASP A 22 -12.03 9.44 -8.01
C ASP A 22 -11.30 10.01 -6.79
N GLN A 23 -12.06 10.58 -5.88
CA GLN A 23 -11.60 10.98 -4.56
C GLN A 23 -11.35 9.68 -3.81
N ALA A 24 -10.16 9.52 -3.22
CA ALA A 24 -9.82 8.31 -2.50
C ALA A 24 -10.75 8.11 -1.29
N PRO A 25 -10.96 6.88 -0.82
CA PRO A 25 -11.86 6.57 0.29
C PRO A 25 -11.58 7.36 1.58
N ASP A 26 -10.32 7.72 1.84
CA ASP A 26 -9.83 8.36 3.07
C ASP A 26 -10.33 7.67 4.35
N PHE A 27 -9.59 6.64 4.75
CA PHE A 27 -9.81 5.90 5.99
C PHE A 27 -8.51 5.84 6.78
N THR A 28 -8.57 5.24 7.96
CA THR A 28 -7.52 5.26 8.96
C THR A 28 -6.88 3.88 9.06
N VAL A 29 -5.60 3.89 9.43
CA VAL A 29 -4.75 2.75 9.73
C VAL A 29 -3.96 3.12 10.99
N LEU A 30 -3.18 2.19 11.54
CA LEU A 30 -2.23 2.53 12.60
C LEU A 30 -0.88 2.70 11.90
N THR A 31 0.05 3.43 12.50
CA THR A 31 1.41 3.48 12.04
C THR A 31 2.09 2.13 12.37
N ASN A 32 3.33 1.93 11.92
CA ASN A 32 4.16 0.81 12.38
C ASN A 32 4.54 0.99 13.86
N SER A 33 4.30 2.17 14.47
CA SER A 33 4.43 2.33 15.90
C SER A 33 3.22 1.63 16.54
N LEU A 34 2.00 2.15 16.28
CA LEU A 34 0.65 1.67 16.63
C LEU A 34 -0.38 2.81 16.71
N GLU A 35 -0.07 4.02 16.22
CA GLU A 35 -0.87 5.22 16.45
C GLU A 35 -1.69 5.51 15.19
N GLU A 36 -2.91 6.00 15.33
CA GLU A 36 -3.81 6.26 14.21
C GLU A 36 -3.20 7.28 13.24
N LYS A 37 -3.25 6.97 11.93
CA LYS A 37 -2.93 7.87 10.82
C LYS A 37 -3.95 7.60 9.71
N SER A 38 -4.31 8.61 8.93
CA SER A 38 -5.36 8.52 7.92
C SER A 38 -4.84 9.12 6.62
N LEU A 39 -5.44 8.76 5.49
CA LEU A 39 -4.97 9.18 4.17
C LEU A 39 -4.94 10.70 4.02
N ALA A 40 -5.85 11.41 4.69
CA ALA A 40 -5.89 12.87 4.71
C ALA A 40 -4.61 13.51 5.26
N ASP A 41 -3.88 12.81 6.14
CA ASP A 41 -2.60 13.30 6.65
C ASP A 41 -1.52 13.22 5.58
N MET A 42 -1.61 12.19 4.74
CA MET A 42 -0.58 11.83 3.76
C MET A 42 -0.62 12.78 2.56
N LYS A 43 -1.82 13.21 2.17
CA LYS A 43 -2.03 13.99 0.93
C LYS A 43 -1.34 15.36 0.93
N GLY A 44 -0.70 15.77 2.03
CA GLY A 44 0.17 16.94 2.05
C GLY A 44 1.31 16.88 1.02
N LYS A 45 1.60 15.70 0.45
CA LYS A 45 2.52 15.48 -0.67
C LYS A 45 1.89 14.41 -1.56
N VAL A 46 2.27 14.36 -2.84
CA VAL A 46 1.92 13.26 -3.74
C VAL A 46 2.41 11.97 -3.05
N THR A 47 1.51 11.01 -2.86
CA THR A 47 1.77 9.85 -2.02
C THR A 47 1.63 8.56 -2.85
N ILE A 48 2.39 7.53 -2.48
CA ILE A 48 2.26 6.16 -2.97
C ILE A 48 1.87 5.31 -1.77
N ILE A 49 0.99 4.33 -1.95
CA ILE A 49 0.58 3.38 -0.92
C ILE A 49 0.87 1.98 -1.48
N SER A 50 1.36 1.10 -0.62
CA SER A 50 1.80 -0.25 -0.97
C SER A 50 1.10 -1.22 -0.02
N VAL A 51 -0.13 -1.61 -0.34
CA VAL A 51 -0.82 -2.60 0.48
C VAL A 51 -0.15 -3.96 0.23
N ILE A 52 0.10 -4.72 1.29
CA ILE A 52 0.69 -6.06 1.27
C ILE A 52 0.04 -6.92 2.37
N PRO A 53 0.05 -8.26 2.27
CA PRO A 53 -0.54 -9.13 3.28
C PRO A 53 0.33 -9.16 4.54
N SER A 54 1.57 -9.63 4.41
CA SER A 54 2.51 -9.84 5.50
C SER A 54 3.90 -9.49 4.96
N ILE A 55 4.76 -8.97 5.83
CA ILE A 55 6.03 -8.39 5.42
C ILE A 55 7.19 -9.37 5.61
N ASP A 56 7.09 -10.26 6.61
CA ASP A 56 8.19 -11.11 7.04
C ASP A 56 8.64 -12.12 5.97
N THR A 57 7.74 -12.47 5.05
CA THR A 57 8.02 -13.37 3.93
C THR A 57 9.07 -12.77 2.96
N GLY A 58 9.26 -11.45 2.95
CA GLY A 58 10.34 -10.79 2.20
C GLY A 58 9.98 -10.45 0.75
N VAL A 59 8.88 -10.97 0.22
CA VAL A 59 8.37 -10.63 -1.12
C VAL A 59 8.18 -9.10 -1.25
N CYS A 60 7.88 -8.43 -0.14
CA CYS A 60 7.72 -6.97 -0.05
C CYS A 60 9.02 -6.21 -0.40
N ASP A 61 10.16 -6.86 -0.63
CA ASP A 61 11.35 -6.23 -1.19
C ASP A 61 11.00 -5.49 -2.48
N ALA A 62 10.20 -6.12 -3.34
CA ALA A 62 9.79 -5.57 -4.63
C ALA A 62 8.74 -4.46 -4.49
N GLN A 63 8.39 -4.05 -3.27
CA GLN A 63 7.52 -2.92 -3.00
C GLN A 63 8.26 -2.05 -1.97
N THR A 64 8.17 -2.35 -0.66
CA THR A 64 8.64 -1.49 0.42
C THR A 64 10.12 -1.13 0.26
N ARG A 65 11.00 -2.11 0.06
CA ARG A 65 12.43 -1.81 0.00
C ARG A 65 12.75 -1.06 -1.28
N ARG A 66 12.25 -1.52 -2.43
CA ARG A 66 12.52 -0.81 -3.66
C ARG A 66 11.99 0.61 -3.59
N PHE A 67 10.80 0.86 -3.03
CA PHE A 67 10.28 2.21 -2.88
C PHE A 67 11.19 3.10 -2.04
N ASN A 68 11.91 2.55 -1.05
CA ASN A 68 12.89 3.33 -0.32
C ASN A 68 13.99 3.84 -1.25
N GLU A 69 14.46 2.98 -2.15
CA GLU A 69 15.41 3.37 -3.17
C GLU A 69 14.75 4.38 -4.14
N GLU A 70 13.57 4.05 -4.68
CA GLU A 70 12.96 4.81 -5.77
C GLU A 70 12.62 6.23 -5.33
N ALA A 71 12.23 6.43 -4.07
CA ALA A 71 11.94 7.77 -3.55
C ALA A 71 13.17 8.67 -3.63
N ALA A 72 14.36 8.14 -3.29
CA ALA A 72 15.61 8.86 -3.45
C ALA A 72 15.95 9.07 -4.94
N LYS A 73 15.65 8.10 -5.81
CA LYS A 73 15.92 8.22 -7.25
C LYS A 73 15.04 9.31 -7.87
N LEU A 74 13.77 9.40 -7.48
CA LEU A 74 12.87 10.50 -7.86
C LEU A 74 13.39 11.82 -7.31
N GLY A 75 13.77 11.83 -6.02
CA GLY A 75 14.37 12.96 -5.33
C GLY A 75 13.42 13.52 -4.28
N ASP A 76 12.11 13.46 -4.53
CA ASP A 76 11.05 13.88 -3.61
C ASP A 76 9.75 13.17 -3.99
N VAL A 77 9.20 12.40 -3.07
CA VAL A 77 7.87 11.79 -3.11
C VAL A 77 7.51 11.46 -1.64
N ASN A 78 6.27 11.06 -1.37
CA ASN A 78 5.86 10.50 -0.10
C ASN A 78 5.38 9.08 -0.37
N VAL A 79 5.70 8.11 0.46
CA VAL A 79 5.36 6.72 0.18
C VAL A 79 5.25 5.92 1.48
N TYR A 80 4.34 4.94 1.50
CA TYR A 80 4.07 4.08 2.65
C TYR A 80 3.81 2.65 2.19
N THR A 81 3.76 1.76 3.15
CA THR A 81 3.32 0.37 3.02
C THR A 81 2.24 0.18 4.07
N ILE A 82 1.22 -0.64 3.79
CA ILE A 82 0.15 -0.96 4.72
C ILE A 82 0.10 -2.49 4.78
N SER A 83 0.07 -3.04 5.98
CA SER A 83 0.27 -4.47 6.20
C SER A 83 -0.83 -5.04 7.12
N ALA A 84 -1.27 -6.27 6.85
CA ALA A 84 -2.12 -7.02 7.78
C ALA A 84 -1.18 -7.82 8.70
N ASP A 85 -0.19 -7.12 9.25
CA ASP A 85 0.95 -7.68 9.99
C ASP A 85 1.17 -6.78 11.20
N LEU A 86 1.88 -7.25 12.22
CA LEU A 86 1.96 -6.56 13.50
C LEU A 86 2.82 -5.31 13.31
N PRO A 87 2.46 -4.16 13.93
CA PRO A 87 3.18 -2.90 13.75
C PRO A 87 4.69 -3.07 13.91
N PHE A 88 5.12 -3.75 14.98
CA PHE A 88 6.54 -3.83 15.30
C PHE A 88 7.28 -4.75 14.33
N ALA A 89 6.63 -5.77 13.78
CA ALA A 89 7.26 -6.68 12.81
C ALA A 89 7.62 -5.91 11.54
N GLN A 90 6.76 -4.96 11.14
CA GLN A 90 7.01 -4.06 10.02
C GLN A 90 8.14 -3.10 10.36
N ALA A 91 8.09 -2.45 11.53
CA ALA A 91 9.12 -1.50 11.95
C ALA A 91 10.50 -2.17 11.99
N ARG A 92 10.54 -3.43 12.43
CA ARG A 92 11.75 -4.25 12.47
C ARG A 92 12.27 -4.46 11.06
N TRP A 93 11.38 -4.80 10.11
CA TRP A 93 11.77 -5.09 8.74
C TRP A 93 12.37 -3.83 8.10
N CYS A 94 11.75 -2.67 8.33
CA CYS A 94 12.25 -1.40 7.82
C CYS A 94 13.59 -1.04 8.47
N GLY A 95 13.70 -1.18 9.79
CA GLY A 95 14.89 -0.86 10.55
C GLY A 95 16.08 -1.74 10.16
N ALA A 96 15.84 -3.04 9.92
CA ALA A 96 16.85 -3.99 9.48
C ALA A 96 17.41 -3.58 8.11
N ASN A 97 16.52 -3.14 7.22
CA ASN A 97 16.88 -2.71 5.87
C ASN A 97 17.47 -1.30 5.84
N GLY A 98 17.26 -0.50 6.90
CA GLY A 98 17.72 0.89 6.97
C GLY A 98 16.83 1.83 6.16
N ILE A 99 15.56 1.46 5.97
CA ILE A 99 14.58 2.21 5.21
C ILE A 99 14.22 3.47 6.01
N ASP A 100 14.03 4.58 5.29
CA ASP A 100 13.73 5.89 5.86
C ASP A 100 12.78 6.72 4.96
N LYS A 101 12.80 6.50 3.63
CA LYS A 101 11.92 7.25 2.73
C LYS A 101 10.49 6.70 2.78
N VAL A 102 10.31 5.44 3.18
CA VAL A 102 9.01 4.80 3.34
C VAL A 102 8.74 4.69 4.84
N GLU A 103 7.47 4.63 5.23
CA GLU A 103 7.05 4.30 6.59
C GLU A 103 5.98 3.22 6.45
N THR A 104 6.15 2.12 7.17
CA THR A 104 5.19 1.04 7.21
C THR A 104 4.03 1.41 8.14
N LEU A 105 2.86 0.83 7.88
CA LEU A 105 1.59 1.11 8.55
C LEU A 105 0.84 -0.22 8.69
N SER A 106 -0.12 -0.28 9.60
CA SER A 106 -0.79 -1.50 10.03
C SER A 106 -2.30 -1.35 9.84
N ASP A 107 -2.92 -2.34 9.20
CA ASP A 107 -4.37 -2.39 8.97
C ASP A 107 -4.88 -3.80 9.31
N HIS A 108 -4.16 -4.49 10.22
CA HIS A 108 -4.43 -5.86 10.64
C HIS A 108 -5.72 -6.01 11.46
N ARG A 109 -6.23 -4.92 12.05
CA ARG A 109 -7.43 -4.87 12.88
C ARG A 109 -8.05 -3.50 12.58
N ASP A 110 -9.36 -3.37 12.75
CA ASP A 110 -10.13 -2.20 12.28
C ASP A 110 -9.69 -1.88 10.85
N MET A 111 -9.82 -2.91 9.99
CA MET A 111 -9.32 -3.03 8.62
C MET A 111 -9.95 -2.03 7.63
N SER A 112 -10.38 -0.86 8.10
CA SER A 112 -11.19 0.10 7.37
C SER A 112 -10.54 0.53 6.05
N PHE A 113 -9.21 0.66 5.99
CA PHE A 113 -8.55 1.06 4.75
C PHE A 113 -8.62 -0.07 3.72
N GLY A 114 -8.22 -1.28 4.08
CA GLY A 114 -8.21 -2.42 3.17
C GLY A 114 -9.62 -2.81 2.75
N GLU A 115 -10.60 -2.64 3.63
CA GLU A 115 -12.02 -2.78 3.34
C GLU A 115 -12.41 -1.76 2.26
N ALA A 116 -12.16 -0.47 2.50
CA ALA A 116 -12.69 0.60 1.66
C ALA A 116 -12.02 0.66 0.28
N PHE A 117 -10.70 0.46 0.20
CA PHE A 117 -9.97 0.42 -1.07
C PHE A 117 -10.15 -0.93 -1.80
N GLY A 118 -10.87 -1.88 -1.19
CA GLY A 118 -11.25 -3.16 -1.79
C GLY A 118 -10.05 -4.08 -2.02
N VAL A 119 -9.20 -4.26 -1.00
CA VAL A 119 -8.03 -5.12 -1.07
C VAL A 119 -7.98 -6.12 0.09
N TYR A 120 -8.82 -5.97 1.11
CA TYR A 120 -9.03 -6.98 2.14
C TYR A 120 -9.56 -8.22 1.44
N ILE A 121 -8.73 -9.25 1.32
CA ILE A 121 -9.11 -10.54 0.77
C ILE A 121 -9.94 -11.23 1.86
N LYS A 122 -11.25 -11.36 1.59
CA LYS A 122 -12.24 -11.91 2.51
C LYS A 122 -11.80 -13.29 3.03
N GLU A 123 -11.30 -14.13 2.13
CA GLU A 123 -11.00 -15.53 2.41
C GLU A 123 -9.67 -15.71 3.18
N LEU A 124 -8.91 -14.63 3.42
CA LEU A 124 -7.62 -14.68 4.11
C LEU A 124 -7.59 -13.76 5.34
N ARG A 125 -8.41 -12.70 5.34
CA ARG A 125 -8.32 -11.62 6.32
C ARG A 125 -6.93 -10.96 6.25
N LEU A 126 -6.35 -10.88 5.04
CA LEU A 126 -5.10 -10.20 4.76
C LEU A 126 -5.35 -9.25 3.58
N LEU A 127 -4.53 -8.21 3.42
CA LEU A 127 -4.65 -7.29 2.28
C LEU A 127 -3.90 -7.88 1.09
N ALA A 128 -4.40 -7.66 -0.12
CA ALA A 128 -3.74 -8.04 -1.36
C ALA A 128 -2.46 -7.24 -1.58
N ARG A 129 -1.54 -7.77 -2.41
CA ARG A 129 -0.38 -7.01 -2.88
C ARG A 129 -0.86 -6.16 -4.05
N SER A 130 -1.04 -4.87 -3.79
CA SER A 130 -1.60 -3.90 -4.72
C SER A 130 -0.97 -2.53 -4.40
N VAL A 131 -1.16 -1.54 -5.27
CA VAL A 131 -0.56 -0.21 -5.09
C VAL A 131 -1.55 0.87 -5.51
N PHE A 132 -1.42 2.03 -4.89
CA PHE A 132 -2.17 3.23 -5.22
C PHE A 132 -1.21 4.42 -5.23
N VAL A 133 -1.58 5.49 -5.94
CA VAL A 133 -0.90 6.77 -5.92
C VAL A 133 -1.99 7.83 -5.76
N LEU A 134 -1.72 8.84 -4.94
CA LEU A 134 -2.67 9.88 -4.57
C LEU A 134 -2.04 11.23 -4.89
N ASP A 135 -2.81 12.09 -5.56
CA ASP A 135 -2.50 13.49 -5.78
C ASP A 135 -2.57 14.24 -4.44
N GLU A 136 -2.04 15.47 -4.39
CA GLU A 136 -2.12 16.33 -3.21
C GLU A 136 -3.57 16.63 -2.77
N ASN A 137 -4.57 16.47 -3.65
CA ASN A 137 -5.98 16.61 -3.27
C ASN A 137 -6.56 15.31 -2.69
N GLY A 138 -5.78 14.22 -2.62
CA GLY A 138 -6.28 12.91 -2.24
C GLY A 138 -7.13 12.25 -3.33
N LYS A 139 -6.97 12.65 -4.59
CA LYS A 139 -7.60 11.94 -5.71
C LYS A 139 -6.64 10.86 -6.16
N VAL A 140 -7.17 9.73 -6.61
CA VAL A 140 -6.38 8.60 -7.05
C VAL A 140 -5.76 8.98 -8.40
N VAL A 141 -4.47 8.71 -8.58
CA VAL A 141 -3.68 9.01 -9.77
C VAL A 141 -3.32 7.70 -10.48
N TYR A 142 -3.16 6.62 -9.72
CA TYR A 142 -2.94 5.28 -10.23
C TYR A 142 -3.49 4.32 -9.19
N ALA A 143 -4.05 3.19 -9.65
CA ALA A 143 -4.43 2.07 -8.81
C ALA A 143 -4.24 0.81 -9.65
N GLU A 144 -3.77 -0.27 -9.04
CA GLU A 144 -3.63 -1.56 -9.68
C GLU A 144 -3.82 -2.65 -8.62
N TYR A 145 -4.43 -3.75 -9.04
CA TYR A 145 -4.93 -4.84 -8.22
C TYR A 145 -4.42 -6.13 -8.85
N VAL A 146 -3.31 -6.65 -8.35
CA VAL A 146 -2.67 -7.83 -8.94
C VAL A 146 -3.60 -9.03 -8.78
N SER A 147 -3.67 -9.87 -9.81
CA SER A 147 -4.55 -11.03 -9.88
C SER A 147 -4.18 -12.14 -8.88
N GLU A 148 -3.00 -12.08 -8.26
CA GLU A 148 -2.46 -13.11 -7.39
C GLU A 148 -1.70 -12.40 -6.27
N ALA A 149 -2.02 -12.70 -5.01
CA ALA A 149 -1.50 -11.97 -3.85
C ALA A 149 -0.11 -12.46 -3.40
N THR A 150 0.29 -13.68 -3.76
CA THR A 150 1.65 -14.16 -3.53
C THR A 150 2.62 -13.50 -4.53
N ASN A 151 2.09 -13.10 -5.70
CA ASN A 151 2.78 -12.26 -6.69
C ASN A 151 2.68 -10.80 -6.22
N HIS A 152 3.35 -9.85 -6.87
CA HIS A 152 3.43 -8.45 -6.44
C HIS A 152 3.35 -7.53 -7.66
N PRO A 153 2.94 -6.25 -7.48
CA PRO A 153 2.98 -5.25 -8.54
C PRO A 153 4.43 -4.87 -8.86
N ASN A 154 4.65 -4.20 -9.99
CA ASN A 154 5.95 -3.64 -10.32
C ASN A 154 6.00 -2.21 -9.77
N TYR A 155 6.92 -1.93 -8.83
CA TYR A 155 7.17 -0.62 -8.26
C TYR A 155 7.33 0.48 -9.30
N GLU A 156 7.82 0.16 -10.50
CA GLU A 156 8.00 1.14 -11.57
C GLU A 156 6.67 1.81 -11.92
N LYS A 157 5.55 1.08 -11.89
CA LYS A 157 4.27 1.58 -12.38
C LYS A 157 3.74 2.75 -11.54
N PRO A 158 3.63 2.65 -10.21
CA PRO A 158 3.27 3.81 -9.40
C PRO A 158 4.38 4.88 -9.40
N ILE A 159 5.65 4.53 -9.63
CA ILE A 159 6.68 5.54 -9.84
C ILE A 159 6.37 6.36 -11.08
N GLU A 160 6.00 5.74 -12.20
CA GLU A 160 5.72 6.42 -13.46
C GLU A 160 4.55 7.40 -13.29
N ALA A 161 3.59 7.05 -12.41
CA ALA A 161 2.51 7.95 -12.02
C ALA A 161 3.04 9.13 -11.18
N ALA A 162 3.73 8.82 -10.08
CA ALA A 162 4.14 9.82 -9.10
C ALA A 162 5.17 10.79 -9.66
N LYS A 163 6.17 10.30 -10.41
CA LYS A 163 7.25 11.12 -10.96
C LYS A 163 6.71 12.24 -11.84
N ALA A 164 5.57 12.03 -12.50
CA ALA A 164 4.95 13.04 -13.35
C ALA A 164 4.46 14.25 -12.54
N LEU A 165 4.04 14.04 -11.29
CA LEU A 165 3.36 15.06 -10.49
C LEU A 165 4.29 15.80 -9.54
N VAL A 166 5.35 15.16 -9.07
CA VAL A 166 6.29 15.79 -8.13
C VAL A 166 7.20 16.84 -8.80
N LYS A 167 7.17 16.96 -10.13
CA LYS A 167 7.93 17.97 -10.87
C LYS A 167 7.58 19.37 -10.36
N MET A 1 -13.64 -5.48 -11.92
CA MET A 1 -13.43 -6.34 -10.73
C MET A 1 -11.98 -6.84 -10.69
N ALA A 2 -11.32 -6.74 -9.53
CA ALA A 2 -9.91 -7.11 -9.39
C ALA A 2 -9.70 -8.63 -9.56
N GLU A 3 -10.67 -9.42 -9.09
CA GLU A 3 -10.74 -10.88 -9.20
C GLU A 3 -9.37 -11.52 -8.92
N ILE A 4 -8.79 -11.19 -7.76
CA ILE A 4 -7.53 -11.76 -7.31
C ILE A 4 -7.69 -13.28 -7.22
N THR A 5 -6.63 -14.02 -7.53
CA THR A 5 -6.55 -15.47 -7.41
C THR A 5 -5.57 -15.84 -6.29
N PHE A 6 -5.67 -17.08 -5.81
CA PHE A 6 -4.84 -17.62 -4.73
C PHE A 6 -4.23 -18.95 -5.19
N LYS A 7 -3.57 -18.89 -6.36
CA LYS A 7 -2.91 -20.01 -7.05
C LYS A 7 -3.74 -21.29 -7.03
N GLY A 8 -4.93 -21.23 -7.64
CA GLY A 8 -5.82 -22.37 -7.79
C GLY A 8 -7.23 -21.94 -8.20
N GLY A 9 -7.61 -20.72 -7.83
CA GLY A 9 -8.88 -20.11 -8.21
C GLY A 9 -9.00 -18.70 -7.62
N PRO A 10 -10.07 -17.96 -7.96
CA PRO A 10 -10.38 -16.65 -7.38
C PRO A 10 -10.51 -16.70 -5.85
N VAL A 11 -10.47 -15.52 -5.23
CA VAL A 11 -10.80 -15.31 -3.83
C VAL A 11 -11.75 -14.12 -3.71
N THR A 12 -12.74 -14.23 -2.83
CA THR A 12 -13.64 -13.12 -2.52
C THR A 12 -12.85 -12.01 -1.83
N LEU A 13 -13.30 -10.77 -2.03
CA LEU A 13 -12.70 -9.54 -1.55
C LEU A 13 -13.78 -8.72 -0.86
N VAL A 14 -13.48 -8.18 0.32
CA VAL A 14 -14.34 -7.20 0.96
C VAL A 14 -14.07 -5.88 0.22
N GLY A 15 -15.11 -5.07 -0.04
CA GLY A 15 -14.98 -3.83 -0.78
C GLY A 15 -15.03 -4.09 -2.28
N GLN A 16 -14.65 -3.07 -3.06
CA GLN A 16 -14.68 -3.06 -4.51
C GLN A 16 -13.35 -2.54 -5.04
N GLU A 17 -13.01 -2.90 -6.26
CA GLU A 17 -11.89 -2.31 -6.98
C GLU A 17 -12.20 -0.83 -7.18
N VAL A 18 -11.45 0.08 -6.52
CA VAL A 18 -11.58 1.50 -6.76
C VAL A 18 -10.95 1.86 -8.12
N LYS A 19 -11.16 3.07 -8.62
CA LYS A 19 -10.67 3.52 -9.92
C LYS A 19 -10.05 4.90 -9.78
N VAL A 20 -9.19 5.24 -10.73
CA VAL A 20 -8.59 6.56 -10.84
C VAL A 20 -9.72 7.60 -10.93
N GLY A 21 -9.59 8.67 -10.16
CA GLY A 21 -10.56 9.76 -10.07
C GLY A 21 -11.51 9.61 -8.88
N ASP A 22 -11.63 8.41 -8.30
CA ASP A 22 -12.43 8.18 -7.11
C ASP A 22 -11.77 8.83 -5.90
N GLN A 23 -12.56 9.21 -4.90
CA GLN A 23 -12.09 9.69 -3.61
C GLN A 23 -11.72 8.45 -2.81
N ALA A 24 -10.53 8.43 -2.22
CA ALA A 24 -10.13 7.36 -1.32
C ALA A 24 -11.07 7.27 -0.10
N PRO A 25 -11.16 6.11 0.58
CA PRO A 25 -12.12 5.85 1.66
C PRO A 25 -12.06 6.76 2.90
N ASP A 26 -11.09 7.66 3.05
CA ASP A 26 -10.83 8.41 4.28
C ASP A 26 -10.67 7.45 5.48
N PHE A 27 -9.72 6.54 5.32
CA PHE A 27 -9.41 5.43 6.22
C PHE A 27 -8.43 5.90 7.31
N THR A 28 -8.22 5.08 8.34
CA THR A 28 -7.23 5.28 9.38
C THR A 28 -6.41 3.99 9.53
N VAL A 29 -5.14 4.12 9.88
CA VAL A 29 -4.20 3.03 10.17
C VAL A 29 -3.34 3.49 11.34
N LEU A 30 -2.67 2.56 12.02
CA LEU A 30 -1.65 2.93 13.00
C LEU A 30 -0.35 3.11 12.23
N THR A 31 0.48 4.08 12.57
CA THR A 31 1.82 4.17 12.03
C THR A 31 2.62 2.99 12.64
N ASN A 32 3.76 2.62 12.07
CA ASN A 32 4.67 1.67 12.75
C ASN A 32 5.23 2.27 14.05
N SER A 33 5.16 3.60 14.21
CA SER A 33 5.55 4.35 15.39
C SER A 33 4.43 4.42 16.44
N LEU A 34 3.30 3.75 16.20
CA LEU A 34 2.21 3.52 17.13
C LEU A 34 1.36 4.78 17.40
N GLU A 35 1.20 5.63 16.40
CA GLU A 35 0.29 6.79 16.42
C GLU A 35 -0.79 6.55 15.35
N GLU A 36 -1.89 7.30 15.37
CA GLU A 36 -2.88 7.23 14.30
C GLU A 36 -2.38 8.04 13.10
N LYS A 37 -2.66 7.56 11.89
CA LYS A 37 -2.47 8.27 10.63
C LYS A 37 -3.66 7.91 9.74
N SER A 38 -4.12 8.84 8.92
CA SER A 38 -5.31 8.67 8.09
C SER A 38 -5.13 9.43 6.80
N LEU A 39 -6.03 9.23 5.83
CA LEU A 39 -5.98 9.90 4.52
C LEU A 39 -5.75 11.40 4.67
N ALA A 40 -6.43 12.05 5.63
CA ALA A 40 -6.34 13.49 5.86
C ALA A 40 -4.90 13.96 6.12
N ASP A 41 -4.07 13.11 6.70
CA ASP A 41 -2.64 13.37 6.90
C ASP A 41 -1.87 13.15 5.60
N MET A 42 -2.24 12.09 4.86
CA MET A 42 -1.58 11.69 3.63
C MET A 42 -1.80 12.73 2.51
N LYS A 43 -2.87 13.52 2.59
CA LYS A 43 -3.12 14.67 1.69
C LYS A 43 -1.98 15.69 1.67
N GLY A 44 -1.04 15.65 2.62
CA GLY A 44 0.10 16.55 2.69
C GLY A 44 0.94 16.57 1.42
N LYS A 45 0.96 15.49 0.64
CA LYS A 45 1.67 15.42 -0.65
C LYS A 45 1.03 14.35 -1.53
N VAL A 46 1.39 14.29 -2.80
CA VAL A 46 1.03 13.17 -3.67
C VAL A 46 1.71 11.97 -2.98
N THR A 47 0.95 10.92 -2.66
CA THR A 47 1.41 9.85 -1.81
C THR A 47 1.14 8.48 -2.46
N ILE A 48 2.15 7.62 -2.48
CA ILE A 48 2.04 6.22 -2.92
C ILE A 48 1.67 5.39 -1.68
N ILE A 49 0.81 4.38 -1.84
CA ILE A 49 0.48 3.40 -0.81
C ILE A 49 0.89 2.03 -1.35
N SER A 50 1.51 1.22 -0.50
CA SER A 50 2.16 -0.04 -0.87
C SER A 50 1.62 -1.13 0.05
N VAL A 51 0.54 -1.80 -0.35
CA VAL A 51 -0.08 -2.80 0.51
C VAL A 51 0.75 -4.10 0.44
N ILE A 52 0.96 -4.79 1.56
CA ILE A 52 1.52 -6.16 1.56
C ILE A 52 0.73 -7.00 2.58
N PRO A 53 0.51 -8.31 2.33
CA PRO A 53 -0.22 -9.20 3.24
C PRO A 53 0.42 -9.26 4.63
N SER A 54 1.74 -9.41 4.67
CA SER A 54 2.61 -9.38 5.85
C SER A 54 4.02 -9.08 5.33
N ILE A 55 4.97 -8.76 6.22
CA ILE A 55 6.29 -8.26 5.84
C ILE A 55 7.35 -9.34 6.08
N ASP A 56 8.59 -9.09 5.64
CA ASP A 56 9.76 -9.95 5.81
C ASP A 56 9.57 -11.37 5.23
N THR A 57 8.68 -11.51 4.24
CA THR A 57 8.38 -12.77 3.58
C THR A 57 9.49 -13.21 2.60
N GLY A 58 10.39 -12.29 2.25
CA GLY A 58 11.37 -12.47 1.18
C GLY A 58 10.83 -12.09 -0.20
N VAL A 59 9.56 -11.63 -0.28
CA VAL A 59 8.92 -11.25 -1.55
C VAL A 59 8.30 -9.86 -1.39
N CYS A 60 7.57 -9.61 -0.29
CA CYS A 60 7.05 -8.28 0.05
C CYS A 60 8.19 -7.30 0.34
N ASP A 61 9.31 -7.83 0.82
CA ASP A 61 10.54 -7.09 1.13
C ASP A 61 11.02 -6.27 -0.07
N ALA A 62 10.81 -6.74 -1.31
CA ALA A 62 11.27 -6.05 -2.50
C ALA A 62 10.60 -4.68 -2.65
N GLN A 63 9.26 -4.64 -2.60
CA GLN A 63 8.46 -3.45 -2.94
C GLN A 63 8.90 -2.26 -2.10
N THR A 64 8.82 -2.37 -0.77
CA THR A 64 9.02 -1.22 0.11
C THR A 64 10.45 -0.67 0.02
N ARG A 65 11.50 -1.50 -0.05
CA ARG A 65 12.85 -0.95 -0.16
C ARG A 65 13.12 -0.41 -1.55
N ARG A 66 12.51 -0.99 -2.60
CA ARG A 66 12.57 -0.37 -3.93
C ARG A 66 11.87 0.98 -3.88
N PHE A 67 10.71 1.11 -3.22
CA PHE A 67 10.07 2.41 -3.05
C PHE A 67 10.96 3.39 -2.29
N ASN A 68 11.72 2.93 -1.29
CA ASN A 68 12.63 3.79 -0.55
C ASN A 68 13.69 4.40 -1.47
N GLU A 69 14.31 3.55 -2.29
CA GLU A 69 15.28 3.95 -3.27
C GLU A 69 14.63 4.88 -4.30
N GLU A 70 13.52 4.46 -4.92
CA GLU A 70 12.87 5.21 -5.99
C GLU A 70 12.44 6.59 -5.52
N ALA A 71 11.94 6.72 -4.29
CA ALA A 71 11.57 8.00 -3.72
C ALA A 71 12.77 8.95 -3.65
N ALA A 72 13.96 8.42 -3.30
CA ALA A 72 15.18 9.22 -3.32
C ALA A 72 15.60 9.56 -4.75
N LYS A 73 15.36 8.67 -5.72
CA LYS A 73 15.73 8.94 -7.11
C LYS A 73 14.84 10.05 -7.69
N LEU A 74 13.53 10.03 -7.40
CA LEU A 74 12.62 11.12 -7.75
C LEU A 74 13.04 12.40 -7.03
N GLY A 75 13.38 12.30 -5.74
CA GLY A 75 13.89 13.40 -4.93
C GLY A 75 12.79 14.14 -4.17
N ASP A 76 11.54 14.05 -4.63
CA ASP A 76 10.37 14.64 -3.98
C ASP A 76 9.13 13.82 -4.34
N VAL A 77 8.71 12.96 -3.41
CA VAL A 77 7.47 12.20 -3.43
C VAL A 77 7.17 11.88 -1.96
N ASN A 78 6.02 11.27 -1.68
CA ASN A 78 5.70 10.71 -0.38
C ASN A 78 5.23 9.29 -0.64
N VAL A 79 5.57 8.35 0.22
CA VAL A 79 5.22 6.96 0.03
C VAL A 79 5.10 6.28 1.39
N TYR A 80 4.15 5.35 1.50
CA TYR A 80 3.89 4.58 2.70
C TYR A 80 3.68 3.11 2.31
N THR A 81 3.70 2.25 3.31
CA THR A 81 3.44 0.82 3.19
C THR A 81 2.34 0.50 4.20
N ILE A 82 1.40 -0.38 3.87
CA ILE A 82 0.28 -0.77 4.73
C ILE A 82 0.27 -2.29 4.81
N SER A 83 0.04 -2.84 5.99
CA SER A 83 -0.07 -4.29 6.18
C SER A 83 -1.04 -4.65 7.28
N ALA A 84 -1.43 -5.93 7.33
CA ALA A 84 -2.16 -6.50 8.45
C ALA A 84 -1.16 -6.91 9.56
N ASP A 85 0.13 -6.82 9.27
CA ASP A 85 1.20 -7.28 10.14
C ASP A 85 1.32 -6.37 11.36
N LEU A 86 2.02 -6.85 12.38
CA LEU A 86 2.26 -6.11 13.62
C LEU A 86 3.09 -4.88 13.26
N PRO A 87 2.75 -3.69 13.78
CA PRO A 87 3.48 -2.47 13.46
C PRO A 87 4.95 -2.57 13.90
N PHE A 88 5.23 -3.26 15.01
CA PHE A 88 6.61 -3.45 15.46
C PHE A 88 7.39 -4.39 14.53
N ALA A 89 6.73 -5.36 13.90
CA ALA A 89 7.39 -6.24 12.94
C ALA A 89 7.77 -5.42 11.70
N GLN A 90 6.86 -4.58 11.19
CA GLN A 90 7.18 -3.68 10.10
C GLN A 90 8.31 -2.71 10.48
N ALA A 91 8.29 -2.14 11.69
CA ALA A 91 9.36 -1.26 12.16
C ALA A 91 10.71 -1.99 12.16
N ARG A 92 10.74 -3.25 12.61
CA ARG A 92 11.98 -4.01 12.71
C ARG A 92 12.53 -4.32 11.32
N TRP A 93 11.65 -4.66 10.38
CA TRP A 93 12.03 -4.87 9.00
C TRP A 93 12.56 -3.56 8.38
N CYS A 94 11.96 -2.40 8.66
CA CYS A 94 12.48 -1.12 8.20
C CYS A 94 13.89 -0.88 8.74
N GLY A 95 14.15 -1.27 10.00
CA GLY A 95 15.47 -1.20 10.61
C GLY A 95 16.48 -2.11 9.94
N ALA A 96 16.05 -3.24 9.34
CA ALA A 96 16.94 -4.15 8.64
C ALA A 96 17.47 -3.48 7.36
N ASN A 97 16.58 -2.85 6.59
CA ASN A 97 16.92 -2.29 5.28
C ASN A 97 17.40 -0.84 5.37
N GLY A 98 17.14 -0.13 6.48
CA GLY A 98 17.57 1.25 6.67
C GLY A 98 16.66 2.21 5.90
N ILE A 99 15.36 1.92 5.90
CA ILE A 99 14.34 2.70 5.21
C ILE A 99 14.26 4.08 5.87
N ASP A 100 14.04 5.10 5.05
CA ASP A 100 13.97 6.50 5.48
C ASP A 100 12.92 7.30 4.69
N LYS A 101 12.76 7.04 3.39
CA LYS A 101 11.83 7.76 2.52
C LYS A 101 10.41 7.19 2.61
N VAL A 102 10.24 5.96 3.09
CA VAL A 102 8.94 5.33 3.31
C VAL A 102 8.69 5.28 4.82
N GLU A 103 7.44 5.10 5.23
CA GLU A 103 7.06 4.81 6.60
C GLU A 103 6.02 3.68 6.50
N THR A 104 6.23 2.60 7.26
CA THR A 104 5.30 1.48 7.32
C THR A 104 4.17 1.83 8.29
N LEU A 105 2.98 1.29 8.04
CA LEU A 105 1.75 1.56 8.76
C LEU A 105 0.99 0.23 8.84
N SER A 106 0.22 -0.03 9.89
CA SER A 106 -0.55 -1.26 10.04
C SER A 106 -2.04 -0.95 10.11
N ASP A 107 -2.80 -1.62 9.23
CA ASP A 107 -4.26 -1.67 9.23
C ASP A 107 -4.74 -2.76 10.21
N HIS A 108 -3.84 -3.70 10.51
CA HIS A 108 -3.84 -4.80 11.49
C HIS A 108 -5.20 -5.45 11.80
N ARG A 109 -6.07 -4.77 12.55
CA ARG A 109 -7.39 -5.25 12.96
C ARG A 109 -8.45 -4.13 12.90
N ASP A 110 -8.08 -2.91 12.52
CA ASP A 110 -9.05 -1.84 12.25
C ASP A 110 -9.76 -2.10 10.92
N MET A 111 -8.98 -2.59 9.95
CA MET A 111 -9.34 -2.93 8.59
C MET A 111 -10.03 -1.84 7.77
N SER A 112 -10.15 -0.57 8.21
CA SER A 112 -10.94 0.40 7.44
C SER A 112 -10.37 0.60 6.04
N PHE A 113 -9.04 0.65 5.92
CA PHE A 113 -8.36 0.76 4.64
C PHE A 113 -8.71 -0.48 3.80
N GLY A 114 -8.38 -1.67 4.29
CA GLY A 114 -8.50 -2.89 3.51
C GLY A 114 -9.93 -3.17 3.07
N GLU A 115 -10.88 -2.96 3.99
CA GLU A 115 -12.31 -3.15 3.78
C GLU A 115 -12.79 -2.29 2.61
N ALA A 116 -12.34 -1.03 2.52
CA ALA A 116 -12.91 -0.08 1.60
C ALA A 116 -12.11 0.08 0.29
N PHE A 117 -10.81 -0.25 0.26
CA PHE A 117 -9.99 -0.18 -0.96
C PHE A 117 -10.11 -1.46 -1.82
N GLY A 118 -10.93 -2.44 -1.43
CA GLY A 118 -11.10 -3.69 -2.15
C GLY A 118 -9.92 -4.64 -1.98
N VAL A 119 -9.19 -4.60 -0.86
CA VAL A 119 -7.95 -5.36 -0.70
C VAL A 119 -7.93 -6.26 0.53
N TYR A 120 -8.91 -6.17 1.43
CA TYR A 120 -9.07 -7.15 2.51
C TYR A 120 -9.69 -8.39 1.85
N ILE A 121 -8.86 -9.42 1.60
CA ILE A 121 -9.28 -10.62 0.91
C ILE A 121 -10.18 -11.38 1.88
N LYS A 122 -11.49 -11.33 1.64
CA LYS A 122 -12.51 -11.93 2.50
C LYS A 122 -12.24 -13.41 2.73
N GLU A 123 -11.77 -14.09 1.68
CA GLU A 123 -11.50 -15.53 1.69
C GLU A 123 -10.36 -15.92 2.65
N LEU A 124 -9.54 -14.96 3.09
CA LEU A 124 -8.32 -15.19 3.88
C LEU A 124 -8.29 -14.36 5.17
N ARG A 125 -9.10 -13.30 5.25
CA ARG A 125 -9.03 -12.27 6.27
C ARG A 125 -7.60 -11.72 6.33
N LEU A 126 -6.95 -11.52 5.17
CA LEU A 126 -5.60 -10.98 5.05
C LEU A 126 -5.61 -9.96 3.91
N LEU A 127 -4.72 -8.97 3.92
CA LEU A 127 -4.64 -7.97 2.86
C LEU A 127 -4.00 -8.55 1.59
N ALA A 128 -4.31 -7.93 0.45
CA ALA A 128 -3.68 -8.16 -0.83
C ALA A 128 -2.29 -7.50 -0.87
N ARG A 129 -1.64 -7.48 -2.04
CA ARG A 129 -0.29 -6.94 -2.24
C ARG A 129 -0.29 -5.77 -3.23
N SER A 130 -1.46 -5.16 -3.49
CA SER A 130 -1.70 -4.11 -4.46
C SER A 130 -0.97 -2.80 -4.14
N VAL A 131 -0.98 -1.84 -5.08
CA VAL A 131 -0.41 -0.49 -4.90
C VAL A 131 -1.40 0.56 -5.39
N PHE A 132 -1.33 1.75 -4.79
CA PHE A 132 -2.19 2.88 -5.13
C PHE A 132 -1.38 4.17 -5.07
N VAL A 133 -1.87 5.24 -5.68
CA VAL A 133 -1.30 6.57 -5.54
C VAL A 133 -2.46 7.53 -5.33
N LEU A 134 -2.22 8.56 -4.52
CA LEU A 134 -3.21 9.48 -4.00
C LEU A 134 -2.72 10.89 -4.30
N ASP A 135 -3.57 11.70 -4.92
CA ASP A 135 -3.34 13.14 -5.08
C ASP A 135 -3.42 13.84 -3.72
N GLU A 136 -2.97 15.10 -3.63
CA GLU A 136 -3.15 15.95 -2.46
C GLU A 136 -4.63 16.12 -2.07
N ASN A 137 -5.58 15.95 -2.99
CA ASN A 137 -7.02 15.97 -2.67
C ASN A 137 -7.49 14.65 -2.05
N GLY A 138 -6.62 13.64 -1.94
CA GLY A 138 -6.98 12.28 -1.52
C GLY A 138 -7.81 11.55 -2.57
N LYS A 139 -7.69 11.93 -3.85
CA LYS A 139 -8.29 11.20 -4.95
C LYS A 139 -7.27 10.20 -5.46
N VAL A 140 -7.70 9.02 -5.85
CA VAL A 140 -6.85 7.99 -6.42
C VAL A 140 -6.38 8.49 -7.79
N VAL A 141 -5.07 8.45 -8.05
CA VAL A 141 -4.49 8.81 -9.35
C VAL A 141 -3.90 7.59 -10.07
N TYR A 142 -3.68 6.48 -9.33
CA TYR A 142 -3.34 5.19 -9.91
C TYR A 142 -3.82 4.12 -8.93
N ALA A 143 -4.28 3.00 -9.47
CA ALA A 143 -4.59 1.80 -8.71
C ALA A 143 -4.20 0.60 -9.56
N GLU A 144 -3.57 -0.40 -8.95
CA GLU A 144 -3.26 -1.67 -9.61
C GLU A 144 -3.29 -2.76 -8.55
N TYR A 145 -4.01 -3.82 -8.86
CA TYR A 145 -4.19 -4.99 -8.01
C TYR A 145 -3.36 -6.11 -8.62
N VAL A 146 -2.76 -6.97 -7.79
CA VAL A 146 -1.80 -7.97 -8.26
C VAL A 146 -2.43 -9.10 -9.07
N SER A 147 -3.76 -9.26 -9.04
CA SER A 147 -4.55 -10.30 -9.72
C SER A 147 -4.23 -11.74 -9.29
N GLU A 148 -3.12 -11.99 -8.61
CA GLU A 148 -2.70 -13.29 -8.12
C GLU A 148 -1.90 -12.99 -6.86
N ALA A 149 -2.40 -13.42 -5.70
CA ALA A 149 -1.81 -13.10 -4.41
C ALA A 149 -0.36 -13.58 -4.32
N THR A 150 -0.01 -14.68 -4.99
CA THR A 150 1.33 -15.26 -4.99
C THR A 150 2.36 -14.46 -5.81
N ASN A 151 2.03 -13.26 -6.31
CA ASN A 151 2.97 -12.35 -6.97
C ASN A 151 2.87 -10.94 -6.38
N HIS A 152 3.72 -10.01 -6.84
CA HIS A 152 3.90 -8.69 -6.23
C HIS A 152 3.99 -7.61 -7.34
N PRO A 153 3.55 -6.36 -7.07
CA PRO A 153 3.39 -5.34 -8.09
C PRO A 153 4.75 -4.79 -8.54
N ASN A 154 4.85 -4.26 -9.76
CA ASN A 154 6.06 -3.56 -10.17
C ASN A 154 6.01 -2.15 -9.59
N TYR A 155 6.95 -1.83 -8.69
CA TYR A 155 7.12 -0.51 -8.06
C TYR A 155 7.22 0.63 -9.09
N GLU A 156 7.67 0.37 -10.31
CA GLU A 156 7.76 1.39 -11.35
C GLU A 156 6.38 1.98 -11.68
N LYS A 157 5.33 1.15 -11.67
CA LYS A 157 3.99 1.56 -12.11
C LYS A 157 3.45 2.76 -11.32
N PRO A 158 3.34 2.70 -9.98
CA PRO A 158 2.89 3.85 -9.21
C PRO A 158 3.94 4.97 -9.19
N ILE A 159 5.24 4.68 -9.40
CA ILE A 159 6.22 5.75 -9.58
C ILE A 159 5.87 6.57 -10.82
N GLU A 160 5.54 5.93 -11.95
CA GLU A 160 5.24 6.64 -13.19
C GLU A 160 4.01 7.53 -13.01
N ALA A 161 3.05 7.08 -12.19
CA ALA A 161 1.90 7.90 -11.81
C ALA A 161 2.34 9.14 -11.00
N ALA A 162 3.04 8.91 -9.89
CA ALA A 162 3.41 9.95 -8.95
C ALA A 162 4.37 10.97 -9.57
N LYS A 163 5.41 10.51 -10.29
CA LYS A 163 6.44 11.39 -10.84
C LYS A 163 5.87 12.40 -11.82
N ALA A 164 4.74 12.09 -12.47
CA ALA A 164 4.06 13.00 -13.37
C ALA A 164 3.42 14.19 -12.63
N LEU A 165 3.04 14.00 -11.37
CA LEU A 165 2.23 14.96 -10.62
C LEU A 165 3.01 15.83 -9.64
N VAL A 166 4.14 15.32 -9.12
CA VAL A 166 4.97 16.07 -8.17
C VAL A 166 5.68 17.26 -8.83
N LYS A 167 5.79 17.29 -10.17
CA LYS A 167 6.42 18.36 -10.93
C LYS A 167 5.71 19.68 -10.65
N MET A 1 -15.51 -3.84 -9.60
CA MET A 1 -15.19 -4.71 -8.45
C MET A 1 -14.32 -5.87 -8.93
N ALA A 2 -13.33 -6.28 -8.12
CA ALA A 2 -12.33 -7.28 -8.48
C ALA A 2 -12.40 -8.47 -7.53
N GLU A 3 -11.62 -9.49 -7.87
CA GLU A 3 -11.37 -10.76 -7.22
C GLU A 3 -9.92 -11.12 -7.59
N ILE A 4 -9.26 -11.96 -6.81
CA ILE A 4 -7.83 -12.23 -6.91
C ILE A 4 -7.65 -13.73 -6.67
N THR A 5 -6.72 -14.40 -7.35
CA THR A 5 -6.45 -15.81 -7.07
C THR A 5 -5.49 -15.94 -5.88
N PHE A 6 -5.51 -17.12 -5.26
CA PHE A 6 -4.60 -17.50 -4.19
C PHE A 6 -4.06 -18.88 -4.53
N LYS A 7 -2.99 -18.88 -5.33
CA LYS A 7 -2.15 -20.04 -5.68
C LYS A 7 -2.92 -21.34 -6.00
N GLY A 8 -4.07 -21.24 -6.67
CA GLY A 8 -4.85 -22.41 -7.06
C GLY A 8 -6.26 -22.07 -7.54
N GLY A 9 -6.84 -20.96 -7.08
CA GLY A 9 -8.19 -20.57 -7.47
C GLY A 9 -8.56 -19.19 -6.95
N PRO A 10 -9.71 -18.63 -7.39
CA PRO A 10 -10.14 -17.28 -7.05
C PRO A 10 -10.61 -17.19 -5.60
N VAL A 11 -10.47 -16.00 -5.01
CA VAL A 11 -11.00 -15.62 -3.71
C VAL A 11 -11.52 -14.17 -3.80
N THR A 12 -12.58 -13.93 -3.04
CA THR A 12 -13.40 -12.72 -3.10
C THR A 12 -12.70 -11.56 -2.39
N LEU A 13 -12.82 -10.34 -2.94
CA LEU A 13 -12.40 -9.11 -2.27
C LEU A 13 -13.54 -8.62 -1.39
N VAL A 14 -13.25 -8.17 -0.18
CA VAL A 14 -14.28 -7.85 0.81
C VAL A 14 -14.97 -6.51 0.50
N GLY A 15 -14.34 -5.63 -0.28
CA GLY A 15 -14.78 -4.26 -0.47
C GLY A 15 -14.54 -3.76 -1.89
N GLN A 16 -14.87 -2.49 -2.10
CA GLN A 16 -14.88 -1.85 -3.39
C GLN A 16 -13.47 -1.77 -3.98
N GLU A 17 -13.37 -2.03 -5.28
CA GLU A 17 -12.18 -1.78 -6.06
C GLU A 17 -12.21 -0.27 -6.35
N VAL A 18 -11.06 0.39 -6.35
CA VAL A 18 -10.94 1.83 -6.49
C VAL A 18 -10.18 2.13 -7.79
N LYS A 19 -10.41 3.31 -8.38
CA LYS A 19 -9.92 3.66 -9.71
C LYS A 19 -9.25 5.03 -9.68
N VAL A 20 -8.37 5.27 -10.65
CA VAL A 20 -7.74 6.57 -10.87
C VAL A 20 -8.82 7.62 -11.12
N GLY A 21 -8.59 8.83 -10.61
CA GLY A 21 -9.47 9.98 -10.78
C GLY A 21 -10.55 10.06 -9.70
N ASP A 22 -10.91 8.93 -9.07
CA ASP A 22 -11.87 8.92 -7.98
C ASP A 22 -11.22 9.49 -6.71
N GLN A 23 -12.06 10.01 -5.83
CA GLN A 23 -11.68 10.41 -4.48
C GLN A 23 -11.41 9.10 -3.74
N ALA A 24 -10.26 9.00 -3.09
CA ALA A 24 -9.92 7.81 -2.32
C ALA A 24 -10.91 7.62 -1.16
N PRO A 25 -11.12 6.38 -0.68
CA PRO A 25 -12.05 6.07 0.40
C PRO A 25 -11.84 6.88 1.69
N ASP A 26 -10.58 7.24 1.99
CA ASP A 26 -10.15 8.02 3.15
C ASP A 26 -10.56 7.38 4.49
N PHE A 27 -9.76 6.39 4.92
CA PHE A 27 -9.92 5.65 6.18
C PHE A 27 -8.59 5.69 6.96
N THR A 28 -8.54 4.96 8.08
CA THR A 28 -7.47 5.04 9.08
C THR A 28 -6.71 3.70 9.14
N VAL A 29 -5.47 3.77 9.60
CA VAL A 29 -4.51 2.69 9.73
C VAL A 29 -3.64 3.02 10.96
N LEU A 30 -2.97 2.03 11.56
CA LEU A 30 -2.06 2.29 12.68
C LEU A 30 -0.67 2.61 12.14
N THR A 31 0.02 3.56 12.76
CA THR A 31 1.43 3.81 12.50
C THR A 31 2.23 2.68 13.16
N ASN A 32 3.54 2.57 12.89
CA ASN A 32 4.39 1.66 13.67
C ASN A 32 4.53 2.13 15.13
N SER A 33 4.17 3.38 15.42
CA SER A 33 4.21 3.98 16.75
C SER A 33 2.98 3.59 17.59
N LEU A 34 2.06 2.79 17.03
CA LEU A 34 0.78 2.45 17.62
C LEU A 34 -0.05 3.70 17.90
N GLU A 35 -0.13 4.60 16.92
CA GLU A 35 -1.02 5.75 16.89
C GLU A 35 -1.83 5.69 15.58
N GLU A 36 -2.89 6.47 15.46
CA GLU A 36 -3.71 6.48 14.25
C GLU A 36 -3.10 7.42 13.21
N LYS A 37 -3.17 7.02 11.93
CA LYS A 37 -2.85 7.83 10.76
C LYS A 37 -3.93 7.50 9.72
N SER A 38 -4.26 8.43 8.84
CA SER A 38 -5.35 8.26 7.90
C SER A 38 -5.00 8.97 6.59
N LEU A 39 -5.79 8.72 5.53
CA LEU A 39 -5.53 9.35 4.23
C LEU A 39 -5.58 10.88 4.34
N ALA A 40 -6.39 11.42 5.25
CA ALA A 40 -6.42 12.84 5.63
C ALA A 40 -5.03 13.41 5.98
N ASP A 41 -4.12 12.57 6.47
CA ASP A 41 -2.73 12.93 6.77
C ASP A 41 -1.84 12.71 5.55
N MET A 42 -2.11 11.62 4.81
CA MET A 42 -1.27 11.16 3.71
C MET A 42 -1.35 12.13 2.53
N LYS A 43 -2.52 12.70 2.28
CA LYS A 43 -2.72 13.70 1.23
C LYS A 43 -1.90 14.98 1.46
N GLY A 44 -1.18 15.12 2.56
CA GLY A 44 -0.21 16.19 2.77
C GLY A 44 0.86 16.25 1.67
N LYS A 45 1.10 15.15 0.92
CA LYS A 45 2.02 15.12 -0.22
C LYS A 45 1.50 14.12 -1.26
N VAL A 46 2.03 14.15 -2.48
CA VAL A 46 1.78 13.09 -3.46
C VAL A 46 2.35 11.84 -2.80
N THR A 47 1.49 10.85 -2.53
CA THR A 47 1.87 9.72 -1.69
C THR A 47 1.57 8.40 -2.38
N ILE A 48 2.57 7.51 -2.42
CA ILE A 48 2.41 6.13 -2.89
C ILE A 48 2.01 5.29 -1.67
N ILE A 49 1.06 4.37 -1.83
CA ILE A 49 0.61 3.44 -0.79
C ILE A 49 0.88 2.03 -1.33
N SER A 50 1.97 1.43 -0.88
CA SER A 50 2.28 0.03 -1.13
C SER A 50 1.35 -0.82 -0.25
N VAL A 51 0.84 -1.93 -0.77
CA VAL A 51 0.12 -2.91 0.06
C VAL A 51 0.75 -4.30 -0.13
N ILE A 52 0.95 -5.02 0.98
CA ILE A 52 1.36 -6.42 1.02
C ILE A 52 0.54 -7.14 2.11
N PRO A 53 0.41 -8.48 2.08
CA PRO A 53 -0.32 -9.21 3.13
C PRO A 53 0.39 -9.09 4.48
N SER A 54 1.66 -9.44 4.50
CA SER A 54 2.54 -9.44 5.67
C SER A 54 3.94 -9.10 5.15
N ILE A 55 4.79 -8.53 6.01
CA ILE A 55 6.06 -7.96 5.57
C ILE A 55 7.26 -8.90 5.79
N ASP A 56 7.04 -10.04 6.45
CA ASP A 56 8.13 -10.96 6.78
C ASP A 56 8.75 -11.60 5.52
N THR A 57 7.97 -11.74 4.45
CA THR A 57 8.44 -12.32 3.20
C THR A 57 9.37 -11.34 2.46
N GLY A 58 10.43 -11.88 1.83
CA GLY A 58 11.36 -11.11 1.03
C GLY A 58 10.73 -10.52 -0.25
N VAL A 59 9.56 -11.00 -0.67
CA VAL A 59 8.85 -10.49 -1.85
C VAL A 59 8.61 -8.97 -1.74
N CYS A 60 8.50 -8.43 -0.52
CA CYS A 60 8.27 -7.01 -0.28
C CYS A 60 9.44 -6.14 -0.76
N ASP A 61 10.61 -6.71 -1.08
CA ASP A 61 11.74 -5.98 -1.63
C ASP A 61 11.34 -5.21 -2.89
N ALA A 62 10.61 -5.87 -3.78
CA ALA A 62 10.16 -5.33 -5.06
C ALA A 62 9.02 -4.31 -4.89
N GLN A 63 8.69 -3.94 -3.65
CA GLN A 63 7.76 -2.88 -3.33
C GLN A 63 8.47 -1.97 -2.32
N THR A 64 8.39 -2.26 -1.02
CA THR A 64 8.81 -1.40 0.08
C THR A 64 10.25 -0.90 -0.07
N ARG A 65 11.23 -1.80 -0.25
CA ARG A 65 12.63 -1.35 -0.30
C ARG A 65 12.91 -0.61 -1.60
N ARG A 66 12.40 -1.12 -2.72
CA ARG A 66 12.58 -0.45 -4.01
C ARG A 66 11.97 0.95 -3.97
N PHE A 67 10.83 1.14 -3.32
CA PHE A 67 10.24 2.46 -3.17
C PHE A 67 11.10 3.38 -2.32
N ASN A 68 11.85 2.89 -1.32
CA ASN A 68 12.78 3.75 -0.57
C ASN A 68 13.78 4.39 -1.52
N GLU A 69 14.38 3.55 -2.36
CA GLU A 69 15.37 3.99 -3.33
C GLU A 69 14.70 4.92 -4.33
N GLU A 70 13.66 4.46 -5.03
CA GLU A 70 13.07 5.22 -6.12
C GLU A 70 12.52 6.57 -5.63
N ALA A 71 11.88 6.61 -4.46
CA ALA A 71 11.40 7.86 -3.87
C ALA A 71 12.55 8.81 -3.58
N ALA A 72 13.72 8.31 -3.17
CA ALA A 72 14.90 9.15 -2.98
C ALA A 72 15.41 9.68 -4.32
N LYS A 73 15.35 8.87 -5.38
CA LYS A 73 15.86 9.29 -6.70
C LYS A 73 14.93 10.37 -7.28
N LEU A 74 13.60 10.23 -7.11
CA LEU A 74 12.65 11.28 -7.46
C LEU A 74 12.87 12.52 -6.59
N GLY A 75 13.02 12.31 -5.28
CA GLY A 75 13.35 13.35 -4.31
C GLY A 75 12.18 14.29 -3.97
N ASP A 76 10.95 13.98 -4.42
CA ASP A 76 9.79 14.86 -4.25
C ASP A 76 8.46 14.09 -4.19
N VAL A 77 8.48 12.90 -3.59
CA VAL A 77 7.27 12.14 -3.27
C VAL A 77 7.31 11.76 -1.78
N ASN A 78 6.21 11.19 -1.33
CA ASN A 78 6.08 10.55 -0.04
C ASN A 78 5.60 9.12 -0.36
N VAL A 79 5.92 8.14 0.47
CA VAL A 79 5.46 6.77 0.26
C VAL A 79 5.31 6.06 1.62
N TYR A 80 4.37 5.12 1.68
CA TYR A 80 4.11 4.25 2.82
C TYR A 80 3.93 2.82 2.33
N THR A 81 3.83 1.89 3.27
CA THR A 81 3.45 0.51 3.03
C THR A 81 2.39 0.17 4.10
N ILE A 82 1.38 -0.64 3.76
CA ILE A 82 0.30 -1.04 4.66
C ILE A 82 0.23 -2.56 4.65
N SER A 83 0.05 -3.16 5.83
CA SER A 83 0.18 -4.60 6.05
C SER A 83 -0.87 -5.07 7.06
N ALA A 84 -1.38 -6.30 6.93
CA ALA A 84 -2.23 -6.94 7.95
C ALA A 84 -1.31 -7.78 8.85
N ASP A 85 -0.32 -7.12 9.43
CA ASP A 85 0.79 -7.72 10.15
C ASP A 85 1.15 -6.77 11.31
N LEU A 86 2.00 -7.18 12.24
CA LEU A 86 2.22 -6.47 13.49
C LEU A 86 3.12 -5.24 13.33
N PRO A 87 2.84 -4.12 14.04
CA PRO A 87 3.64 -2.90 14.00
C PRO A 87 5.15 -3.11 14.13
N PHE A 88 5.59 -4.00 15.02
CA PHE A 88 7.02 -4.22 15.23
C PHE A 88 7.65 -5.00 14.06
N ALA A 89 6.90 -5.86 13.36
CA ALA A 89 7.39 -6.53 12.17
C ALA A 89 7.59 -5.51 11.05
N GLN A 90 6.65 -4.58 10.91
CA GLN A 90 6.78 -3.46 10.00
C GLN A 90 7.98 -2.58 10.38
N ALA A 91 8.14 -2.23 11.65
CA ALA A 91 9.26 -1.43 12.10
C ALA A 91 10.60 -2.14 11.83
N ARG A 92 10.63 -3.48 11.97
CA ARG A 92 11.83 -4.27 11.72
C ARG A 92 12.26 -4.10 10.27
N TRP A 93 11.33 -4.12 9.32
CA TRP A 93 11.66 -3.96 7.91
C TRP A 93 12.37 -2.62 7.69
N CYS A 94 11.77 -1.51 8.15
CA CYS A 94 12.36 -0.20 7.91
C CYS A 94 13.71 -0.07 8.63
N GLY A 95 13.78 -0.49 9.88
CA GLY A 95 14.94 -0.30 10.74
C GLY A 95 16.14 -1.14 10.27
N ALA A 96 15.91 -2.40 9.88
CA ALA A 96 16.99 -3.29 9.45
C ALA A 96 17.58 -2.81 8.12
N ASN A 97 16.73 -2.33 7.21
CA ASN A 97 17.17 -1.87 5.89
C ASN A 97 17.74 -0.45 5.94
N GLY A 98 17.44 0.33 6.99
CA GLY A 98 17.84 1.74 7.08
C GLY A 98 17.01 2.61 6.13
N ILE A 99 15.77 2.21 5.88
CA ILE A 99 14.82 2.93 5.04
C ILE A 99 14.45 4.24 5.75
N ASP A 100 14.21 5.27 4.95
CA ASP A 100 13.97 6.64 5.39
C ASP A 100 12.84 7.32 4.61
N LYS A 101 12.71 7.04 3.31
CA LYS A 101 11.67 7.65 2.48
C LYS A 101 10.32 6.95 2.64
N VAL A 102 10.30 5.73 3.15
CA VAL A 102 9.08 4.97 3.41
C VAL A 102 8.92 4.84 4.93
N GLU A 103 7.69 4.58 5.36
CA GLU A 103 7.34 4.19 6.72
C GLU A 103 6.27 3.13 6.51
N THR A 104 6.44 2.00 7.17
CA THR A 104 5.51 0.88 7.11
C THR A 104 4.37 1.13 8.12
N LEU A 105 3.20 0.53 7.91
CA LEU A 105 1.98 0.82 8.64
C LEU A 105 1.21 -0.50 8.81
N SER A 106 0.26 -0.50 9.75
CA SER A 106 -0.42 -1.71 10.20
C SER A 106 -1.92 -1.51 10.16
N ASP A 107 -2.59 -2.14 9.21
CA ASP A 107 -4.04 -2.20 9.10
C ASP A 107 -4.47 -3.51 9.78
N HIS A 108 -4.08 -3.66 11.06
CA HIS A 108 -4.17 -4.91 11.80
C HIS A 108 -4.69 -4.71 13.23
N ARG A 109 -5.58 -3.75 13.44
CA ARG A 109 -6.33 -3.56 14.69
C ARG A 109 -7.81 -3.60 14.33
N ASP A 110 -8.17 -2.84 13.30
CA ASP A 110 -9.43 -2.86 12.59
C ASP A 110 -9.01 -2.58 11.16
N MET A 111 -9.32 -3.49 10.24
CA MET A 111 -8.82 -3.51 8.86
C MET A 111 -9.46 -2.44 7.97
N SER A 112 -9.73 -1.25 8.52
CA SER A 112 -10.51 -0.21 7.89
C SER A 112 -9.92 0.21 6.55
N PHE A 113 -8.59 0.35 6.43
CA PHE A 113 -7.97 0.82 5.21
C PHE A 113 -8.09 -0.24 4.12
N GLY A 114 -7.77 -1.50 4.45
CA GLY A 114 -7.76 -2.59 3.51
C GLY A 114 -9.15 -3.00 3.07
N GLU A 115 -10.14 -2.90 3.97
CA GLU A 115 -11.55 -3.08 3.64
C GLU A 115 -11.99 -1.97 2.67
N ALA A 116 -11.67 -0.71 2.99
CA ALA A 116 -12.18 0.44 2.24
C ALA A 116 -11.61 0.53 0.83
N PHE A 117 -10.36 0.10 0.63
CA PHE A 117 -9.71 -0.02 -0.69
C PHE A 117 -9.95 -1.41 -1.30
N GLY A 118 -10.71 -2.28 -0.66
CA GLY A 118 -11.14 -3.59 -1.16
C GLY A 118 -10.08 -4.67 -1.11
N VAL A 119 -8.80 -4.34 -0.90
CA VAL A 119 -7.67 -5.25 -0.96
C VAL A 119 -7.72 -6.34 0.11
N TYR A 120 -8.44 -6.15 1.22
CA TYR A 120 -8.69 -7.22 2.19
C TYR A 120 -9.44 -8.34 1.45
N ILE A 121 -8.77 -9.48 1.25
CA ILE A 121 -9.34 -10.64 0.60
C ILE A 121 -10.22 -11.34 1.63
N LYS A 122 -11.54 -11.34 1.39
CA LYS A 122 -12.57 -11.78 2.33
C LYS A 122 -12.30 -13.18 2.86
N GLU A 123 -11.92 -14.09 1.95
CA GLU A 123 -11.83 -15.52 2.24
C GLU A 123 -10.48 -15.91 2.86
N LEU A 124 -9.56 -14.95 3.07
CA LEU A 124 -8.22 -15.21 3.60
C LEU A 124 -7.88 -14.35 4.81
N ARG A 125 -8.54 -13.19 4.97
CA ARG A 125 -8.19 -12.17 5.93
C ARG A 125 -6.75 -11.68 5.75
N LEU A 126 -6.24 -11.58 4.51
CA LEU A 126 -4.96 -10.91 4.25
C LEU A 126 -5.18 -9.82 3.20
N LEU A 127 -4.24 -8.88 3.09
CA LEU A 127 -4.33 -7.81 2.11
C LEU A 127 -3.71 -8.29 0.81
N ALA A 128 -4.41 -8.03 -0.28
CA ALA A 128 -3.91 -8.20 -1.64
C ALA A 128 -2.60 -7.43 -1.83
N ARG A 129 -1.66 -8.02 -2.57
CA ARG A 129 -0.49 -7.31 -3.02
C ARG A 129 -0.98 -6.38 -4.12
N SER A 130 -0.95 -5.08 -3.84
CA SER A 130 -1.57 -4.03 -4.63
C SER A 130 -0.79 -2.75 -4.35
N VAL A 131 -1.05 -1.70 -5.12
CA VAL A 131 -0.37 -0.44 -4.92
C VAL A 131 -1.25 0.70 -5.43
N PHE A 132 -1.15 1.84 -4.76
CA PHE A 132 -1.92 3.04 -5.11
C PHE A 132 -1.01 4.27 -5.07
N VAL A 133 -1.45 5.36 -5.69
CA VAL A 133 -0.81 6.68 -5.59
C VAL A 133 -1.95 7.67 -5.38
N LEU A 134 -1.68 8.71 -4.59
CA LEU A 134 -2.67 9.66 -4.10
C LEU A 134 -2.13 11.05 -4.35
N ASP A 135 -2.95 11.91 -4.93
CA ASP A 135 -2.68 13.33 -5.14
C ASP A 135 -2.81 14.08 -3.82
N GLU A 136 -2.31 15.31 -3.74
CA GLU A 136 -2.39 16.18 -2.57
C GLU A 136 -3.83 16.55 -2.15
N ASN A 137 -4.87 16.20 -2.93
CA ASN A 137 -6.27 16.32 -2.53
C ASN A 137 -6.94 14.96 -2.29
N GLY A 138 -6.15 13.88 -2.22
CA GLY A 138 -6.63 12.55 -1.90
C GLY A 138 -7.38 11.89 -3.04
N LYS A 139 -7.18 12.34 -4.29
CA LYS A 139 -7.71 11.63 -5.45
C LYS A 139 -6.67 10.62 -5.89
N VAL A 140 -7.13 9.48 -6.38
CA VAL A 140 -6.26 8.38 -6.75
C VAL A 140 -5.61 8.71 -8.10
N VAL A 141 -4.33 8.39 -8.24
CA VAL A 141 -3.49 8.72 -9.39
C VAL A 141 -2.99 7.42 -10.06
N TYR A 142 -2.89 6.34 -9.28
CA TYR A 142 -2.64 5.00 -9.74
C TYR A 142 -3.37 4.06 -8.80
N ALA A 143 -3.86 2.94 -9.31
CA ALA A 143 -4.40 1.84 -8.53
C ALA A 143 -4.18 0.57 -9.32
N GLU A 144 -3.69 -0.50 -8.70
CA GLU A 144 -3.65 -1.82 -9.32
C GLU A 144 -3.82 -2.88 -8.24
N TYR A 145 -4.47 -3.98 -8.65
CA TYR A 145 -4.84 -5.12 -7.85
C TYR A 145 -4.29 -6.32 -8.61
N VAL A 146 -3.15 -6.87 -8.16
CA VAL A 146 -2.51 -7.97 -8.86
C VAL A 146 -3.47 -9.15 -8.88
N SER A 147 -3.60 -9.82 -10.02
CA SER A 147 -4.57 -10.88 -10.23
C SER A 147 -4.32 -12.12 -9.37
N GLU A 148 -3.13 -12.25 -8.75
CA GLU A 148 -2.72 -13.37 -7.92
C GLU A 148 -2.06 -12.76 -6.67
N ALA A 149 -2.54 -13.14 -5.47
CA ALA A 149 -2.03 -12.62 -4.21
C ALA A 149 -0.59 -13.07 -3.96
N THR A 150 -0.18 -14.22 -4.50
CA THR A 150 1.17 -14.79 -4.35
C THR A 150 2.18 -14.10 -5.30
N ASN A 151 1.82 -12.96 -5.89
CA ASN A 151 2.60 -12.19 -6.86
C ASN A 151 2.51 -10.70 -6.46
N HIS A 152 3.35 -9.82 -7.02
CA HIS A 152 3.49 -8.43 -6.58
C HIS A 152 3.35 -7.46 -7.76
N PRO A 153 2.95 -6.20 -7.52
CA PRO A 153 2.91 -5.18 -8.56
C PRO A 153 4.33 -4.77 -8.95
N ASN A 154 4.51 -4.17 -10.12
CA ASN A 154 5.79 -3.57 -10.50
C ASN A 154 5.81 -2.14 -9.96
N TYR A 155 6.75 -1.85 -9.06
CA TYR A 155 6.98 -0.55 -8.45
C TYR A 155 7.13 0.58 -9.49
N GLU A 156 7.60 0.26 -10.70
CA GLU A 156 7.78 1.25 -11.76
C GLU A 156 6.45 1.94 -12.12
N LYS A 157 5.31 1.24 -12.03
CA LYS A 157 4.04 1.78 -12.52
C LYS A 157 3.55 2.93 -11.65
N PRO A 158 3.42 2.78 -10.31
CA PRO A 158 3.07 3.90 -9.45
C PRO A 158 4.19 4.96 -9.40
N ILE A 159 5.46 4.58 -9.54
CA ILE A 159 6.53 5.57 -9.69
C ILE A 159 6.24 6.49 -10.87
N GLU A 160 5.91 5.94 -12.04
CA GLU A 160 5.66 6.75 -13.22
C GLU A 160 4.43 7.65 -13.01
N ALA A 161 3.44 7.20 -12.22
CA ALA A 161 2.30 8.03 -11.88
C ALA A 161 2.69 9.20 -10.98
N ALA A 162 3.48 8.91 -9.94
CA ALA A 162 3.92 9.92 -8.99
C ALA A 162 4.85 10.92 -9.67
N LYS A 163 5.86 10.46 -10.40
CA LYS A 163 6.81 11.33 -11.08
C LYS A 163 6.13 12.18 -12.16
N ALA A 164 5.02 11.71 -12.75
CA ALA A 164 4.22 12.50 -13.67
C ALA A 164 3.64 13.74 -12.98
N LEU A 165 3.35 13.67 -11.68
CA LEU A 165 2.91 14.83 -10.89
C LEU A 165 4.09 15.66 -10.41
N VAL A 166 5.26 15.04 -10.19
CA VAL A 166 6.48 15.77 -9.82
C VAL A 166 6.90 16.72 -10.95
N LYS A 167 7.00 16.21 -12.19
CA LYS A 167 7.48 17.01 -13.31
C LYS A 167 6.53 18.16 -13.62
N MET A 1 -16.74 -5.56 -5.95
CA MET A 1 -15.44 -5.94 -5.34
C MET A 1 -14.38 -6.20 -6.40
N ALA A 2 -13.09 -6.03 -6.06
CA ALA A 2 -11.98 -6.48 -6.91
C ALA A 2 -11.98 -8.03 -6.92
N GLU A 3 -11.20 -8.65 -7.81
CA GLU A 3 -11.09 -10.10 -7.89
C GLU A 3 -9.61 -10.45 -8.09
N ILE A 4 -9.15 -11.45 -7.35
CA ILE A 4 -7.75 -11.85 -7.20
C ILE A 4 -7.79 -13.39 -7.05
N THR A 5 -6.70 -14.08 -7.39
CA THR A 5 -6.58 -15.53 -7.28
C THR A 5 -5.46 -15.90 -6.29
N PHE A 6 -5.40 -17.19 -5.93
CA PHE A 6 -4.49 -17.74 -4.94
C PHE A 6 -4.00 -19.12 -5.42
N LYS A 7 -3.39 -19.14 -6.62
CA LYS A 7 -2.94 -20.33 -7.36
C LYS A 7 -3.86 -21.54 -7.23
N GLY A 8 -5.02 -21.43 -7.87
CA GLY A 8 -5.96 -22.55 -8.01
C GLY A 8 -7.39 -22.05 -8.21
N GLY A 9 -7.66 -20.79 -7.88
CA GLY A 9 -8.99 -20.21 -8.02
C GLY A 9 -9.04 -18.81 -7.44
N PRO A 10 -10.18 -18.12 -7.59
CA PRO A 10 -10.38 -16.78 -7.06
C PRO A 10 -10.52 -16.81 -5.53
N VAL A 11 -10.35 -15.65 -4.91
CA VAL A 11 -10.58 -15.39 -3.50
C VAL A 11 -11.39 -14.10 -3.38
N THR A 12 -12.42 -14.12 -2.53
CA THR A 12 -13.36 -13.03 -2.32
C THR A 12 -12.65 -11.83 -1.68
N LEU A 13 -13.15 -10.61 -1.91
CA LEU A 13 -12.56 -9.35 -1.46
C LEU A 13 -13.64 -8.54 -0.74
N VAL A 14 -13.31 -7.98 0.40
CA VAL A 14 -14.14 -6.99 1.08
C VAL A 14 -13.76 -5.66 0.43
N GLY A 15 -14.74 -4.80 0.11
CA GLY A 15 -14.47 -3.43 -0.32
C GLY A 15 -14.69 -3.21 -1.81
N GLN A 16 -14.15 -2.09 -2.30
CA GLN A 16 -14.40 -1.55 -3.64
C GLN A 16 -13.08 -1.39 -4.41
N GLU A 17 -13.06 -1.73 -5.69
CA GLU A 17 -11.94 -1.42 -6.57
C GLU A 17 -12.06 0.08 -6.88
N VAL A 18 -11.10 0.91 -6.45
CA VAL A 18 -11.08 2.31 -6.81
C VAL A 18 -10.68 2.47 -8.29
N LYS A 19 -10.81 3.69 -8.82
CA LYS A 19 -10.38 4.04 -10.18
C LYS A 19 -9.65 5.37 -10.14
N VAL A 20 -8.87 5.67 -11.17
CA VAL A 20 -8.21 6.96 -11.31
C VAL A 20 -9.29 8.04 -11.35
N GLY A 21 -9.13 9.08 -10.53
CA GLY A 21 -10.10 10.15 -10.36
C GLY A 21 -10.96 9.98 -9.10
N ASP A 22 -10.95 8.80 -8.46
CA ASP A 22 -11.71 8.57 -7.25
C ASP A 22 -11.20 9.46 -6.12
N GLN A 23 -12.14 10.00 -5.34
CA GLN A 23 -11.85 10.75 -4.13
C GLN A 23 -11.82 9.70 -3.02
N ALA A 24 -10.62 9.43 -2.51
CA ALA A 24 -10.39 8.30 -1.61
C ALA A 24 -11.18 8.45 -0.28
N PRO A 25 -11.62 7.34 0.35
CA PRO A 25 -12.40 7.33 1.60
C PRO A 25 -11.82 8.00 2.84
N ASP A 26 -10.54 8.44 2.84
CA ASP A 26 -9.82 8.91 4.03
C ASP A 26 -9.87 7.89 5.17
N PHE A 27 -9.15 6.79 4.94
CA PHE A 27 -8.97 5.69 5.89
C PHE A 27 -8.04 6.12 7.03
N THR A 28 -8.00 5.33 8.10
CA THR A 28 -7.08 5.48 9.22
C THR A 28 -6.39 4.13 9.44
N VAL A 29 -5.12 4.16 9.82
CA VAL A 29 -4.26 3.02 10.10
C VAL A 29 -3.39 3.42 11.30
N LEU A 30 -2.77 2.45 11.97
CA LEU A 30 -1.75 2.76 12.97
C LEU A 30 -0.42 2.83 12.23
N THR A 31 0.44 3.79 12.54
CA THR A 31 1.80 3.78 12.03
C THR A 31 2.50 2.55 12.62
N ASN A 32 3.66 2.15 12.08
CA ASN A 32 4.52 1.15 12.72
C ASN A 32 5.09 1.66 14.05
N SER A 33 4.81 2.91 14.44
CA SER A 33 5.31 3.60 15.61
C SER A 33 4.17 3.90 16.60
N LEU A 34 3.03 3.21 16.49
CA LEU A 34 1.94 3.22 17.46
C LEU A 34 1.25 4.59 17.59
N GLU A 35 1.05 5.28 16.47
CA GLU A 35 0.22 6.50 16.42
C GLU A 35 -0.81 6.30 15.31
N GLU A 36 -2.02 6.87 15.42
CA GLU A 36 -2.96 6.84 14.30
C GLU A 36 -2.50 7.82 13.22
N LYS A 37 -2.65 7.40 11.97
CA LYS A 37 -2.36 8.18 10.77
C LYS A 37 -3.50 7.89 9.79
N SER A 38 -3.89 8.90 9.02
CA SER A 38 -4.98 8.79 8.06
C SER A 38 -4.52 9.42 6.75
N LEU A 39 -5.26 9.16 5.68
CA LEU A 39 -5.00 9.75 4.36
C LEU A 39 -4.92 11.28 4.47
N ALA A 40 -5.73 11.89 5.36
CA ALA A 40 -5.69 13.33 5.63
C ALA A 40 -4.29 13.86 5.98
N ASP A 41 -3.46 13.06 6.65
CA ASP A 41 -2.05 13.39 6.91
C ASP A 41 -1.23 13.27 5.64
N MET A 42 -1.48 12.19 4.90
CA MET A 42 -0.77 11.84 3.67
C MET A 42 -1.00 12.88 2.56
N LYS A 43 -2.12 13.61 2.59
CA LYS A 43 -2.42 14.71 1.67
C LYS A 43 -1.33 15.78 1.63
N GLY A 44 -0.43 15.83 2.61
CA GLY A 44 0.69 16.75 2.64
C GLY A 44 1.65 16.58 1.45
N LYS A 45 1.62 15.46 0.72
CA LYS A 45 2.48 15.23 -0.45
C LYS A 45 1.79 14.27 -1.42
N VAL A 46 2.20 14.28 -2.69
CA VAL A 46 1.78 13.25 -3.64
C VAL A 46 2.34 11.95 -3.04
N THR A 47 1.47 11.00 -2.72
CA THR A 47 1.85 9.83 -1.94
C THR A 47 1.49 8.55 -2.67
N ILE A 48 2.43 7.60 -2.69
CA ILE A 48 2.22 6.24 -3.15
C ILE A 48 1.86 5.40 -1.90
N ILE A 49 0.95 4.44 -2.05
CA ILE A 49 0.58 3.47 -1.02
C ILE A 49 0.86 2.09 -1.63
N SER A 50 1.43 1.19 -0.82
CA SER A 50 1.96 -0.09 -1.28
C SER A 50 1.34 -1.20 -0.44
N VAL A 51 0.37 -1.91 -0.99
CA VAL A 51 -0.34 -2.95 -0.26
C VAL A 51 0.50 -4.23 -0.29
N ILE A 52 0.64 -4.90 0.86
CA ILE A 52 1.23 -6.24 0.98
C ILE A 52 0.44 -7.01 2.07
N PRO A 53 0.42 -8.36 2.08
CA PRO A 53 -0.43 -9.12 2.99
C PRO A 53 0.00 -8.95 4.44
N SER A 54 1.27 -9.24 4.72
CA SER A 54 1.96 -9.11 5.99
C SER A 54 3.45 -9.13 5.63
N ILE A 55 4.30 -8.46 6.39
CA ILE A 55 5.69 -8.26 5.97
C ILE A 55 6.53 -9.54 6.06
N ASP A 56 5.99 -10.58 6.69
CA ASP A 56 6.62 -11.90 6.81
C ASP A 56 6.86 -12.59 5.47
N THR A 57 5.99 -12.37 4.47
CA THR A 57 6.22 -12.92 3.12
C THR A 57 7.36 -12.11 2.50
N GLY A 58 8.49 -12.78 2.25
CA GLY A 58 9.73 -12.16 1.78
C GLY A 58 9.58 -11.44 0.44
N VAL A 59 8.52 -11.73 -0.33
CA VAL A 59 8.19 -11.04 -1.58
C VAL A 59 8.01 -9.53 -1.35
N CYS A 60 7.74 -9.07 -0.12
CA CYS A 60 7.70 -7.63 0.20
C CYS A 60 9.03 -6.92 -0.08
N ASP A 61 10.14 -7.67 -0.17
CA ASP A 61 11.45 -7.15 -0.57
C ASP A 61 11.41 -6.55 -1.98
N ALA A 62 10.54 -7.05 -2.86
CA ALA A 62 10.33 -6.53 -4.20
C ALA A 62 9.36 -5.34 -4.22
N GLN A 63 8.92 -4.84 -3.07
CA GLN A 63 7.96 -3.76 -2.92
C GLN A 63 8.61 -2.67 -2.06
N THR A 64 8.56 -2.80 -0.74
CA THR A 64 8.95 -1.75 0.20
C THR A 64 10.40 -1.30 0.01
N ARG A 65 11.33 -2.24 -0.15
CA ARG A 65 12.75 -1.87 -0.29
C ARG A 65 12.99 -1.16 -1.60
N ARG A 66 12.47 -1.66 -2.71
CA ARG A 66 12.70 -1.00 -3.99
C ARG A 66 12.05 0.39 -3.98
N PHE A 67 10.88 0.56 -3.36
CA PHE A 67 10.30 1.88 -3.16
C PHE A 67 11.23 2.81 -2.39
N ASN A 68 11.96 2.31 -1.38
CA ASN A 68 12.90 3.14 -0.62
C ASN A 68 13.96 3.73 -1.53
N GLU A 69 14.55 2.88 -2.37
CA GLU A 69 15.61 3.27 -3.27
C GLU A 69 15.05 4.22 -4.34
N GLU A 70 13.92 3.90 -4.96
CA GLU A 70 13.34 4.76 -5.99
C GLU A 70 12.95 6.12 -5.39
N ALA A 71 12.40 6.16 -4.19
CA ALA A 71 12.03 7.41 -3.53
C ALA A 71 13.26 8.27 -3.23
N ALA A 72 14.40 7.66 -2.89
CA ALA A 72 15.67 8.38 -2.75
C ALA A 72 16.16 8.92 -4.11
N LYS A 73 16.01 8.15 -5.19
CA LYS A 73 16.45 8.54 -6.53
C LYS A 73 15.60 9.68 -7.10
N LEU A 74 14.28 9.63 -6.87
CA LEU A 74 13.34 10.68 -7.23
C LEU A 74 13.72 11.96 -6.51
N GLY A 75 13.43 13.09 -7.15
CA GLY A 75 13.74 14.42 -6.63
C GLY A 75 13.00 14.68 -5.33
N ASP A 76 11.71 14.33 -5.27
CA ASP A 76 10.85 14.40 -4.09
C ASP A 76 9.63 13.52 -4.34
N VAL A 77 9.21 12.73 -3.35
CA VAL A 77 8.01 11.90 -3.37
C VAL A 77 7.69 11.53 -1.92
N ASN A 78 6.57 10.86 -1.67
CA ASN A 78 6.24 10.25 -0.39
C ASN A 78 5.67 8.86 -0.67
N VAL A 79 6.01 7.86 0.14
CA VAL A 79 5.56 6.49 -0.05
C VAL A 79 5.26 5.87 1.32
N TYR A 80 4.26 4.99 1.37
CA TYR A 80 3.96 4.15 2.51
C TYR A 80 3.71 2.72 2.04
N THR A 81 3.76 1.77 2.97
CA THR A 81 3.36 0.39 2.79
C THR A 81 2.26 0.16 3.84
N ILE A 82 1.26 -0.67 3.55
CA ILE A 82 0.20 -1.00 4.49
C ILE A 82 0.04 -2.53 4.50
N SER A 83 -0.18 -3.07 5.70
CA SER A 83 -0.15 -4.50 5.97
C SER A 83 -1.28 -4.87 6.94
N ALA A 84 -1.81 -6.09 6.83
CA ALA A 84 -2.73 -6.67 7.81
C ALA A 84 -1.87 -7.33 8.91
N ASP A 85 -0.84 -6.63 9.38
CA ASP A 85 0.21 -7.16 10.23
C ASP A 85 0.40 -6.29 11.48
N LEU A 86 1.38 -6.63 12.31
CA LEU A 86 1.64 -6.00 13.59
C LEU A 86 2.62 -4.83 13.40
N PRO A 87 2.41 -3.69 14.09
CA PRO A 87 3.28 -2.52 14.01
C PRO A 87 4.77 -2.83 14.21
N PHE A 88 5.12 -3.70 15.15
CA PHE A 88 6.53 -3.93 15.45
C PHE A 88 7.19 -4.86 14.43
N ALA A 89 6.45 -5.79 13.81
CA ALA A 89 6.99 -6.63 12.75
C ALA A 89 7.32 -5.76 11.54
N GLN A 90 6.37 -4.90 11.16
CA GLN A 90 6.53 -3.85 10.16
C GLN A 90 7.77 -3.00 10.44
N ALA A 91 7.94 -2.50 11.67
CA ALA A 91 9.07 -1.67 12.04
C ALA A 91 10.39 -2.45 11.96
N ARG A 92 10.42 -3.69 12.46
CA ARG A 92 11.65 -4.48 12.55
C ARG A 92 12.18 -4.77 11.14
N TRP A 93 11.29 -5.16 10.22
CA TRP A 93 11.68 -5.44 8.84
C TRP A 93 12.25 -4.18 8.19
N CYS A 94 11.67 -3.00 8.45
CA CYS A 94 12.18 -1.74 7.93
C CYS A 94 13.56 -1.43 8.51
N GLY A 95 13.74 -1.62 9.82
CA GLY A 95 15.00 -1.36 10.49
C GLY A 95 16.12 -2.28 10.00
N ALA A 96 15.79 -3.54 9.71
CA ALA A 96 16.74 -4.53 9.21
C ALA A 96 17.24 -4.13 7.82
N ASN A 97 16.31 -3.71 6.94
CA ASN A 97 16.64 -3.30 5.58
C ASN A 97 17.26 -1.90 5.51
N GLY A 98 17.01 -1.05 6.52
CA GLY A 98 17.51 0.33 6.56
C GLY A 98 16.60 1.28 5.78
N ILE A 99 15.29 1.00 5.77
CA ILE A 99 14.29 1.81 5.10
C ILE A 99 14.21 3.16 5.84
N ASP A 100 13.99 4.24 5.09
CA ASP A 100 13.87 5.61 5.58
C ASP A 100 12.88 6.44 4.76
N LYS A 101 12.86 6.24 3.44
CA LYS A 101 11.99 6.98 2.51
C LYS A 101 10.57 6.42 2.50
N VAL A 102 10.36 5.20 3.00
CA VAL A 102 9.04 4.58 3.17
C VAL A 102 8.81 4.39 4.68
N GLU A 103 7.55 4.22 5.07
CA GLU A 103 7.15 3.82 6.41
C GLU A 103 6.02 2.81 6.24
N THR A 104 5.95 1.83 7.13
CA THR A 104 4.98 0.76 7.10
C THR A 104 3.85 1.09 8.08
N LEU A 105 2.61 0.76 7.71
CA LEU A 105 1.40 1.11 8.44
C LEU A 105 0.58 -0.17 8.64
N SER A 106 -0.26 -0.18 9.66
CA SER A 106 -0.95 -1.34 10.18
C SER A 106 -2.45 -1.15 10.06
N ASP A 107 -3.13 -2.10 9.41
CA ASP A 107 -4.57 -2.03 9.13
C ASP A 107 -5.34 -3.18 9.80
N HIS A 108 -4.61 -4.10 10.47
CA HIS A 108 -5.15 -5.27 11.15
C HIS A 108 -6.23 -4.92 12.20
N ARG A 109 -6.24 -3.68 12.71
CA ARG A 109 -7.15 -3.22 13.76
C ARG A 109 -8.61 -3.36 13.34
N ASP A 110 -8.96 -2.95 12.11
CA ASP A 110 -10.36 -2.86 11.69
C ASP A 110 -10.54 -2.96 10.17
N MET A 111 -9.47 -3.28 9.43
CA MET A 111 -9.41 -3.33 7.97
C MET A 111 -9.93 -2.07 7.28
N SER A 112 -9.84 -0.91 7.94
CA SER A 112 -10.32 0.36 7.40
C SER A 112 -9.78 0.64 6.00
N PHE A 113 -8.46 0.54 5.78
CA PHE A 113 -7.86 0.74 4.48
C PHE A 113 -8.23 -0.41 3.53
N GLY A 114 -8.14 -1.64 4.04
CA GLY A 114 -8.45 -2.85 3.31
C GLY A 114 -9.83 -2.83 2.67
N GLU A 115 -10.84 -2.36 3.40
CA GLU A 115 -12.19 -2.19 2.91
C GLU A 115 -12.27 -0.96 1.97
N ALA A 116 -11.61 0.14 2.35
CA ALA A 116 -11.70 1.43 1.64
C ALA A 116 -11.24 1.31 0.19
N PHE A 117 -10.17 0.54 -0.03
CA PHE A 117 -9.52 0.34 -1.31
C PHE A 117 -9.73 -1.08 -1.88
N GLY A 118 -10.55 -1.91 -1.24
CA GLY A 118 -10.93 -3.21 -1.81
C GLY A 118 -9.76 -4.18 -1.93
N VAL A 119 -8.97 -4.30 -0.86
CA VAL A 119 -7.77 -5.14 -0.81
C VAL A 119 -7.75 -6.05 0.42
N TYR A 120 -8.77 -6.07 1.28
CA TYR A 120 -8.86 -7.08 2.33
C TYR A 120 -9.49 -8.32 1.70
N ILE A 121 -8.69 -9.38 1.50
CA ILE A 121 -9.15 -10.62 0.89
C ILE A 121 -9.95 -11.36 1.96
N LYS A 122 -11.28 -11.34 1.81
CA LYS A 122 -12.27 -11.81 2.76
C LYS A 122 -11.96 -13.22 3.22
N GLU A 123 -11.71 -14.11 2.25
CA GLU A 123 -11.55 -15.53 2.49
C GLU A 123 -10.20 -15.86 3.14
N LEU A 124 -9.13 -15.14 2.79
CA LEU A 124 -7.81 -15.35 3.41
C LEU A 124 -7.70 -14.68 4.76
N ARG A 125 -8.51 -13.65 5.02
CA ARG A 125 -8.36 -12.75 6.16
C ARG A 125 -6.96 -12.10 6.11
N LEU A 126 -6.43 -11.82 4.91
CA LEU A 126 -5.15 -11.15 4.69
C LEU A 126 -5.36 -10.00 3.69
N LEU A 127 -4.43 -9.05 3.67
CA LEU A 127 -4.42 -8.00 2.66
C LEU A 127 -3.92 -8.57 1.32
N ALA A 128 -4.25 -7.92 0.22
CA ALA A 128 -3.79 -8.23 -1.13
C ALA A 128 -2.40 -7.67 -1.39
N ARG A 129 -1.98 -7.67 -2.66
CA ARG A 129 -0.79 -6.98 -3.15
C ARG A 129 -1.30 -6.09 -4.27
N SER A 130 -1.06 -4.79 -4.17
CA SER A 130 -1.63 -3.75 -5.02
C SER A 130 -0.82 -2.47 -4.77
N VAL A 131 -1.01 -1.43 -5.58
CA VAL A 131 -0.36 -0.12 -5.37
C VAL A 131 -1.33 0.97 -5.81
N PHE A 132 -1.32 2.09 -5.08
CA PHE A 132 -2.16 3.25 -5.35
C PHE A 132 -1.31 4.50 -5.26
N VAL A 133 -1.73 5.59 -5.91
CA VAL A 133 -1.05 6.87 -5.84
C VAL A 133 -2.13 7.92 -5.68
N LEU A 134 -1.87 8.90 -4.83
CA LEU A 134 -2.81 9.89 -4.34
C LEU A 134 -2.19 11.26 -4.50
N ASP A 135 -2.88 12.14 -5.21
CA ASP A 135 -2.55 13.56 -5.27
C ASP A 135 -2.74 14.18 -3.88
N GLU A 136 -2.21 15.38 -3.65
CA GLU A 136 -2.40 16.15 -2.42
C GLU A 136 -3.88 16.39 -2.09
N ASN A 137 -4.81 16.28 -3.06
CA ASN A 137 -6.26 16.38 -2.83
C ASN A 137 -6.83 15.10 -2.20
N GLY A 138 -6.03 14.05 -2.00
CA GLY A 138 -6.50 12.73 -1.60
C GLY A 138 -7.30 12.07 -2.72
N LYS A 139 -6.89 12.30 -3.97
CA LYS A 139 -7.60 11.88 -5.17
C LYS A 139 -6.68 10.92 -5.90
N VAL A 140 -7.18 9.74 -6.27
CA VAL A 140 -6.39 8.67 -6.86
C VAL A 140 -5.92 9.14 -8.24
N VAL A 141 -4.62 9.02 -8.52
CA VAL A 141 -4.02 9.37 -9.82
C VAL A 141 -3.51 8.12 -10.54
N TYR A 142 -3.31 7.02 -9.82
CA TYR A 142 -3.03 5.70 -10.36
C TYR A 142 -3.50 4.69 -9.34
N ALA A 143 -4.06 3.57 -9.80
CA ALA A 143 -4.37 2.43 -8.95
C ALA A 143 -4.23 1.16 -9.77
N GLU A 144 -3.76 0.07 -9.14
CA GLU A 144 -3.49 -1.20 -9.77
C GLU A 144 -3.63 -2.31 -8.75
N TYR A 145 -4.13 -3.46 -9.19
CA TYR A 145 -4.45 -4.62 -8.39
C TYR A 145 -3.86 -5.83 -9.09
N VAL A 146 -3.06 -6.63 -8.38
CA VAL A 146 -2.49 -7.84 -8.96
C VAL A 146 -3.59 -8.89 -9.01
N SER A 147 -3.70 -9.64 -10.12
CA SER A 147 -4.68 -10.71 -10.27
C SER A 147 -4.36 -11.93 -9.40
N GLU A 148 -3.24 -11.95 -8.68
CA GLU A 148 -2.79 -13.04 -7.84
C GLU A 148 -2.25 -12.43 -6.54
N ALA A 149 -2.76 -12.86 -5.39
CA ALA A 149 -2.16 -12.50 -4.09
C ALA A 149 -0.82 -13.20 -3.91
N THR A 150 -0.63 -14.31 -4.62
CA THR A 150 0.59 -15.10 -4.76
C THR A 150 1.66 -14.41 -5.62
N ASN A 151 1.43 -13.16 -6.07
CA ASN A 151 2.30 -12.38 -6.95
C ASN A 151 2.27 -10.92 -6.48
N HIS A 152 3.12 -10.04 -7.01
CA HIS A 152 3.29 -8.66 -6.55
C HIS A 152 3.26 -7.68 -7.73
N PRO A 153 2.92 -6.39 -7.49
CA PRO A 153 2.92 -5.37 -8.53
C PRO A 153 4.37 -4.92 -8.82
N ASN A 154 4.57 -4.13 -9.87
CA ASN A 154 5.86 -3.51 -10.15
C ASN A 154 5.80 -2.07 -9.63
N TYR A 155 6.67 -1.75 -8.67
CA TYR A 155 6.83 -0.44 -8.06
C TYR A 155 7.09 0.67 -9.09
N GLU A 156 7.63 0.35 -10.27
CA GLU A 156 7.89 1.35 -11.30
C GLU A 156 6.58 2.02 -11.77
N LYS A 157 5.46 1.28 -11.82
CA LYS A 157 4.21 1.82 -12.35
C LYS A 157 3.71 3.02 -11.51
N PRO A 158 3.55 2.90 -10.18
CA PRO A 158 3.13 4.02 -9.35
C PRO A 158 4.23 5.08 -9.22
N ILE A 159 5.52 4.71 -9.24
CA ILE A 159 6.61 5.68 -9.28
C ILE A 159 6.42 6.64 -10.45
N GLU A 160 6.16 6.11 -11.65
CA GLU A 160 6.02 6.94 -12.84
C GLU A 160 4.79 7.83 -12.73
N ALA A 161 3.71 7.34 -12.12
CA ALA A 161 2.51 8.13 -11.89
C ALA A 161 2.79 9.31 -10.95
N ALA A 162 3.50 9.06 -9.86
CA ALA A 162 3.85 10.07 -8.87
C ALA A 162 4.82 11.08 -9.46
N LYS A 163 5.96 10.66 -10.02
CA LYS A 163 6.96 11.59 -10.55
C LYS A 163 6.42 12.42 -11.71
N ALA A 164 5.40 11.95 -12.43
CA ALA A 164 4.71 12.75 -13.42
C ALA A 164 4.10 14.02 -12.79
N LEU A 165 3.72 13.97 -11.51
CA LEU A 165 3.08 15.07 -10.79
C LEU A 165 4.03 15.78 -9.83
N VAL A 166 5.07 15.10 -9.35
CA VAL A 166 6.10 15.66 -8.48
C VAL A 166 7.47 15.41 -9.11
N LYS A 167 7.77 16.19 -10.15
CA LYS A 167 9.08 16.23 -10.79
C LYS A 167 10.11 16.68 -9.77
#